data_2QQ3
#
_entry.id   2QQ3
#
_cell.length_a   76.563
_cell.length_b   115.048
_cell.length_c   163.163
_cell.angle_alpha   90.00
_cell.angle_beta   93.80
_cell.angle_gamma   90.00
#
_symmetry.space_group_name_H-M   'P 1 21 1'
#
loop_
_entity.id
_entity.type
_entity.pdbx_description
1 polymer 'Enoyl-CoA hydratase subunit I'
2 non-polymer 1,2-ETHANEDIOL
3 water water
#
_entity_poly.entity_id   1
_entity_poly.type   'polypeptide(L)'
_entity_poly.pdbx_seq_one_letter_code
;MSEFVSIAARQEGAVGIIELARPDVLNALSRQMVAEIVAAVEAFDRNEKVRVIVLTGRGRAFAAGADIQEMAKDDPIRLE
WLNQFADWDRLSIVKTPMIAAVNGLALGGGFELALSCDLIVASSAAEFGFPEVNLGVMPGAGGTQRLTKLIGPKRALEWL
WTGARMSAKEAEQLGIVNRVVSPELLMEETMRLAGRLAEQPPLALRLIKEAVQKAVDYPLYEGMQFERKNFYLLFASEDQ
KEGMAAFLEKRKPRFQGK
;
_entity_poly.pdbx_strand_id   A,B,C,D,E,F,G,H,I,J,K,L
#
loop_
_chem_comp.id
_chem_comp.type
_chem_comp.name
_chem_comp.formula
EDO non-polymer 1,2-ETHANEDIOL 'C2 H6 O2'
#
# COMPACT_ATOMS: atom_id res chain seq x y z
N PHE A 4 10.17 52.19 30.82
CA PHE A 4 9.20 51.60 29.85
C PHE A 4 7.76 51.82 30.30
N VAL A 5 6.86 51.95 29.33
CA VAL A 5 5.45 52.17 29.62
C VAL A 5 4.55 51.09 29.05
N SER A 6 5.14 50.13 28.33
CA SER A 6 4.36 49.05 27.74
C SER A 6 4.83 47.66 28.16
N ILE A 7 6.03 47.57 28.72
CA ILE A 7 6.55 46.29 29.15
C ILE A 7 7.18 46.37 30.54
N ALA A 8 7.52 45.21 31.08
CA ALA A 8 8.15 45.11 32.40
C ALA A 8 9.28 44.09 32.33
N ALA A 9 10.51 44.55 32.55
CA ALA A 9 11.66 43.67 32.49
C ALA A 9 12.27 43.46 33.88
N ARG A 10 12.64 42.22 34.16
CA ARG A 10 13.26 41.88 35.44
C ARG A 10 14.26 40.73 35.27
N GLN A 11 14.95 40.39 36.35
CA GLN A 11 15.93 39.31 36.29
C GLN A 11 15.75 38.30 37.41
N GLU A 12 16.01 37.03 37.09
CA GLU A 12 15.93 35.94 38.04
C GLU A 12 17.11 35.04 37.72
N GLY A 13 18.18 35.19 38.49
CA GLY A 13 19.36 34.39 38.25
C GLY A 13 20.00 34.90 36.97
N ALA A 14 20.44 33.99 36.11
CA ALA A 14 21.06 34.37 34.84
C ALA A 14 20.02 34.45 33.73
N VAL A 15 18.74 34.51 34.10
CA VAL A 15 17.65 34.59 33.12
C VAL A 15 16.98 35.96 33.10
N GLY A 16 16.91 36.56 31.91
CA GLY A 16 16.28 37.86 31.77
C GLY A 16 14.83 37.64 31.38
N ILE A 17 13.91 38.34 32.04
CA ILE A 17 12.47 38.18 31.78
C ILE A 17 11.80 39.45 31.28
N ILE A 18 11.11 39.35 30.16
CA ILE A 18 10.40 40.50 29.62
C ILE A 18 8.92 40.16 29.57
N GLU A 19 8.11 41.00 30.21
CA GLU A 19 6.67 40.78 30.26
C GLU A 19 5.93 41.90 29.54
N LEU A 20 5.14 41.55 28.52
CA LEU A 20 4.38 42.56 27.81
C LEU A 20 3.35 43.04 28.82
N ALA A 21 3.23 44.35 28.99
CA ALA A 21 2.33 44.90 30.01
C ALA A 21 1.23 45.84 29.54
N ARG A 22 0.36 45.35 28.67
CA ARG A 22 -0.77 46.13 28.20
C ARG A 22 -1.94 45.17 28.05
N PRO A 23 -2.19 44.35 29.10
CA PRO A 23 -3.27 43.37 29.11
C PRO A 23 -4.64 43.98 28.85
N ASP A 24 -4.75 45.28 29.03
CA ASP A 24 -6.02 45.97 28.81
C ASP A 24 -6.37 45.94 27.32
N VAL A 25 -5.36 45.72 26.48
CA VAL A 25 -5.56 45.64 25.04
C VAL A 25 -4.92 44.35 24.53
N LEU A 26 -4.91 43.34 25.40
CA LEU A 26 -4.33 42.03 25.11
C LEU A 26 -2.90 42.12 24.59
N ASN A 27 -2.16 43.08 25.13
CA ASN A 27 -0.76 43.29 24.78
C ASN A 27 -0.52 43.56 23.30
N ALA A 28 -1.45 44.27 22.65
CA ALA A 28 -1.31 44.61 21.25
C ALA A 28 0.07 45.22 21.05
N LEU A 29 0.79 44.73 20.03
CA LEU A 29 2.14 45.22 19.76
C LEU A 29 2.15 46.49 18.95
N SER A 30 2.19 47.63 19.65
CA SER A 30 2.24 48.91 18.98
C SER A 30 3.70 49.14 18.63
N ARG A 31 3.96 50.07 17.72
CA ARG A 31 5.34 50.38 17.32
C ARG A 31 6.18 50.74 18.54
N GLN A 32 5.59 51.48 19.46
CA GLN A 32 6.28 51.90 20.68
C GLN A 32 6.63 50.69 21.52
N MET A 33 5.69 49.78 21.68
CA MET A 33 5.93 48.58 22.49
C MET A 33 7.02 47.70 21.91
N VAL A 34 7.04 47.55 20.58
CA VAL A 34 8.07 46.73 19.94
C VAL A 34 9.44 47.36 20.25
N ALA A 35 9.50 48.68 20.15
CA ALA A 35 10.74 49.41 20.41
C ALA A 35 11.26 49.14 21.82
N GLU A 36 10.36 49.10 22.80
CA GLU A 36 10.77 48.84 24.18
C GLU A 36 11.23 47.40 24.32
N ILE A 37 10.56 46.48 23.63
CA ILE A 37 10.93 45.08 23.70
C ILE A 37 12.36 44.92 23.19
N VAL A 38 12.64 45.56 22.05
CA VAL A 38 13.97 45.50 21.44
C VAL A 38 15.02 46.07 22.37
N ALA A 39 14.73 47.23 22.94
CA ALA A 39 15.65 47.88 23.87
C ALA A 39 15.99 46.98 25.06
N ALA A 40 14.98 46.31 25.61
CA ALA A 40 15.17 45.43 26.75
C ALA A 40 15.89 44.15 26.36
N VAL A 41 15.56 43.61 25.19
CA VAL A 41 16.22 42.38 24.74
C VAL A 41 17.70 42.64 24.51
N GLU A 42 18.01 43.72 23.79
CA GLU A 42 19.39 44.05 23.50
C GLU A 42 20.18 44.34 24.78
N ALA A 43 19.51 44.87 25.79
CA ALA A 43 20.17 45.15 27.06
C ALA A 43 20.53 43.85 27.75
N PHE A 44 19.60 42.90 27.81
CA PHE A 44 19.87 41.61 28.44
C PHE A 44 20.96 40.89 27.65
N ASP A 45 20.91 41.05 26.34
CA ASP A 45 21.89 40.42 25.47
C ASP A 45 23.30 40.90 25.81
N ARG A 46 23.45 42.21 25.93
CA ARG A 46 24.75 42.81 26.25
C ARG A 46 25.26 42.37 27.63
N ASN A 47 24.34 42.25 28.58
CA ASN A 47 24.71 41.84 29.94
C ASN A 47 25.19 40.39 29.90
N GLU A 48 26.47 40.18 30.14
CA GLU A 48 26.98 38.81 30.11
C GLU A 48 26.53 37.98 31.31
N LYS A 49 25.78 38.59 32.21
CA LYS A 49 25.26 37.89 33.37
C LYS A 49 23.94 37.21 33.01
N VAL A 50 23.35 37.63 31.90
CA VAL A 50 22.09 37.07 31.42
C VAL A 50 22.35 36.09 30.28
N ARG A 51 22.28 34.80 30.57
CA ARG A 51 22.53 33.77 29.57
C ARG A 51 21.31 33.35 28.76
N VAL A 52 20.12 33.73 29.22
CA VAL A 52 18.89 33.38 28.53
C VAL A 52 17.84 34.47 28.73
N ILE A 53 16.98 34.65 27.74
CA ILE A 53 15.94 35.66 27.81
C ILE A 53 14.58 35.01 27.56
N VAL A 54 13.58 35.38 28.36
CA VAL A 54 12.24 34.84 28.24
C VAL A 54 11.23 35.94 27.98
N LEU A 55 10.39 35.73 26.99
CA LEU A 55 9.35 36.70 26.64
C LEU A 55 8.02 36.04 26.98
N THR A 56 7.13 36.80 27.61
CA THR A 56 5.81 36.28 27.95
C THR A 56 4.90 37.48 28.14
N GLY A 57 3.60 37.24 28.13
CA GLY A 57 2.67 38.35 28.28
C GLY A 57 1.91 38.31 29.60
N ARG A 58 1.56 39.49 30.09
CA ARG A 58 0.80 39.60 31.32
C ARG A 58 -0.66 39.50 30.96
N GLY A 59 -1.43 38.77 31.78
CA GLY A 59 -2.84 38.64 31.49
C GLY A 59 -3.24 37.38 30.75
N ARG A 60 -4.34 37.45 30.02
CA ARG A 60 -4.85 36.32 29.28
C ARG A 60 -4.10 36.02 27.98
N ALA A 61 -3.66 37.06 27.29
CA ALA A 61 -2.97 36.90 26.02
C ALA A 61 -1.47 37.14 26.03
N PHE A 62 -0.79 36.50 25.09
CA PHE A 62 0.65 36.68 24.92
C PHE A 62 0.68 38.03 24.22
N ALA A 63 0.11 38.06 23.02
CA ALA A 63 0.02 39.28 22.23
C ALA A 63 -0.96 39.07 21.08
N ALA A 64 -2.13 39.72 21.16
CA ALA A 64 -3.14 39.59 20.13
C ALA A 64 -2.97 40.64 19.02
N GLY A 65 -2.04 40.36 18.11
CA GLY A 65 -1.79 41.25 17.00
C GLY A 65 -1.11 42.56 17.33
N ALA A 66 -0.96 43.39 16.31
CA ALA A 66 -0.34 44.71 16.46
C ALA A 66 -1.52 45.66 16.65
N ASP A 67 -1.28 46.85 17.18
CA ASP A 67 -2.41 47.75 17.35
C ASP A 67 -2.80 48.30 15.99
N ILE A 68 -4.06 48.08 15.62
CA ILE A 68 -4.59 48.50 14.33
C ILE A 68 -4.86 49.98 14.19
N GLN A 69 -5.44 50.59 15.23
CA GLN A 69 -5.75 52.01 15.20
C GLN A 69 -4.57 52.82 14.69
N GLU A 70 -3.38 52.42 15.12
CA GLU A 70 -2.14 53.10 14.75
C GLU A 70 -1.84 53.09 13.25
N MET A 71 -2.10 51.97 12.58
CA MET A 71 -1.82 51.85 11.14
C MET A 71 -3.04 52.07 10.25
N ALA A 72 -4.22 52.06 10.85
CA ALA A 72 -5.48 52.21 10.11
C ALA A 72 -5.45 53.09 8.87
N LYS A 73 -4.84 54.27 8.97
CA LYS A 73 -4.83 55.17 7.82
C LYS A 73 -3.45 55.43 7.21
N ASP A 74 -2.50 54.54 7.43
CA ASP A 74 -1.17 54.74 6.87
C ASP A 74 -1.18 54.51 5.37
N ASP A 75 -0.18 55.05 4.69
CA ASP A 75 -0.03 54.90 3.25
C ASP A 75 1.36 54.31 3.01
N PRO A 76 1.64 53.82 1.79
CA PRO A 76 2.95 53.23 1.49
C PRO A 76 4.18 54.08 1.79
N ILE A 77 4.17 55.34 1.35
CA ILE A 77 5.33 56.20 1.57
C ILE A 77 5.62 56.44 3.04
N ARG A 78 4.58 56.63 3.83
CA ARG A 78 4.78 56.84 5.26
C ARG A 78 5.46 55.62 5.86
N LEU A 79 5.00 54.44 5.49
CA LEU A 79 5.57 53.20 6.01
C LEU A 79 7.02 53.00 5.54
N GLU A 80 7.30 53.38 4.30
CA GLU A 80 8.65 53.25 3.75
C GLU A 80 9.64 54.07 4.56
N TRP A 81 9.32 55.34 4.80
CA TRP A 81 10.21 56.22 5.56
C TRP A 81 10.33 55.77 7.01
N LEU A 82 9.22 55.31 7.58
CA LEU A 82 9.20 54.86 8.96
C LEU A 82 10.08 53.61 9.17
N ASN A 83 10.07 52.70 8.19
CA ASN A 83 10.87 51.48 8.27
C ASN A 83 10.75 50.83 9.65
N GLN A 84 9.52 50.61 10.09
CA GLN A 84 9.26 50.03 11.40
C GLN A 84 9.80 48.62 11.60
N PHE A 85 9.92 47.87 10.51
CA PHE A 85 10.41 46.50 10.63
C PHE A 85 11.90 46.38 10.88
N ALA A 86 12.59 47.52 10.91
CA ALA A 86 14.02 47.52 11.19
C ALA A 86 14.19 47.13 12.66
N ASP A 87 13.18 47.42 13.48
CA ASP A 87 13.22 47.05 14.89
C ASP A 87 13.08 45.54 15.04
N TRP A 88 12.29 44.91 14.18
CA TRP A 88 12.15 43.46 14.25
C TRP A 88 13.45 42.79 13.79
N ASP A 89 14.14 43.41 12.83
CA ASP A 89 15.40 42.86 12.35
C ASP A 89 16.43 42.84 13.48
N ARG A 90 16.44 43.87 14.30
CA ARG A 90 17.38 43.95 15.42
C ARG A 90 17.11 42.82 16.40
N LEU A 91 15.84 42.45 16.49
CA LEU A 91 15.42 41.37 17.37
C LEU A 91 15.99 40.07 16.82
N SER A 92 15.88 39.90 15.49
CA SER A 92 16.35 38.71 14.81
C SER A 92 17.84 38.40 14.95
N ILE A 93 18.66 39.42 15.16
CA ILE A 93 20.10 39.19 15.27
C ILE A 93 20.66 39.07 16.69
N VAL A 94 19.80 39.06 17.70
CA VAL A 94 20.29 38.93 19.08
C VAL A 94 20.88 37.52 19.24
N LYS A 95 22.10 37.44 19.78
CA LYS A 95 22.77 36.16 19.92
C LYS A 95 22.49 35.36 21.20
N THR A 96 21.90 36.01 22.19
CA THR A 96 21.57 35.31 23.43
C THR A 96 20.37 34.41 23.21
N PRO A 97 20.39 33.19 23.80
CA PRO A 97 19.26 32.28 23.63
C PRO A 97 17.96 32.98 24.08
N MET A 98 16.88 32.77 23.33
CA MET A 98 15.60 33.39 23.65
C MET A 98 14.45 32.40 23.57
N ILE A 99 13.62 32.41 24.62
CA ILE A 99 12.48 31.52 24.71
C ILE A 99 11.18 32.30 24.85
N ALA A 100 10.17 31.88 24.11
CA ALA A 100 8.86 32.52 24.17
C ALA A 100 7.96 31.65 25.03
N ALA A 101 7.39 32.25 26.07
CA ALA A 101 6.45 31.55 26.97
C ALA A 101 5.09 32.08 26.55
N VAL A 102 4.43 31.37 25.64
CA VAL A 102 3.14 31.79 25.14
C VAL A 102 2.01 31.35 26.06
N ASN A 103 1.52 32.31 26.84
CA ASN A 103 0.46 32.09 27.82
C ASN A 103 -0.96 32.17 27.28
N GLY A 104 -1.12 32.61 26.03
CA GLY A 104 -2.45 32.70 25.45
C GLY A 104 -2.45 33.08 23.99
N LEU A 105 -3.35 33.97 23.60
CA LEU A 105 -3.43 34.41 22.21
C LEU A 105 -2.14 35.02 21.69
N ALA A 106 -1.69 34.51 20.56
CA ALA A 106 -0.49 34.99 19.90
C ALA A 106 -0.91 35.11 18.44
N LEU A 107 -1.47 36.27 18.09
CA LEU A 107 -1.95 36.51 16.74
C LEU A 107 -1.16 37.59 16.02
N GLY A 108 -1.05 37.43 14.70
CA GLY A 108 -0.32 38.39 13.89
C GLY A 108 1.03 38.72 14.51
N GLY A 109 1.24 39.99 14.80
CA GLY A 109 2.49 40.42 15.40
C GLY A 109 2.90 39.55 16.58
N GLY A 110 1.94 39.15 17.40
CA GLY A 110 2.24 38.32 18.54
C GLY A 110 2.81 36.97 18.14
N PHE A 111 2.33 36.42 17.02
CA PHE A 111 2.80 35.14 16.52
C PHE A 111 4.22 35.36 15.99
N GLU A 112 4.40 36.44 15.24
CA GLU A 112 5.70 36.78 14.69
C GLU A 112 6.74 36.98 15.79
N LEU A 113 6.30 37.50 16.93
CA LEU A 113 7.20 37.72 18.05
C LEU A 113 7.62 36.39 18.66
N ALA A 114 6.69 35.45 18.75
CA ALA A 114 6.99 34.13 19.30
C ALA A 114 7.92 33.40 18.33
N LEU A 115 7.67 33.59 17.03
CA LEU A 115 8.49 32.96 16.00
C LEU A 115 9.90 33.50 15.99
N SER A 116 10.07 34.74 16.47
CA SER A 116 11.40 35.37 16.51
C SER A 116 12.28 34.76 17.59
N CYS A 117 11.68 34.06 18.54
CA CYS A 117 12.45 33.43 19.61
C CYS A 117 13.01 32.10 19.12
N ASP A 118 13.98 31.56 19.85
CA ASP A 118 14.64 30.30 19.48
C ASP A 118 13.85 29.04 19.85
N LEU A 119 13.12 29.10 20.94
CA LEU A 119 12.30 27.99 21.40
C LEU A 119 10.97 28.58 21.84
N ILE A 120 9.91 27.77 21.80
CA ILE A 120 8.61 28.24 22.23
C ILE A 120 7.95 27.21 23.15
N VAL A 121 7.59 27.66 24.35
CA VAL A 121 6.91 26.82 25.32
C VAL A 121 5.53 27.44 25.38
N ALA A 122 4.50 26.66 25.05
CA ALA A 122 3.15 27.19 25.02
C ALA A 122 2.16 26.56 26.00
N SER A 123 1.22 27.37 26.44
CA SER A 123 0.17 26.91 27.33
C SER A 123 -0.81 26.09 26.48
N SER A 124 -1.39 25.05 27.07
CA SER A 124 -2.35 24.22 26.36
C SER A 124 -3.45 25.09 25.75
N ALA A 125 -3.72 26.22 26.37
CA ALA A 125 -4.78 27.09 25.90
C ALA A 125 -4.34 28.16 24.89
N ALA A 126 -3.06 28.18 24.57
CA ALA A 126 -2.54 29.16 23.62
C ALA A 126 -2.99 28.88 22.18
N GLU A 127 -3.33 29.94 21.46
CA GLU A 127 -3.73 29.83 20.07
C GLU A 127 -2.86 30.73 19.19
N PHE A 128 -2.50 30.24 18.01
CA PHE A 128 -1.65 30.98 17.09
C PHE A 128 -2.39 31.25 15.78
N GLY A 129 -2.00 32.32 15.08
CA GLY A 129 -2.64 32.62 13.82
C GLY A 129 -2.25 33.95 13.21
N PHE A 130 -2.58 34.12 11.93
CA PHE A 130 -2.26 35.34 11.19
C PHE A 130 -3.52 35.93 10.58
N PRO A 131 -4.27 36.72 11.36
CA PRO A 131 -5.51 37.33 10.86
C PRO A 131 -5.31 38.55 9.95
N GLU A 132 -4.07 38.91 9.66
CA GLU A 132 -3.81 40.06 8.79
C GLU A 132 -4.61 40.02 7.49
N VAL A 133 -4.67 38.85 6.86
CA VAL A 133 -5.41 38.73 5.60
C VAL A 133 -6.85 39.24 5.71
N ASN A 134 -7.46 39.02 6.86
CA ASN A 134 -8.85 39.46 7.06
C ASN A 134 -8.96 40.97 7.30
N LEU A 135 -7.83 41.66 7.33
CA LEU A 135 -7.79 43.10 7.52
C LEU A 135 -7.43 43.75 6.19
N GLY A 136 -7.21 42.91 5.17
CA GLY A 136 -6.84 43.42 3.87
C GLY A 136 -5.34 43.57 3.70
N VAL A 137 -4.57 43.05 4.66
CA VAL A 137 -3.12 43.12 4.57
C VAL A 137 -2.49 41.73 4.75
N MET A 138 -1.28 41.69 5.29
CA MET A 138 -0.58 40.43 5.47
C MET A 138 0.46 40.61 6.55
N PRO A 139 1.08 39.52 7.02
CA PRO A 139 2.10 39.68 8.06
C PRO A 139 3.25 40.49 7.46
N GLY A 140 3.78 41.44 8.23
CA GLY A 140 4.87 42.24 7.73
C GLY A 140 6.16 42.12 8.51
N ALA A 141 6.15 41.30 9.56
CA ALA A 141 7.30 41.13 10.42
C ALA A 141 7.88 39.70 10.42
N GLY A 142 7.96 39.10 9.24
CA GLY A 142 8.52 37.76 9.12
C GLY A 142 7.55 36.59 9.19
N GLY A 143 6.29 36.87 9.51
CA GLY A 143 5.30 35.81 9.60
C GLY A 143 5.24 34.85 8.42
N THR A 144 5.13 35.39 7.21
CA THR A 144 5.05 34.56 6.00
C THR A 144 6.34 33.78 5.76
N GLN A 145 7.46 34.36 6.17
CA GLN A 145 8.76 33.74 5.98
C GLN A 145 9.05 32.62 6.96
N ARG A 146 9.01 32.93 8.25
CA ARG A 146 9.28 31.91 9.26
C ARG A 146 8.25 30.78 9.28
N LEU A 147 6.98 31.09 9.05
CA LEU A 147 5.98 30.03 9.06
C LEU A 147 6.25 29.02 7.93
N THR A 148 6.46 29.55 6.73
CA THR A 148 6.72 28.73 5.56
C THR A 148 7.96 27.84 5.74
N LYS A 149 9.02 28.39 6.32
CA LYS A 149 10.23 27.59 6.53
C LYS A 149 10.01 26.46 7.54
N LEU A 150 9.06 26.64 8.44
CA LEU A 150 8.78 25.61 9.45
C LEU A 150 7.85 24.50 9.01
N ILE A 151 6.82 24.85 8.24
CA ILE A 151 5.83 23.87 7.83
C ILE A 151 5.60 23.66 6.34
N GLY A 152 6.35 24.33 5.48
CA GLY A 152 6.16 24.15 4.05
C GLY A 152 5.14 25.11 3.46
N PRO A 153 5.21 25.38 2.15
CA PRO A 153 4.28 26.30 1.47
C PRO A 153 2.82 25.88 1.41
N LYS A 154 2.56 24.57 1.30
CA LYS A 154 1.19 24.08 1.24
C LYS A 154 0.45 24.43 2.51
N ARG A 155 0.96 23.96 3.64
CA ARG A 155 0.32 24.25 4.91
C ARG A 155 0.40 25.73 5.25
N ALA A 156 1.51 26.37 4.92
CA ALA A 156 1.68 27.80 5.23
C ALA A 156 0.63 28.68 4.56
N LEU A 157 0.40 28.48 3.27
CA LEU A 157 -0.58 29.29 2.56
C LEU A 157 -1.98 29.10 3.12
N GLU A 158 -2.30 27.87 3.47
CA GLU A 158 -3.62 27.59 4.03
C GLU A 158 -3.86 28.49 5.23
N TRP A 159 -2.92 28.50 6.17
CA TRP A 159 -3.07 29.32 7.36
C TRP A 159 -3.00 30.82 7.08
N LEU A 160 -2.17 31.22 6.13
CA LEU A 160 -2.00 32.65 5.81
C LEU A 160 -3.16 33.24 5.00
N TRP A 161 -3.74 32.45 4.12
CA TRP A 161 -4.84 32.93 3.29
C TRP A 161 -6.17 32.97 4.06
N THR A 162 -6.32 32.04 5.01
CA THR A 162 -7.57 31.96 5.78
C THR A 162 -7.54 32.79 7.06
N GLY A 163 -6.41 32.82 7.73
CA GLY A 163 -6.30 33.58 8.97
C GLY A 163 -6.85 32.78 10.14
N ALA A 164 -7.05 31.48 9.95
CA ALA A 164 -7.58 30.61 10.98
C ALA A 164 -6.64 30.48 12.17
N ARG A 165 -7.19 30.11 13.32
CA ARG A 165 -6.40 29.95 14.53
C ARG A 165 -5.89 28.51 14.68
N MET A 166 -4.64 28.38 15.10
CA MET A 166 -4.00 27.08 15.28
C MET A 166 -3.81 26.78 16.77
N SER A 167 -4.13 25.55 17.18
CA SER A 167 -3.99 25.16 18.57
C SER A 167 -2.53 24.90 18.92
N ALA A 168 -2.21 24.91 20.22
CA ALA A 168 -0.86 24.67 20.67
C ALA A 168 -0.46 23.25 20.31
N LYS A 169 -1.40 22.32 20.48
CA LYS A 169 -1.16 20.92 20.16
C LYS A 169 -0.73 20.77 18.70
N GLU A 170 -1.47 21.40 17.80
CA GLU A 170 -1.14 21.31 16.38
C GLU A 170 0.18 22.02 16.07
N ALA A 171 0.41 23.15 16.71
CA ALA A 171 1.65 23.90 16.49
C ALA A 171 2.84 23.04 16.88
N GLU A 172 2.69 22.28 17.96
CA GLU A 172 3.76 21.41 18.42
C GLU A 172 3.94 20.23 17.46
N GLN A 173 2.83 19.73 16.93
CA GLN A 173 2.89 18.61 15.99
C GLN A 173 3.66 19.06 14.75
N LEU A 174 3.45 20.32 14.36
CA LEU A 174 4.10 20.90 13.18
C LEU A 174 5.56 21.28 13.37
N GLY A 175 6.02 21.26 14.62
CA GLY A 175 7.40 21.61 14.87
C GLY A 175 7.60 23.10 15.08
N ILE A 176 6.51 23.82 15.32
CA ILE A 176 6.56 25.26 15.55
C ILE A 176 6.81 25.50 17.04
N VAL A 177 6.06 24.78 17.87
CA VAL A 177 6.16 24.87 19.31
C VAL A 177 6.99 23.69 19.84
N ASN A 178 7.85 23.96 20.81
CA ASN A 178 8.70 22.92 21.40
C ASN A 178 8.00 22.11 22.46
N ARG A 179 7.24 22.78 23.32
CA ARG A 179 6.52 22.08 24.37
C ARG A 179 5.22 22.74 24.77
N VAL A 180 4.23 21.90 25.07
CA VAL A 180 2.91 22.34 25.49
C VAL A 180 2.73 21.90 26.94
N VAL A 181 2.38 22.84 27.81
CA VAL A 181 2.21 22.52 29.22
C VAL A 181 0.91 23.13 29.74
N SER A 182 0.47 22.65 30.90
CA SER A 182 -0.74 23.17 31.51
C SER A 182 -0.58 24.68 31.65
N PRO A 183 -1.68 25.43 31.48
CA PRO A 183 -1.64 26.89 31.59
C PRO A 183 -1.00 27.41 32.87
N GLU A 184 -1.30 26.79 34.00
CA GLU A 184 -0.76 27.26 35.27
C GLU A 184 0.69 26.86 35.53
N LEU A 185 1.20 25.91 34.75
CA LEU A 185 2.59 25.48 34.93
C LEU A 185 3.51 26.06 33.86
N LEU A 186 2.97 26.92 33.00
CA LEU A 186 3.75 27.53 31.93
C LEU A 186 5.07 28.16 32.35
N MET A 187 5.01 29.19 33.19
CA MET A 187 6.22 29.86 33.65
C MET A 187 7.17 28.94 34.41
N GLU A 188 6.60 28.05 35.21
CA GLU A 188 7.40 27.11 35.99
C GLU A 188 8.20 26.23 35.04
N GLU A 189 7.53 25.76 33.98
CA GLU A 189 8.17 24.90 32.98
C GLU A 189 9.21 25.71 32.21
N THR A 190 8.81 26.90 31.79
CA THR A 190 9.69 27.78 31.01
C THR A 190 10.93 28.16 31.80
N MET A 191 10.76 28.57 33.04
CA MET A 191 11.89 28.96 33.89
C MET A 191 12.80 27.78 34.17
N ARG A 192 12.24 26.58 34.23
CA ARG A 192 13.05 25.39 34.46
C ARG A 192 13.92 25.18 33.23
N LEU A 193 13.32 25.24 32.05
CA LEU A 193 14.07 25.08 30.81
C LEU A 193 15.15 26.17 30.73
N ALA A 194 14.74 27.41 31.00
CA ALA A 194 15.66 28.54 30.95
C ALA A 194 16.86 28.30 31.87
N GLY A 195 16.58 27.88 33.10
CA GLY A 195 17.66 27.62 34.05
C GLY A 195 18.59 26.54 33.53
N ARG A 196 18.01 25.51 32.92
CA ARG A 196 18.78 24.40 32.36
C ARG A 196 19.73 24.92 31.28
N LEU A 197 19.19 25.74 30.38
CA LEU A 197 19.99 26.31 29.29
C LEU A 197 21.08 27.22 29.83
N ALA A 198 20.77 27.95 30.89
CA ALA A 198 21.74 28.86 31.48
C ALA A 198 22.96 28.12 32.04
N GLU A 199 22.81 26.82 32.30
CA GLU A 199 23.90 26.01 32.81
C GLU A 199 24.74 25.36 31.71
N GLN A 200 24.29 25.48 30.46
CA GLN A 200 25.02 24.93 29.33
C GLN A 200 26.14 25.89 28.93
N PRO A 201 27.21 25.37 28.30
CA PRO A 201 28.33 26.22 27.88
C PRO A 201 27.79 27.37 27.03
N PRO A 202 27.91 28.62 27.51
CA PRO A 202 27.41 29.78 26.77
C PRO A 202 27.91 29.94 25.34
N LEU A 203 29.20 29.69 25.12
CA LEU A 203 29.75 29.83 23.77
C LEU A 203 29.21 28.76 22.85
N ALA A 204 29.03 27.55 23.37
CA ALA A 204 28.50 26.46 22.57
C ALA A 204 27.09 26.81 22.12
N LEU A 205 26.25 27.24 23.04
CA LEU A 205 24.87 27.59 22.67
C LEU A 205 24.88 28.71 21.63
N ARG A 206 25.71 29.72 21.85
CA ARG A 206 25.82 30.87 20.96
C ARG A 206 26.17 30.47 19.52
N LEU A 207 27.22 29.66 19.38
CA LEU A 207 27.71 29.23 18.08
C LEU A 207 26.83 28.16 17.41
N ILE A 208 26.12 27.38 18.23
CA ILE A 208 25.21 26.39 17.68
C ILE A 208 24.04 27.15 17.09
N LYS A 209 23.60 28.20 17.79
CA LYS A 209 22.47 28.99 17.29
C LYS A 209 22.82 29.61 15.93
N GLU A 210 24.02 30.18 15.81
CA GLU A 210 24.43 30.77 14.54
C GLU A 210 24.42 29.72 13.43
N ALA A 211 24.96 28.54 13.73
CA ALA A 211 25.01 27.46 12.75
C ALA A 211 23.62 27.01 12.32
N VAL A 212 22.68 26.93 13.27
CA VAL A 212 21.32 26.52 12.94
C VAL A 212 20.64 27.57 12.07
N GLN A 213 20.91 28.84 12.35
CA GLN A 213 20.33 29.92 11.55
C GLN A 213 20.85 29.86 10.12
N LYS A 214 22.14 29.54 9.97
CA LYS A 214 22.74 29.43 8.64
C LYS A 214 22.16 28.22 7.92
N ALA A 215 21.93 27.15 8.67
CA ALA A 215 21.39 25.91 8.10
C ALA A 215 20.02 26.16 7.45
N VAL A 216 19.28 27.11 8.00
CA VAL A 216 17.97 27.42 7.45
C VAL A 216 18.06 28.07 6.07
N ASP A 217 19.09 28.88 5.84
CA ASP A 217 19.26 29.58 4.57
C ASP A 217 20.32 28.98 3.63
N TYR A 218 21.53 28.83 4.14
CA TYR A 218 22.69 28.31 3.41
C TYR A 218 22.58 26.94 2.73
N PRO A 219 23.26 26.77 1.59
CA PRO A 219 23.25 25.50 0.88
C PRO A 219 24.09 24.61 1.81
N LEU A 220 23.87 23.30 1.80
CA LEU A 220 24.58 22.38 2.68
C LEU A 220 26.10 22.54 2.78
N TYR A 221 26.78 22.50 1.64
CA TYR A 221 28.24 22.62 1.66
C TYR A 221 28.73 23.88 2.34
N GLU A 222 28.14 25.02 2.02
CA GLU A 222 28.56 26.29 2.63
C GLU A 222 28.16 26.36 4.12
N GLY A 223 27.04 25.74 4.46
CA GLY A 223 26.61 25.75 5.85
C GLY A 223 27.60 24.95 6.66
N MET A 224 28.08 23.84 6.10
CA MET A 224 29.05 23.01 6.80
C MET A 224 30.37 23.74 6.92
N GLN A 225 30.69 24.59 5.95
CA GLN A 225 31.92 25.38 5.97
C GLN A 225 31.86 26.32 7.16
N PHE A 226 30.70 26.96 7.34
CA PHE A 226 30.53 27.89 8.45
C PHE A 226 30.57 27.12 9.76
N GLU A 227 29.83 26.01 9.80
CA GLU A 227 29.77 25.17 11.00
C GLU A 227 31.14 24.80 11.55
N ARG A 228 32.01 24.26 10.70
CA ARG A 228 33.34 23.85 11.14
C ARG A 228 34.20 25.01 11.62
N LYS A 229 33.96 26.22 11.11
CA LYS A 229 34.75 27.36 11.54
C LYS A 229 34.36 27.66 12.99
N ASN A 230 33.06 27.56 13.29
CA ASN A 230 32.61 27.77 14.66
C ASN A 230 33.16 26.65 15.53
N PHE A 231 33.25 25.44 14.97
CA PHE A 231 33.78 24.29 15.69
C PHE A 231 35.21 24.61 16.13
N TYR A 232 36.03 25.07 15.19
CA TYR A 232 37.41 25.42 15.49
C TYR A 232 37.49 26.44 16.63
N LEU A 233 36.70 27.50 16.49
CA LEU A 233 36.69 28.58 17.48
C LEU A 233 36.45 28.09 18.90
N LEU A 234 35.58 27.11 19.06
CA LEU A 234 35.29 26.60 20.40
C LEU A 234 36.54 26.02 21.08
N PHE A 235 37.51 25.54 20.31
CA PHE A 235 38.71 24.97 20.90
C PHE A 235 39.70 26.03 21.39
N ALA A 236 39.26 27.28 21.37
CA ALA A 236 40.07 28.38 21.88
C ALA A 236 39.49 28.73 23.26
N SER A 237 38.40 28.06 23.62
CA SER A 237 37.73 28.34 24.89
C SER A 237 38.16 27.41 26.01
N GLU A 238 38.05 27.90 27.24
CA GLU A 238 38.39 27.11 28.42
C GLU A 238 37.30 26.08 28.66
N ASP A 239 36.07 26.43 28.28
CA ASP A 239 34.94 25.53 28.45
C ASP A 239 35.08 24.25 27.62
N GLN A 240 35.74 24.35 26.47
CA GLN A 240 35.94 23.18 25.64
C GLN A 240 36.97 22.27 26.31
N LYS A 241 38.06 22.87 26.78
CA LYS A 241 39.11 22.11 27.46
C LYS A 241 38.51 21.45 28.70
N GLU A 242 37.78 22.23 29.49
CA GLU A 242 37.14 21.74 30.71
C GLU A 242 36.07 20.69 30.43
N GLY A 243 35.23 20.94 29.43
CA GLY A 243 34.17 19.99 29.10
C GLY A 243 34.72 18.61 28.80
N MET A 244 35.74 18.55 27.93
CA MET A 244 36.32 17.27 27.56
C MET A 244 37.20 16.68 28.65
N ALA A 245 37.89 17.53 29.40
CA ALA A 245 38.74 17.06 30.49
C ALA A 245 37.88 16.45 31.59
N ALA A 246 36.86 17.19 32.00
CA ALA A 246 35.95 16.74 33.06
C ALA A 246 35.33 15.40 32.72
N PHE A 247 34.94 15.24 31.46
CA PHE A 247 34.34 14.00 31.00
C PHE A 247 35.32 12.82 31.14
N LEU A 248 36.56 13.03 30.69
CA LEU A 248 37.59 11.99 30.77
C LEU A 248 37.93 11.70 32.23
N GLU A 249 37.90 12.75 33.05
CA GLU A 249 38.23 12.63 34.47
C GLU A 249 37.05 12.20 35.34
N LYS A 250 35.94 11.87 34.71
CA LYS A 250 34.74 11.44 35.42
C LYS A 250 34.27 12.42 36.51
N ARG A 251 34.13 13.69 36.14
CA ARG A 251 33.68 14.70 37.08
C ARG A 251 32.80 15.71 36.37
N LYS A 252 31.97 16.42 37.12
CA LYS A 252 31.07 17.41 36.55
C LYS A 252 31.84 18.68 36.19
N PRO A 253 31.73 19.12 34.93
CA PRO A 253 32.41 20.33 34.44
C PRO A 253 31.76 21.61 34.93
N ARG A 254 32.55 22.67 35.04
CA ARG A 254 32.05 23.97 35.45
C ARG A 254 32.42 24.96 34.37
N PHE A 255 31.44 25.26 33.53
CA PHE A 255 31.62 26.19 32.42
C PHE A 255 31.52 27.62 32.92
N GLN A 256 32.30 28.51 32.34
CA GLN A 256 32.28 29.91 32.76
C GLN A 256 32.01 30.91 31.64
N GLY A 257 31.59 30.43 30.49
CA GLY A 257 31.29 31.35 29.40
C GLY A 257 32.51 31.75 28.57
N LYS A 258 33.59 31.01 28.70
CA LYS A 258 34.80 31.29 27.92
C LYS A 258 35.75 30.10 27.85
N PHE B 4 -14.11 -33.14 -37.15
CA PHE B 4 -13.00 -32.91 -36.18
C PHE B 4 -11.68 -32.62 -36.89
N VAL B 5 -10.89 -31.73 -36.31
CA VAL B 5 -9.60 -31.38 -36.91
C VAL B 5 -8.45 -31.64 -35.94
N SER B 6 -8.77 -32.00 -34.70
CA SER B 6 -7.73 -32.26 -33.71
C SER B 6 -7.75 -33.68 -33.14
N ILE B 7 -8.77 -34.47 -33.49
CA ILE B 7 -8.85 -35.84 -33.01
C ILE B 7 -9.36 -36.77 -34.10
N ALA B 8 -9.25 -38.08 -33.84
CA ALA B 8 -9.73 -39.09 -34.77
C ALA B 8 -10.47 -40.12 -33.92
N ALA B 9 -11.68 -40.49 -34.34
CA ALA B 9 -12.47 -41.45 -33.59
C ALA B 9 -12.84 -42.65 -34.45
N ARG B 10 -12.86 -43.82 -33.83
CA ARG B 10 -13.20 -45.06 -34.52
C ARG B 10 -13.86 -46.03 -33.55
N GLN B 11 -14.52 -47.05 -34.09
CA GLN B 11 -15.18 -48.04 -33.26
C GLN B 11 -14.64 -49.43 -33.57
N GLU B 12 -14.46 -50.23 -32.53
CA GLU B 12 -13.96 -51.58 -32.68
C GLU B 12 -14.80 -52.47 -31.77
N GLY B 13 -15.75 -53.18 -32.35
CA GLY B 13 -16.63 -54.01 -31.55
C GLY B 13 -17.52 -53.07 -30.78
N ALA B 14 -17.62 -53.26 -29.47
CA ALA B 14 -18.45 -52.41 -28.63
C ALA B 14 -17.61 -51.33 -27.94
N VAL B 15 -16.40 -51.12 -28.44
CA VAL B 15 -15.50 -50.12 -27.87
C VAL B 15 -15.29 -48.92 -28.79
N GLY B 16 -15.41 -47.73 -28.22
CA GLY B 16 -15.20 -46.52 -28.99
C GLY B 16 -13.82 -45.97 -28.67
N ILE B 17 -13.04 -45.67 -29.70
CA ILE B 17 -11.68 -45.18 -29.52
C ILE B 17 -11.52 -43.74 -29.99
N ILE B 18 -10.93 -42.91 -29.13
CA ILE B 18 -10.69 -41.52 -29.46
C ILE B 18 -9.19 -41.25 -29.37
N GLU B 19 -8.59 -40.85 -30.48
CA GLU B 19 -7.17 -40.57 -30.53
C GLU B 19 -6.91 -39.07 -30.74
N LEU B 20 -6.18 -38.44 -29.82
CA LEU B 20 -5.87 -37.03 -29.96
C LEU B 20 -4.93 -37.01 -31.16
N ALA B 21 -5.18 -36.12 -32.10
CA ALA B 21 -4.39 -36.08 -33.33
C ALA B 21 -3.65 -34.77 -33.63
N ARG B 22 -2.77 -34.37 -32.73
CA ARG B 22 -1.96 -33.17 -32.92
C ARG B 22 -0.57 -33.47 -32.40
N PRO B 23 0.02 -34.59 -32.85
CA PRO B 23 1.36 -35.00 -32.41
C PRO B 23 2.43 -33.93 -32.65
N ASP B 24 2.19 -33.05 -33.61
CA ASP B 24 3.14 -31.97 -33.90
C ASP B 24 3.38 -31.12 -32.66
N VAL B 25 2.36 -31.00 -31.81
CA VAL B 25 2.45 -30.22 -30.57
C VAL B 25 2.23 -31.10 -29.34
N LEU B 26 2.51 -32.39 -29.48
CA LEU B 26 2.35 -33.35 -28.39
C LEU B 26 0.92 -33.36 -27.85
N ASN B 27 -0.03 -33.21 -28.76
CA ASN B 27 -1.45 -33.20 -28.45
C ASN B 27 -1.84 -32.20 -27.37
N ALA B 28 -1.20 -31.04 -27.38
CA ALA B 28 -1.52 -29.99 -26.41
C ALA B 28 -3.03 -29.77 -26.48
N LEU B 29 -3.69 -29.81 -25.33
CA LEU B 29 -5.14 -29.64 -25.31
C LEU B 29 -5.60 -28.20 -25.44
N SER B 30 -6.03 -27.83 -26.65
CA SER B 30 -6.54 -26.48 -26.90
C SER B 30 -8.03 -26.52 -26.55
N ARG B 31 -8.63 -25.35 -26.33
CA ARG B 31 -10.05 -25.29 -26.02
C ARG B 31 -10.84 -25.94 -27.14
N GLN B 32 -10.31 -25.82 -28.36
CA GLN B 32 -10.94 -26.39 -29.54
C GLN B 32 -10.90 -27.91 -29.47
N MET B 33 -9.74 -28.45 -29.11
CA MET B 33 -9.56 -29.89 -29.01
C MET B 33 -10.45 -30.48 -27.90
N VAL B 34 -10.49 -29.81 -26.76
CA VAL B 34 -11.32 -30.28 -25.66
C VAL B 34 -12.77 -30.35 -26.12
N ALA B 35 -13.19 -29.34 -26.88
CA ALA B 35 -14.56 -29.31 -27.38
C ALA B 35 -14.85 -30.53 -28.27
N GLU B 36 -13.90 -30.86 -29.13
CA GLU B 36 -14.06 -32.01 -30.02
C GLU B 36 -14.08 -33.31 -29.22
N ILE B 37 -13.20 -33.41 -28.22
CA ILE B 37 -13.13 -34.61 -27.40
C ILE B 37 -14.47 -34.84 -26.70
N VAL B 38 -15.04 -33.79 -26.12
CA VAL B 38 -16.31 -33.92 -25.43
C VAL B 38 -17.41 -34.35 -26.40
N ALA B 39 -17.46 -33.71 -27.56
CA ALA B 39 -18.46 -34.05 -28.56
C ALA B 39 -18.33 -35.53 -28.94
N ALA B 40 -17.10 -35.99 -29.13
CA ALA B 40 -16.85 -37.39 -29.48
C ALA B 40 -17.25 -38.34 -28.36
N VAL B 41 -16.88 -38.01 -27.13
CA VAL B 41 -17.24 -38.86 -26.00
C VAL B 41 -18.75 -38.94 -25.84
N GLU B 42 -19.43 -37.79 -25.88
CA GLU B 42 -20.88 -37.76 -25.75
C GLU B 42 -21.55 -38.56 -26.85
N ALA B 43 -20.97 -38.55 -28.06
CA ALA B 43 -21.55 -39.29 -29.17
C ALA B 43 -21.44 -40.80 -28.90
N PHE B 44 -20.28 -41.26 -28.46
CA PHE B 44 -20.11 -42.67 -28.16
C PHE B 44 -21.01 -43.05 -26.99
N ASP B 45 -21.12 -42.15 -26.02
CA ASP B 45 -21.93 -42.41 -24.84
C ASP B 45 -23.39 -42.64 -25.26
N ARG B 46 -23.92 -41.76 -26.10
CA ARG B 46 -25.30 -41.89 -26.57
C ARG B 46 -25.56 -43.16 -27.40
N ASN B 47 -24.54 -43.62 -28.10
CA ASN B 47 -24.65 -44.81 -28.94
C ASN B 47 -24.76 -46.09 -28.10
N GLU B 48 -25.93 -46.72 -28.09
CA GLU B 48 -26.14 -47.94 -27.32
C GLU B 48 -25.13 -49.05 -27.66
N LYS B 49 -24.61 -49.02 -28.89
CA LYS B 49 -23.66 -50.02 -29.35
C LYS B 49 -22.27 -49.90 -28.71
N VAL B 50 -21.91 -48.70 -28.25
CA VAL B 50 -20.60 -48.50 -27.64
C VAL B 50 -20.73 -48.59 -26.13
N ARG B 51 -20.11 -49.61 -25.55
CA ARG B 51 -20.18 -49.84 -24.11
C ARG B 51 -18.98 -49.36 -23.33
N VAL B 52 -17.89 -49.05 -24.05
CA VAL B 52 -16.67 -48.57 -23.40
C VAL B 52 -15.99 -47.56 -24.32
N ILE B 53 -15.42 -46.53 -23.72
CA ILE B 53 -14.72 -45.49 -24.48
C ILE B 53 -13.24 -45.46 -24.06
N VAL B 54 -12.36 -45.43 -25.05
CA VAL B 54 -10.92 -45.39 -24.79
C VAL B 54 -10.31 -44.12 -25.38
N LEU B 55 -9.54 -43.40 -24.57
CA LEU B 55 -8.86 -42.18 -25.04
C LEU B 55 -7.36 -42.47 -25.09
N THR B 56 -6.71 -42.03 -26.16
CA THR B 56 -5.27 -42.21 -26.26
C THR B 56 -4.67 -41.13 -27.14
N GLY B 57 -3.36 -41.00 -27.12
CA GLY B 57 -2.72 -39.98 -27.94
C GLY B 57 -1.96 -40.54 -29.12
N ARG B 58 -1.94 -39.79 -30.21
CA ARG B 58 -1.21 -40.20 -31.40
C ARG B 58 0.22 -39.69 -31.23
N GLY B 59 1.21 -40.49 -31.64
CA GLY B 59 2.59 -40.06 -31.52
C GLY B 59 3.22 -40.38 -30.17
N ARG B 60 4.21 -39.58 -29.79
CA ARG B 60 4.93 -39.80 -28.53
C ARG B 60 4.20 -39.48 -27.22
N ALA B 61 3.33 -38.48 -27.20
CA ALA B 61 2.67 -38.10 -25.95
C ALA B 61 1.19 -38.37 -25.94
N PHE B 62 0.63 -38.38 -24.73
CA PHE B 62 -0.81 -38.58 -24.54
C PHE B 62 -1.36 -37.18 -24.77
N ALA B 63 -0.92 -36.25 -23.93
CA ALA B 63 -1.31 -34.85 -24.03
C ALA B 63 -0.40 -34.04 -23.11
N ALA B 64 0.52 -33.28 -23.70
CA ALA B 64 1.45 -32.48 -22.90
C ALA B 64 0.93 -31.06 -22.66
N GLY B 65 0.17 -30.90 -21.58
CA GLY B 65 -0.36 -29.60 -21.23
C GLY B 65 -1.45 -29.09 -22.14
N ALA B 66 -1.78 -27.82 -21.99
CA ALA B 66 -2.81 -27.18 -22.80
C ALA B 66 -2.14 -26.18 -23.73
N ASP B 67 -2.93 -25.58 -24.61
CA ASP B 67 -2.40 -24.59 -25.53
C ASP B 67 -2.16 -23.33 -24.70
N ILE B 68 -0.89 -22.99 -24.51
CA ILE B 68 -0.53 -21.81 -23.72
C ILE B 68 -0.71 -20.52 -24.52
N GLN B 69 -0.40 -20.58 -25.81
CA GLN B 69 -0.52 -19.43 -26.69
C GLN B 69 -1.88 -18.73 -26.61
N GLU B 70 -2.97 -19.48 -26.77
CA GLU B 70 -4.30 -18.88 -26.73
C GLU B 70 -4.69 -18.38 -25.36
N MET B 71 -3.91 -18.77 -24.35
CA MET B 71 -4.15 -18.38 -22.96
C MET B 71 -3.32 -17.20 -22.42
N ALA B 72 -2.10 -17.10 -22.92
CA ALA B 72 -1.14 -16.09 -22.50
C ALA B 72 -1.62 -14.67 -22.20
N LYS B 73 -2.51 -14.14 -23.03
CA LYS B 73 -2.98 -12.77 -22.84
C LYS B 73 -4.37 -12.63 -22.21
N ASP B 74 -4.97 -13.74 -21.79
CA ASP B 74 -6.30 -13.68 -21.18
C ASP B 74 -6.34 -12.94 -19.86
N ASP B 75 -7.55 -12.52 -19.48
CA ASP B 75 -7.77 -11.81 -18.24
C ASP B 75 -8.92 -12.53 -17.53
N PRO B 76 -9.16 -12.24 -16.23
CA PRO B 76 -10.23 -12.90 -15.48
C PRO B 76 -11.63 -12.79 -16.09
N ILE B 77 -11.98 -11.62 -16.62
CA ILE B 77 -13.31 -11.43 -17.19
C ILE B 77 -13.52 -12.27 -18.45
N ARG B 78 -12.56 -12.25 -19.37
CA ARG B 78 -12.70 -13.06 -20.57
C ARG B 78 -12.88 -14.54 -20.18
N LEU B 79 -12.13 -14.99 -19.18
CA LEU B 79 -12.21 -16.38 -18.74
C LEU B 79 -13.56 -16.69 -18.09
N GLU B 80 -14.07 -15.74 -17.31
CA GLU B 80 -15.36 -15.92 -16.65
C GLU B 80 -16.47 -16.11 -17.69
N TRP B 81 -16.47 -15.27 -18.72
CA TRP B 81 -17.47 -15.36 -19.78
C TRP B 81 -17.27 -16.60 -20.64
N LEU B 82 -16.01 -16.97 -20.85
CA LEU B 82 -15.67 -18.13 -21.66
C LEU B 82 -16.22 -19.44 -21.05
N ASN B 83 -16.05 -19.58 -19.74
CA ASN B 83 -16.51 -20.76 -19.00
C ASN B 83 -16.03 -22.04 -19.69
N GLN B 84 -14.75 -22.08 -20.01
CA GLN B 84 -14.18 -23.21 -20.71
C GLN B 84 -14.20 -24.54 -19.98
N PHE B 85 -14.26 -24.49 -18.66
CA PHE B 85 -14.26 -25.73 -17.89
C PHE B 85 -15.61 -26.39 -17.85
N ALA B 86 -16.60 -25.75 -18.45
CA ALA B 86 -17.94 -26.32 -18.51
C ALA B 86 -17.85 -27.54 -19.44
N ASP B 87 -16.93 -27.48 -20.40
CA ASP B 87 -16.72 -28.59 -21.33
C ASP B 87 -16.15 -29.78 -20.56
N TRP B 88 -15.31 -29.49 -19.58
CA TRP B 88 -14.72 -30.55 -18.76
C TRP B 88 -15.78 -31.15 -17.83
N ASP B 89 -16.72 -30.33 -17.38
CA ASP B 89 -17.78 -30.82 -16.51
C ASP B 89 -18.66 -31.80 -17.30
N ARG B 90 -18.83 -31.53 -18.59
CA ARG B 90 -19.63 -32.41 -19.45
C ARG B 90 -18.97 -33.78 -19.52
N LEU B 91 -17.64 -33.80 -19.53
CA LEU B 91 -16.92 -35.06 -19.57
C LEU B 91 -17.17 -35.84 -18.30
N SER B 92 -17.13 -35.13 -17.17
CA SER B 92 -17.33 -35.73 -15.87
C SER B 92 -18.64 -36.48 -15.69
N ILE B 93 -19.71 -36.04 -16.34
CA ILE B 93 -20.99 -36.72 -16.16
C ILE B 93 -21.33 -37.81 -17.17
N VAL B 94 -20.39 -38.13 -18.06
CA VAL B 94 -20.62 -39.19 -19.04
C VAL B 94 -20.75 -40.48 -18.25
N LYS B 95 -21.81 -41.24 -18.50
CA LYS B 95 -22.05 -42.47 -17.76
C LYS B 95 -21.43 -43.74 -18.32
N THR B 96 -21.00 -43.69 -19.57
CA THR B 96 -20.37 -44.86 -20.19
C THR B 96 -18.96 -45.01 -19.62
N PRO B 97 -18.52 -46.25 -19.37
CA PRO B 97 -17.18 -46.45 -18.83
C PRO B 97 -16.12 -45.81 -19.75
N MET B 98 -15.11 -45.19 -19.15
CA MET B 98 -14.05 -44.54 -19.92
C MET B 98 -12.67 -44.94 -19.42
N ILE B 99 -11.80 -45.30 -20.36
CA ILE B 99 -10.45 -45.71 -20.02
C ILE B 99 -9.43 -44.83 -20.75
N ALA B 100 -8.43 -44.37 -20.01
CA ALA B 100 -7.38 -43.56 -20.62
C ALA B 100 -6.18 -44.47 -20.88
N ALA B 101 -5.72 -44.54 -22.13
CA ALA B 101 -4.55 -45.35 -22.47
C ALA B 101 -3.44 -44.31 -22.64
N VAL B 102 -2.73 -44.02 -21.57
CA VAL B 102 -1.67 -43.01 -21.59
C VAL B 102 -0.37 -43.53 -22.20
N ASN B 103 -0.16 -43.17 -23.47
CA ASN B 103 1.02 -43.61 -24.21
C ASN B 103 2.30 -42.84 -23.93
N GLY B 104 2.19 -41.64 -23.38
CA GLY B 104 3.37 -40.85 -23.09
C GLY B 104 3.11 -39.73 -22.10
N LEU B 105 3.79 -38.60 -22.30
CA LEU B 105 3.63 -37.44 -21.42
C LEU B 105 2.17 -37.04 -21.25
N ALA B 106 1.77 -36.83 -19.99
CA ALA B 106 0.43 -36.40 -19.65
C ALA B 106 0.64 -35.31 -18.61
N LEU B 107 0.78 -34.07 -19.09
CA LEU B 107 1.03 -32.95 -18.20
C LEU B 107 -0.13 -31.96 -18.20
N GLY B 108 -0.31 -31.28 -17.06
CA GLY B 108 -1.38 -30.30 -16.94
C GLY B 108 -2.71 -30.82 -17.44
N GLY B 109 -3.29 -30.11 -18.40
CA GLY B 109 -4.57 -30.53 -18.94
C GLY B 109 -4.55 -32.00 -19.35
N GLY B 110 -3.40 -32.46 -19.84
CA GLY B 110 -3.25 -33.85 -20.24
C GLY B 110 -3.43 -34.81 -19.08
N PHE B 111 -2.91 -34.44 -17.92
CA PHE B 111 -3.01 -35.25 -16.72
C PHE B 111 -4.48 -35.18 -16.27
N GLU B 112 -5.08 -33.99 -16.39
CA GLU B 112 -6.47 -33.82 -16.00
C GLU B 112 -7.41 -34.64 -16.89
N LEU B 113 -7.04 -34.82 -18.16
CA LEU B 113 -7.88 -35.60 -19.08
C LEU B 113 -7.84 -37.07 -18.66
N ALA B 114 -6.66 -37.55 -18.26
CA ALA B 114 -6.50 -38.93 -17.83
C ALA B 114 -7.28 -39.15 -16.53
N LEU B 115 -7.16 -38.22 -15.58
CA LEU B 115 -7.86 -38.31 -14.30
C LEU B 115 -9.39 -38.31 -14.48
N SER B 116 -9.87 -37.75 -15.58
CA SER B 116 -11.31 -37.70 -15.86
C SER B 116 -11.87 -39.06 -16.25
N CYS B 117 -11.00 -39.97 -16.66
CA CYS B 117 -11.45 -41.31 -17.04
C CYS B 117 -11.64 -42.19 -15.81
N ASP B 118 -12.34 -43.31 -15.97
CA ASP B 118 -12.61 -44.20 -14.85
C ASP B 118 -11.43 -45.10 -14.49
N LEU B 119 -10.69 -45.50 -15.52
CA LEU B 119 -9.51 -46.35 -15.33
C LEU B 119 -8.39 -45.78 -16.18
N ILE B 120 -7.15 -46.07 -15.78
CA ILE B 120 -5.99 -45.60 -16.53
C ILE B 120 -5.02 -46.74 -16.70
N VAL B 121 -4.63 -46.99 -17.94
CA VAL B 121 -3.64 -48.01 -18.25
C VAL B 121 -2.52 -47.16 -18.82
N ALA B 122 -1.36 -47.20 -18.18
CA ALA B 122 -0.25 -46.37 -18.60
C ALA B 122 0.92 -47.10 -19.21
N SER B 123 1.55 -46.43 -20.18
CA SER B 123 2.73 -46.97 -20.82
C SER B 123 3.84 -46.84 -19.79
N SER B 124 4.79 -47.77 -19.82
CA SER B 124 5.92 -47.76 -18.91
C SER B 124 6.70 -46.46 -19.07
N ALA B 125 6.56 -45.83 -20.23
CA ALA B 125 7.28 -44.59 -20.52
C ALA B 125 6.47 -43.32 -20.23
N ALA B 126 5.28 -43.47 -19.69
CA ALA B 126 4.44 -42.30 -19.41
C ALA B 126 4.83 -41.59 -18.11
N GLU B 127 4.71 -40.26 -18.12
CA GLU B 127 4.99 -39.45 -16.95
C GLU B 127 3.83 -38.47 -16.75
N PHE B 128 3.47 -38.24 -15.48
CA PHE B 128 2.37 -37.35 -15.13
C PHE B 128 2.87 -36.16 -14.32
N GLY B 129 2.17 -35.03 -14.43
CA GLY B 129 2.59 -33.85 -13.69
C GLY B 129 1.76 -32.61 -13.98
N PHE B 130 1.95 -31.59 -13.14
CA PHE B 130 1.23 -30.32 -13.26
C PHE B 130 2.22 -29.15 -13.23
N PRO B 131 2.81 -28.81 -14.39
CA PRO B 131 3.77 -27.72 -14.46
C PRO B 131 3.15 -26.33 -14.41
N GLU B 132 1.83 -26.25 -14.26
CA GLU B 132 1.12 -24.98 -14.23
C GLU B 132 1.73 -23.94 -13.28
N VAL B 133 2.11 -24.39 -12.08
CA VAL B 133 2.69 -23.49 -11.09
C VAL B 133 3.90 -22.72 -11.65
N ASN B 134 4.69 -23.38 -12.48
CA ASN B 134 5.87 -22.74 -13.06
C ASN B 134 5.58 -21.75 -14.18
N LEU B 135 4.30 -21.62 -14.53
CA LEU B 135 3.86 -20.68 -15.55
C LEU B 135 3.16 -19.54 -14.82
N GLY B 136 3.14 -19.63 -13.48
CA GLY B 136 2.49 -18.61 -12.69
C GLY B 136 1.03 -18.91 -12.42
N VAL B 137 0.53 -20.05 -12.90
CA VAL B 137 -0.88 -20.40 -12.67
C VAL B 137 -1.06 -21.72 -11.90
N MET B 138 -2.16 -22.42 -12.18
CA MET B 138 -2.46 -23.69 -11.49
C MET B 138 -3.38 -24.52 -12.35
N PRO B 139 -3.58 -25.81 -11.98
CA PRO B 139 -4.49 -26.62 -12.80
C PRO B 139 -5.87 -26.00 -12.67
N GLY B 140 -6.64 -25.98 -13.76
CA GLY B 140 -7.97 -25.39 -13.69
C GLY B 140 -9.10 -26.31 -14.12
N ALA B 141 -8.74 -27.53 -14.51
CA ALA B 141 -9.72 -28.51 -14.95
C ALA B 141 -9.82 -29.72 -14.02
N GLY B 142 -9.80 -29.46 -12.71
CA GLY B 142 -9.93 -30.51 -11.72
C GLY B 142 -8.65 -31.18 -11.25
N GLY B 143 -7.51 -30.77 -11.78
CA GLY B 143 -6.25 -31.36 -11.38
C GLY B 143 -6.01 -31.33 -9.87
N THR B 144 -6.20 -30.17 -9.26
CA THR B 144 -5.97 -30.05 -7.83
C THR B 144 -6.97 -30.87 -7.01
N GLN B 145 -8.18 -31.03 -7.55
CA GLN B 145 -9.23 -31.77 -6.84
C GLN B 145 -9.09 -33.28 -6.93
N ARG B 146 -9.04 -33.80 -8.16
CA ARG B 146 -8.92 -35.25 -8.34
C ARG B 146 -7.62 -35.80 -7.76
N LEU B 147 -6.49 -35.12 -7.97
CA LEU B 147 -5.21 -35.61 -7.43
C LEU B 147 -5.25 -35.71 -5.91
N THR B 148 -5.78 -34.68 -5.27
CA THR B 148 -5.86 -34.66 -3.81
C THR B 148 -6.74 -35.77 -3.24
N LYS B 149 -7.88 -36.03 -3.88
CA LYS B 149 -8.75 -37.09 -3.37
C LYS B 149 -8.09 -38.46 -3.51
N LEU B 150 -7.23 -38.59 -4.51
CA LEU B 150 -6.54 -39.86 -4.73
C LEU B 150 -5.35 -40.10 -3.81
N ILE B 151 -4.52 -39.08 -3.59
CA ILE B 151 -3.32 -39.29 -2.78
C ILE B 151 -3.14 -38.47 -1.50
N GLY B 152 -4.14 -37.68 -1.13
CA GLY B 152 -4.03 -36.89 0.09
C GLY B 152 -3.37 -35.54 -0.17
N PRO B 153 -3.61 -34.54 0.68
CA PRO B 153 -3.05 -33.19 0.53
C PRO B 153 -1.54 -33.05 0.68
N LYS B 154 -0.93 -33.82 1.58
CA LYS B 154 0.52 -33.75 1.77
C LYS B 154 1.21 -34.07 0.45
N ARG B 155 0.90 -35.24 -0.10
CA ARG B 155 1.50 -35.66 -1.36
C ARG B 155 1.05 -34.83 -2.56
N ALA B 156 -0.21 -34.42 -2.58
CA ALA B 156 -0.71 -33.61 -3.69
C ALA B 156 0.03 -32.27 -3.78
N LEU B 157 0.18 -31.59 -2.64
CA LEU B 157 0.87 -30.31 -2.64
C LEU B 157 2.30 -30.39 -3.11
N GLU B 158 2.96 -31.52 -2.85
CA GLU B 158 4.34 -31.63 -3.29
C GLU B 158 4.42 -31.66 -4.80
N TRP B 159 3.45 -32.28 -5.46
CA TRP B 159 3.45 -32.34 -6.92
C TRP B 159 2.93 -31.06 -7.55
N LEU B 160 1.93 -30.47 -6.92
CA LEU B 160 1.31 -29.25 -7.42
C LEU B 160 2.16 -28.00 -7.22
N TRP B 161 2.88 -27.95 -6.10
CA TRP B 161 3.72 -26.79 -5.80
C TRP B 161 5.05 -26.82 -6.57
N THR B 162 5.47 -28.02 -6.97
CA THR B 162 6.74 -28.15 -7.68
C THR B 162 6.60 -28.30 -9.19
N GLY B 163 5.54 -28.98 -9.61
CA GLY B 163 5.33 -29.20 -11.02
C GLY B 163 6.26 -30.30 -11.51
N ALA B 164 6.74 -31.12 -10.58
CA ALA B 164 7.66 -32.20 -10.93
C ALA B 164 6.95 -33.34 -11.68
N ARG B 165 7.75 -34.16 -12.37
CA ARG B 165 7.22 -35.27 -13.14
C ARG B 165 7.16 -36.56 -12.33
N MET B 166 5.98 -37.18 -12.33
CA MET B 166 5.76 -38.42 -11.61
C MET B 166 5.81 -39.59 -12.59
N SER B 167 6.52 -40.65 -12.23
CA SER B 167 6.64 -41.82 -13.10
C SER B 167 5.37 -42.66 -13.10
N ALA B 168 5.18 -43.44 -14.17
CA ALA B 168 4.01 -44.29 -14.27
C ALA B 168 4.01 -45.28 -13.09
N LYS B 169 5.19 -45.75 -12.73
CA LYS B 169 5.33 -46.69 -11.62
C LYS B 169 4.83 -46.09 -10.30
N GLU B 170 5.19 -44.84 -10.03
CA GLU B 170 4.74 -44.22 -8.79
C GLU B 170 3.24 -43.92 -8.84
N ALA B 171 2.73 -43.57 -10.02
CA ALA B 171 1.32 -43.27 -10.17
C ALA B 171 0.51 -44.54 -9.85
N GLU B 172 1.05 -45.68 -10.26
CA GLU B 172 0.38 -46.95 -10.01
C GLU B 172 0.39 -47.28 -8.51
N GLN B 173 1.52 -47.06 -7.85
CA GLN B 173 1.62 -47.38 -6.43
C GLN B 173 0.71 -46.47 -5.60
N LEU B 174 0.53 -45.23 -6.07
CA LEU B 174 -0.32 -44.27 -5.37
C LEU B 174 -1.81 -44.49 -5.60
N GLY B 175 -2.15 -45.33 -6.58
CA GLY B 175 -3.55 -45.62 -6.85
C GLY B 175 -4.18 -44.71 -7.89
N ILE B 176 -3.33 -44.01 -8.64
CA ILE B 176 -3.78 -43.10 -9.69
C ILE B 176 -3.93 -43.89 -10.99
N VAL B 177 -2.95 -44.75 -11.26
CA VAL B 177 -2.93 -45.59 -12.46
C VAL B 177 -3.29 -47.02 -12.07
N ASN B 178 -4.08 -47.69 -12.91
CA ASN B 178 -4.53 -49.06 -12.64
C ASN B 178 -3.52 -50.12 -13.06
N ARG B 179 -2.88 -49.90 -14.21
CA ARG B 179 -1.92 -50.85 -14.73
C ARG B 179 -0.85 -50.17 -15.57
N VAL B 180 0.36 -50.72 -15.52
CA VAL B 180 1.48 -50.20 -16.29
C VAL B 180 1.94 -51.32 -17.22
N VAL B 181 2.15 -50.99 -18.50
CA VAL B 181 2.59 -51.99 -19.46
C VAL B 181 3.55 -51.37 -20.45
N SER B 182 4.35 -52.21 -21.10
CA SER B 182 5.32 -51.75 -22.08
C SER B 182 4.66 -50.87 -23.13
N PRO B 183 5.41 -49.92 -23.70
CA PRO B 183 4.86 -49.03 -24.72
C PRO B 183 4.23 -49.79 -25.88
N GLU B 184 4.88 -50.86 -26.33
CA GLU B 184 4.38 -51.63 -27.45
C GLU B 184 3.13 -52.46 -27.17
N LEU B 185 2.85 -52.74 -25.89
CA LEU B 185 1.67 -53.52 -25.55
C LEU B 185 0.51 -52.69 -24.99
N LEU B 186 0.72 -51.38 -24.85
CA LEU B 186 -0.30 -50.48 -24.30
C LEU B 186 -1.70 -50.64 -24.90
N MET B 187 -1.83 -50.38 -26.20
CA MET B 187 -3.12 -50.47 -26.86
C MET B 187 -3.72 -51.88 -26.83
N GLU B 188 -2.87 -52.88 -27.01
CA GLU B 188 -3.33 -54.26 -26.99
C GLU B 188 -3.92 -54.60 -25.63
N GLU B 189 -3.21 -54.21 -24.57
CA GLU B 189 -3.67 -54.47 -23.21
C GLU B 189 -4.94 -53.68 -22.91
N THR B 190 -4.93 -52.41 -23.31
CA THR B 190 -6.08 -51.54 -23.07
C THR B 190 -7.32 -52.04 -23.80
N MET B 191 -7.16 -52.46 -25.06
CA MET B 191 -8.30 -52.95 -25.83
C MET B 191 -8.83 -54.27 -25.27
N ARG B 192 -7.93 -55.10 -24.75
CA ARG B 192 -8.33 -56.37 -24.18
C ARG B 192 -9.19 -56.08 -22.95
N LEU B 193 -8.75 -55.13 -22.14
CA LEU B 193 -9.47 -54.72 -20.94
C LEU B 193 -10.84 -54.16 -21.32
N ALA B 194 -10.85 -53.25 -22.30
CA ALA B 194 -12.09 -52.64 -22.74
C ALA B 194 -13.06 -53.68 -23.28
N GLY B 195 -12.55 -54.64 -24.05
CA GLY B 195 -13.40 -55.68 -24.61
C GLY B 195 -14.04 -56.48 -23.50
N ARG B 196 -13.25 -56.78 -22.48
CA ARG B 196 -13.71 -57.53 -21.33
C ARG B 196 -14.79 -56.75 -20.57
N LEU B 197 -14.62 -55.43 -20.43
CA LEU B 197 -15.63 -54.63 -19.75
C LEU B 197 -16.91 -54.53 -20.56
N ALA B 198 -16.76 -54.51 -21.88
CA ALA B 198 -17.93 -54.42 -22.75
C ALA B 198 -18.76 -55.69 -22.65
N GLU B 199 -18.21 -56.73 -22.02
CA GLU B 199 -18.89 -58.01 -21.85
C GLU B 199 -19.60 -58.12 -20.50
N GLN B 200 -19.29 -57.20 -19.59
CA GLN B 200 -19.94 -57.22 -18.28
C GLN B 200 -21.34 -56.63 -18.45
N PRO B 201 -22.26 -56.91 -17.52
CA PRO B 201 -23.63 -56.39 -17.60
C PRO B 201 -23.54 -54.85 -17.67
N PRO B 202 -23.99 -54.25 -18.78
CA PRO B 202 -23.95 -52.80 -18.96
C PRO B 202 -24.60 -51.98 -17.85
N LEU B 203 -25.76 -52.42 -17.36
CA LEU B 203 -26.44 -51.70 -16.29
C LEU B 203 -25.64 -51.71 -14.99
N ALA B 204 -25.06 -52.86 -14.68
CA ALA B 204 -24.27 -52.99 -13.46
C ALA B 204 -23.06 -52.04 -13.49
N LEU B 205 -22.36 -52.00 -14.61
CA LEU B 205 -21.20 -51.09 -14.73
C LEU B 205 -21.65 -49.65 -14.52
N ARG B 206 -22.75 -49.31 -15.17
CA ARG B 206 -23.32 -47.97 -15.12
C ARG B 206 -23.63 -47.56 -13.68
N LEU B 207 -24.44 -48.37 -12.99
CA LEU B 207 -24.83 -48.05 -11.62
C LEU B 207 -23.70 -48.17 -10.60
N ILE B 208 -22.76 -49.06 -10.85
CA ILE B 208 -21.61 -49.20 -9.94
C ILE B 208 -20.77 -47.95 -10.09
N LYS B 209 -20.65 -47.44 -11.32
CA LYS B 209 -19.87 -46.25 -11.56
C LYS B 209 -20.49 -45.07 -10.80
N GLU B 210 -21.83 -44.97 -10.81
CA GLU B 210 -22.48 -43.88 -10.11
C GLU B 210 -22.24 -43.98 -8.61
N ALA B 211 -22.33 -45.20 -8.07
CA ALA B 211 -22.12 -45.41 -6.64
C ALA B 211 -20.72 -44.99 -6.22
N VAL B 212 -19.72 -45.40 -6.99
CA VAL B 212 -18.34 -45.06 -6.68
C VAL B 212 -18.16 -43.54 -6.68
N GLN B 213 -18.80 -42.86 -7.63
CA GLN B 213 -18.71 -41.42 -7.70
C GLN B 213 -19.33 -40.76 -6.47
N LYS B 214 -20.40 -41.35 -5.94
CA LYS B 214 -21.04 -40.78 -4.75
C LYS B 214 -20.19 -41.11 -3.55
N ALA B 215 -19.50 -42.25 -3.60
CA ALA B 215 -18.65 -42.69 -2.50
C ALA B 215 -17.53 -41.68 -2.26
N VAL B 216 -17.02 -41.09 -3.34
CA VAL B 216 -15.96 -40.11 -3.24
C VAL B 216 -16.37 -38.90 -2.41
N ASP B 217 -17.58 -38.40 -2.66
CA ASP B 217 -18.10 -37.22 -1.99
C ASP B 217 -18.95 -37.50 -0.74
N TYR B 218 -20.06 -38.18 -0.95
CA TYR B 218 -21.03 -38.53 0.08
C TYR B 218 -20.59 -39.10 1.43
N PRO B 219 -21.30 -38.74 2.51
CA PRO B 219 -20.99 -39.25 3.85
C PRO B 219 -21.41 -40.72 3.71
N LEU B 220 -20.76 -41.63 4.43
CA LEU B 220 -21.07 -43.06 4.30
C LEU B 220 -22.55 -43.44 4.31
N TYR B 221 -23.28 -43.02 5.34
CA TYR B 221 -24.70 -43.36 5.44
C TYR B 221 -25.52 -42.96 4.21
N GLU B 222 -25.36 -41.72 3.76
CA GLU B 222 -26.11 -41.27 2.59
C GLU B 222 -25.64 -41.95 1.31
N GLY B 223 -24.35 -42.27 1.25
CA GLY B 223 -23.81 -42.95 0.09
C GLY B 223 -24.38 -44.34 -0.01
N MET B 224 -24.54 -45.00 1.14
CA MET B 224 -25.10 -46.34 1.16
C MET B 224 -26.58 -46.26 0.78
N GLN B 225 -27.21 -45.14 1.13
CA GLN B 225 -28.63 -44.90 0.80
C GLN B 225 -28.80 -44.88 -0.71
N PHE B 226 -27.88 -44.21 -1.40
CA PHE B 226 -27.92 -44.10 -2.85
C PHE B 226 -27.59 -45.45 -3.47
N GLU B 227 -26.58 -46.10 -2.90
CA GLU B 227 -26.13 -47.39 -3.38
C GLU B 227 -27.27 -48.41 -3.45
N ARG B 228 -28.00 -48.58 -2.33
CA ARG B 228 -29.09 -49.55 -2.31
C ARG B 228 -30.20 -49.22 -3.28
N LYS B 229 -30.45 -47.94 -3.55
CA LYS B 229 -31.49 -47.59 -4.52
C LYS B 229 -31.07 -48.14 -5.89
N ASN B 230 -29.78 -48.05 -6.20
CA ASN B 230 -29.29 -48.57 -7.47
C ASN B 230 -29.42 -50.09 -7.45
N PHE B 231 -29.15 -50.69 -6.28
CA PHE B 231 -29.26 -52.14 -6.11
C PHE B 231 -30.67 -52.54 -6.51
N TYR B 232 -31.68 -51.88 -5.93
CA TYR B 232 -33.07 -52.19 -6.26
C TYR B 232 -33.36 -52.12 -7.75
N LEU B 233 -32.94 -51.02 -8.38
CA LEU B 233 -33.18 -50.83 -9.80
C LEU B 233 -32.65 -51.96 -10.67
N LEU B 234 -31.54 -52.57 -10.28
CA LEU B 234 -30.98 -53.65 -11.06
C LEU B 234 -31.92 -54.86 -11.11
N PHE B 235 -32.78 -55.02 -10.12
CA PHE B 235 -33.70 -56.14 -10.12
C PHE B 235 -34.89 -55.95 -11.04
N ALA B 236 -34.85 -54.89 -11.85
CA ALA B 236 -35.89 -54.62 -12.83
C ALA B 236 -35.31 -55.04 -14.17
N SER B 237 -34.03 -55.42 -14.18
CA SER B 237 -33.36 -55.81 -15.42
C SER B 237 -33.32 -57.31 -15.67
N GLU B 238 -33.36 -57.67 -16.95
CA GLU B 238 -33.30 -59.05 -17.35
C GLU B 238 -31.94 -59.64 -17.03
N ASP B 239 -30.88 -58.82 -17.12
CA ASP B 239 -29.52 -59.27 -16.82
C ASP B 239 -29.37 -59.77 -15.39
N GLN B 240 -30.09 -59.16 -14.46
CA GLN B 240 -30.03 -59.58 -13.07
C GLN B 240 -30.66 -60.97 -12.94
N LYS B 241 -31.84 -61.12 -13.52
CA LYS B 241 -32.53 -62.41 -13.48
C LYS B 241 -31.65 -63.51 -14.07
N GLU B 242 -31.09 -63.23 -15.25
CA GLU B 242 -30.21 -64.19 -15.93
C GLU B 242 -28.92 -64.45 -15.16
N GLY B 243 -28.29 -63.38 -14.67
CA GLY B 243 -27.06 -63.52 -13.93
C GLY B 243 -27.18 -64.43 -12.72
N MET B 244 -28.26 -64.30 -11.98
CA MET B 244 -28.48 -65.12 -10.81
C MET B 244 -28.97 -66.51 -11.17
N ALA B 245 -29.82 -66.60 -12.18
CA ALA B 245 -30.33 -67.90 -12.60
C ALA B 245 -29.13 -68.73 -13.07
N ALA B 246 -28.25 -68.13 -13.85
CA ALA B 246 -27.07 -68.81 -14.36
C ALA B 246 -26.18 -69.30 -13.21
N PHE B 247 -25.99 -68.45 -12.22
CA PHE B 247 -25.16 -68.77 -11.05
C PHE B 247 -25.69 -70.00 -10.32
N LEU B 248 -27.01 -70.07 -10.17
CA LEU B 248 -27.66 -71.17 -9.47
C LEU B 248 -27.80 -72.41 -10.36
N GLU B 249 -27.64 -72.24 -11.66
CA GLU B 249 -27.74 -73.36 -12.60
C GLU B 249 -26.39 -73.77 -13.16
N LYS B 250 -25.32 -73.26 -12.55
CA LYS B 250 -23.96 -73.57 -12.98
C LYS B 250 -23.82 -73.51 -14.50
N ARG B 251 -24.23 -72.38 -15.09
CA ARG B 251 -24.13 -72.22 -16.54
C ARG B 251 -23.66 -70.80 -16.87
N LYS B 252 -23.14 -70.60 -18.07
CA LYS B 252 -22.66 -69.29 -18.48
C LYS B 252 -23.79 -68.29 -18.67
N PRO B 253 -23.68 -67.12 -18.01
CA PRO B 253 -24.71 -66.08 -18.11
C PRO B 253 -24.72 -65.38 -19.47
N ARG B 254 -25.90 -65.01 -19.93
CA ARG B 254 -26.04 -64.32 -21.21
C ARG B 254 -26.72 -62.98 -21.01
N PHE B 255 -25.91 -61.94 -20.83
CA PHE B 255 -26.41 -60.60 -20.60
C PHE B 255 -26.80 -59.89 -21.90
N GLN B 256 -27.54 -58.79 -21.78
CA GLN B 256 -27.99 -58.04 -22.95
C GLN B 256 -28.09 -56.53 -22.75
N GLY B 257 -27.81 -56.06 -21.54
CA GLY B 257 -27.88 -54.63 -21.26
C GLY B 257 -29.30 -54.14 -21.05
N LYS B 258 -30.09 -54.96 -20.37
CA LYS B 258 -31.48 -54.62 -20.08
C LYS B 258 -32.03 -55.63 -19.08
N SER C 2 10.23 -9.21 22.87
CA SER C 2 10.84 -10.17 23.83
C SER C 2 9.77 -10.95 24.57
N GLU C 3 8.51 -10.65 24.27
CA GLU C 3 7.41 -11.33 24.93
C GLU C 3 7.09 -12.64 24.21
N PHE C 4 8.04 -13.57 24.31
CA PHE C 4 7.95 -14.91 23.75
C PHE C 4 8.86 -15.72 24.66
N VAL C 5 8.28 -16.40 25.63
CA VAL C 5 9.06 -17.19 26.57
C VAL C 5 9.08 -18.67 26.24
N SER C 6 8.37 -19.07 25.19
CA SER C 6 8.32 -20.49 24.83
C SER C 6 8.81 -20.80 23.42
N ILE C 7 9.00 -19.77 22.61
CA ILE C 7 9.48 -19.96 21.26
C ILE C 7 10.48 -18.88 20.86
N ALA C 8 11.11 -19.07 19.72
CA ALA C 8 12.10 -18.14 19.20
C ALA C 8 11.83 -18.06 17.70
N ALA C 9 11.59 -16.86 17.21
CA ALA C 9 11.32 -16.67 15.79
C ALA C 9 12.40 -15.84 15.12
N ARG C 10 12.72 -16.19 13.88
CA ARG C 10 13.74 -15.46 13.14
C ARG C 10 13.45 -15.56 11.64
N GLN C 11 14.07 -14.68 10.88
CA GLN C 11 13.86 -14.65 9.44
C GLN C 11 15.15 -14.69 8.64
N GLU C 12 15.17 -15.50 7.59
CA GLU C 12 16.33 -15.61 6.71
C GLU C 12 15.82 -15.46 5.30
N GLY C 13 16.05 -14.31 4.70
CA GLY C 13 15.57 -14.06 3.36
C GLY C 13 14.05 -14.03 3.38
N ALA C 14 13.42 -14.82 2.52
CA ALA C 14 11.96 -14.86 2.45
C ALA C 14 11.38 -15.99 3.30
N VAL C 15 12.20 -16.57 4.19
CA VAL C 15 11.73 -17.66 5.03
C VAL C 15 11.66 -17.30 6.51
N GLY C 16 10.53 -17.61 7.13
CA GLY C 16 10.36 -17.34 8.54
C GLY C 16 10.51 -18.64 9.30
N ILE C 17 11.30 -18.62 10.36
CA ILE C 17 11.54 -19.82 11.16
C ILE C 17 11.05 -19.68 12.60
N ILE C 18 10.23 -20.62 13.03
CA ILE C 18 9.71 -20.61 14.40
C ILE C 18 10.25 -21.86 15.11
N GLU C 19 11.07 -21.64 16.13
CA GLU C 19 11.64 -22.75 16.90
C GLU C 19 11.05 -22.86 18.29
N LEU C 20 10.44 -24.00 18.59
CA LEU C 20 9.87 -24.21 19.92
C LEU C 20 11.07 -24.15 20.87
N ALA C 21 10.98 -23.32 21.91
CA ALA C 21 12.10 -23.16 22.81
C ALA C 21 11.94 -23.54 24.28
N ARG C 22 11.48 -24.76 24.53
CA ARG C 22 11.36 -25.27 25.89
C ARG C 22 11.90 -26.71 25.89
N PRO C 23 13.15 -26.89 25.42
CA PRO C 23 13.76 -28.23 25.37
C PRO C 23 13.86 -28.86 26.75
N ASP C 24 13.84 -28.04 27.79
CA ASP C 24 13.93 -28.54 29.15
C ASP C 24 12.77 -29.47 29.43
N VAL C 25 11.66 -29.27 28.73
CA VAL C 25 10.49 -30.13 28.88
C VAL C 25 10.08 -30.73 27.54
N LEU C 26 11.05 -30.91 26.66
CA LEU C 26 10.83 -31.50 25.34
C LEU C 26 9.78 -30.74 24.54
N ASN C 27 9.77 -29.42 24.69
CA ASN C 27 8.84 -28.57 23.99
C ASN C 27 7.38 -28.99 24.14
N ALA C 28 7.02 -29.46 25.34
CA ALA C 28 5.65 -29.88 25.63
C ALA C 28 4.72 -28.73 25.25
N LEU C 29 3.66 -29.03 24.52
CA LEU C 29 2.74 -27.98 24.07
C LEU C 29 1.72 -27.55 25.11
N SER C 30 2.02 -26.45 25.80
CA SER C 30 1.12 -25.89 26.80
C SER C 30 0.22 -24.92 26.05
N ARG C 31 -0.85 -24.48 26.70
CA ARG C 31 -1.77 -23.53 26.07
C ARG C 31 -1.01 -22.23 25.75
N GLN C 32 -0.12 -21.86 26.66
CA GLN C 32 0.70 -20.66 26.48
C GLN C 32 1.57 -20.80 25.23
N MET C 33 2.26 -21.92 25.10
CA MET C 33 3.13 -22.12 23.93
C MET C 33 2.34 -22.11 22.62
N VAL C 34 1.19 -22.78 22.61
CA VAL C 34 0.38 -22.80 21.40
C VAL C 34 0.01 -21.36 21.03
N ALA C 35 -0.38 -20.58 22.03
CA ALA C 35 -0.76 -19.20 21.78
C ALA C 35 0.40 -18.42 21.17
N GLU C 36 1.62 -18.70 21.62
CA GLU C 36 2.78 -18.01 21.06
C GLU C 36 3.06 -18.45 19.64
N ILE C 37 2.91 -19.74 19.36
CA ILE C 37 3.13 -20.26 18.02
C ILE C 37 2.17 -19.56 17.04
N VAL C 38 0.90 -19.53 17.41
CA VAL C 38 -0.12 -18.90 16.56
C VAL C 38 0.19 -17.42 16.31
N ALA C 39 0.58 -16.68 17.36
CA ALA C 39 0.90 -15.28 17.19
C ALA C 39 2.05 -15.10 16.20
N ALA C 40 3.11 -15.88 16.36
CA ALA C 40 4.26 -15.79 15.47
C ALA C 40 3.91 -16.23 14.05
N VAL C 41 3.14 -17.31 13.91
CA VAL C 41 2.78 -17.76 12.57
C VAL C 41 1.91 -16.72 11.87
N GLU C 42 0.95 -16.16 12.59
CA GLU C 42 0.07 -15.17 11.98
C GLU C 42 0.83 -13.92 11.56
N ALA C 43 1.85 -13.55 12.34
CA ALA C 43 2.66 -12.38 12.02
C ALA C 43 3.45 -12.68 10.75
N PHE C 44 4.04 -13.87 10.68
CA PHE C 44 4.81 -14.25 9.50
C PHE C 44 3.87 -14.35 8.30
N ASP C 45 2.67 -14.85 8.54
CA ASP C 45 1.69 -14.99 7.46
C ASP C 45 1.32 -13.63 6.85
N ARG C 46 1.08 -12.65 7.72
CA ARG C 46 0.70 -11.31 7.27
C ARG C 46 1.85 -10.57 6.61
N ASN C 47 3.07 -10.90 7.00
CA ASN C 47 4.24 -10.26 6.42
C ASN C 47 4.48 -10.81 5.03
N GLU C 48 4.18 -10.03 4.00
CA GLU C 48 4.36 -10.48 2.63
C GLU C 48 5.81 -10.72 2.27
N LYS C 49 6.73 -10.34 3.15
CA LYS C 49 8.16 -10.56 2.91
C LYS C 49 8.51 -12.00 3.30
N VAL C 50 7.61 -12.66 4.03
CA VAL C 50 7.83 -14.03 4.43
C VAL C 50 6.95 -14.92 3.55
N ARG C 51 7.56 -15.59 2.58
CA ARG C 51 6.84 -16.45 1.64
C ARG C 51 6.68 -17.90 2.08
N VAL C 52 7.44 -18.30 3.09
CA VAL C 52 7.39 -19.67 3.60
C VAL C 52 7.71 -19.67 5.09
N ILE C 53 7.01 -20.49 5.86
CA ILE C 53 7.19 -20.59 7.30
C ILE C 53 7.70 -21.99 7.66
N VAL C 54 8.69 -22.04 8.55
CA VAL C 54 9.25 -23.31 8.98
C VAL C 54 9.12 -23.47 10.49
N LEU C 55 8.56 -24.59 10.90
CA LEU C 55 8.39 -24.87 12.32
C LEU C 55 9.35 -26.01 12.67
N THR C 56 10.02 -25.89 13.81
CA THR C 56 10.93 -26.95 14.26
C THR C 56 11.15 -26.82 15.76
N GLY C 57 11.77 -27.83 16.37
CA GLY C 57 12.00 -27.77 17.80
C GLY C 57 13.45 -27.68 18.22
N ARG C 58 13.70 -26.99 19.32
CA ARG C 58 15.06 -26.88 19.84
C ARG C 58 15.26 -28.13 20.68
N GLY C 59 16.48 -28.65 20.70
CA GLY C 59 16.71 -29.84 21.51
C GLY C 59 16.44 -31.13 20.76
N ARG C 60 16.26 -32.21 21.51
CA ARG C 60 16.04 -33.53 20.91
C ARG C 60 14.63 -33.78 20.36
N ALA C 61 13.65 -33.03 20.82
CA ALA C 61 12.27 -33.23 20.38
C ALA C 61 11.63 -32.08 19.62
N PHE C 62 10.67 -32.41 18.74
CA PHE C 62 9.92 -31.41 17.98
C PHE C 62 8.94 -30.85 19.02
N ALA C 63 8.14 -31.75 19.57
CA ALA C 63 7.17 -31.45 20.62
C ALA C 63 6.65 -32.79 21.13
N ALA C 64 7.11 -33.17 22.32
CA ALA C 64 6.70 -34.45 22.91
C ALA C 64 5.42 -34.33 23.70
N GLY C 65 4.30 -34.26 22.99
CA GLY C 65 3.01 -34.16 23.65
C GLY C 65 2.66 -32.78 24.15
N ALA C 66 1.64 -32.72 24.98
CA ALA C 66 1.18 -31.47 25.55
C ALA C 66 1.57 -31.41 27.03
N ASP C 67 1.33 -30.25 27.63
CA ASP C 67 1.63 -30.07 29.05
C ASP C 67 0.52 -30.80 29.79
N ILE C 68 0.82 -32.00 30.28
CA ILE C 68 -0.18 -32.80 30.97
C ILE C 68 -0.48 -32.32 32.38
N GLN C 69 0.53 -31.81 33.07
CA GLN C 69 0.28 -31.36 34.43
C GLN C 69 -0.77 -30.26 34.44
N GLU C 70 -0.70 -29.33 33.48
CA GLU C 70 -1.66 -28.23 33.43
C GLU C 70 -3.05 -28.71 33.01
N MET C 71 -3.10 -29.91 32.45
CA MET C 71 -4.35 -30.51 31.97
C MET C 71 -4.97 -31.52 32.94
N ALA C 72 -4.10 -32.21 33.69
CA ALA C 72 -4.47 -33.26 34.64
C ALA C 72 -5.74 -33.16 35.48
N LYS C 73 -6.00 -32.00 36.07
CA LYS C 73 -7.18 -31.83 36.91
C LYS C 73 -8.36 -31.12 36.25
N ASP C 74 -8.22 -30.74 34.98
CA ASP C 74 -9.29 -30.05 34.28
C ASP C 74 -10.58 -30.85 34.18
N ASP C 75 -11.68 -30.13 34.03
CA ASP C 75 -13.00 -30.74 33.92
C ASP C 75 -13.65 -30.25 32.62
N PRO C 76 -14.74 -30.91 32.20
CA PRO C 76 -15.43 -30.53 30.96
C PRO C 76 -15.82 -29.05 30.85
N ILE C 77 -16.39 -28.50 31.92
CA ILE C 77 -16.82 -27.11 31.90
C ILE C 77 -15.68 -26.13 31.74
N ARG C 78 -14.58 -26.38 32.45
CA ARG C 78 -13.42 -25.52 32.33
C ARG C 78 -12.91 -25.56 30.90
N LEU C 79 -12.90 -26.75 30.31
CA LEU C 79 -12.43 -26.91 28.94
C LEU C 79 -13.32 -26.18 27.96
N GLU C 80 -14.63 -26.21 28.20
CA GLU C 80 -15.59 -25.54 27.33
C GLU C 80 -15.37 -24.03 27.30
N TRP C 81 -15.20 -23.43 28.47
CA TRP C 81 -14.98 -21.97 28.53
C TRP C 81 -13.59 -21.60 28.01
N LEU C 82 -12.62 -22.48 28.21
CA LEU C 82 -11.27 -22.22 27.73
C LEU C 82 -11.26 -22.15 26.21
N ASN C 83 -11.91 -23.12 25.57
CA ASN C 83 -11.97 -23.19 24.10
C ASN C 83 -10.55 -23.06 23.56
N GLN C 84 -9.64 -23.84 24.12
CA GLN C 84 -8.22 -23.80 23.73
C GLN C 84 -7.94 -24.20 22.29
N PHE C 85 -8.81 -25.02 21.70
CA PHE C 85 -8.61 -25.48 20.34
C PHE C 85 -8.93 -24.44 19.27
N ALA C 86 -9.48 -23.30 19.69
CA ALA C 86 -9.76 -22.23 18.74
C ALA C 86 -8.42 -21.71 18.22
N ASP C 87 -7.36 -21.83 19.03
CA ASP C 87 -6.04 -21.38 18.58
C ASP C 87 -5.51 -22.30 17.48
N TRP C 88 -5.83 -23.58 17.59
CA TRP C 88 -5.40 -24.55 16.59
C TRP C 88 -6.12 -24.29 15.27
N ASP C 89 -7.38 -23.86 15.35
CA ASP C 89 -8.15 -23.56 14.16
C ASP C 89 -7.48 -22.40 13.42
N ARG C 90 -6.87 -21.49 14.18
CA ARG C 90 -6.20 -20.34 13.57
C ARG C 90 -5.00 -20.80 12.74
N LEU C 91 -4.32 -21.85 13.20
CA LEU C 91 -3.18 -22.40 12.47
C LEU C 91 -3.68 -23.03 11.17
N SER C 92 -4.86 -23.63 11.25
CA SER C 92 -5.47 -24.30 10.11
C SER C 92 -5.75 -23.39 8.92
N ILE C 93 -5.94 -22.11 9.18
CA ILE C 93 -6.26 -21.19 8.11
C ILE C 93 -5.12 -20.28 7.63
N VAL C 94 -3.90 -20.57 8.05
CA VAL C 94 -2.76 -19.76 7.62
C VAL C 94 -2.56 -19.99 6.12
N LYS C 95 -2.56 -18.91 5.34
CA LYS C 95 -2.42 -19.07 3.90
C LYS C 95 -1.00 -19.23 3.39
N THR C 96 -0.02 -18.75 4.15
CA THR C 96 1.38 -18.88 3.74
C THR C 96 1.81 -20.34 3.82
N PRO C 97 2.60 -20.81 2.83
CA PRO C 97 3.06 -22.21 2.87
C PRO C 97 3.78 -22.47 4.20
N MET C 98 3.47 -23.61 4.82
CA MET C 98 4.09 -23.97 6.09
C MET C 98 4.76 -25.33 6.03
N ILE C 99 5.98 -25.41 6.56
CA ILE C 99 6.72 -26.66 6.56
C ILE C 99 7.15 -27.05 7.96
N ALA C 100 6.92 -28.31 8.33
CA ALA C 100 7.34 -28.78 9.64
C ALA C 100 8.64 -29.54 9.47
N ALA C 101 9.67 -29.09 10.19
CA ALA C 101 10.98 -29.76 10.17
C ALA C 101 10.99 -30.52 11.49
N VAL C 102 10.51 -31.76 11.44
CA VAL C 102 10.41 -32.61 12.63
C VAL C 102 11.75 -33.22 13.00
N ASN C 103 12.44 -32.58 13.93
CA ASN C 103 13.76 -33.00 14.39
C ASN C 103 13.77 -34.21 15.34
N GLY C 104 12.61 -34.55 15.90
CA GLY C 104 12.57 -35.69 16.81
C GLY C 104 11.16 -36.06 17.19
N LEU C 105 10.96 -36.43 18.46
CA LEU C 105 9.63 -36.81 18.94
C LEU C 105 8.56 -35.79 18.61
N ALA C 106 7.47 -36.28 18.02
CA ALA C 106 6.31 -35.44 17.67
C ALA C 106 5.12 -36.29 18.09
N LEU C 107 4.77 -36.22 19.37
CA LEU C 107 3.68 -37.01 19.94
C LEU C 107 2.49 -36.15 20.37
N GLY C 108 1.29 -36.73 20.33
CA GLY C 108 0.10 -36.01 20.72
C GLY C 108 0.03 -34.66 20.01
N GLY C 109 -0.09 -33.60 20.80
CA GLY C 109 -0.15 -32.26 20.21
C GLY C 109 1.01 -32.00 19.27
N GLY C 110 2.16 -32.63 19.53
CA GLY C 110 3.31 -32.43 18.66
C GLY C 110 3.03 -32.97 17.28
N PHE C 111 2.39 -34.14 17.22
CA PHE C 111 2.05 -34.77 15.95
C PHE C 111 0.98 -33.91 15.25
N GLU C 112 0.06 -33.37 16.03
CA GLU C 112 -0.99 -32.52 15.48
C GLU C 112 -0.43 -31.21 14.94
N LEU C 113 0.65 -30.73 15.53
CA LEU C 113 1.28 -29.50 15.08
C LEU C 113 1.89 -29.75 13.70
N ALA C 114 2.62 -30.85 13.55
CA ALA C 114 3.24 -31.21 12.28
C ALA C 114 2.17 -31.43 11.21
N LEU C 115 1.09 -32.08 11.60
CA LEU C 115 0.01 -32.36 10.66
C LEU C 115 -0.68 -31.08 10.19
N SER C 116 -0.57 -30.03 11.00
CA SER C 116 -1.15 -28.73 10.66
C SER C 116 -0.38 -28.04 9.55
N CYS C 117 0.86 -28.47 9.33
CA CYS C 117 1.69 -27.89 8.28
C CYS C 117 1.37 -28.52 6.92
N ASP C 118 1.77 -27.83 5.85
CA ASP C 118 1.51 -28.29 4.50
C ASP C 118 2.42 -29.41 4.05
N LEU C 119 3.67 -29.35 4.47
CA LEU C 119 4.64 -30.39 4.13
C LEU C 119 5.40 -30.75 5.39
N ILE C 120 5.89 -31.98 5.45
CA ILE C 120 6.65 -32.41 6.62
C ILE C 120 7.97 -33.04 6.21
N VAL C 121 9.06 -32.51 6.74
CA VAL C 121 10.37 -33.05 6.47
C VAL C 121 10.77 -33.62 7.82
N ALA C 122 10.96 -34.93 7.88
CA ALA C 122 11.30 -35.59 9.14
C ALA C 122 12.71 -36.16 9.25
N SER C 123 13.28 -36.05 10.45
CA SER C 123 14.59 -36.60 10.73
C SER C 123 14.37 -38.11 10.79
N SER C 124 15.39 -38.88 10.42
CA SER C 124 15.24 -40.34 10.48
C SER C 124 14.99 -40.77 11.91
N ALA C 125 15.34 -39.89 12.86
CA ALA C 125 15.16 -40.17 14.28
C ALA C 125 13.78 -39.75 14.81
N ALA C 126 13.01 -39.04 14.00
CA ALA C 126 11.69 -38.59 14.44
C ALA C 126 10.71 -39.75 14.65
N GLU C 127 9.86 -39.62 15.65
CA GLU C 127 8.84 -40.61 15.94
C GLU C 127 7.51 -39.88 16.13
N PHE C 128 6.45 -40.43 15.55
CA PHE C 128 5.11 -39.82 15.62
C PHE C 128 4.16 -40.76 16.36
N GLY C 129 3.10 -40.20 16.93
CA GLY C 129 2.14 -41.03 17.64
C GLY C 129 1.13 -40.23 18.42
N PHE C 130 0.06 -40.90 18.84
CA PHE C 130 -0.99 -40.28 19.64
C PHE C 130 -1.18 -41.13 20.89
N PRO C 131 -0.34 -40.91 21.92
CA PRO C 131 -0.43 -41.68 23.16
C PRO C 131 -1.63 -41.31 24.03
N GLU C 132 -2.43 -40.35 23.58
CA GLU C 132 -3.60 -39.90 24.36
C GLU C 132 -4.48 -41.00 24.89
N VAL C 133 -4.75 -42.03 24.08
CA VAL C 133 -5.61 -43.12 24.54
C VAL C 133 -5.05 -43.76 25.81
N ASN C 134 -3.73 -43.84 25.90
CA ASN C 134 -3.10 -44.45 27.07
C ASN C 134 -3.19 -43.57 28.31
N LEU C 135 -3.65 -42.32 28.12
CA LEU C 135 -3.81 -41.40 29.24
C LEU C 135 -5.30 -41.29 29.57
N GLY C 136 -6.11 -42.13 28.93
CA GLY C 136 -7.54 -42.13 29.17
C GLY C 136 -8.30 -41.08 28.37
N VAL C 137 -7.63 -40.44 27.43
CA VAL C 137 -8.27 -39.43 26.62
C VAL C 137 -8.10 -39.72 25.12
N MET C 138 -8.03 -38.68 24.30
CA MET C 138 -7.88 -38.84 22.87
C MET C 138 -7.30 -37.56 22.30
N PRO C 139 -6.89 -37.58 21.03
CA PRO C 139 -6.34 -36.35 20.44
C PRO C 139 -7.46 -35.31 20.41
N GLY C 140 -7.15 -34.06 20.73
CA GLY C 140 -8.19 -33.05 20.72
C GLY C 140 -7.92 -31.87 19.81
N ALA C 141 -6.81 -31.93 19.08
CA ALA C 141 -6.44 -30.84 18.18
C ALA C 141 -6.34 -31.27 16.72
N GLY C 142 -7.33 -32.02 16.26
CA GLY C 142 -7.35 -32.46 14.87
C GLY C 142 -6.66 -33.77 14.54
N GLY C 143 -5.98 -34.36 15.52
CA GLY C 143 -5.27 -35.60 15.29
C GLY C 143 -6.10 -36.73 14.67
N THR C 144 -7.28 -36.99 15.23
CA THR C 144 -8.13 -38.06 14.72
C THR C 144 -8.69 -37.73 13.34
N GLN C 145 -8.82 -36.44 13.04
CA GLN C 145 -9.36 -36.01 11.77
C GLN C 145 -8.33 -36.05 10.65
N ARG C 146 -7.21 -35.37 10.87
CA ARG C 146 -6.16 -35.32 9.86
C ARG C 146 -5.52 -36.67 9.56
N LEU C 147 -5.31 -37.51 10.58
CA LEU C 147 -4.71 -38.83 10.35
C LEU C 147 -5.63 -39.70 9.51
N THR C 148 -6.91 -39.71 9.87
CA THR C 148 -7.90 -40.52 9.14
C THR C 148 -7.98 -40.11 7.67
N LYS C 149 -8.00 -38.80 7.42
CA LYS C 149 -8.08 -38.33 6.04
C LYS C 149 -6.85 -38.74 5.25
N LEU C 150 -5.71 -38.86 5.94
CA LEU C 150 -4.48 -39.23 5.29
C LEU C 150 -4.27 -40.74 5.07
N ILE C 151 -4.64 -41.57 6.04
CA ILE C 151 -4.41 -43.01 5.89
C ILE C 151 -5.62 -43.93 5.95
N GLY C 152 -6.83 -43.37 6.01
CA GLY C 152 -8.02 -44.20 6.07
C GLY C 152 -8.41 -44.57 7.49
N PRO C 153 -9.67 -44.94 7.75
CA PRO C 153 -10.13 -45.31 9.09
C PRO C 153 -9.58 -46.60 9.70
N LYS C 154 -9.35 -47.61 8.88
CA LYS C 154 -8.80 -48.88 9.37
C LYS C 154 -7.43 -48.67 10.00
N ARG C 155 -6.54 -48.03 9.24
CA ARG C 155 -5.19 -47.79 9.73
C ARG C 155 -5.11 -46.71 10.79
N ALA C 156 -5.92 -45.66 10.66
CA ALA C 156 -5.93 -44.57 11.65
C ALA C 156 -6.38 -45.10 13.01
N LEU C 157 -7.43 -45.92 13.01
CA LEU C 157 -7.95 -46.47 14.25
C LEU C 157 -6.95 -47.32 15.00
N GLU C 158 -6.10 -48.04 14.27
CA GLU C 158 -5.11 -48.87 14.94
C GLU C 158 -4.11 -47.99 15.69
N TRP C 159 -3.63 -46.94 15.04
CA TRP C 159 -2.67 -46.04 15.69
C TRP C 159 -3.32 -45.27 16.85
N LEU C 160 -4.56 -44.83 16.63
CA LEU C 160 -5.29 -44.07 17.65
C LEU C 160 -5.73 -44.90 18.85
N TRP C 161 -6.13 -46.15 18.61
CA TRP C 161 -6.56 -47.03 19.70
C TRP C 161 -5.42 -47.63 20.52
N THR C 162 -4.26 -47.81 19.88
CA THR C 162 -3.11 -48.40 20.56
C THR C 162 -2.15 -47.35 21.13
N GLY C 163 -2.08 -46.21 20.47
CA GLY C 163 -1.18 -45.16 20.92
C GLY C 163 0.27 -45.46 20.60
N ALA C 164 0.49 -46.43 19.73
CA ALA C 164 1.83 -46.85 19.33
C ALA C 164 2.58 -45.76 18.57
N ARG C 165 3.91 -45.83 18.59
CA ARG C 165 4.72 -44.86 17.88
C ARG C 165 5.02 -45.29 16.46
N MET C 166 4.91 -44.34 15.54
CA MET C 166 5.16 -44.55 14.12
C MET C 166 6.55 -44.02 13.76
N SER C 167 7.30 -44.77 12.96
CA SER C 167 8.62 -44.34 12.56
C SER C 167 8.52 -43.31 11.44
N ALA C 168 9.61 -42.58 11.22
CA ALA C 168 9.64 -41.58 10.15
C ALA C 168 9.50 -42.30 8.81
N LYS C 169 10.09 -43.48 8.72
CA LYS C 169 10.05 -44.28 7.51
C LYS C 169 8.62 -44.70 7.19
N GLU C 170 7.91 -45.17 8.20
CA GLU C 170 6.53 -45.59 8.01
C GLU C 170 5.65 -44.40 7.65
N ALA C 171 5.87 -43.27 8.30
CA ALA C 171 5.08 -42.07 8.02
C ALA C 171 5.27 -41.65 6.57
N GLU C 172 6.47 -41.81 6.03
CA GLU C 172 6.72 -41.43 4.64
C GLU C 172 5.98 -42.38 3.71
N GLN C 173 5.96 -43.66 4.05
CA GLN C 173 5.27 -44.66 3.25
C GLN C 173 3.76 -44.41 3.22
N LEU C 174 3.23 -43.92 4.33
CA LEU C 174 1.79 -43.66 4.43
C LEU C 174 1.37 -42.35 3.78
N GLY C 175 2.33 -41.56 3.32
CA GLY C 175 2.00 -40.29 2.69
C GLY C 175 1.75 -39.18 3.70
N ILE C 176 2.28 -39.35 4.91
CA ILE C 176 2.14 -38.35 5.97
C ILE C 176 3.36 -37.42 5.89
N VAL C 177 4.54 -38.03 5.79
CA VAL C 177 5.80 -37.31 5.71
C VAL C 177 6.27 -37.23 4.26
N ASN C 178 6.74 -36.06 3.84
CA ASN C 178 7.19 -35.85 2.47
C ASN C 178 8.61 -36.38 2.19
N ARG C 179 9.49 -36.31 3.18
CA ARG C 179 10.84 -36.83 2.99
C ARG C 179 11.54 -37.03 4.33
N VAL C 180 12.44 -38.01 4.38
CA VAL C 180 13.17 -38.33 5.60
C VAL C 180 14.65 -38.07 5.34
N VAL C 181 15.30 -37.38 6.27
CA VAL C 181 16.73 -37.10 6.12
C VAL C 181 17.46 -37.33 7.42
N SER C 182 18.78 -37.45 7.35
CA SER C 182 19.60 -37.67 8.54
C SER C 182 19.43 -36.51 9.51
N PRO C 183 19.53 -36.78 10.81
CA PRO C 183 19.39 -35.75 11.84
C PRO C 183 20.21 -34.49 11.63
N GLU C 184 21.47 -34.66 11.25
CA GLU C 184 22.34 -33.51 11.04
C GLU C 184 22.09 -32.77 9.73
N LEU C 185 21.19 -33.28 8.91
CA LEU C 185 20.88 -32.64 7.63
C LEU C 185 19.49 -32.03 7.60
N LEU C 186 18.67 -32.33 8.60
CA LEU C 186 17.31 -31.83 8.65
C LEU C 186 17.10 -30.35 8.32
N MET C 187 17.71 -29.46 9.08
CA MET C 187 17.54 -28.03 8.84
C MET C 187 18.12 -27.57 7.51
N GLU C 188 19.19 -28.21 7.08
CA GLU C 188 19.82 -27.86 5.80
C GLU C 188 18.86 -28.23 4.68
N GLU C 189 18.29 -29.43 4.76
CA GLU C 189 17.35 -29.91 3.75
C GLU C 189 16.10 -29.05 3.76
N THR C 190 15.55 -28.82 4.95
CA THR C 190 14.34 -28.02 5.11
C THR C 190 14.51 -26.59 4.62
N MET C 191 15.59 -25.93 5.03
CA MET C 191 15.83 -24.57 4.60
C MET C 191 16.03 -24.50 3.09
N ARG C 192 16.63 -25.54 2.53
CA ARG C 192 16.86 -25.62 1.10
C ARG C 192 15.51 -25.67 0.39
N LEU C 193 14.66 -26.58 0.84
CA LEU C 193 13.33 -26.73 0.28
C LEU C 193 12.54 -25.43 0.40
N ALA C 194 12.57 -24.85 1.60
CA ALA C 194 11.84 -23.60 1.85
C ALA C 194 12.33 -22.52 0.91
N GLY C 195 13.65 -22.44 0.73
CA GLY C 195 14.21 -21.45 -0.17
C GLY C 195 13.65 -21.62 -1.57
N ARG C 196 13.60 -22.86 -2.03
CA ARG C 196 13.07 -23.17 -3.36
C ARG C 196 11.61 -22.71 -3.48
N LEU C 197 10.79 -23.13 -2.52
CA LEU C 197 9.38 -22.77 -2.52
C LEU C 197 9.19 -21.26 -2.54
N ALA C 198 10.07 -20.55 -1.85
CA ALA C 198 9.99 -19.10 -1.80
C ALA C 198 10.25 -18.46 -3.16
N GLU C 199 10.82 -19.25 -4.09
CA GLU C 199 11.10 -18.75 -5.43
C GLU C 199 9.98 -19.05 -6.41
N GLN C 200 9.02 -19.88 -5.99
CA GLN C 200 7.87 -20.21 -6.84
C GLN C 200 6.91 -19.02 -6.80
N PRO C 201 6.11 -18.82 -7.86
CA PRO C 201 5.16 -17.71 -7.90
C PRO C 201 4.28 -17.75 -6.65
N PRO C 202 4.42 -16.77 -5.76
CA PRO C 202 3.65 -16.68 -4.50
C PRO C 202 2.14 -16.83 -4.62
N LEU C 203 1.51 -16.17 -5.58
CA LEU C 203 0.06 -16.29 -5.72
C LEU C 203 -0.36 -17.70 -6.09
N ALA C 204 0.42 -18.35 -6.95
CA ALA C 204 0.12 -19.72 -7.36
C ALA C 204 0.15 -20.66 -6.16
N LEU C 205 1.23 -20.61 -5.36
CA LEU C 205 1.33 -21.47 -4.19
C LEU C 205 0.14 -21.24 -3.25
N ARG C 206 -0.20 -19.96 -3.07
CA ARG C 206 -1.31 -19.57 -2.21
C ARG C 206 -2.65 -20.16 -2.66
N LEU C 207 -3.03 -19.90 -3.91
CA LEU C 207 -4.30 -20.37 -4.44
C LEU C 207 -4.35 -21.89 -4.66
N ILE C 208 -3.19 -22.48 -4.94
CA ILE C 208 -3.12 -23.93 -5.11
C ILE C 208 -3.38 -24.55 -3.73
N LYS C 209 -2.77 -23.97 -2.71
CA LYS C 209 -2.96 -24.48 -1.36
C LYS C 209 -4.44 -24.41 -0.96
N GLU C 210 -5.11 -23.32 -1.31
CA GLU C 210 -6.52 -23.19 -0.96
C GLU C 210 -7.34 -24.26 -1.68
N ALA C 211 -7.02 -24.47 -2.96
CA ALA C 211 -7.72 -25.45 -3.76
C ALA C 211 -7.56 -26.85 -3.18
N VAL C 212 -6.34 -27.19 -2.77
CA VAL C 212 -6.08 -28.49 -2.18
C VAL C 212 -6.87 -28.69 -0.89
N GLN C 213 -6.92 -27.65 -0.06
CA GLN C 213 -7.68 -27.75 1.18
C GLN C 213 -9.16 -28.01 0.88
N LYS C 214 -9.70 -27.35 -0.13
CA LYS C 214 -11.09 -27.57 -0.49
C LYS C 214 -11.29 -29.00 -1.02
N ALA C 215 -10.28 -29.53 -1.72
CA ALA C 215 -10.35 -30.88 -2.28
C ALA C 215 -10.54 -31.94 -1.21
N VAL C 216 -9.99 -31.69 -0.03
CA VAL C 216 -10.12 -32.65 1.06
C VAL C 216 -11.57 -32.74 1.53
N ASP C 217 -12.24 -31.59 1.60
CA ASP C 217 -13.61 -31.54 2.08
C ASP C 217 -14.71 -31.56 0.99
N TYR C 218 -14.70 -30.57 0.11
CA TYR C 218 -15.68 -30.40 -0.96
C TYR C 218 -15.96 -31.59 -1.90
N PRO C 219 -17.22 -31.73 -2.34
CA PRO C 219 -17.57 -32.82 -3.27
C PRO C 219 -16.84 -32.37 -4.53
N LEU C 220 -16.44 -33.31 -5.38
CA LEU C 220 -15.70 -32.99 -6.59
C LEU C 220 -16.20 -31.84 -7.46
N TYR C 221 -17.50 -31.83 -7.77
CA TYR C 221 -18.06 -30.79 -8.62
C TYR C 221 -17.87 -29.39 -8.03
N GLU C 222 -18.19 -29.22 -6.74
CA GLU C 222 -18.04 -27.93 -6.09
C GLU C 222 -16.56 -27.57 -5.90
N GLY C 223 -15.74 -28.56 -5.60
CA GLY C 223 -14.32 -28.28 -5.45
C GLY C 223 -13.77 -27.74 -6.76
N MET C 224 -14.23 -28.29 -7.88
CA MET C 224 -13.76 -27.85 -9.18
C MET C 224 -14.28 -26.45 -9.50
N GLN C 225 -15.46 -26.12 -8.99
CA GLN C 225 -16.05 -24.80 -9.17
C GLN C 225 -15.18 -23.77 -8.46
N PHE C 226 -14.66 -24.14 -7.29
CA PHE C 226 -13.81 -23.24 -6.51
C PHE C 226 -12.44 -23.12 -7.19
N GLU C 227 -11.92 -24.26 -7.61
CA GLU C 227 -10.63 -24.33 -8.28
C GLU C 227 -10.53 -23.36 -9.46
N ARG C 228 -11.49 -23.42 -10.38
CA ARG C 228 -11.47 -22.56 -11.56
C ARG C 228 -11.60 -21.06 -11.25
N LYS C 229 -12.23 -20.71 -10.14
CA LYS C 229 -12.35 -19.29 -9.77
C LYS C 229 -10.95 -18.77 -9.41
N ASN C 230 -10.17 -19.62 -8.76
CA ASN C 230 -8.80 -19.27 -8.40
C ASN C 230 -7.97 -19.21 -9.67
N PHE C 231 -8.31 -20.08 -10.63
CA PHE C 231 -7.64 -20.12 -11.92
C PHE C 231 -7.87 -18.77 -12.60
N TYR C 232 -9.13 -18.31 -12.62
CA TYR C 232 -9.46 -17.02 -13.24
C TYR C 232 -8.66 -15.89 -12.61
N LEU C 233 -8.70 -15.81 -11.28
CA LEU C 233 -7.98 -14.77 -10.54
C LEU C 233 -6.51 -14.64 -10.88
N LEU C 234 -5.84 -15.77 -11.06
CA LEU C 234 -4.41 -15.72 -11.36
C LEU C 234 -4.11 -14.96 -12.64
N PHE C 235 -5.08 -14.84 -13.54
CA PHE C 235 -4.83 -14.13 -14.79
C PHE C 235 -4.92 -12.61 -14.66
N ALA C 236 -5.03 -12.14 -13.41
CA ALA C 236 -5.06 -10.71 -13.13
C ALA C 236 -3.71 -10.37 -12.51
N SER C 237 -2.86 -11.39 -12.34
CA SER C 237 -1.54 -11.22 -11.75
C SER C 237 -0.46 -11.02 -12.81
N GLU C 238 0.57 -10.26 -12.46
CA GLU C 238 1.68 -10.03 -13.39
C GLU C 238 2.45 -11.32 -13.62
N ASP C 239 2.59 -12.12 -12.57
CA ASP C 239 3.31 -13.39 -12.66
C ASP C 239 2.77 -14.34 -13.71
N GLN C 240 1.45 -14.34 -13.93
CA GLN C 240 0.85 -15.23 -14.93
C GLN C 240 1.26 -14.74 -16.32
N LYS C 241 1.15 -13.44 -16.55
CA LYS C 241 1.52 -12.87 -17.84
C LYS C 241 3.00 -13.14 -18.08
N GLU C 242 3.83 -12.89 -17.06
CA GLU C 242 5.26 -13.12 -17.17
C GLU C 242 5.60 -14.60 -17.35
N GLY C 243 5.00 -15.45 -16.52
CA GLY C 243 5.27 -16.87 -16.59
C GLY C 243 4.97 -17.49 -17.95
N MET C 244 3.86 -17.12 -18.56
CA MET C 244 3.50 -17.69 -19.85
C MET C 244 4.28 -17.04 -20.99
N ALA C 245 4.61 -15.76 -20.83
CA ALA C 245 5.37 -15.06 -21.85
C ALA C 245 6.78 -15.66 -21.86
N ALA C 246 7.33 -15.86 -20.67
CA ALA C 246 8.66 -16.42 -20.51
C ALA C 246 8.71 -17.87 -20.94
N PHE C 247 7.56 -18.43 -21.26
CA PHE C 247 7.49 -19.82 -21.69
C PHE C 247 7.42 -19.90 -23.22
N LEU C 248 6.68 -18.97 -23.81
CA LEU C 248 6.54 -18.92 -25.26
C LEU C 248 7.81 -18.34 -25.89
N GLU C 249 8.46 -17.45 -25.14
CA GLU C 249 9.69 -16.80 -25.59
C GLU C 249 10.94 -17.60 -25.22
N LYS C 250 10.75 -18.68 -24.48
CA LYS C 250 11.86 -19.52 -24.07
C LYS C 250 12.93 -18.79 -23.28
N ARG C 251 12.54 -18.15 -22.19
CA ARG C 251 13.46 -17.41 -21.34
C ARG C 251 13.14 -17.64 -19.87
N LYS C 252 14.01 -17.17 -18.99
CA LYS C 252 13.80 -17.33 -17.55
C LYS C 252 12.79 -16.31 -17.06
N PRO C 253 11.73 -16.78 -16.39
CA PRO C 253 10.70 -15.86 -15.89
C PRO C 253 11.17 -15.18 -14.60
N ARG C 254 10.65 -13.98 -14.36
CA ARG C 254 10.98 -13.22 -13.15
C ARG C 254 9.68 -13.00 -12.39
N PHE C 255 9.50 -13.72 -11.28
CA PHE C 255 8.27 -13.59 -10.50
C PHE C 255 8.39 -12.60 -9.35
N GLN C 256 7.29 -11.90 -9.05
CA GLN C 256 7.29 -10.90 -7.99
C GLN C 256 6.20 -11.07 -6.93
N GLY C 257 5.26 -11.97 -7.18
CA GLY C 257 4.19 -12.19 -6.21
C GLY C 257 3.00 -11.26 -6.40
N LYS C 258 2.80 -10.82 -7.63
CA LYS C 258 1.68 -9.95 -7.95
C LYS C 258 1.33 -10.09 -9.43
N PHE D 4 -38.20 -25.02 -33.86
CA PHE D 4 -38.95 -25.64 -32.73
C PHE D 4 -40.40 -25.92 -33.11
N VAL D 5 -40.97 -26.96 -32.55
CA VAL D 5 -42.35 -27.30 -32.85
C VAL D 5 -43.24 -27.16 -31.62
N SER D 6 -42.63 -27.06 -30.45
CA SER D 6 -43.39 -26.92 -29.21
C SER D 6 -43.19 -25.59 -28.50
N ILE D 7 -42.29 -24.75 -29.01
CA ILE D 7 -42.04 -23.46 -28.39
C ILE D 7 -41.70 -22.40 -29.43
N ALA D 8 -41.78 -21.14 -29.02
CA ALA D 8 -41.48 -20.02 -29.90
C ALA D 8 -40.52 -19.10 -29.15
N ALA D 9 -39.35 -18.88 -29.73
CA ALA D 9 -38.34 -18.02 -29.12
C ALA D 9 -38.34 -16.66 -29.81
N ARG D 10 -38.13 -15.61 -29.01
CA ARG D 10 -38.15 -14.25 -29.51
C ARG D 10 -37.15 -13.38 -28.73
N GLN D 11 -36.51 -12.44 -29.41
CA GLN D 11 -35.57 -11.54 -28.77
C GLN D 11 -36.01 -10.09 -28.91
N GLU D 12 -36.25 -9.45 -27.78
CA GLU D 12 -36.66 -8.06 -27.73
C GLU D 12 -35.63 -7.31 -26.89
N GLY D 13 -34.78 -6.53 -27.57
CA GLY D 13 -33.75 -5.81 -26.86
C GLY D 13 -32.75 -6.80 -26.30
N ALA D 14 -32.44 -6.67 -25.01
CA ALA D 14 -31.48 -7.56 -24.37
C ALA D 14 -32.24 -8.64 -23.57
N VAL D 15 -33.47 -8.91 -23.97
CA VAL D 15 -34.29 -9.89 -23.29
C VAL D 15 -34.75 -10.99 -24.23
N GLY D 16 -34.43 -12.24 -23.89
CA GLY D 16 -34.83 -13.37 -24.71
C GLY D 16 -36.15 -13.91 -24.16
N ILE D 17 -37.11 -14.13 -25.05
CA ILE D 17 -38.41 -14.64 -24.63
C ILE D 17 -38.73 -16.00 -25.23
N ILE D 18 -39.11 -16.94 -24.38
CA ILE D 18 -39.47 -18.28 -24.84
C ILE D 18 -40.91 -18.55 -24.49
N GLU D 19 -41.73 -18.78 -25.51
CA GLU D 19 -43.14 -19.06 -25.30
C GLU D 19 -43.45 -20.54 -25.51
N LEU D 20 -43.95 -21.20 -24.47
CA LEU D 20 -44.32 -22.60 -24.61
C LEU D 20 -45.52 -22.54 -25.55
N ALA D 21 -45.47 -23.29 -26.64
CA ALA D 21 -46.53 -23.24 -27.63
C ALA D 21 -47.23 -24.54 -27.98
N ARG D 22 -47.98 -25.08 -27.03
CA ARG D 22 -48.76 -26.29 -27.24
C ARG D 22 -50.03 -26.08 -26.41
N PRO D 23 -50.67 -24.91 -26.59
CA PRO D 23 -51.89 -24.59 -25.85
C PRO D 23 -52.99 -25.63 -25.98
N ASP D 24 -52.97 -26.39 -27.08
CA ASP D 24 -53.97 -27.42 -27.30
C ASP D 24 -53.94 -28.48 -26.21
N VAL D 25 -52.79 -28.63 -25.56
CA VAL D 25 -52.66 -29.61 -24.47
C VAL D 25 -52.24 -28.91 -23.18
N LEU D 26 -52.54 -27.62 -23.11
CA LEU D 26 -52.23 -26.82 -21.93
C LEU D 26 -50.72 -26.79 -21.65
N ASN D 27 -49.95 -26.85 -22.73
CA ASN D 27 -48.49 -26.84 -22.66
C ASN D 27 -47.91 -27.97 -21.85
N ALA D 28 -48.53 -29.15 -21.90
CA ALA D 28 -48.03 -30.32 -21.19
C ALA D 28 -46.61 -30.52 -21.67
N LEU D 29 -45.67 -30.65 -20.72
CA LEU D 29 -44.26 -30.80 -21.03
C LEU D 29 -43.83 -32.22 -21.42
N SER D 30 -43.55 -32.40 -22.71
CA SER D 30 -43.10 -33.69 -23.21
C SER D 30 -41.58 -33.64 -23.18
N ARG D 31 -40.93 -34.79 -23.32
CA ARG D 31 -39.49 -34.82 -23.30
C ARG D 31 -38.91 -34.01 -24.46
N GLN D 32 -39.60 -34.02 -25.60
CA GLN D 32 -39.13 -33.27 -26.76
C GLN D 32 -39.21 -31.76 -26.51
N MET D 33 -40.29 -31.33 -25.88
CA MET D 33 -40.48 -29.91 -25.57
C MET D 33 -39.39 -29.43 -24.61
N VAL D 34 -39.09 -30.24 -23.60
CA VAL D 34 -38.05 -29.88 -22.63
C VAL D 34 -36.74 -29.69 -23.37
N ALA D 35 -36.47 -30.59 -24.31
CA ALA D 35 -35.26 -30.53 -25.10
C ALA D 35 -35.17 -29.22 -25.89
N GLU D 36 -36.31 -28.77 -26.42
CA GLU D 36 -36.32 -27.52 -27.18
C GLU D 36 -36.09 -26.34 -26.25
N ILE D 37 -36.74 -26.37 -25.09
CA ILE D 37 -36.58 -25.30 -24.10
C ILE D 37 -35.11 -25.16 -23.74
N VAL D 38 -34.45 -26.30 -23.50
CA VAL D 38 -33.04 -26.29 -23.13
C VAL D 38 -32.21 -25.71 -24.26
N ALA D 39 -32.53 -26.09 -25.49
CA ALA D 39 -31.78 -25.59 -26.64
C ALA D 39 -31.94 -24.08 -26.78
N ALA D 40 -33.16 -23.59 -26.57
CA ALA D 40 -33.44 -22.17 -26.69
C ALA D 40 -32.79 -21.39 -25.56
N VAL D 41 -32.90 -21.92 -24.35
CA VAL D 41 -32.33 -21.26 -23.19
C VAL D 41 -30.81 -21.17 -23.27
N GLU D 42 -30.15 -22.26 -23.66
CA GLU D 42 -28.69 -22.25 -23.78
C GLU D 42 -28.25 -21.32 -24.90
N ALA D 43 -29.07 -21.20 -25.94
CA ALA D 43 -28.75 -20.32 -27.06
C ALA D 43 -28.79 -18.89 -26.55
N PHE D 44 -29.85 -18.53 -25.85
CA PHE D 44 -29.96 -17.18 -25.31
C PHE D 44 -28.81 -16.93 -24.33
N ASP D 45 -28.48 -17.97 -23.57
CA ASP D 45 -27.40 -17.88 -22.58
C ASP D 45 -26.06 -17.55 -23.23
N ARG D 46 -25.71 -18.26 -24.29
CA ARG D 46 -24.45 -18.03 -25.00
C ARG D 46 -24.41 -16.66 -25.68
N ASN D 47 -25.56 -16.18 -26.13
CA ASN D 47 -25.64 -14.89 -26.80
C ASN D 47 -25.37 -13.78 -25.77
N GLU D 48 -24.19 -13.18 -25.84
CA GLU D 48 -23.85 -12.13 -24.90
C GLU D 48 -24.65 -10.85 -25.14
N LYS D 49 -25.67 -10.94 -25.97
CA LYS D 49 -26.53 -9.79 -26.24
C LYS D 49 -27.84 -9.96 -25.49
N VAL D 50 -28.07 -11.17 -24.99
CA VAL D 50 -29.28 -11.47 -24.23
C VAL D 50 -28.87 -11.52 -22.77
N ARG D 51 -29.35 -10.56 -21.99
CA ARG D 51 -29.01 -10.46 -20.58
C ARG D 51 -30.04 -11.06 -19.64
N VAL D 52 -31.24 -11.31 -20.16
CA VAL D 52 -32.32 -11.89 -19.36
C VAL D 52 -33.14 -12.83 -20.22
N ILE D 53 -33.64 -13.89 -19.61
CA ILE D 53 -34.45 -14.86 -20.32
C ILE D 53 -35.80 -14.97 -19.63
N VAL D 54 -36.88 -14.84 -20.39
CA VAL D 54 -38.22 -14.96 -19.83
C VAL D 54 -38.94 -16.15 -20.44
N LEU D 55 -39.62 -16.91 -19.59
CA LEU D 55 -40.38 -18.07 -20.03
C LEU D 55 -41.84 -17.86 -19.67
N THR D 56 -42.74 -18.18 -20.59
CA THR D 56 -44.16 -18.05 -20.31
C THR D 56 -44.94 -19.01 -21.20
N GLY D 57 -46.21 -19.22 -20.86
CA GLY D 57 -47.04 -20.13 -21.63
C GLY D 57 -48.12 -19.50 -22.48
N ARG D 58 -48.22 -20.00 -23.71
CA ARG D 58 -49.23 -19.53 -24.66
C ARG D 58 -50.53 -20.21 -24.25
N GLY D 59 -51.65 -19.50 -24.37
CA GLY D 59 -52.93 -20.09 -24.00
C GLY D 59 -53.28 -19.76 -22.56
N ARG D 60 -54.16 -20.55 -21.95
CA ARG D 60 -54.56 -20.28 -20.58
C ARG D 60 -53.66 -20.87 -19.49
N ALA D 61 -52.71 -21.72 -19.87
CA ALA D 61 -51.83 -22.30 -18.86
C ALA D 61 -50.35 -22.14 -19.17
N PHE D 62 -49.55 -22.06 -18.13
CA PHE D 62 -48.10 -21.94 -18.26
C PHE D 62 -47.49 -23.27 -18.71
N ALA D 63 -47.63 -24.29 -17.87
CA ALA D 63 -47.60 -25.67 -18.33
C ALA D 63 -48.30 -26.60 -17.34
N ALA D 64 -49.32 -27.30 -17.81
CA ALA D 64 -50.17 -28.09 -16.94
C ALA D 64 -49.73 -29.56 -16.93
N GLY D 65 -48.69 -29.85 -16.17
CA GLY D 65 -48.16 -31.20 -16.09
C GLY D 65 -47.22 -31.59 -17.21
N ALA D 66 -46.89 -32.87 -17.27
CA ALA D 66 -45.99 -33.41 -18.28
C ALA D 66 -46.82 -34.25 -19.23
N ASP D 67 -46.18 -34.77 -20.27
CA ASP D 67 -46.86 -35.62 -21.23
C ASP D 67 -46.98 -36.99 -20.58
N ILE D 68 -48.17 -37.31 -20.10
CA ILE D 68 -48.40 -38.58 -19.42
C ILE D 68 -48.47 -39.78 -20.37
N GLN D 69 -49.15 -39.60 -21.50
CA GLN D 69 -49.27 -40.69 -22.47
C GLN D 69 -47.89 -41.23 -22.81
N GLU D 70 -46.98 -40.30 -23.06
CA GLU D 70 -45.60 -40.62 -23.41
C GLU D 70 -44.88 -41.56 -22.44
N MET D 71 -45.22 -41.48 -21.16
CA MET D 71 -44.55 -42.32 -20.16
C MET D 71 -45.45 -43.30 -19.41
N ALA D 72 -46.73 -43.38 -19.78
CA ALA D 72 -47.66 -44.27 -19.08
C ALA D 72 -47.21 -45.73 -18.99
N LYS D 73 -46.49 -46.22 -19.99
CA LYS D 73 -46.04 -47.61 -19.97
C LYS D 73 -44.53 -47.80 -19.79
N ASP D 74 -43.82 -46.75 -19.38
CA ASP D 74 -42.38 -46.87 -19.19
C ASP D 74 -42.04 -47.73 -17.98
N ASP D 75 -40.86 -48.33 -18.00
CA ASP D 75 -40.38 -49.15 -16.90
C ASP D 75 -39.11 -48.48 -16.37
N PRO D 76 -38.57 -48.94 -15.23
CA PRO D 76 -37.35 -48.34 -14.67
C PRO D 76 -36.11 -48.36 -15.55
N ILE D 77 -35.87 -49.48 -16.24
CA ILE D 77 -34.69 -49.62 -17.11
C ILE D 77 -34.75 -48.66 -18.30
N ARG D 78 -35.93 -48.52 -18.86
CA ARG D 78 -36.14 -47.61 -19.98
C ARG D 78 -35.78 -46.19 -19.50
N LEU D 79 -36.27 -45.83 -18.33
CA LEU D 79 -36.02 -44.50 -17.76
C LEU D 79 -34.55 -44.26 -17.44
N GLU D 80 -33.91 -45.28 -16.87
CA GLU D 80 -32.51 -45.22 -16.49
C GLU D 80 -31.62 -44.91 -17.71
N TRP D 81 -31.84 -45.63 -18.80
CA TRP D 81 -31.05 -45.40 -20.02
C TRP D 81 -31.39 -44.05 -20.64
N LEU D 82 -32.67 -43.65 -20.57
CA LEU D 82 -33.11 -42.38 -21.15
C LEU D 82 -32.43 -41.18 -20.48
N ASN D 83 -32.38 -41.19 -19.15
CA ASN D 83 -31.75 -40.11 -18.40
C ASN D 83 -32.34 -38.77 -18.85
N GLN D 84 -33.67 -38.72 -18.92
CA GLN D 84 -34.37 -37.52 -19.38
C GLN D 84 -34.12 -36.29 -18.51
N PHE D 85 -33.84 -36.51 -17.23
CA PHE D 85 -33.63 -35.38 -16.34
C PHE D 85 -32.28 -34.70 -16.50
N ALA D 86 -31.43 -35.25 -17.35
CA ALA D 86 -30.14 -34.63 -17.62
C ALA D 86 -30.43 -33.32 -18.34
N ASP D 87 -31.53 -33.27 -19.08
CA ASP D 87 -31.91 -32.05 -19.77
C ASP D 87 -32.29 -30.99 -18.74
N TRP D 88 -32.94 -31.41 -17.66
CA TRP D 88 -33.32 -30.47 -16.61
C TRP D 88 -32.07 -29.98 -15.88
N ASP D 89 -31.07 -30.83 -15.72
CA ASP D 89 -29.85 -30.42 -15.05
C ASP D 89 -29.18 -29.31 -15.87
N ARG D 90 -29.31 -29.40 -17.20
CA ARG D 90 -28.73 -28.40 -18.08
C ARG D 90 -29.42 -27.06 -17.86
N LEU D 91 -30.72 -27.09 -17.60
CA LEU D 91 -31.44 -25.84 -17.32
C LEU D 91 -30.86 -25.23 -16.05
N SER D 92 -30.68 -26.07 -15.04
CA SER D 92 -30.15 -25.66 -13.74
C SER D 92 -28.85 -24.88 -13.75
N ILE D 93 -27.94 -25.21 -14.66
CA ILE D 93 -26.65 -24.53 -14.70
C ILE D 93 -26.54 -23.33 -15.62
N VAL D 94 -27.63 -22.92 -16.25
CA VAL D 94 -27.60 -21.74 -17.11
C VAL D 94 -27.28 -20.54 -16.23
N LYS D 95 -26.27 -19.76 -16.62
CA LYS D 95 -25.87 -18.61 -15.82
C LYS D 95 -26.64 -17.32 -16.06
N THR D 96 -27.26 -17.20 -17.23
CA THR D 96 -28.05 -16.00 -17.54
C THR D 96 -29.30 -15.94 -16.66
N PRO D 97 -29.67 -14.73 -16.18
CA PRO D 97 -30.85 -14.54 -15.35
C PRO D 97 -32.11 -15.09 -16.04
N MET D 98 -32.95 -15.78 -15.30
CA MET D 98 -34.17 -16.34 -15.88
C MET D 98 -35.40 -16.01 -15.05
N ILE D 99 -36.46 -15.60 -15.73
CA ILE D 99 -37.71 -15.26 -15.06
C ILE D 99 -38.84 -16.06 -15.66
N ALA D 100 -39.70 -16.59 -14.80
CA ALA D 100 -40.85 -17.33 -15.26
C ALA D 100 -42.09 -16.45 -15.08
N ALA D 101 -42.85 -16.30 -16.16
CA ALA D 101 -44.10 -15.53 -16.13
C ALA D 101 -45.20 -16.59 -16.18
N VAL D 102 -45.76 -16.92 -15.01
CA VAL D 102 -46.77 -17.96 -14.90
C VAL D 102 -48.19 -17.42 -15.12
N ASN D 103 -48.75 -17.72 -16.27
CA ASN D 103 -50.02 -17.13 -16.69
C ASN D 103 -51.23 -17.88 -16.16
N GLY D 104 -51.05 -19.16 -15.87
CA GLY D 104 -52.18 -20.03 -15.56
C GLY D 104 -51.80 -21.19 -14.65
N LEU D 105 -52.17 -22.40 -15.07
CA LEU D 105 -51.76 -23.61 -14.36
C LEU D 105 -50.29 -23.90 -14.59
N ALA D 106 -49.58 -24.22 -13.50
CA ALA D 106 -48.17 -24.59 -13.59
C ALA D 106 -48.13 -25.79 -12.66
N LEU D 107 -48.45 -26.95 -13.20
CA LEU D 107 -48.50 -28.18 -12.42
C LEU D 107 -47.40 -29.15 -12.84
N GLY D 108 -46.99 -30.00 -11.89
CA GLY D 108 -45.95 -30.98 -12.17
C GLY D 108 -44.73 -30.36 -12.83
N GLY D 109 -44.30 -30.95 -13.94
CA GLY D 109 -43.14 -30.43 -14.64
C GLY D 109 -43.29 -28.93 -14.85
N GLY D 110 -44.53 -28.48 -14.99
CA GLY D 110 -44.79 -27.06 -15.18
C GLY D 110 -44.33 -26.28 -13.96
N PHE D 111 -44.64 -26.79 -12.78
CA PHE D 111 -44.24 -26.12 -11.54
C PHE D 111 -42.71 -26.21 -11.43
N GLU D 112 -42.17 -27.37 -11.77
CA GLU D 112 -40.72 -27.56 -11.71
C GLU D 112 -39.97 -26.64 -12.70
N LEU D 113 -40.60 -26.32 -13.82
CA LEU D 113 -39.96 -25.45 -14.80
C LEU D 113 -39.89 -24.03 -14.22
N ALA D 114 -41.00 -23.58 -13.61
CA ALA D 114 -41.04 -22.25 -13.01
C ALA D 114 -40.00 -22.17 -11.89
N LEU D 115 -39.93 -23.23 -11.10
CA LEU D 115 -38.98 -23.29 -9.99
C LEU D 115 -37.51 -23.27 -10.45
N SER D 116 -37.27 -23.69 -11.69
CA SER D 116 -35.91 -23.72 -12.24
C SER D 116 -35.45 -22.31 -12.60
N CYS D 117 -36.38 -21.37 -12.61
CA CYS D 117 -36.02 -19.99 -12.93
C CYS D 117 -35.59 -19.27 -11.65
N ASP D 118 -34.90 -18.16 -11.82
CA ASP D 118 -34.42 -17.38 -10.67
C ASP D 118 -35.51 -16.58 -10.00
N LEU D 119 -36.44 -16.07 -10.80
CA LEU D 119 -37.55 -15.28 -10.26
C LEU D 119 -38.84 -15.71 -10.93
N ILE D 120 -39.95 -15.58 -10.21
CA ILE D 120 -41.26 -15.93 -10.73
C ILE D 120 -42.28 -14.81 -10.54
N VAL D 121 -42.89 -14.38 -11.63
CA VAL D 121 -43.95 -13.36 -11.58
C VAL D 121 -45.20 -14.15 -11.98
N ALA D 122 -46.21 -14.15 -11.13
CA ALA D 122 -47.40 -14.93 -11.43
C ALA D 122 -48.71 -14.17 -11.53
N SER D 123 -49.60 -14.71 -12.36
CA SER D 123 -50.93 -14.13 -12.52
C SER D 123 -51.67 -14.45 -11.23
N SER D 124 -52.53 -13.53 -10.80
CA SER D 124 -53.30 -13.75 -9.57
C SER D 124 -54.23 -14.95 -9.76
N ALA D 125 -54.42 -15.35 -11.02
CA ALA D 125 -55.28 -16.49 -11.34
C ALA D 125 -54.50 -17.79 -11.49
N ALA D 126 -53.18 -17.70 -11.46
CA ALA D 126 -52.33 -18.88 -11.61
C ALA D 126 -52.40 -19.80 -10.39
N GLU D 127 -52.13 -21.08 -10.62
CA GLU D 127 -52.14 -22.07 -9.55
C GLU D 127 -50.94 -22.98 -9.74
N PHE D 128 -50.37 -23.41 -8.63
CA PHE D 128 -49.19 -24.28 -8.65
C PHE D 128 -49.53 -25.59 -7.95
N GLY D 129 -48.84 -26.67 -8.32
CA GLY D 129 -49.12 -27.93 -7.67
C GLY D 129 -48.34 -29.10 -8.22
N PHE D 130 -48.36 -30.21 -7.47
CA PHE D 130 -47.66 -31.42 -7.88
C PHE D 130 -48.64 -32.59 -7.77
N PRO D 131 -49.45 -32.79 -8.83
CA PRO D 131 -50.44 -33.86 -8.88
C PRO D 131 -49.84 -35.24 -9.11
N GLU D 132 -48.52 -35.29 -9.31
CA GLU D 132 -47.83 -36.55 -9.56
C GLU D 132 -48.27 -37.67 -8.62
N VAL D 133 -48.36 -37.37 -7.32
CA VAL D 133 -48.75 -38.37 -6.34
C VAL D 133 -50.06 -39.05 -6.70
N ASN D 134 -50.98 -38.30 -7.28
CA ASN D 134 -52.28 -38.83 -7.66
C ASN D 134 -52.25 -39.72 -8.90
N LEU D 135 -51.08 -39.80 -9.55
CA LEU D 135 -50.90 -40.65 -10.73
C LEU D 135 -50.04 -41.83 -10.34
N GLY D 136 -49.80 -41.97 -9.05
CA GLY D 136 -48.99 -43.08 -8.56
C GLY D 136 -47.48 -42.82 -8.62
N VAL D 137 -47.09 -41.60 -8.96
CA VAL D 137 -45.67 -41.27 -9.04
C VAL D 137 -45.31 -40.06 -8.16
N MET D 138 -44.27 -39.33 -8.54
CA MET D 138 -43.83 -38.17 -7.76
C MET D 138 -43.11 -37.22 -8.69
N PRO D 139 -42.82 -36.00 -8.22
CA PRO D 139 -42.11 -35.07 -9.11
C PRO D 139 -40.71 -35.67 -9.35
N GLY D 140 -40.24 -35.61 -10.58
CA GLY D 140 -38.93 -36.17 -10.85
C GLY D 140 -37.92 -35.19 -11.41
N ALA D 141 -38.31 -33.92 -11.50
CA ALA D 141 -37.42 -32.90 -12.04
C ALA D 141 -37.09 -31.79 -11.02
N GLY D 142 -36.79 -32.18 -9.79
CA GLY D 142 -36.41 -31.22 -8.77
C GLY D 142 -37.53 -30.67 -7.89
N GLY D 143 -38.77 -30.97 -8.26
CA GLY D 143 -39.91 -30.49 -7.49
C GLY D 143 -39.81 -30.74 -6.00
N THR D 144 -39.56 -31.98 -5.60
CA THR D 144 -39.47 -32.27 -4.17
C THR D 144 -38.33 -31.50 -3.52
N GLN D 145 -37.25 -31.31 -4.27
CA GLN D 145 -36.06 -30.62 -3.75
C GLN D 145 -36.24 -29.10 -3.64
N ARG D 146 -36.57 -28.45 -4.75
CA ARG D 146 -36.73 -27.00 -4.73
C ARG D 146 -37.87 -26.53 -3.83
N LEU D 147 -39.02 -27.21 -3.85
CA LEU D 147 -40.14 -26.81 -3.01
C LEU D 147 -39.78 -26.93 -1.52
N THR D 148 -39.13 -28.02 -1.14
CA THR D 148 -38.77 -28.23 0.25
C THR D 148 -37.79 -27.18 0.75
N LYS D 149 -36.84 -26.79 -0.09
CA LYS D 149 -35.86 -25.80 0.33
C LYS D 149 -36.51 -24.43 0.49
N LEU D 150 -37.59 -24.18 -0.25
CA LEU D 150 -38.28 -22.90 -0.18
C LEU D 150 -39.27 -22.76 0.96
N ILE D 151 -40.04 -23.81 1.25
CA ILE D 151 -41.05 -23.70 2.31
C ILE D 151 -40.94 -24.63 3.51
N GLY D 152 -39.90 -25.47 3.53
CA GLY D 152 -39.73 -26.38 4.67
C GLY D 152 -40.40 -27.72 4.44
N PRO D 153 -39.93 -28.77 5.14
CA PRO D 153 -40.47 -30.13 5.02
C PRO D 153 -41.92 -30.33 5.46
N LYS D 154 -42.37 -29.59 6.46
CA LYS D 154 -43.75 -29.74 6.93
C LYS D 154 -44.74 -29.33 5.84
N ARG D 155 -44.57 -28.11 5.35
CA ARG D 155 -45.44 -27.60 4.30
C ARG D 155 -45.23 -28.28 2.94
N ALA D 156 -43.99 -28.62 2.62
CA ALA D 156 -43.70 -29.29 1.34
C ALA D 156 -44.43 -30.62 1.24
N LEU D 157 -44.33 -31.43 2.29
CA LEU D 157 -45.00 -32.72 2.28
C LEU D 157 -46.51 -32.57 2.15
N GLU D 158 -47.06 -31.55 2.79
CA GLU D 158 -48.50 -31.34 2.71
C GLU D 158 -48.94 -31.26 1.26
N TRP D 159 -48.23 -30.45 0.47
CA TRP D 159 -48.58 -30.29 -0.93
C TRP D 159 -48.18 -31.49 -1.80
N LEU D 160 -47.01 -32.04 -1.55
CA LEU D 160 -46.51 -33.18 -2.32
C LEU D 160 -47.32 -34.44 -2.09
N TRP D 161 -47.78 -34.65 -0.86
CA TRP D 161 -48.54 -35.84 -0.53
C TRP D 161 -50.00 -35.76 -1.00
N THR D 162 -50.55 -34.55 -1.04
CA THR D 162 -51.95 -34.37 -1.45
C THR D 162 -52.14 -34.04 -2.93
N GLY D 163 -51.15 -33.37 -3.51
CA GLY D 163 -51.25 -33.01 -4.91
C GLY D 163 -52.21 -31.84 -5.11
N ALA D 164 -52.62 -31.21 -4.02
CA ALA D 164 -53.54 -30.09 -4.07
C ALA D 164 -52.91 -28.88 -4.77
N ARG D 165 -53.75 -28.02 -5.34
CA ARG D 165 -53.28 -26.82 -6.03
C ARG D 165 -53.11 -25.63 -5.10
N MET D 166 -51.98 -24.94 -5.24
CA MET D 166 -51.65 -23.78 -4.42
C MET D 166 -51.92 -22.50 -5.20
N SER D 167 -52.56 -21.53 -4.57
CA SER D 167 -52.87 -20.26 -5.24
C SER D 167 -51.64 -19.38 -5.38
N ALA D 168 -51.67 -18.47 -6.34
CA ALA D 168 -50.55 -17.56 -6.56
C ALA D 168 -50.31 -16.76 -5.29
N LYS D 169 -51.40 -16.33 -4.66
CA LYS D 169 -51.31 -15.54 -3.44
C LYS D 169 -50.51 -16.27 -2.37
N GLU D 170 -50.87 -17.52 -2.10
CA GLU D 170 -50.17 -18.29 -1.08
C GLU D 170 -48.71 -18.52 -1.47
N ALA D 171 -48.48 -18.82 -2.75
CA ALA D 171 -47.12 -19.05 -3.24
C ALA D 171 -46.24 -17.84 -2.96
N GLU D 172 -46.81 -16.64 -3.10
CA GLU D 172 -46.05 -15.44 -2.87
C GLU D 172 -45.82 -15.23 -1.38
N GLN D 173 -46.79 -15.64 -0.56
CA GLN D 173 -46.66 -15.52 0.89
C GLN D 173 -45.58 -16.49 1.37
N LEU D 174 -45.48 -17.64 0.71
CA LEU D 174 -44.50 -18.67 1.06
C LEU D 174 -43.09 -18.34 0.59
N GLY D 175 -42.96 -17.37 -0.29
CA GLY D 175 -41.64 -17.00 -0.79
C GLY D 175 -41.26 -17.73 -2.05
N ILE D 176 -42.24 -18.40 -2.67
CA ILE D 176 -42.00 -19.13 -3.91
C ILE D 176 -42.10 -18.15 -5.08
N VAL D 177 -43.15 -17.33 -5.06
CA VAL D 177 -43.39 -16.34 -6.10
C VAL D 177 -42.93 -14.95 -5.65
N ASN D 178 -42.29 -14.22 -6.55
CA ASN D 178 -41.80 -12.88 -6.24
C ASN D 178 -42.88 -11.81 -6.33
N ARG D 179 -43.67 -11.84 -7.39
CA ARG D 179 -44.73 -10.85 -7.58
C ARG D 179 -46.00 -11.45 -8.18
N VAL D 180 -47.14 -10.92 -7.74
CA VAL D 180 -48.42 -11.38 -8.25
C VAL D 180 -49.09 -10.15 -8.85
N VAL D 181 -49.57 -10.27 -10.08
CA VAL D 181 -50.22 -9.15 -10.76
C VAL D 181 -51.49 -9.60 -11.48
N SER D 182 -52.25 -8.62 -11.97
CA SER D 182 -53.48 -8.90 -12.71
C SER D 182 -53.16 -9.74 -13.94
N PRO D 183 -53.98 -10.75 -14.22
CA PRO D 183 -53.77 -11.63 -15.39
C PRO D 183 -53.34 -10.91 -16.66
N GLU D 184 -54.05 -9.84 -16.99
CA GLU D 184 -53.74 -9.09 -18.21
C GLU D 184 -52.45 -8.27 -18.13
N LEU D 185 -51.86 -8.17 -16.95
CA LEU D 185 -50.63 -7.40 -16.79
C LEU D 185 -49.40 -8.30 -16.62
N LEU D 186 -49.60 -9.61 -16.63
CA LEU D 186 -48.49 -10.55 -16.46
C LEU D 186 -47.23 -10.23 -17.23
N MET D 187 -47.31 -10.17 -18.57
CA MET D 187 -46.12 -9.89 -19.37
C MET D 187 -45.62 -8.46 -19.24
N GLU D 188 -46.53 -7.51 -19.00
CA GLU D 188 -46.15 -6.13 -18.85
C GLU D 188 -45.21 -6.01 -17.64
N GLU D 189 -45.65 -6.58 -16.52
CA GLU D 189 -44.86 -6.56 -15.30
C GLU D 189 -43.57 -7.32 -15.48
N THR D 190 -43.68 -8.54 -16.00
CA THR D 190 -42.52 -9.38 -16.23
C THR D 190 -41.48 -8.70 -17.10
N MET D 191 -41.92 -8.06 -18.17
CA MET D 191 -40.99 -7.37 -19.07
C MET D 191 -40.40 -6.13 -18.44
N ARG D 192 -41.12 -5.53 -17.49
CA ARG D 192 -40.59 -4.34 -16.83
C ARG D 192 -39.49 -4.81 -15.87
N LEU D 193 -39.74 -5.91 -15.18
CA LEU D 193 -38.75 -6.46 -14.27
C LEU D 193 -37.54 -6.89 -15.09
N ALA D 194 -37.81 -7.55 -16.22
CA ALA D 194 -36.76 -8.02 -17.10
C ALA D 194 -35.94 -6.85 -17.64
N GLY D 195 -36.63 -5.77 -17.99
CA GLY D 195 -35.93 -4.60 -18.50
C GLY D 195 -35.02 -4.00 -17.45
N ARG D 196 -35.48 -3.97 -16.21
CA ARG D 196 -34.68 -3.40 -15.12
C ARG D 196 -33.41 -4.23 -14.94
N LEU D 197 -33.57 -5.54 -14.81
CA LEU D 197 -32.43 -6.43 -14.63
C LEU D 197 -31.46 -6.28 -15.80
N ALA D 198 -31.99 -6.11 -17.00
CA ALA D 198 -31.15 -5.95 -18.18
C ALA D 198 -30.27 -4.70 -18.07
N GLU D 199 -30.65 -3.76 -17.22
CA GLU D 199 -29.89 -2.53 -17.05
C GLU D 199 -28.80 -2.67 -15.99
N GLN D 200 -28.92 -3.68 -15.14
CA GLN D 200 -27.93 -3.93 -14.09
C GLN D 200 -26.66 -4.50 -14.70
N PRO D 201 -25.55 -4.48 -13.93
CA PRO D 201 -24.24 -4.99 -14.39
C PRO D 201 -24.37 -6.49 -14.63
N PRO D 202 -24.15 -6.95 -15.87
CA PRO D 202 -24.24 -8.38 -16.20
C PRO D 202 -23.39 -9.30 -15.33
N LEU D 203 -22.13 -8.95 -15.13
CA LEU D 203 -21.21 -9.76 -14.33
C LEU D 203 -21.68 -9.88 -12.89
N ALA D 204 -22.15 -8.76 -12.34
CA ALA D 204 -22.63 -8.75 -10.97
C ALA D 204 -23.85 -9.65 -10.80
N LEU D 205 -24.79 -9.57 -11.73
CA LEU D 205 -25.98 -10.41 -11.63
C LEU D 205 -25.53 -11.88 -11.71
N ARG D 206 -24.61 -12.15 -12.63
CA ARG D 206 -24.07 -13.49 -12.85
C ARG D 206 -23.39 -14.06 -11.60
N LEU D 207 -22.44 -13.32 -11.05
CA LEU D 207 -21.72 -13.79 -9.87
C LEU D 207 -22.58 -13.81 -8.60
N ILE D 208 -23.57 -12.93 -8.52
CA ILE D 208 -24.47 -12.92 -7.37
C ILE D 208 -25.33 -14.18 -7.44
N LYS D 209 -25.82 -14.50 -8.64
CA LYS D 209 -26.64 -15.69 -8.82
C LYS D 209 -25.86 -16.92 -8.36
N GLU D 210 -24.62 -17.04 -8.80
CA GLU D 210 -23.79 -18.19 -8.41
C GLU D 210 -23.68 -18.28 -6.89
N ALA D 211 -23.45 -17.13 -6.26
CA ALA D 211 -23.30 -17.10 -4.80
C ALA D 211 -24.58 -17.52 -4.09
N VAL D 212 -25.72 -17.06 -4.60
CA VAL D 212 -26.98 -17.42 -3.96
C VAL D 212 -27.18 -18.92 -4.07
N GLN D 213 -26.78 -19.50 -5.20
CA GLN D 213 -26.91 -20.94 -5.43
C GLN D 213 -26.06 -21.71 -4.42
N LYS D 214 -24.88 -21.17 -4.10
CA LYS D 214 -24.01 -21.84 -3.14
C LYS D 214 -24.64 -21.72 -1.75
N ALA D 215 -25.21 -20.56 -1.47
CA ALA D 215 -25.85 -20.31 -0.18
C ALA D 215 -26.94 -21.33 0.16
N VAL D 216 -27.63 -21.81 -0.88
CA VAL D 216 -28.69 -22.78 -0.67
C VAL D 216 -28.14 -24.11 -0.17
N ASP D 217 -27.00 -24.51 -0.72
CA ASP D 217 -26.39 -25.79 -0.37
C ASP D 217 -25.23 -25.69 0.64
N TYR D 218 -24.15 -25.02 0.25
CA TYR D 218 -22.96 -24.83 1.07
C TYR D 218 -23.15 -24.40 2.53
N PRO D 219 -22.24 -24.83 3.42
CA PRO D 219 -22.32 -24.45 4.83
C PRO D 219 -21.88 -22.98 4.79
N LEU D 220 -22.36 -22.18 5.73
CA LEU D 220 -22.04 -20.75 5.77
C LEU D 220 -20.59 -20.35 5.49
N TYR D 221 -19.66 -20.91 6.26
CA TYR D 221 -18.25 -20.56 6.10
C TYR D 221 -17.71 -20.78 4.69
N GLU D 222 -18.02 -21.93 4.10
CA GLU D 222 -17.54 -22.22 2.76
C GLU D 222 -18.28 -21.37 1.71
N GLY D 223 -19.56 -21.09 1.95
CA GLY D 223 -20.31 -20.27 1.03
C GLY D 223 -19.69 -18.88 0.97
N MET D 224 -19.25 -18.39 2.13
CA MET D 224 -18.63 -17.08 2.20
C MET D 224 -17.26 -17.08 1.51
N GLN D 225 -16.54 -18.20 1.58
CA GLN D 225 -15.23 -18.27 0.91
C GLN D 225 -15.45 -18.20 -0.60
N PHE D 226 -16.54 -18.80 -1.07
CA PHE D 226 -16.85 -18.76 -2.50
C PHE D 226 -17.30 -17.34 -2.86
N GLU D 227 -18.16 -16.77 -2.03
CA GLU D 227 -18.67 -15.43 -2.23
C GLU D 227 -17.57 -14.39 -2.42
N ARG D 228 -16.59 -14.38 -1.51
CA ARG D 228 -15.52 -13.38 -1.62
C ARG D 228 -14.64 -13.54 -2.85
N LYS D 229 -14.56 -14.74 -3.40
CA LYS D 229 -13.78 -14.94 -4.62
C LYS D 229 -14.49 -14.23 -5.77
N ASN D 230 -15.82 -14.31 -5.81
CA ASN D 230 -16.57 -13.64 -6.85
C ASN D 230 -16.44 -12.13 -6.63
N PHE D 231 -16.44 -11.73 -5.35
CA PHE D 231 -16.30 -10.32 -4.99
C PHE D 231 -15.00 -9.80 -5.61
N TYR D 232 -13.92 -10.55 -5.45
CA TYR D 232 -12.63 -10.15 -6.00
C TYR D 232 -12.69 -10.01 -7.54
N LEU D 233 -13.21 -11.03 -8.21
CA LEU D 233 -13.29 -11.02 -9.67
C LEU D 233 -13.96 -9.78 -10.25
N LEU D 234 -15.01 -9.31 -9.59
CA LEU D 234 -15.72 -8.13 -10.09
C LEU D 234 -14.81 -6.90 -10.16
N PHE D 235 -13.78 -6.85 -9.33
CA PHE D 235 -12.88 -5.71 -9.37
C PHE D 235 -11.92 -5.76 -10.54
N ALA D 236 -12.09 -6.78 -11.37
CA ALA D 236 -11.27 -6.93 -12.57
C ALA D 236 -12.12 -6.47 -13.76
N SER D 237 -13.36 -6.07 -13.48
CA SER D 237 -14.28 -5.65 -14.53
C SER D 237 -14.30 -4.13 -14.72
N GLU D 238 -14.55 -3.71 -15.95
CA GLU D 238 -14.64 -2.30 -16.27
C GLU D 238 -15.95 -1.74 -15.73
N ASP D 239 -16.98 -2.60 -15.65
CA ASP D 239 -18.28 -2.19 -15.12
C ASP D 239 -18.18 -1.75 -13.67
N GLN D 240 -17.24 -2.31 -12.94
CA GLN D 240 -17.05 -1.94 -11.54
C GLN D 240 -16.56 -0.49 -11.51
N LYS D 241 -15.71 -0.12 -12.46
CA LYS D 241 -15.20 1.24 -12.54
C LYS D 241 -16.34 2.17 -12.98
N GLU D 242 -17.08 1.74 -14.00
CA GLU D 242 -18.19 2.52 -14.51
C GLU D 242 -19.22 2.77 -13.40
N GLY D 243 -19.47 1.76 -12.59
CA GLY D 243 -20.43 1.89 -11.50
C GLY D 243 -20.00 2.95 -10.51
N MET D 244 -18.72 2.93 -10.16
CA MET D 244 -18.17 3.90 -9.22
C MET D 244 -18.25 5.29 -9.83
N ALA D 245 -17.76 5.42 -11.06
CA ALA D 245 -17.78 6.68 -11.79
C ALA D 245 -19.17 7.29 -11.89
N ALA D 246 -20.14 6.50 -12.34
CA ALA D 246 -21.51 6.98 -12.48
C ALA D 246 -22.04 7.51 -11.14
N PHE D 247 -21.63 6.87 -10.04
CA PHE D 247 -22.08 7.28 -8.72
C PHE D 247 -21.47 8.62 -8.30
N LEU D 248 -20.14 8.70 -8.31
CA LEU D 248 -19.46 9.93 -7.94
C LEU D 248 -19.90 11.09 -8.80
N GLU D 249 -20.41 10.77 -9.99
CA GLU D 249 -20.88 11.78 -10.94
C GLU D 249 -22.39 11.93 -10.87
N LYS D 250 -23.01 11.22 -9.94
CA LYS D 250 -24.45 11.25 -9.77
C LYS D 250 -25.26 11.16 -11.05
N ARG D 251 -24.96 10.14 -11.85
CA ARG D 251 -25.65 9.91 -13.12
C ARG D 251 -25.99 8.44 -13.28
N LYS D 252 -26.64 8.10 -14.40
CA LYS D 252 -27.01 6.72 -14.66
C LYS D 252 -25.83 5.97 -15.27
N PRO D 253 -25.51 4.78 -14.73
CA PRO D 253 -24.40 3.98 -15.24
C PRO D 253 -24.78 3.16 -16.47
N ARG D 254 -23.85 3.04 -17.41
CA ARG D 254 -24.08 2.26 -18.61
C ARG D 254 -23.14 1.06 -18.60
N PHE D 255 -23.62 -0.04 -18.04
CA PHE D 255 -22.84 -1.27 -17.92
C PHE D 255 -22.78 -2.01 -19.25
N GLN D 256 -21.61 -2.53 -19.58
CA GLN D 256 -21.41 -3.26 -20.83
C GLN D 256 -21.09 -4.74 -20.66
N GLY D 257 -21.14 -5.23 -19.43
CA GLY D 257 -20.84 -6.62 -19.19
C GLY D 257 -19.38 -6.95 -19.37
N LYS D 258 -18.52 -6.02 -18.95
CA LYS D 258 -17.08 -6.21 -19.04
C LYS D 258 -16.46 -5.56 -17.81
N PHE E 4 -9.92 23.41 -27.06
CA PHE E 4 -9.15 22.37 -26.31
C PHE E 4 -9.64 20.98 -26.70
N VAL E 5 -8.76 19.99 -26.58
CA VAL E 5 -9.11 18.62 -26.93
C VAL E 5 -8.80 17.63 -25.81
N SER E 6 -8.05 18.09 -24.80
CA SER E 6 -7.70 17.21 -23.68
C SER E 6 -8.21 17.70 -22.33
N ILE E 7 -8.81 18.89 -22.32
CA ILE E 7 -9.34 19.45 -21.08
C ILE E 7 -10.63 20.20 -21.35
N ALA E 8 -11.32 20.58 -20.27
CA ALA E 8 -12.56 21.33 -20.37
C ALA E 8 -12.56 22.39 -19.27
N ALA E 9 -12.88 23.62 -19.64
CA ALA E 9 -12.90 24.72 -18.68
C ALA E 9 -14.27 25.40 -18.60
N ARG E 10 -14.58 25.93 -17.43
CA ARG E 10 -15.84 26.62 -17.19
C ARG E 10 -15.71 27.50 -15.95
N GLN E 11 -16.66 28.41 -15.78
CA GLN E 11 -16.66 29.30 -14.63
C GLN E 11 -17.85 29.02 -13.72
N GLU E 12 -17.76 29.52 -12.50
CA GLU E 12 -18.81 29.36 -11.50
C GLU E 12 -18.52 30.41 -10.45
N GLY E 13 -19.17 31.56 -10.57
CA GLY E 13 -18.93 32.63 -9.63
C GLY E 13 -17.62 33.28 -10.01
N ALA E 14 -16.67 33.27 -9.10
CA ALA E 14 -15.35 33.86 -9.36
C ALA E 14 -14.32 32.74 -9.35
N VAL E 15 -14.78 31.52 -9.64
CA VAL E 15 -13.91 30.36 -9.66
C VAL E 15 -13.84 29.72 -11.05
N GLY E 16 -12.62 29.59 -11.56
CA GLY E 16 -12.43 28.99 -12.86
C GLY E 16 -12.14 27.51 -12.66
N ILE E 17 -12.82 26.66 -13.44
CA ILE E 17 -12.63 25.22 -13.32
C ILE E 17 -12.01 24.63 -14.58
N ILE E 18 -11.01 23.77 -14.39
CA ILE E 18 -10.36 23.11 -15.52
C ILE E 18 -10.38 21.62 -15.23
N GLU E 19 -10.99 20.85 -16.13
CA GLU E 19 -11.08 19.40 -15.95
C GLU E 19 -10.24 18.66 -17.00
N LEU E 20 -9.33 17.82 -16.53
CA LEU E 20 -8.50 17.03 -17.44
C LEU E 20 -9.46 16.05 -18.10
N ALA E 21 -9.55 16.11 -19.42
CA ALA E 21 -10.49 15.26 -20.17
C ALA E 21 -9.93 14.15 -21.05
N ARG E 22 -9.21 13.21 -20.45
CA ARG E 22 -8.69 12.08 -21.19
C ARG E 22 -8.88 10.83 -20.33
N PRO E 23 -10.11 10.61 -19.86
CA PRO E 23 -10.44 9.46 -19.01
C PRO E 23 -10.03 8.11 -19.62
N ASP E 24 -10.07 8.04 -20.96
CA ASP E 24 -9.70 6.81 -21.67
C ASP E 24 -8.31 6.33 -21.27
N VAL E 25 -7.41 7.27 -20.97
CA VAL E 25 -6.05 6.94 -20.60
C VAL E 25 -5.69 7.45 -19.19
N LEU E 26 -6.71 7.60 -18.35
CA LEU E 26 -6.54 8.06 -16.99
C LEU E 26 -5.92 9.45 -16.91
N ASN E 27 -6.23 10.28 -17.91
CA ASN E 27 -5.74 11.65 -18.00
C ASN E 27 -4.23 11.78 -18.16
N ALA E 28 -3.59 10.78 -18.76
CA ALA E 28 -2.15 10.82 -18.97
C ALA E 28 -1.81 12.16 -19.61
N LEU E 29 -0.85 12.87 -19.02
CA LEU E 29 -0.46 14.19 -19.52
C LEU E 29 0.48 14.24 -20.73
N SER E 30 -0.09 14.56 -21.89
CA SER E 30 0.72 14.68 -23.10
C SER E 30 1.23 16.11 -23.15
N ARG E 31 2.24 16.37 -23.97
CA ARG E 31 2.78 17.71 -24.07
C ARG E 31 1.71 18.64 -24.61
N GLN E 32 0.82 18.09 -25.43
CA GLN E 32 -0.26 18.88 -26.00
C GLN E 32 -1.26 19.28 -24.91
N MET E 33 -1.53 18.34 -24.01
CA MET E 33 -2.47 18.57 -22.92
C MET E 33 -1.94 19.62 -21.93
N VAL E 34 -0.67 19.53 -21.60
CA VAL E 34 -0.05 20.48 -20.68
C VAL E 34 -0.17 21.88 -21.26
N ALA E 35 0.07 22.01 -22.57
CA ALA E 35 -0.03 23.30 -23.23
C ALA E 35 -1.45 23.87 -23.12
N GLU E 36 -2.44 22.99 -23.18
CA GLU E 36 -3.84 23.41 -23.08
C GLU E 36 -4.12 23.92 -21.67
N ILE E 37 -3.66 23.16 -20.69
CA ILE E 37 -3.83 23.52 -19.29
C ILE E 37 -3.24 24.91 -19.05
N VAL E 38 -2.04 25.13 -19.54
CA VAL E 38 -1.36 26.41 -19.39
C VAL E 38 -2.16 27.57 -20.00
N ALA E 39 -2.63 27.38 -21.23
CA ALA E 39 -3.41 28.41 -21.91
C ALA E 39 -4.68 28.74 -21.14
N ALA E 40 -5.32 27.69 -20.60
CA ALA E 40 -6.55 27.87 -19.84
C ALA E 40 -6.28 28.57 -18.50
N VAL E 41 -5.20 28.17 -17.84
CA VAL E 41 -4.84 28.76 -16.56
C VAL E 41 -4.45 30.23 -16.73
N GLU E 42 -3.62 30.52 -17.72
CA GLU E 42 -3.20 31.90 -17.94
C GLU E 42 -4.39 32.75 -18.35
N ALA E 43 -5.36 32.15 -19.03
CA ALA E 43 -6.57 32.86 -19.44
C ALA E 43 -7.38 33.23 -18.20
N PHE E 44 -7.61 32.26 -17.32
CA PHE E 44 -8.36 32.53 -16.09
C PHE E 44 -7.60 33.53 -15.22
N ASP E 45 -6.28 33.44 -15.25
CA ASP E 45 -5.43 34.33 -14.46
C ASP E 45 -5.57 35.80 -14.89
N ARG E 46 -5.58 36.04 -16.19
CA ARG E 46 -5.69 37.38 -16.72
C ARG E 46 -7.10 37.94 -16.50
N ASN E 47 -8.08 37.04 -16.49
CA ASN E 47 -9.48 37.42 -16.29
C ASN E 47 -9.68 37.89 -14.85
N GLU E 48 -9.86 39.20 -14.66
CA GLU E 48 -10.03 39.75 -13.33
C GLU E 48 -11.25 39.27 -12.55
N LYS E 49 -12.23 38.70 -13.25
CA LYS E 49 -13.43 38.21 -12.57
C LYS E 49 -13.18 36.86 -11.89
N VAL E 50 -12.17 36.14 -12.37
CA VAL E 50 -11.81 34.84 -11.80
C VAL E 50 -10.75 35.04 -10.70
N ARG E 51 -11.14 34.85 -9.45
CA ARG E 51 -10.23 35.02 -8.32
C ARG E 51 -9.57 33.74 -7.87
N VAL E 52 -10.12 32.60 -8.27
CA VAL E 52 -9.54 31.30 -7.90
C VAL E 52 -9.70 30.32 -9.05
N ILE E 53 -8.71 29.44 -9.17
CA ILE E 53 -8.70 28.43 -10.22
C ILE E 53 -8.62 27.03 -9.61
N VAL E 54 -9.48 26.13 -10.08
CA VAL E 54 -9.50 24.76 -9.58
C VAL E 54 -9.18 23.78 -10.69
N LEU E 55 -8.32 22.81 -10.38
CA LEU E 55 -7.94 21.77 -11.35
C LEU E 55 -8.43 20.43 -10.84
N THR E 56 -9.01 19.63 -11.72
CA THR E 56 -9.48 18.31 -11.32
C THR E 56 -9.49 17.38 -12.52
N GLY E 57 -9.62 16.09 -12.26
CA GLY E 57 -9.64 15.13 -13.35
C GLY E 57 -10.99 14.49 -13.57
N ARG E 58 -11.39 14.38 -14.83
CA ARG E 58 -12.65 13.75 -15.17
C ARG E 58 -12.36 12.25 -15.28
N GLY E 59 -13.14 11.46 -14.56
CA GLY E 59 -12.94 10.02 -14.58
C GLY E 59 -12.49 9.56 -13.21
N ARG E 60 -11.85 8.39 -13.14
CA ARG E 60 -11.40 7.87 -11.85
C ARG E 60 -9.99 8.32 -11.45
N ALA E 61 -9.35 9.11 -12.29
CA ALA E 61 -8.00 9.59 -11.96
C ALA E 61 -7.81 11.07 -12.23
N PHE E 62 -6.89 11.68 -11.49
CA PHE E 62 -6.55 13.09 -11.65
C PHE E 62 -5.71 13.12 -12.92
N ALA E 63 -4.56 12.45 -12.84
CA ALA E 63 -3.63 12.34 -13.96
C ALA E 63 -2.65 11.23 -13.64
N ALA E 64 -2.81 10.09 -14.32
CA ALA E 64 -1.93 8.95 -14.10
C ALA E 64 -0.71 8.99 -15.02
N GLY E 65 0.34 9.64 -14.54
CA GLY E 65 1.56 9.74 -15.32
C GLY E 65 1.41 10.60 -16.56
N ALA E 66 2.42 10.56 -17.43
CA ALA E 66 2.40 11.33 -18.67
C ALA E 66 2.23 10.38 -19.84
N ASP E 67 2.11 10.95 -21.05
CA ASP E 67 1.97 10.14 -22.25
C ASP E 67 3.35 9.57 -22.58
N ILE E 68 3.59 8.32 -22.17
CA ILE E 68 4.88 7.68 -22.40
C ILE E 68 5.09 7.36 -23.87
N GLN E 69 3.99 7.16 -24.58
CA GLN E 69 4.02 6.86 -26.02
C GLN E 69 4.84 7.88 -26.81
N GLU E 70 4.42 9.14 -26.77
CA GLU E 70 5.09 10.20 -27.51
C GLU E 70 6.50 10.49 -27.01
N MET E 71 6.88 9.86 -25.91
CA MET E 71 8.20 10.05 -25.30
C MET E 71 9.18 8.89 -25.52
N ALA E 72 8.65 7.67 -25.46
CA ALA E 72 9.41 6.43 -25.59
C ALA E 72 10.66 6.39 -26.46
N LYS E 73 10.63 7.05 -27.62
CA LYS E 73 11.78 7.02 -28.52
C LYS E 73 12.64 8.29 -28.55
N ASP E 74 12.24 9.32 -27.82
CA ASP E 74 13.01 10.57 -27.82
C ASP E 74 14.48 10.43 -27.44
N ASP E 75 15.25 11.45 -27.78
CA ASP E 75 16.68 11.49 -27.48
C ASP E 75 16.94 12.82 -26.78
N PRO E 76 18.12 12.97 -26.15
CA PRO E 76 18.49 14.20 -25.43
C PRO E 76 18.37 15.48 -26.25
N ILE E 77 18.80 15.43 -27.50
CA ILE E 77 18.76 16.63 -28.35
C ILE E 77 17.34 17.05 -28.71
N ARG E 78 16.47 16.10 -29.04
CA ARG E 78 15.10 16.46 -29.36
C ARG E 78 14.48 17.13 -28.14
N LEU E 79 14.73 16.57 -26.95
CA LEU E 79 14.19 17.13 -25.72
C LEU E 79 14.74 18.52 -25.46
N GLU E 80 16.03 18.72 -25.69
CA GLU E 80 16.66 20.03 -25.48
C GLU E 80 16.01 21.11 -26.35
N TRP E 81 15.84 20.82 -27.63
CA TRP E 81 15.22 21.79 -28.52
C TRP E 81 13.75 22.01 -28.19
N LEU E 82 13.07 20.94 -27.79
CA LEU E 82 11.64 21.02 -27.48
C LEU E 82 11.38 21.90 -26.24
N ASN E 83 12.22 21.78 -25.22
CA ASN E 83 12.08 22.57 -24.00
C ASN E 83 10.63 22.49 -23.49
N GLN E 84 10.11 21.27 -23.40
CA GLN E 84 8.72 21.06 -22.99
C GLN E 84 8.39 21.56 -21.60
N PHE E 85 9.37 21.58 -20.70
CA PHE E 85 9.12 22.02 -19.35
C PHE E 85 9.00 23.54 -19.18
N ALA E 86 9.19 24.27 -20.27
CA ALA E 86 9.05 25.72 -20.21
C ALA E 86 7.57 26.01 -19.95
N ASP E 87 6.70 25.11 -20.42
CA ASP E 87 5.27 25.26 -20.22
C ASP E 87 4.94 25.06 -18.72
N TRP E 88 5.63 24.14 -18.07
CA TRP E 88 5.41 23.90 -16.65
C TRP E 88 5.88 25.12 -15.85
N ASP E 89 6.94 25.77 -16.32
CA ASP E 89 7.45 26.96 -15.62
C ASP E 89 6.38 28.06 -15.65
N ARG E 90 5.63 28.13 -16.75
CA ARG E 90 4.59 29.14 -16.88
C ARG E 90 3.49 28.94 -15.83
N LEU E 91 3.21 27.70 -15.47
CA LEU E 91 2.20 27.43 -14.46
C LEU E 91 2.73 27.91 -13.12
N SER E 92 4.04 27.78 -12.93
CA SER E 92 4.70 28.17 -11.69
C SER E 92 4.59 29.65 -11.35
N ILE E 93 4.44 30.50 -12.36
CA ILE E 93 4.36 31.93 -12.11
C ILE E 93 2.97 32.53 -12.15
N VAL E 94 1.95 31.69 -12.23
CA VAL E 94 0.57 32.19 -12.25
C VAL E 94 0.32 32.79 -10.87
N LYS E 95 -0.14 34.05 -10.83
CA LYS E 95 -0.38 34.71 -9.55
C LYS E 95 -1.74 34.44 -8.92
N THR E 96 -2.72 34.03 -9.72
CA THR E 96 -4.05 33.73 -9.20
C THR E 96 -3.99 32.47 -8.34
N PRO E 97 -4.72 32.44 -7.21
CA PRO E 97 -4.71 31.25 -6.36
C PRO E 97 -5.17 30.03 -7.15
N MET E 98 -4.49 28.91 -6.98
CA MET E 98 -4.82 27.68 -7.69
C MET E 98 -4.98 26.52 -6.72
N ILE E 99 -6.02 25.72 -6.92
CA ILE E 99 -6.28 24.57 -6.08
C ILE E 99 -6.46 23.31 -6.91
N ALA E 100 -5.81 22.22 -6.48
CA ALA E 100 -5.92 20.95 -7.19
C ALA E 100 -6.85 20.01 -6.40
N ALA E 101 -7.90 19.54 -7.06
CA ALA E 101 -8.84 18.60 -6.45
C ALA E 101 -8.49 17.22 -6.99
N VAL E 102 -7.56 16.54 -6.32
CA VAL E 102 -7.12 15.22 -6.75
C VAL E 102 -8.18 14.17 -6.47
N ASN E 103 -8.90 13.78 -7.52
CA ASN E 103 -9.97 12.79 -7.41
C ASN E 103 -9.49 11.34 -7.43
N GLY E 104 -8.37 11.08 -8.10
CA GLY E 104 -7.86 9.73 -8.15
C GLY E 104 -6.34 9.68 -8.19
N LEU E 105 -5.81 8.78 -9.02
CA LEU E 105 -4.37 8.63 -9.14
C LEU E 105 -3.72 9.94 -9.64
N ALA E 106 -2.62 10.30 -9.01
CA ALA E 106 -1.86 11.49 -9.38
C ALA E 106 -0.41 10.98 -9.40
N LEU E 107 0.00 10.42 -10.54
CA LEU E 107 1.33 9.85 -10.66
C LEU E 107 2.20 10.61 -11.67
N GLY E 108 3.50 10.58 -11.45
CA GLY E 108 4.41 11.27 -12.35
C GLY E 108 3.98 12.71 -12.61
N GLY E 109 3.82 13.05 -13.88
CA GLY E 109 3.40 14.40 -14.22
C GLY E 109 2.13 14.81 -13.51
N GLY E 110 1.27 13.83 -13.22
CA GLY E 110 0.02 14.13 -12.54
C GLY E 110 0.28 14.67 -11.15
N PHE E 111 1.24 14.04 -10.47
CA PHE E 111 1.62 14.44 -9.12
C PHE E 111 2.30 15.82 -9.20
N GLU E 112 3.11 16.02 -10.23
CA GLU E 112 3.80 17.30 -10.41
C GLU E 112 2.81 18.42 -10.70
N LEU E 113 1.72 18.10 -11.39
CA LEU E 113 0.71 19.10 -11.68
C LEU E 113 0.00 19.51 -10.39
N ALA E 114 -0.27 18.55 -9.52
CA ALA E 114 -0.94 18.85 -8.26
C ALA E 114 -0.04 19.73 -7.39
N LEU E 115 1.24 19.39 -7.38
CA LEU E 115 2.23 20.14 -6.62
C LEU E 115 2.38 21.57 -7.12
N SER E 116 2.06 21.81 -8.39
CA SER E 116 2.17 23.15 -8.98
C SER E 116 1.07 24.08 -8.49
N CYS E 117 0.07 23.51 -7.84
CA CYS E 117 -1.01 24.32 -7.32
C CYS E 117 -0.63 24.79 -5.91
N ASP E 118 -1.34 25.81 -5.42
CA ASP E 118 -1.09 26.38 -4.10
C ASP E 118 -1.61 25.51 -2.97
N LEU E 119 -2.79 24.95 -3.18
CA LEU E 119 -3.45 24.08 -2.21
C LEU E 119 -3.91 22.78 -2.88
N ILE E 120 -3.93 21.70 -2.12
CA ILE E 120 -4.38 20.42 -2.63
C ILE E 120 -5.46 19.80 -1.74
N VAL E 121 -6.64 19.59 -2.34
CA VAL E 121 -7.75 18.95 -1.66
C VAL E 121 -7.78 17.57 -2.29
N ALA E 122 -7.63 16.52 -1.48
CA ALA E 122 -7.59 15.18 -2.02
C ALA E 122 -8.64 14.19 -1.54
N SER E 123 -9.12 13.39 -2.48
CA SER E 123 -10.09 12.36 -2.17
C SER E 123 -9.32 11.29 -1.40
N SER E 124 -9.94 10.73 -0.38
CA SER E 124 -9.31 9.69 0.43
C SER E 124 -8.93 8.49 -0.43
N ALA E 125 -9.44 8.46 -1.66
CA ALA E 125 -9.15 7.37 -2.58
C ALA E 125 -7.98 7.70 -3.50
N ALA E 126 -7.45 8.91 -3.37
CA ALA E 126 -6.34 9.37 -4.19
C ALA E 126 -4.99 8.76 -3.82
N GLU E 127 -4.15 8.53 -4.82
CA GLU E 127 -2.82 7.99 -4.58
C GLU E 127 -1.81 8.87 -5.28
N PHE E 128 -0.63 8.99 -4.69
CA PHE E 128 0.43 9.82 -5.26
C PHE E 128 1.69 9.01 -5.42
N GLY E 129 2.54 9.41 -6.37
CA GLY E 129 3.78 8.70 -6.59
C GLY E 129 4.51 9.12 -7.83
N PHE E 130 5.78 8.76 -7.88
CA PHE E 130 6.65 9.07 -9.02
C PHE E 130 7.23 7.75 -9.51
N PRO E 131 6.49 7.06 -10.39
CA PRO E 131 6.94 5.78 -10.95
C PRO E 131 8.06 5.90 -11.99
N GLU E 132 8.36 7.12 -12.42
CA GLU E 132 9.40 7.37 -13.42
C GLU E 132 10.65 6.49 -13.29
N VAL E 133 11.12 6.29 -12.06
CA VAL E 133 12.30 5.48 -11.83
C VAL E 133 12.12 4.06 -12.40
N ASN E 134 10.89 3.54 -12.34
CA ASN E 134 10.62 2.19 -12.85
C ASN E 134 10.51 2.17 -14.36
N LEU E 135 10.60 3.33 -14.98
CA LEU E 135 10.53 3.44 -16.45
C LEU E 135 11.93 3.77 -16.96
N GLY E 136 12.89 3.81 -16.04
CA GLY E 136 14.25 4.11 -16.43
C GLY E 136 14.60 5.60 -16.43
N VAL E 137 13.65 6.43 -16.01
CA VAL E 137 13.91 7.87 -15.98
C VAL E 137 13.65 8.48 -14.60
N MET E 138 13.19 9.72 -14.58
CA MET E 138 12.93 10.42 -13.33
C MET E 138 11.92 11.54 -13.55
N PRO E 139 11.39 12.13 -12.47
CA PRO E 139 10.43 13.21 -12.70
C PRO E 139 11.18 14.36 -13.37
N GLY E 140 10.57 15.01 -14.35
CA GLY E 140 11.26 16.11 -15.01
C GLY E 140 10.53 17.43 -14.95
N ALA E 141 9.40 17.47 -14.25
CA ALA E 141 8.62 18.70 -14.16
C ALA E 141 8.46 19.24 -12.73
N GLY E 142 9.56 19.25 -11.97
CA GLY E 142 9.53 19.76 -10.61
C GLY E 142 9.34 18.75 -9.49
N GLY E 143 8.92 17.54 -9.85
CA GLY E 143 8.69 16.51 -8.87
C GLY E 143 9.76 16.33 -7.80
N THR E 144 11.00 16.15 -8.24
CA THR E 144 12.10 15.95 -7.31
C THR E 144 12.36 17.18 -6.43
N GLN E 145 12.10 18.36 -6.98
CA GLN E 145 12.31 19.60 -6.25
C GLN E 145 11.21 19.89 -5.23
N ARG E 146 9.97 19.94 -5.72
CA ARG E 146 8.84 20.22 -4.85
C ARG E 146 8.62 19.18 -3.74
N LEU E 147 8.83 17.90 -4.04
CA LEU E 147 8.63 16.88 -3.02
C LEU E 147 9.68 17.01 -1.92
N THR E 148 10.94 17.13 -2.34
CA THR E 148 12.04 17.25 -1.39
C THR E 148 11.89 18.46 -0.47
N LYS E 149 11.45 19.59 -1.01
CA LYS E 149 11.28 20.77 -0.18
C LYS E 149 10.15 20.59 0.83
N LEU E 150 9.19 19.74 0.49
CA LEU E 150 8.06 19.51 1.37
C LEU E 150 8.29 18.45 2.45
N ILE E 151 8.97 17.36 2.12
CA ILE E 151 9.18 16.30 3.11
C ILE E 151 10.61 15.94 3.46
N GLY E 152 11.57 16.70 2.95
CA GLY E 152 12.96 16.42 3.25
C GLY E 152 13.56 15.38 2.34
N PRO E 153 14.90 15.36 2.22
CA PRO E 153 15.64 14.43 1.36
C PRO E 153 15.53 12.95 1.74
N LYS E 154 15.63 12.62 3.02
CA LYS E 154 15.54 11.22 3.44
C LYS E 154 14.26 10.56 2.94
N ARG E 155 13.10 11.18 3.21
CA ARG E 155 11.84 10.63 2.77
C ARG E 155 11.62 10.75 1.26
N ALA E 156 12.06 11.86 0.68
CA ALA E 156 11.92 12.08 -0.76
C ALA E 156 12.64 10.99 -1.56
N LEU E 157 13.89 10.72 -1.24
CA LEU E 157 14.65 9.70 -1.95
C LEU E 157 13.94 8.36 -1.88
N GLU E 158 13.36 8.04 -0.73
CA GLU E 158 12.66 6.78 -0.55
C GLU E 158 11.57 6.65 -1.61
N TRP E 159 10.70 7.66 -1.69
CA TRP E 159 9.60 7.64 -2.65
C TRP E 159 10.07 7.77 -4.09
N LEU E 160 11.12 8.56 -4.32
CA LEU E 160 11.65 8.76 -5.67
C LEU E 160 12.44 7.55 -6.17
N TRP E 161 13.16 6.90 -5.28
CA TRP E 161 13.97 5.74 -5.65
C TRP E 161 13.16 4.46 -5.85
N THR E 162 12.03 4.35 -5.16
CA THR E 162 11.17 3.17 -5.27
C THR E 162 10.00 3.36 -6.22
N GLY E 163 9.50 4.59 -6.31
CA GLY E 163 8.37 4.86 -7.18
C GLY E 163 7.07 4.31 -6.62
N ALA E 164 7.07 3.99 -5.32
CA ALA E 164 5.89 3.45 -4.67
C ALA E 164 4.79 4.51 -4.58
N ARG E 165 3.56 4.06 -4.40
CA ARG E 165 2.43 4.97 -4.27
C ARG E 165 2.17 5.35 -2.82
N MET E 166 1.84 6.62 -2.61
CA MET E 166 1.58 7.19 -1.30
C MET E 166 0.08 7.47 -1.17
N SER E 167 -0.50 7.08 -0.04
CA SER E 167 -1.92 7.31 0.19
C SER E 167 -2.16 8.79 0.44
N ALA E 168 -3.39 9.26 0.21
CA ALA E 168 -3.72 10.65 0.44
C ALA E 168 -3.50 10.92 1.93
N LYS E 169 -3.85 9.92 2.74
CA LYS E 169 -3.70 9.97 4.18
C LYS E 169 -2.27 10.36 4.56
N GLU E 170 -1.30 9.60 4.06
CA GLU E 170 0.09 9.90 4.37
C GLU E 170 0.49 11.26 3.79
N ALA E 171 -0.03 11.58 2.61
CA ALA E 171 0.28 12.85 1.96
C ALA E 171 -0.12 14.03 2.83
N GLU E 172 -1.29 13.95 3.46
CA GLU E 172 -1.76 15.00 4.34
C GLU E 172 -0.90 15.09 5.58
N GLN E 173 -0.50 13.94 6.12
CA GLN E 173 0.36 13.90 7.29
C GLN E 173 1.73 14.50 6.99
N LEU E 174 2.21 14.29 5.77
CA LEU E 174 3.52 14.81 5.34
C LEU E 174 3.54 16.29 5.00
N GLY E 175 2.37 16.90 4.87
CA GLY E 175 2.31 18.32 4.57
C GLY E 175 2.19 18.62 3.08
N ILE E 176 1.95 17.60 2.27
CA ILE E 176 1.81 17.75 0.83
C ILE E 176 0.36 18.11 0.49
N VAL E 177 -0.57 17.44 1.14
CA VAL E 177 -2.00 17.68 0.92
C VAL E 177 -2.59 18.42 2.11
N ASN E 178 -3.44 19.40 1.83
CA ASN E 178 -4.07 20.22 2.86
C ASN E 178 -5.22 19.51 3.58
N ARG E 179 -6.02 18.76 2.81
CA ARG E 179 -7.13 18.05 3.42
C ARG E 179 -7.63 16.89 2.58
N VAL E 180 -8.02 15.84 3.27
CA VAL E 180 -8.53 14.61 2.66
C VAL E 180 -10.03 14.54 2.91
N VAL E 181 -10.81 14.32 1.86
CA VAL E 181 -12.26 14.24 2.00
C VAL E 181 -12.81 13.00 1.28
N SER E 182 -14.03 12.61 1.62
CA SER E 182 -14.65 11.45 1.00
C SER E 182 -14.74 11.71 -0.50
N PRO E 183 -14.57 10.64 -1.31
CA PRO E 183 -14.64 10.75 -2.77
C PRO E 183 -15.86 11.46 -3.32
N GLU E 184 -17.03 11.21 -2.74
CA GLU E 184 -18.25 11.86 -3.22
C GLU E 184 -18.31 13.33 -2.84
N LEU E 185 -17.56 13.73 -1.81
CA LEU E 185 -17.60 15.10 -1.31
C LEU E 185 -16.56 15.98 -1.99
N LEU E 186 -15.68 15.36 -2.77
CA LEU E 186 -14.46 16.03 -3.23
C LEU E 186 -14.75 17.43 -3.76
N MET E 187 -15.43 17.49 -4.90
CA MET E 187 -15.72 18.78 -5.53
C MET E 187 -16.54 19.73 -4.71
N GLU E 188 -17.42 19.20 -3.87
CA GLU E 188 -18.24 20.08 -3.03
C GLU E 188 -17.35 20.83 -2.05
N GLU E 189 -16.44 20.11 -1.41
CA GLU E 189 -15.53 20.72 -0.46
C GLU E 189 -14.55 21.68 -1.12
N THR E 190 -14.08 21.32 -2.31
CA THR E 190 -13.15 22.15 -3.06
C THR E 190 -13.78 23.48 -3.46
N MET E 191 -14.95 23.43 -4.08
CA MET E 191 -15.64 24.65 -4.51
C MET E 191 -16.03 25.50 -3.32
N ARG E 192 -16.17 24.89 -2.16
CA ARG E 192 -16.54 25.61 -0.95
C ARG E 192 -15.33 26.43 -0.52
N LEU E 193 -14.17 25.78 -0.51
CA LEU E 193 -12.93 26.43 -0.14
C LEU E 193 -12.61 27.52 -1.17
N ALA E 194 -12.81 27.20 -2.44
CA ALA E 194 -12.54 28.15 -3.53
C ALA E 194 -13.45 29.36 -3.45
N GLY E 195 -14.69 29.15 -3.03
CA GLY E 195 -15.62 30.24 -2.91
C GLY E 195 -15.24 31.11 -1.73
N ARG E 196 -14.70 30.46 -0.70
CA ARG E 196 -14.26 31.15 0.51
C ARG E 196 -13.07 32.05 0.16
N LEU E 197 -12.09 31.48 -0.54
CA LEU E 197 -10.90 32.23 -0.93
C LEU E 197 -11.26 33.39 -1.84
N ALA E 198 -12.29 33.20 -2.65
CA ALA E 198 -12.73 34.22 -3.59
C ALA E 198 -13.31 35.43 -2.88
N GLU E 199 -13.69 35.25 -1.62
CA GLU E 199 -14.27 36.32 -0.82
C GLU E 199 -13.20 37.09 -0.04
N GLN E 200 -11.99 36.54 0.03
CA GLN E 200 -10.89 37.19 0.74
C GLN E 200 -10.34 38.34 -0.12
N PRO E 201 -9.69 39.33 0.52
CA PRO E 201 -9.11 40.46 -0.23
C PRO E 201 -8.14 39.91 -1.28
N PRO E 202 -8.49 40.04 -2.57
CA PRO E 202 -7.69 39.57 -3.71
C PRO E 202 -6.20 39.97 -3.69
N LEU E 203 -5.94 41.25 -3.46
CA LEU E 203 -4.55 41.72 -3.42
C LEU E 203 -3.78 41.06 -2.28
N ALA E 204 -4.43 40.85 -1.14
CA ALA E 204 -3.78 40.21 -0.02
C ALA E 204 -3.40 38.77 -0.38
N LEU E 205 -4.32 38.03 -0.97
CA LEU E 205 -4.00 36.66 -1.35
C LEU E 205 -2.82 36.63 -2.32
N ARG E 206 -2.84 37.56 -3.26
CA ARG E 206 -1.80 37.69 -4.29
C ARG E 206 -0.41 37.93 -3.72
N LEU E 207 -0.30 38.96 -2.89
CA LEU E 207 0.98 39.32 -2.28
C LEU E 207 1.43 38.32 -1.23
N ILE E 208 0.48 37.65 -0.59
CA ILE E 208 0.82 36.63 0.40
C ILE E 208 1.41 35.44 -0.33
N LYS E 209 0.78 35.07 -1.45
CA LYS E 209 1.27 33.94 -2.24
C LYS E 209 2.71 34.20 -2.67
N GLU E 210 2.98 35.41 -3.15
CA GLU E 210 4.34 35.76 -3.57
C GLU E 210 5.32 35.62 -2.41
N ALA E 211 4.94 36.14 -1.25
CA ALA E 211 5.79 36.09 -0.06
C ALA E 211 6.14 34.66 0.29
N VAL E 212 5.14 33.78 0.27
CA VAL E 212 5.37 32.39 0.59
C VAL E 212 6.33 31.75 -0.42
N GLN E 213 6.20 32.12 -1.69
CA GLN E 213 7.08 31.59 -2.71
C GLN E 213 8.51 32.01 -2.42
N LYS E 214 8.69 33.27 -2.03
CA LYS E 214 10.04 33.74 -1.69
C LYS E 214 10.57 33.02 -0.46
N ALA E 215 9.68 32.75 0.50
CA ALA E 215 10.09 32.08 1.75
C ALA E 215 10.69 30.70 1.49
N VAL E 216 10.20 30.04 0.44
CA VAL E 216 10.71 28.72 0.08
C VAL E 216 12.17 28.77 -0.33
N ASP E 217 12.53 29.80 -1.11
CA ASP E 217 13.90 29.94 -1.61
C ASP E 217 14.80 30.91 -0.83
N TYR E 218 14.36 32.16 -0.72
CA TYR E 218 15.09 33.24 -0.04
C TYR E 218 15.62 32.99 1.37
N PRO E 219 16.79 33.57 1.70
CA PRO E 219 17.36 33.41 3.04
C PRO E 219 16.42 34.29 3.88
N LEU E 220 16.20 33.93 5.14
CA LEU E 220 15.28 34.68 6.00
C LEU E 220 15.29 36.22 5.87
N TYR E 221 16.45 36.82 6.06
CA TYR E 221 16.57 38.28 6.00
C TYR E 221 16.07 38.91 4.71
N GLU E 222 16.49 38.39 3.57
CA GLU E 222 16.05 38.95 2.29
C GLU E 222 14.58 38.64 2.07
N GLY E 223 14.14 37.48 2.56
CA GLY E 223 12.75 37.11 2.42
C GLY E 223 11.90 38.14 3.15
N MET E 224 12.33 38.54 4.33
CA MET E 224 11.58 39.52 5.10
C MET E 224 11.62 40.89 4.42
N GLN E 225 12.70 41.18 3.71
CA GLN E 225 12.81 42.45 3.00
C GLN E 225 11.74 42.47 1.91
N PHE E 226 11.57 41.37 1.21
CA PHE E 226 10.56 41.29 0.15
C PHE E 226 9.18 41.40 0.78
N GLU E 227 8.97 40.63 1.85
CA GLU E 227 7.69 40.61 2.55
C GLU E 227 7.20 42.01 2.94
N ARG E 228 8.03 42.79 3.61
CA ARG E 228 7.62 44.12 4.04
C ARG E 228 7.30 45.06 2.89
N LYS E 229 7.97 44.87 1.74
CA LYS E 229 7.68 45.71 0.59
C LYS E 229 6.25 45.43 0.11
N ASN E 230 5.83 44.17 0.14
CA ASN E 230 4.46 43.83 -0.24
C ASN E 230 3.50 44.39 0.81
N PHE E 231 3.94 44.39 2.06
CA PHE E 231 3.14 44.91 3.17
C PHE E 231 2.83 46.39 2.90
N TYR E 232 3.84 47.16 2.51
CA TYR E 232 3.65 48.58 2.23
C TYR E 232 2.66 48.78 1.09
N LEU E 233 2.83 47.98 0.03
CA LEU E 233 1.97 48.08 -1.13
C LEU E 233 0.49 47.93 -0.80
N LEU E 234 0.16 47.04 0.11
CA LEU E 234 -1.23 46.82 0.48
C LEU E 234 -1.89 48.06 1.08
N PHE E 235 -1.10 48.99 1.61
CA PHE E 235 -1.67 50.20 2.19
C PHE E 235 -2.02 51.24 1.14
N ALA E 236 -1.92 50.84 -0.11
CA ALA E 236 -2.27 51.72 -1.22
C ALA E 236 -3.65 51.25 -1.69
N SER E 237 -4.16 50.18 -1.08
CA SER E 237 -5.45 49.62 -1.47
C SER E 237 -6.61 50.07 -0.60
N GLU E 238 -7.80 50.08 -1.18
CA GLU E 238 -8.99 50.47 -0.45
C GLU E 238 -9.37 49.32 0.49
N ASP E 239 -9.03 48.09 0.09
CA ASP E 239 -9.33 46.92 0.90
C ASP E 239 -8.65 46.96 2.26
N GLN E 240 -7.44 47.51 2.31
CA GLN E 240 -6.73 47.61 3.58
C GLN E 240 -7.43 48.61 4.48
N LYS E 241 -7.77 49.77 3.92
CA LYS E 241 -8.46 50.82 4.68
C LYS E 241 -9.80 50.30 5.21
N GLU E 242 -10.55 49.59 4.37
CA GLU E 242 -11.84 49.02 4.75
C GLU E 242 -11.65 47.91 5.78
N GLY E 243 -10.71 47.01 5.49
CA GLY E 243 -10.44 45.89 6.39
C GLY E 243 -10.14 46.34 7.81
N MET E 244 -9.29 47.36 7.96
CA MET E 244 -8.94 47.85 9.28
C MET E 244 -10.06 48.70 9.89
N ALA E 245 -10.74 49.48 9.07
CA ALA E 245 -11.84 50.32 9.56
C ALA E 245 -12.91 49.39 10.13
N ALA E 246 -13.23 48.34 9.37
CA ALA E 246 -14.24 47.36 9.77
C ALA E 246 -13.87 46.74 11.12
N PHE E 247 -12.60 46.37 11.27
CA PHE E 247 -12.12 45.78 12.52
C PHE E 247 -12.38 46.71 13.69
N LEU E 248 -11.94 47.96 13.54
CA LEU E 248 -12.10 48.96 14.59
C LEU E 248 -13.57 49.21 14.89
N GLU E 249 -14.40 49.23 13.85
CA GLU E 249 -15.83 49.47 14.00
C GLU E 249 -16.60 48.19 14.32
N LYS E 250 -15.86 47.11 14.55
CA LYS E 250 -16.46 45.82 14.88
C LYS E 250 -17.63 45.45 13.95
N ARG E 251 -17.39 45.58 12.65
CA ARG E 251 -18.39 45.28 11.64
C ARG E 251 -17.77 44.39 10.55
N LYS E 252 -18.61 43.85 9.68
CA LYS E 252 -18.13 43.00 8.60
C LYS E 252 -17.62 43.86 7.45
N PRO E 253 -16.38 43.63 6.99
CA PRO E 253 -15.82 44.43 5.89
C PRO E 253 -16.37 44.08 4.50
N ARG E 254 -16.32 45.07 3.61
CA ARG E 254 -16.78 44.92 2.23
C ARG E 254 -15.58 45.15 1.29
N PHE E 255 -14.97 44.06 0.85
CA PHE E 255 -13.79 44.13 -0.01
C PHE E 255 -14.11 44.24 -1.51
N GLN E 256 -13.27 44.99 -2.23
CA GLN E 256 -13.47 45.22 -3.67
C GLN E 256 -12.36 44.69 -4.57
N GLY E 257 -11.20 44.39 -4.01
CA GLY E 257 -10.11 43.89 -4.84
C GLY E 257 -9.28 45.02 -5.41
N LYS E 258 -9.23 46.14 -4.67
CA LYS E 258 -8.45 47.30 -5.09
C LYS E 258 -8.17 48.19 -3.88
N PHE F 4 30.76 63.75 21.14
CA PHE F 4 31.76 62.89 20.45
C PHE F 4 33.18 63.28 20.84
N VAL F 5 34.06 62.29 20.94
CA VAL F 5 35.45 62.55 21.33
C VAL F 5 36.46 62.14 20.27
N SER F 6 36.01 61.49 19.20
CA SER F 6 36.91 61.05 18.15
C SER F 6 36.50 61.58 16.77
N ILE F 7 35.32 62.20 16.71
CA ILE F 7 34.80 62.74 15.46
C ILE F 7 34.08 64.06 15.69
N ALA F 8 33.80 64.77 14.61
CA ALA F 8 33.09 66.04 14.68
C ALA F 8 31.99 66.04 13.61
N ALA F 9 30.75 66.18 14.03
CA ALA F 9 29.63 66.18 13.10
C ALA F 9 28.99 67.55 12.96
N ARG F 10 28.73 67.96 11.73
CA ARG F 10 28.10 69.24 11.46
C ARG F 10 27.17 69.11 10.26
N GLN F 11 26.22 70.03 10.14
CA GLN F 11 25.27 69.99 9.04
C GLN F 11 25.46 71.18 8.11
N GLU F 12 25.38 70.91 6.81
CA GLU F 12 25.55 71.94 5.78
C GLU F 12 24.41 71.77 4.77
N GLY F 13 23.41 72.66 4.86
CA GLY F 13 22.28 72.56 3.96
C GLY F 13 21.56 71.27 4.31
N ALA F 14 21.42 70.38 3.34
CA ALA F 14 20.75 69.11 3.58
C ALA F 14 21.79 67.98 3.59
N VAL F 15 23.04 68.35 3.86
CA VAL F 15 24.15 67.40 3.87
C VAL F 15 24.82 67.30 5.24
N GLY F 16 24.84 66.09 5.80
CA GLY F 16 25.47 65.88 7.08
C GLY F 16 26.93 65.55 6.85
N ILE F 17 27.81 66.19 7.59
CA ILE F 17 29.25 65.95 7.43
C ILE F 17 29.83 65.36 8.71
N ILE F 18 30.61 64.29 8.55
CA ILE F 18 31.24 63.64 9.69
C ILE F 18 32.73 63.67 9.42
N GLU F 19 33.46 64.30 10.33
CA GLU F 19 34.91 64.42 10.18
C GLU F 19 35.60 63.62 11.27
N LEU F 20 36.43 62.66 10.88
CA LEU F 20 37.14 61.86 11.88
C LEU F 20 38.12 62.82 12.55
N ALA F 21 37.93 63.03 13.85
CA ALA F 21 38.74 64.00 14.59
C ALA F 21 39.83 63.51 15.54
N ARG F 22 40.75 62.70 15.03
CA ARG F 22 41.87 62.21 15.82
C ARG F 22 43.11 62.18 14.94
N PRO F 23 43.43 63.31 14.28
CA PRO F 23 44.59 63.41 13.39
C PRO F 23 45.90 63.15 14.12
N ASP F 24 45.90 63.29 15.45
CA ASP F 24 47.10 63.04 16.23
C ASP F 24 47.59 61.61 16.02
N VAL F 25 46.69 60.73 15.58
CA VAL F 25 47.03 59.34 15.33
C VAL F 25 46.58 58.93 13.92
N LEU F 26 46.50 59.91 13.03
CA LEU F 26 46.09 59.69 11.64
C LEU F 26 44.73 59.01 11.53
N ASN F 27 43.84 59.35 12.47
CA ASN F 27 42.49 58.82 12.51
C ASN F 27 42.40 57.29 12.55
N ALA F 28 43.37 56.65 13.18
CA ALA F 28 43.35 55.19 13.29
C ALA F 28 41.98 54.81 13.84
N LEU F 29 41.31 53.89 13.16
CA LEU F 29 39.97 53.48 13.58
C LEU F 29 39.96 52.57 14.81
N SER F 30 39.57 53.13 15.94
CA SER F 30 39.48 52.37 17.18
C SER F 30 38.03 51.91 17.26
N ARG F 31 37.76 50.94 18.11
CA ARG F 31 36.41 50.44 18.27
C ARG F 31 35.48 51.57 18.73
N GLN F 32 35.98 52.44 19.59
CA GLN F 32 35.17 53.56 20.09
C GLN F 32 34.85 54.52 18.96
N MET F 33 35.85 54.82 18.14
CA MET F 33 35.64 55.73 17.02
C MET F 33 34.57 55.14 16.11
N VAL F 34 34.69 53.84 15.80
CA VAL F 34 33.71 53.19 14.96
C VAL F 34 32.33 53.38 15.56
N ALA F 35 32.23 53.18 16.88
CA ALA F 35 30.97 53.33 17.58
C ALA F 35 30.40 54.74 17.42
N GLU F 36 31.26 55.75 17.46
CA GLU F 36 30.80 57.13 17.31
C GLU F 36 30.31 57.40 15.89
N ILE F 37 31.09 56.98 14.91
CA ILE F 37 30.71 57.17 13.51
C ILE F 37 29.31 56.57 13.27
N VAL F 38 29.11 55.34 13.71
CA VAL F 38 27.82 54.68 13.53
C VAL F 38 26.71 55.50 14.20
N ALA F 39 27.00 56.04 15.38
CA ALA F 39 26.01 56.84 16.09
C ALA F 39 25.67 58.12 15.33
N ALA F 40 26.69 58.79 14.82
CA ALA F 40 26.50 60.02 14.07
C ALA F 40 25.79 59.78 12.74
N VAL F 41 26.19 58.74 12.04
CA VAL F 41 25.56 58.41 10.76
C VAL F 41 24.09 58.04 10.94
N GLU F 42 23.79 57.22 11.94
CA GLU F 42 22.40 56.82 12.17
C GLU F 42 21.55 58.04 12.54
N ALA F 43 22.14 59.00 13.25
CA ALA F 43 21.43 60.21 13.64
C ALA F 43 21.06 60.99 12.39
N PHE F 44 22.03 61.22 11.52
CA PHE F 44 21.78 61.94 10.28
C PHE F 44 20.71 61.21 9.45
N ASP F 45 20.82 59.89 9.41
CA ASP F 45 19.88 59.07 8.66
C ASP F 45 18.43 59.26 9.12
N ARG F 46 18.22 59.25 10.43
CA ARG F 46 16.88 59.44 10.98
C ARG F 46 16.36 60.85 10.72
N ASN F 47 17.26 61.82 10.66
CA ASN F 47 16.88 63.20 10.42
C ASN F 47 16.47 63.41 8.98
N GLU F 48 15.17 63.57 8.74
CA GLU F 48 14.67 63.75 7.38
C GLU F 48 15.17 65.04 6.71
N LYS F 49 15.79 65.91 7.49
CA LYS F 49 16.34 67.15 6.96
C LYS F 49 17.69 66.90 6.30
N VAL F 50 18.30 65.75 6.60
CA VAL F 50 19.59 65.40 6.02
C VAL F 50 19.39 64.37 4.92
N ARG F 51 19.69 64.75 3.69
CA ARG F 51 19.50 63.87 2.53
C ARG F 51 20.74 63.12 2.06
N VAL F 52 21.91 63.63 2.42
CA VAL F 52 23.17 62.99 2.05
C VAL F 52 24.14 63.12 3.20
N ILE F 53 25.01 62.12 3.36
CA ILE F 53 26.00 62.11 4.43
C ILE F 53 27.39 61.97 3.84
N VAL F 54 28.31 62.82 4.30
CA VAL F 54 29.68 62.81 3.82
C VAL F 54 30.65 62.47 4.94
N LEU F 55 31.57 61.55 4.67
CA LEU F 55 32.57 61.17 5.64
C LEU F 55 33.94 61.61 5.14
N THR F 56 34.75 62.17 6.04
CA THR F 56 36.09 62.58 5.65
C THR F 56 36.99 62.66 6.89
N GLY F 57 38.29 62.66 6.66
CA GLY F 57 39.21 62.71 7.78
C GLY F 57 39.96 64.01 7.92
N ARG F 58 40.08 64.47 9.16
CA ARG F 58 40.81 65.70 9.47
C ARG F 58 42.29 65.33 9.47
N GLY F 59 43.14 66.25 9.04
CA GLY F 59 44.55 65.97 9.03
C GLY F 59 45.01 65.44 7.68
N ARG F 60 46.17 64.80 7.65
CA ARG F 60 46.70 64.28 6.40
C ARG F 60 46.19 62.90 5.98
N ALA F 61 45.25 62.34 6.73
CA ALA F 61 44.74 61.02 6.38
C ALA F 61 43.25 60.82 6.68
N PHE F 62 42.61 60.03 5.83
CA PHE F 62 41.19 59.69 5.98
C PHE F 62 41.13 58.81 7.23
N ALA F 63 41.85 57.70 7.18
CA ALA F 63 42.01 56.76 8.30
C ALA F 63 43.07 55.75 7.92
N ALA F 64 44.22 55.85 8.59
CA ALA F 64 45.34 54.95 8.31
C ALA F 64 45.29 53.70 9.18
N GLY F 65 44.48 52.74 8.78
CA GLY F 65 44.36 51.50 9.53
C GLY F 65 43.49 51.61 10.78
N ALA F 66 43.53 50.56 11.60
CA ALA F 66 42.75 50.53 12.83
C ALA F 66 43.69 50.73 14.02
N ASP F 67 43.11 50.79 15.22
CA ASP F 67 43.90 50.94 16.43
C ASP F 67 44.46 49.53 16.67
N ILE F 68 45.74 49.34 16.36
CA ILE F 68 46.37 48.05 16.54
C ILE F 68 46.67 47.74 17.99
N GLN F 69 47.10 48.75 18.72
CA GLN F 69 47.43 48.56 20.13
C GLN F 69 46.28 48.00 20.96
N GLU F 70 45.05 48.48 20.73
CA GLU F 70 43.92 47.99 21.50
C GLU F 70 43.51 46.55 21.08
N MET F 71 44.06 46.09 19.95
CA MET F 71 43.75 44.78 19.41
C MET F 71 44.81 43.76 19.83
N ALA F 72 46.04 44.22 20.00
CA ALA F 72 47.21 43.44 19.64
C ALA F 72 47.31 42.18 20.48
N LYS F 73 46.59 42.16 21.60
CA LYS F 73 46.69 41.06 22.55
C LYS F 73 45.36 40.33 22.68
N ASP F 74 44.41 40.64 21.82
CA ASP F 74 43.13 39.99 21.85
C ASP F 74 43.22 38.50 21.47
N ASP F 75 42.23 37.75 21.92
CA ASP F 75 42.15 36.33 21.62
C ASP F 75 40.78 36.10 20.96
N PRO F 76 40.60 34.95 20.28
CA PRO F 76 39.35 34.62 19.61
C PRO F 76 38.07 34.75 20.43
N ILE F 77 38.09 34.25 21.66
CA ILE F 77 36.90 34.28 22.51
C ILE F 77 36.53 35.72 22.90
N ARG F 78 37.55 36.52 23.16
CA ARG F 78 37.33 37.91 23.50
C ARG F 78 36.66 38.59 22.29
N LEU F 79 37.16 38.30 21.10
CA LEU F 79 36.61 38.89 19.88
C LEU F 79 35.19 38.39 19.60
N GLU F 80 34.94 37.11 19.87
CA GLU F 80 33.61 36.52 19.66
C GLU F 80 32.54 37.21 20.50
N TRP F 81 32.84 37.45 21.78
CA TRP F 81 31.88 38.10 22.67
C TRP F 81 31.76 39.59 22.37
N LEU F 82 32.84 40.21 21.89
CA LEU F 82 32.84 41.64 21.58
C LEU F 82 31.94 41.94 20.38
N ASN F 83 31.99 41.09 19.37
CA ASN F 83 31.17 41.28 18.16
C ASN F 83 31.28 42.71 17.66
N GLN F 84 32.52 43.19 17.53
CA GLN F 84 32.78 44.56 17.09
C GLN F 84 32.31 44.88 15.68
N PHE F 85 32.22 43.88 14.82
CA PHE F 85 31.80 44.14 13.46
C PHE F 85 30.29 44.33 13.33
N ALA F 86 29.58 44.17 14.44
CA ALA F 86 28.15 44.37 14.45
C ALA F 86 27.92 45.86 14.17
N ASP F 87 28.83 46.71 14.65
CA ASP F 87 28.71 48.15 14.42
C ASP F 87 28.90 48.46 12.93
N TRP F 88 29.80 47.74 12.27
CA TRP F 88 30.02 47.95 10.84
C TRP F 88 28.75 47.53 10.09
N ASP F 89 28.10 46.46 10.55
CA ASP F 89 26.88 46.01 9.89
C ASP F 89 25.79 47.08 9.97
N ARG F 90 25.79 47.84 11.07
CA ARG F 90 24.80 48.89 11.23
C ARG F 90 25.03 49.99 10.19
N LEU F 91 26.29 50.23 9.85
CA LEU F 91 26.63 51.23 8.84
C LEU F 91 26.12 50.75 7.49
N SER F 92 26.32 49.46 7.23
CA SER F 92 25.92 48.85 5.96
C SER F 92 24.45 48.99 5.63
N ILE F 93 23.58 49.09 6.64
CA ILE F 93 22.15 49.18 6.38
C ILE F 93 21.57 50.59 6.37
N VAL F 94 22.42 51.61 6.54
CA VAL F 94 21.93 52.99 6.52
C VAL F 94 21.36 53.25 5.13
N LYS F 95 20.12 53.70 5.07
CA LYS F 95 19.49 53.94 3.79
C LYS F 95 19.77 55.29 3.14
N THR F 96 20.28 56.24 3.91
CA THR F 96 20.59 57.56 3.37
C THR F 96 21.86 57.50 2.53
N PRO F 97 21.91 58.25 1.41
CA PRO F 97 23.08 58.28 0.54
C PRO F 97 24.32 58.65 1.33
N MET F 98 25.40 57.89 1.17
CA MET F 98 26.64 58.16 1.88
C MET F 98 27.80 58.34 0.91
N ILE F 99 28.59 59.38 1.13
CA ILE F 99 29.73 59.66 0.28
C ILE F 99 31.00 59.77 1.09
N ALA F 100 32.06 59.13 0.62
CA ALA F 100 33.33 59.19 1.32
C ALA F 100 34.24 60.12 0.55
N ALA F 101 34.80 61.09 1.25
CA ALA F 101 35.74 62.05 0.65
C ALA F 101 37.08 61.59 1.23
N VAL F 102 37.80 60.76 0.47
CA VAL F 102 39.06 60.23 0.94
C VAL F 102 40.22 61.18 0.65
N ASN F 103 40.74 61.81 1.71
CA ASN F 103 41.84 62.76 1.53
C ASN F 103 43.22 62.14 1.40
N GLY F 104 43.66 61.33 2.36
CA GLY F 104 44.99 60.76 2.24
C GLY F 104 45.01 59.24 2.26
N LEU F 105 45.65 58.70 3.28
CA LEU F 105 45.74 57.25 3.43
C LEU F 105 44.41 56.69 3.92
N ALA F 106 43.94 55.64 3.25
CA ALA F 106 42.71 54.95 3.63
C ALA F 106 43.12 53.49 3.63
N LEU F 107 43.71 53.04 4.74
CA LEU F 107 44.21 51.68 4.85
C LEU F 107 43.46 50.84 5.86
N GLY F 108 43.43 49.54 5.62
CA GLY F 108 42.74 48.65 6.55
C GLY F 108 41.31 49.07 6.78
N GLY F 109 40.95 49.25 8.04
CA GLY F 109 39.59 49.67 8.36
C GLY F 109 39.25 50.96 7.66
N GLY F 110 40.26 51.77 7.37
CA GLY F 110 40.01 53.03 6.69
C GLY F 110 39.46 52.80 5.29
N PHE F 111 40.03 51.81 4.62
CA PHE F 111 39.60 51.45 3.27
C PHE F 111 38.21 50.83 3.36
N GLU F 112 37.97 50.03 4.39
CA GLU F 112 36.67 49.39 4.59
C GLU F 112 35.60 50.45 4.89
N LEU F 113 35.97 51.53 5.57
CA LEU F 113 35.02 52.58 5.88
C LEU F 113 34.62 53.31 4.60
N ALA F 114 35.59 53.50 3.71
CA ALA F 114 35.32 54.16 2.43
C ALA F 114 34.48 53.23 1.57
N LEU F 115 34.79 51.94 1.60
CA LEU F 115 34.06 50.96 0.82
C LEU F 115 32.62 50.82 1.30
N SER F 116 32.37 51.17 2.56
CA SER F 116 31.03 51.10 3.13
C SER F 116 30.14 52.19 2.55
N CYS F 117 30.75 53.25 2.04
CA CYS F 117 29.98 54.35 1.45
C CYS F 117 29.44 53.98 0.07
N ASP F 118 28.47 54.74 -0.41
CA ASP F 118 27.86 54.48 -1.72
C ASP F 118 28.70 54.99 -2.88
N LEU F 119 29.37 56.10 -2.66
CA LEU F 119 30.23 56.71 -3.68
C LEU F 119 31.51 57.14 -2.97
N ILE F 120 32.60 57.20 -3.73
CA ILE F 120 33.87 57.61 -3.16
C ILE F 120 34.52 58.67 -4.03
N VAL F 121 34.85 59.81 -3.42
CA VAL F 121 35.53 60.88 -4.13
C VAL F 121 36.89 60.91 -3.44
N ALA F 122 37.95 60.70 -4.21
CA ALA F 122 39.28 60.66 -3.64
C ALA F 122 40.26 61.71 -4.13
N SER F 123 41.13 62.13 -3.21
CA SER F 123 42.17 63.09 -3.53
C SER F 123 43.14 62.32 -4.43
N SER F 124 43.72 62.98 -5.42
CA SER F 124 44.66 62.32 -6.32
C SER F 124 45.86 61.80 -5.53
N ALA F 125 46.01 62.28 -4.30
CA ALA F 125 47.12 61.83 -3.46
C ALA F 125 46.69 60.73 -2.48
N ALA F 126 45.41 60.37 -2.53
CA ALA F 126 44.90 59.32 -1.65
C ALA F 126 45.51 57.97 -2.01
N GLU F 127 45.62 57.09 -1.02
CA GLU F 127 46.15 55.74 -1.22
C GLU F 127 45.29 54.75 -0.46
N PHE F 128 44.98 53.64 -1.11
CA PHE F 128 44.12 52.61 -0.51
C PHE F 128 44.90 51.30 -0.35
N GLY F 129 44.51 50.50 0.64
CA GLY F 129 45.20 49.23 0.84
C GLY F 129 44.77 48.47 2.08
N PHE F 130 45.17 47.21 2.13
CA PHE F 130 44.86 46.33 3.26
C PHE F 130 46.17 45.73 3.76
N PRO F 131 46.85 46.43 4.67
CA PRO F 131 48.12 45.92 5.22
C PRO F 131 47.94 44.83 6.26
N GLU F 132 46.69 44.51 6.60
CA GLU F 132 46.40 43.49 7.59
C GLU F 132 47.27 42.24 7.46
N VAL F 133 47.39 41.72 6.23
CA VAL F 133 48.18 40.52 5.99
C VAL F 133 49.60 40.64 6.57
N ASN F 134 50.19 41.82 6.46
CA ASN F 134 51.54 42.03 6.96
C ASN F 134 51.59 42.08 8.47
N LEU F 135 50.42 42.03 9.10
CA LEU F 135 50.35 42.04 10.55
C LEU F 135 49.89 40.69 11.08
N GLY F 136 49.90 39.68 10.21
CA GLY F 136 49.49 38.35 10.61
C GLY F 136 47.98 38.14 10.63
N VAL F 137 47.22 39.15 10.20
CA VAL F 137 45.76 39.01 10.17
C VAL F 137 45.19 39.28 8.78
N MET F 138 43.96 39.79 8.72
CA MET F 138 43.31 40.04 7.44
C MET F 138 42.20 41.05 7.69
N PRO F 139 41.59 41.60 6.63
CA PRO F 139 40.51 42.56 6.86
C PRO F 139 39.35 41.82 7.51
N GLY F 140 38.68 42.44 8.47
CA GLY F 140 37.57 41.79 9.12
C GLY F 140 36.28 42.56 9.07
N ALA F 141 36.29 43.71 8.41
CA ALA F 141 35.10 44.55 8.31
C ALA F 141 34.60 44.69 6.87
N GLY F 142 34.56 43.58 6.13
CA GLY F 142 34.07 43.61 4.77
C GLY F 142 35.10 43.83 3.67
N GLY F 143 36.32 44.18 4.04
CA GLY F 143 37.35 44.43 3.06
C GLY F 143 37.51 43.37 1.99
N THR F 144 37.68 42.12 2.40
CA THR F 144 37.86 41.03 1.45
C THR F 144 36.63 40.83 0.58
N GLN F 145 35.45 41.11 1.13
CA GLN F 145 34.21 40.92 0.40
C GLN F 145 33.93 42.03 -0.61
N ARG F 146 33.92 43.28 -0.14
CA ARG F 146 33.66 44.41 -1.03
C ARG F 146 34.69 44.58 -2.15
N LEU F 147 35.98 44.43 -1.81
CA LEU F 147 37.02 44.57 -2.82
C LEU F 147 36.83 43.54 -3.92
N THR F 148 36.61 42.28 -3.53
CA THR F 148 36.44 41.22 -4.51
C THR F 148 35.24 41.45 -5.42
N LYS F 149 34.13 41.93 -4.85
CA LYS F 149 32.94 42.18 -5.66
C LYS F 149 33.18 43.29 -6.67
N LEU F 150 34.06 44.23 -6.34
CA LEU F 150 34.36 45.36 -7.21
C LEU F 150 35.40 45.08 -8.31
N ILE F 151 36.44 44.30 -7.99
CA ILE F 151 37.49 44.05 -8.97
C ILE F 151 37.79 42.60 -9.37
N GLY F 152 37.04 41.64 -8.84
CA GLY F 152 37.27 40.25 -9.18
C GLY F 152 38.27 39.58 -8.25
N PRO F 153 38.23 38.25 -8.14
CA PRO F 153 39.15 37.52 -7.25
C PRO F 153 40.63 37.54 -7.59
N LYS F 154 40.96 37.59 -8.88
CA LYS F 154 42.37 37.61 -9.28
C LYS F 154 43.05 38.86 -8.75
N ARG F 155 42.51 40.03 -9.09
CA ARG F 155 43.08 41.29 -8.63
C ARG F 155 42.91 41.50 -7.12
N ALA F 156 41.77 41.11 -6.57
CA ALA F 156 41.58 41.30 -5.13
C ALA F 156 42.62 40.52 -4.33
N LEU F 157 42.86 39.26 -4.69
CA LEU F 157 43.84 38.46 -3.98
C LEU F 157 45.23 39.07 -4.04
N GLU F 158 45.57 39.67 -5.17
CA GLU F 158 46.89 40.27 -5.31
C GLU F 158 47.06 41.39 -4.29
N TRP F 159 46.04 42.22 -4.13
CA TRP F 159 46.12 43.32 -3.17
C TRP F 159 46.04 42.83 -1.73
N LEU F 160 45.10 41.92 -1.48
CA LEU F 160 44.91 41.36 -0.14
C LEU F 160 46.09 40.53 0.36
N TRP F 161 46.71 39.77 -0.54
CA TRP F 161 47.85 38.93 -0.17
C TRP F 161 49.16 39.69 0.01
N THR F 162 49.32 40.82 -0.69
CA THR F 162 50.56 41.59 -0.60
C THR F 162 50.46 42.76 0.36
N GLY F 163 49.26 43.31 0.52
CA GLY F 163 49.09 44.45 1.40
C GLY F 163 49.65 45.72 0.79
N ALA F 164 49.88 45.71 -0.52
CA ALA F 164 50.43 46.87 -1.23
C ALA F 164 49.44 48.02 -1.30
N ARG F 165 49.96 49.22 -1.49
CA ARG F 165 49.12 50.40 -1.58
C ARG F 165 48.68 50.68 -3.00
N MET F 166 47.42 51.07 -3.16
CA MET F 166 46.82 51.36 -4.46
C MET F 166 46.59 52.86 -4.60
N SER F 167 47.00 53.42 -5.74
CA SER F 167 46.82 54.86 -6.00
C SER F 167 45.36 55.17 -6.28
N ALA F 168 44.96 56.41 -6.03
CA ALA F 168 43.58 56.83 -6.28
C ALA F 168 43.28 56.67 -7.77
N LYS F 169 44.31 56.86 -8.59
CA LYS F 169 44.17 56.73 -10.04
C LYS F 169 43.77 55.30 -10.40
N GLU F 170 44.48 54.31 -9.86
CA GLU F 170 44.16 52.92 -10.17
C GLU F 170 42.80 52.53 -9.59
N ALA F 171 42.49 53.03 -8.41
CA ALA F 171 41.21 52.74 -7.76
C ALA F 171 40.07 53.20 -8.66
N GLU F 172 40.29 54.33 -9.33
CA GLU F 172 39.29 54.88 -10.24
C GLU F 172 39.16 54.00 -11.49
N GLN F 173 40.30 53.59 -12.05
CA GLN F 173 40.26 52.76 -13.26
C GLN F 173 39.56 51.43 -12.95
N LEU F 174 39.69 50.98 -11.70
CA LEU F 174 39.09 49.71 -11.26
C LEU F 174 37.60 49.79 -10.92
N GLY F 175 37.06 50.99 -10.82
CA GLY F 175 35.65 51.12 -10.50
C GLY F 175 35.38 51.18 -9.01
N ILE F 176 36.43 51.36 -8.22
CA ILE F 176 36.30 51.47 -6.76
C ILE F 176 36.00 52.93 -6.39
N VAL F 177 36.73 53.85 -7.00
CA VAL F 177 36.55 55.28 -6.75
C VAL F 177 35.77 55.92 -7.91
N ASN F 178 34.82 56.79 -7.58
CA ASN F 178 34.00 57.44 -8.60
C ASN F 178 34.68 58.62 -9.28
N ARG F 179 35.43 59.40 -8.51
CA ARG F 179 36.13 60.57 -9.04
C ARG F 179 37.41 60.86 -8.27
N VAL F 180 38.37 61.46 -8.98
CA VAL F 180 39.65 61.82 -8.39
C VAL F 180 39.90 63.30 -8.73
N VAL F 181 40.23 64.09 -7.71
CA VAL F 181 40.49 65.51 -7.92
C VAL F 181 41.72 65.91 -7.12
N SER F 182 42.16 67.16 -7.26
CA SER F 182 43.32 67.62 -6.52
C SER F 182 43.01 67.67 -5.02
N PRO F 183 44.01 67.38 -4.19
CA PRO F 183 43.86 67.39 -2.73
C PRO F 183 43.11 68.58 -2.14
N GLU F 184 43.52 69.79 -2.52
CA GLU F 184 42.88 71.00 -2.00
C GLU F 184 41.47 71.22 -2.54
N LEU F 185 41.04 70.38 -3.47
CA LEU F 185 39.70 70.50 -4.04
C LEU F 185 38.79 69.37 -3.61
N LEU F 186 39.31 68.48 -2.77
CA LEU F 186 38.54 67.33 -2.32
C LEU F 186 37.15 67.65 -1.80
N MET F 187 37.08 68.43 -0.71
CA MET F 187 35.79 68.77 -0.12
C MET F 187 34.92 69.63 -1.03
N GLU F 188 35.54 70.50 -1.82
CA GLU F 188 34.80 71.34 -2.75
C GLU F 188 34.02 70.45 -3.71
N GLU F 189 34.73 69.51 -4.32
CA GLU F 189 34.12 68.58 -5.27
C GLU F 189 33.07 67.70 -4.61
N THR F 190 33.41 67.16 -3.44
CA THR F 190 32.50 66.28 -2.73
C THR F 190 31.23 67.00 -2.30
N MET F 191 31.35 68.21 -1.76
CA MET F 191 30.17 68.96 -1.34
C MET F 191 29.32 69.37 -2.53
N ARG F 192 29.95 69.55 -3.69
CA ARG F 192 29.20 69.93 -4.88
C ARG F 192 28.38 68.71 -5.30
N LEU F 193 29.01 67.54 -5.28
CA LEU F 193 28.35 66.30 -5.63
C LEU F 193 27.23 66.00 -4.64
N ALA F 194 27.52 66.18 -3.35
CA ALA F 194 26.54 65.91 -2.31
C ALA F 194 25.34 66.83 -2.46
N GLY F 195 25.61 68.09 -2.77
CA GLY F 195 24.53 69.05 -2.95
C GLY F 195 23.62 68.68 -4.12
N ARG F 196 24.21 68.21 -5.21
CA ARG F 196 23.42 67.82 -6.38
C ARG F 196 22.53 66.63 -6.02
N LEU F 197 23.09 65.66 -5.29
CA LEU F 197 22.31 64.49 -4.89
C LEU F 197 21.17 64.86 -3.96
N ALA F 198 21.39 65.83 -3.08
CA ALA F 198 20.35 66.27 -2.15
C ALA F 198 19.16 66.88 -2.90
N GLU F 199 19.36 67.23 -4.15
CA GLU F 199 18.29 67.82 -4.96
C GLU F 199 17.52 66.77 -5.76
N GLN F 200 18.03 65.55 -5.76
CA GLN F 200 17.35 64.47 -6.46
C GLN F 200 16.20 64.01 -5.57
N PRO F 201 15.16 63.39 -6.15
CA PRO F 201 14.01 62.90 -5.37
C PRO F 201 14.50 61.89 -4.34
N PRO F 202 14.37 62.22 -3.04
CA PRO F 202 14.81 61.36 -1.94
C PRO F 202 14.35 59.90 -2.02
N LEU F 203 13.09 59.68 -2.34
CA LEU F 203 12.56 58.33 -2.44
C LEU F 203 13.20 57.53 -3.56
N ALA F 204 13.46 58.19 -4.69
CA ALA F 204 14.07 57.51 -5.82
C ALA F 204 15.49 57.09 -5.48
N LEU F 205 16.25 57.96 -4.82
CA LEU F 205 17.63 57.63 -4.45
C LEU F 205 17.65 56.46 -3.48
N ARG F 206 16.74 56.51 -2.52
CA ARG F 206 16.59 55.49 -1.48
C ARG F 206 16.31 54.11 -2.07
N LEU F 207 15.28 54.04 -2.92
CA LEU F 207 14.88 52.76 -3.51
C LEU F 207 15.87 52.29 -4.58
N ILE F 208 16.58 53.21 -5.21
CA ILE F 208 17.57 52.82 -6.21
C ILE F 208 18.76 52.18 -5.48
N LYS F 209 19.20 52.82 -4.40
CA LYS F 209 20.29 52.29 -3.61
C LYS F 209 19.98 50.87 -3.18
N GLU F 210 18.75 50.63 -2.73
CA GLU F 210 18.36 49.28 -2.30
C GLU F 210 18.44 48.28 -3.45
N ALA F 211 17.92 48.69 -4.61
CA ALA F 211 17.92 47.83 -5.80
C ALA F 211 19.33 47.45 -6.19
N VAL F 212 20.24 48.44 -6.16
CA VAL F 212 21.63 48.18 -6.53
C VAL F 212 22.29 47.21 -5.53
N GLN F 213 21.92 47.34 -4.26
CA GLN F 213 22.47 46.46 -3.24
C GLN F 213 22.00 45.03 -3.50
N LYS F 214 20.74 44.87 -3.93
CA LYS F 214 20.21 43.55 -4.23
C LYS F 214 20.85 42.99 -5.49
N ALA F 215 21.20 43.87 -6.45
CA ALA F 215 21.81 43.44 -7.70
C ALA F 215 23.18 42.82 -7.45
N VAL F 216 23.83 43.25 -6.38
CA VAL F 216 25.14 42.70 -6.05
C VAL F 216 25.00 41.25 -5.58
N ASP F 217 23.99 40.99 -4.77
CA ASP F 217 23.77 39.67 -4.22
C ASP F 217 22.79 38.73 -4.97
N TYR F 218 21.55 39.18 -5.16
CA TYR F 218 20.48 38.41 -5.84
C TYR F 218 20.70 37.91 -7.26
N PRO F 219 20.11 36.75 -7.60
CA PRO F 219 20.24 36.20 -8.95
C PRO F 219 19.40 37.19 -9.77
N LEU F 220 19.69 37.34 -11.06
CA LEU F 220 18.97 38.29 -11.90
C LEU F 220 17.45 38.36 -11.77
N TYR F 221 16.78 37.23 -11.97
CA TYR F 221 15.32 37.20 -11.90
C TYR F 221 14.75 37.74 -10.58
N GLU F 222 15.24 37.23 -9.46
CA GLU F 222 14.73 37.70 -8.17
C GLU F 222 15.08 39.17 -7.92
N GLY F 223 16.25 39.58 -8.41
CA GLY F 223 16.64 40.96 -8.24
C GLY F 223 15.64 41.85 -8.97
N MET F 224 15.23 41.40 -10.16
CA MET F 224 14.27 42.18 -10.93
C MET F 224 12.91 42.19 -10.23
N GLN F 225 12.58 41.08 -9.57
CA GLN F 225 11.33 40.96 -8.82
C GLN F 225 11.28 42.04 -7.74
N PHE F 226 12.41 42.21 -7.05
CA PHE F 226 12.51 43.21 -6.00
C PHE F 226 12.45 44.60 -6.60
N GLU F 227 13.27 44.80 -7.62
CA GLU F 227 13.35 46.07 -8.33
C GLU F 227 11.97 46.62 -8.72
N ARG F 228 11.14 45.79 -9.35
CA ARG F 228 9.82 46.27 -9.78
C ARG F 228 8.90 46.62 -8.61
N LYS F 229 9.09 45.99 -7.46
CA LYS F 229 8.25 46.32 -6.30
C LYS F 229 8.58 47.74 -5.85
N ASN F 230 9.86 48.10 -5.89
CA ASN F 230 10.26 49.45 -5.51
C ASN F 230 9.72 50.41 -6.58
N PHE F 231 9.69 49.93 -7.82
CA PHE F 231 9.17 50.72 -8.92
C PHE F 231 7.71 51.06 -8.64
N TYR F 232 6.92 50.05 -8.26
CA TYR F 232 5.50 50.25 -7.97
C TYR F 232 5.31 51.28 -6.85
N LEU F 233 6.05 51.09 -5.76
CA LEU F 233 5.96 51.97 -4.60
C LEU F 233 6.13 53.44 -4.90
N LEU F 234 7.07 53.76 -5.80
CA LEU F 234 7.33 55.15 -6.15
C LEU F 234 6.11 55.86 -6.73
N PHE F 235 5.15 55.10 -7.27
CA PHE F 235 3.97 55.72 -7.85
C PHE F 235 2.94 56.15 -6.81
N ALA F 236 3.33 56.07 -5.53
CA ALA F 236 2.46 56.49 -4.45
C ALA F 236 2.99 57.85 -3.98
N SER F 237 4.09 58.30 -4.58
CA SER F 237 4.71 59.57 -4.22
C SER F 237 4.38 60.73 -5.14
N GLU F 238 4.36 61.94 -4.55
CA GLU F 238 4.07 63.14 -5.32
C GLU F 238 5.23 63.45 -6.28
N ASP F 239 6.44 63.06 -5.90
CA ASP F 239 7.60 63.30 -6.75
C ASP F 239 7.52 62.56 -8.09
N GLN F 240 6.87 61.41 -8.10
CA GLN F 240 6.72 60.63 -9.34
C GLN F 240 5.78 61.38 -10.28
N LYS F 241 4.67 61.87 -9.74
CA LYS F 241 3.70 62.61 -10.53
C LYS F 241 4.35 63.88 -11.10
N GLU F 242 5.04 64.63 -10.23
CA GLU F 242 5.72 65.87 -10.62
C GLU F 242 6.87 65.58 -11.59
N GLY F 243 7.62 64.51 -11.30
CA GLY F 243 8.73 64.15 -12.16
C GLY F 243 8.31 63.84 -13.58
N MET F 244 7.27 63.03 -13.75
CA MET F 244 6.80 62.67 -15.09
C MET F 244 6.11 63.84 -15.80
N ALA F 245 5.37 64.64 -15.04
CA ALA F 245 4.69 65.78 -15.62
C ALA F 245 5.75 66.74 -16.17
N ALA F 246 6.76 67.02 -15.36
CA ALA F 246 7.84 67.92 -15.77
C ALA F 246 8.54 67.41 -17.02
N PHE F 247 8.75 66.10 -17.10
CA PHE F 247 9.39 65.52 -18.27
C PHE F 247 8.54 65.79 -19.51
N LEU F 248 7.25 65.46 -19.41
CA LEU F 248 6.33 65.66 -20.52
C LEU F 248 6.15 67.13 -20.86
N GLU F 249 6.29 67.99 -19.85
CA GLU F 249 6.11 69.43 -20.02
C GLU F 249 7.39 70.20 -20.34
N LYS F 250 8.48 69.47 -20.53
CA LYS F 250 9.77 70.09 -20.86
C LYS F 250 10.18 71.20 -19.90
N ARG F 251 10.14 70.91 -18.60
CA ARG F 251 10.51 71.89 -17.59
C ARG F 251 11.27 71.18 -16.46
N LYS F 252 11.98 71.95 -15.66
CA LYS F 252 12.74 71.37 -14.56
C LYS F 252 11.76 70.98 -13.45
N PRO F 253 11.86 69.74 -12.97
CA PRO F 253 10.96 69.26 -11.91
C PRO F 253 11.21 69.90 -10.55
N ARG F 254 10.15 69.95 -9.73
CA ARG F 254 10.22 70.50 -8.38
C ARG F 254 9.82 69.45 -7.37
N PHE F 255 10.80 68.69 -6.89
CA PHE F 255 10.55 67.62 -5.93
C PHE F 255 10.48 68.13 -4.50
N GLN F 256 9.78 67.37 -3.64
CA GLN F 256 9.62 67.75 -2.25
C GLN F 256 9.95 66.63 -1.28
N GLY F 257 10.26 65.45 -1.80
CA GLY F 257 10.61 64.33 -0.94
C GLY F 257 9.44 63.51 -0.45
N LYS F 258 8.32 63.56 -1.16
CA LYS F 258 7.15 62.78 -0.78
C LYS F 258 6.33 62.39 -2.00
N PHE G 4 -47.71 -52.32 26.82
CA PHE G 4 -47.19 -50.95 27.11
C PHE G 4 -47.74 -50.46 28.44
N VAL G 5 -46.99 -49.61 29.13
CA VAL G 5 -47.42 -49.11 30.42
C VAL G 5 -47.71 -47.61 30.44
N SER G 6 -47.15 -46.87 29.49
CA SER G 6 -47.35 -45.43 29.43
C SER G 6 -48.06 -44.95 28.17
N ILE G 7 -48.38 -45.86 27.26
CA ILE G 7 -49.08 -45.49 26.03
C ILE G 7 -50.17 -46.51 25.71
N ALA G 8 -51.07 -46.15 24.80
CA ALA G 8 -52.15 -47.03 24.40
C ALA G 8 -52.27 -46.94 22.88
N ALA G 9 -52.20 -48.09 22.21
CA ALA G 9 -52.28 -48.14 20.76
C ALA G 9 -53.55 -48.84 20.29
N ARG G 10 -54.09 -48.35 19.18
CA ARG G 10 -55.29 -48.93 18.60
C ARG G 10 -55.28 -48.61 17.10
N GLN G 11 -56.01 -49.40 16.32
CA GLN G 11 -56.07 -49.19 14.89
C GLN G 11 -57.48 -48.78 14.49
N GLU G 12 -57.59 -48.08 13.37
CA GLU G 12 -58.88 -47.61 12.88
C GLU G 12 -58.72 -47.47 11.38
N GLY G 13 -59.30 -48.40 10.63
CA GLY G 13 -59.16 -48.35 9.19
C GLY G 13 -57.69 -48.63 8.91
N ALA G 14 -57.08 -47.87 8.01
CA ALA G 14 -55.67 -48.06 7.70
C ALA G 14 -54.83 -47.10 8.53
N VAL G 15 -55.40 -46.62 9.64
CA VAL G 15 -54.70 -45.68 10.50
C VAL G 15 -54.36 -46.26 11.87
N GLY G 16 -53.10 -46.14 12.25
CA GLY G 16 -52.66 -46.64 13.55
C GLY G 16 -52.61 -45.46 14.51
N ILE G 17 -53.20 -45.64 15.69
CA ILE G 17 -53.23 -44.57 16.68
C ILE G 17 -52.42 -44.89 17.91
N ILE G 18 -51.55 -43.95 18.30
CA ILE G 18 -50.74 -44.12 19.50
C ILE G 18 -51.06 -42.95 20.41
N GLU G 19 -51.64 -43.26 21.56
CA GLU G 19 -52.02 -42.23 22.51
C GLU G 19 -51.13 -42.33 23.75
N LEU G 20 -50.44 -41.24 24.08
CA LEU G 20 -49.59 -41.21 25.26
C LEU G 20 -50.59 -41.36 26.41
N ALA G 21 -50.32 -42.29 27.33
CA ALA G 21 -51.26 -42.53 28.42
C ALA G 21 -50.78 -42.30 29.84
N ARG G 22 -50.29 -41.10 30.12
CA ARG G 22 -49.85 -40.77 31.47
C ARG G 22 -50.26 -39.34 31.81
N PRO G 23 -51.56 -39.01 31.64
CA PRO G 23 -52.06 -37.67 31.94
C PRO G 23 -51.79 -37.21 33.37
N ASP G 24 -51.57 -38.16 34.27
CA ASP G 24 -51.29 -37.82 35.67
C ASP G 24 -50.08 -36.90 35.73
N VAL G 25 -49.18 -37.03 34.76
CA VAL G 25 -48.00 -36.18 34.69
C VAL G 25 -47.95 -35.43 33.37
N LEU G 26 -49.12 -35.15 32.81
CA LEU G 26 -49.24 -34.42 31.54
C LEU G 26 -48.43 -35.06 30.41
N ASN G 27 -48.36 -36.38 30.43
CA ASN G 27 -47.63 -37.14 29.42
C ASN G 27 -46.17 -36.74 29.29
N ALA G 28 -45.55 -36.39 30.42
CA ALA G 28 -44.14 -36.03 30.42
C ALA G 28 -43.41 -37.23 29.82
N LEU G 29 -42.47 -36.97 28.92
CA LEU G 29 -41.75 -38.07 28.27
C LEU G 29 -40.55 -38.62 29.03
N SER G 30 -40.72 -39.81 29.62
CA SER G 30 -39.63 -40.46 30.34
C SER G 30 -38.90 -41.31 29.32
N ARG G 31 -37.76 -41.86 29.70
CA ARG G 31 -37.00 -42.68 28.75
C ARG G 31 -37.73 -43.97 28.41
N GLN G 32 -38.43 -44.54 29.39
CA GLN G 32 -39.20 -45.76 29.15
C GLN G 32 -40.36 -45.44 28.21
N MET G 33 -40.96 -44.26 28.39
CA MET G 33 -42.08 -43.86 27.53
C MET G 33 -41.65 -43.72 26.07
N VAL G 34 -40.51 -43.07 25.84
CA VAL G 34 -40.01 -42.89 24.48
C VAL G 34 -39.78 -44.28 23.89
N ALA G 35 -39.19 -45.17 24.68
CA ALA G 35 -38.91 -46.52 24.21
C ALA G 35 -40.20 -47.22 23.78
N GLU G 36 -41.28 -47.00 24.51
CA GLU G 36 -42.56 -47.63 24.16
C GLU G 36 -43.13 -46.98 22.91
N ILE G 37 -42.99 -45.66 22.79
CA ILE G 37 -43.50 -44.97 21.61
C ILE G 37 -42.82 -45.53 20.37
N VAL G 38 -41.49 -45.67 20.45
CA VAL G 38 -40.71 -46.21 19.34
C VAL G 38 -41.17 -47.62 18.99
N ALA G 39 -41.27 -48.48 19.99
CA ALA G 39 -41.70 -49.86 19.77
C ALA G 39 -43.05 -49.89 19.06
N ALA G 40 -43.99 -49.06 19.53
CA ALA G 40 -45.32 -48.99 18.95
C ALA G 40 -45.29 -48.49 17.52
N VAL G 41 -44.53 -47.43 17.26
CA VAL G 41 -44.43 -46.87 15.92
C VAL G 41 -43.83 -47.86 14.94
N GLU G 42 -42.73 -48.52 15.34
CA GLU G 42 -42.09 -49.47 14.45
C GLU G 42 -43.03 -50.64 14.15
N ALA G 43 -43.83 -51.05 15.13
CA ALA G 43 -44.77 -52.15 14.93
C ALA G 43 -45.76 -51.73 13.86
N PHE G 44 -46.36 -50.55 14.02
CA PHE G 44 -47.32 -50.06 13.03
C PHE G 44 -46.65 -49.91 11.67
N ASP G 45 -45.40 -49.46 11.69
CA ASP G 45 -44.63 -49.27 10.46
C ASP G 45 -44.54 -50.62 9.72
N ARG G 46 -44.20 -51.67 10.46
CA ARG G 46 -44.07 -53.01 9.89
C ARG G 46 -45.40 -53.59 9.43
N ASN G 47 -46.46 -53.28 10.17
CA ASN G 47 -47.80 -53.76 9.84
C ASN G 47 -48.30 -53.09 8.57
N GLU G 48 -48.35 -53.84 7.47
CA GLU G 48 -48.79 -53.25 6.22
C GLU G 48 -50.28 -52.95 6.15
N LYS G 49 -50.97 -53.09 7.27
CA LYS G 49 -52.40 -52.79 7.34
C LYS G 49 -52.52 -51.31 7.72
N VAL G 50 -51.46 -50.79 8.34
CA VAL G 50 -51.44 -49.40 8.77
C VAL G 50 -50.64 -48.54 7.78
N ARG G 51 -51.34 -47.67 7.05
CA ARG G 51 -50.69 -46.80 6.07
C ARG G 51 -50.35 -45.43 6.62
N VAL G 52 -50.89 -45.08 7.78
CA VAL G 52 -50.63 -43.79 8.42
C VAL G 52 -50.66 -43.98 9.93
N ILE G 53 -49.76 -43.28 10.62
CA ILE G 53 -49.67 -43.37 12.07
C ILE G 53 -49.97 -42.00 12.68
N VAL G 54 -50.80 -41.99 13.72
CA VAL G 54 -51.16 -40.76 14.40
C VAL G 54 -50.70 -40.79 15.85
N LEU G 55 -50.12 -39.68 16.28
CA LEU G 55 -49.63 -39.57 17.65
C LEU G 55 -50.42 -38.47 18.34
N THR G 56 -50.84 -38.73 19.58
CA THR G 56 -51.59 -37.75 20.34
C THR G 56 -51.51 -38.09 21.82
N GLY G 57 -51.90 -37.15 22.67
CA GLY G 57 -51.83 -37.39 24.10
C GLY G 57 -53.16 -37.45 24.81
N ARG G 58 -53.28 -38.38 25.74
CA ARG G 58 -54.51 -38.53 26.51
C ARG G 58 -54.57 -37.39 27.52
N GLY G 59 -55.77 -36.82 27.70
CA GLY G 59 -55.92 -35.73 28.64
C GLY G 59 -55.81 -34.34 28.00
N ARG G 60 -55.43 -33.37 28.82
CA ARG G 60 -55.29 -31.98 28.40
C ARG G 60 -53.99 -31.71 27.64
N ALA G 61 -52.95 -32.51 27.89
CA ALA G 61 -51.68 -32.24 27.22
C ALA G 61 -51.22 -33.33 26.28
N PHE G 62 -50.51 -32.90 25.24
CA PHE G 62 -49.89 -33.82 24.29
C PHE G 62 -48.63 -34.45 24.88
N ALA G 63 -47.65 -33.61 25.18
CA ALA G 63 -46.62 -33.95 26.15
C ALA G 63 -45.90 -32.70 26.64
N ALA G 64 -45.98 -32.44 27.93
CA ALA G 64 -45.30 -31.30 28.53
C ALA G 64 -43.93 -31.69 29.08
N GLY G 65 -42.92 -31.58 28.23
CA GLY G 65 -41.55 -31.86 28.66
C GLY G 65 -41.20 -33.32 28.88
N ALA G 66 -40.07 -33.54 29.55
CA ALA G 66 -39.59 -34.88 29.84
C ALA G 66 -39.63 -35.10 31.35
N ASP G 67 -39.27 -36.30 31.78
CA ASP G 67 -39.24 -36.62 33.21
C ASP G 67 -37.98 -35.98 33.78
N ILE G 68 -38.12 -34.87 34.47
CA ILE G 68 -36.96 -34.19 35.05
C ILE G 68 -36.32 -34.98 36.18
N GLN G 69 -37.16 -35.48 37.09
CA GLN G 69 -36.69 -36.26 38.24
C GLN G 69 -35.74 -37.35 37.79
N GLU G 70 -36.10 -38.03 36.70
CA GLU G 70 -35.30 -39.11 36.15
C GLU G 70 -33.86 -38.73 35.81
N MET G 71 -33.67 -37.56 35.23
CA MET G 71 -32.32 -37.15 34.84
C MET G 71 -31.68 -36.03 35.67
N ALA G 72 -32.38 -35.57 36.70
CA ALA G 72 -31.86 -34.49 37.53
C ALA G 72 -30.45 -34.71 38.09
N LYS G 73 -30.09 -35.96 38.35
CA LYS G 73 -28.76 -36.25 38.91
C LYS G 73 -27.78 -36.94 37.97
N ASP G 74 -28.12 -37.01 36.69
CA ASP G 74 -27.26 -37.64 35.71
C ASP G 74 -25.99 -36.85 35.43
N ASP G 75 -24.95 -37.57 35.03
CA ASP G 75 -23.66 -36.99 34.69
C ASP G 75 -23.42 -37.25 33.20
N PRO G 76 -22.39 -36.64 32.62
CA PRO G 76 -22.14 -36.87 31.19
C PRO G 76 -21.82 -38.32 30.84
N ILE G 77 -21.05 -38.98 31.72
CA ILE G 77 -20.67 -40.37 31.47
C ILE G 77 -21.88 -41.29 31.48
N ARG G 78 -22.83 -41.01 32.36
CA ARG G 78 -24.04 -41.81 32.44
C ARG G 78 -24.81 -41.65 31.12
N LEU G 79 -24.98 -40.41 30.69
CA LEU G 79 -25.71 -40.11 29.46
C LEU G 79 -25.02 -40.68 28.21
N GLU G 80 -23.69 -40.60 28.19
CA GLU G 80 -22.92 -41.10 27.05
C GLU G 80 -23.15 -42.59 26.83
N TRP G 81 -23.03 -43.38 27.89
CA TRP G 81 -23.23 -44.82 27.78
C TRP G 81 -24.68 -45.17 27.52
N LEU G 82 -25.59 -44.39 28.09
CA LEU G 82 -27.03 -44.61 27.93
C LEU G 82 -27.45 -44.45 26.46
N ASN G 83 -26.95 -43.39 25.81
CA ASN G 83 -27.26 -43.10 24.41
C ASN G 83 -28.77 -43.13 24.18
N GLN G 84 -29.49 -42.45 25.06
CA GLN G 84 -30.95 -42.40 25.03
C GLN G 84 -31.57 -41.79 23.78
N PHE G 85 -30.81 -40.98 23.05
CA PHE G 85 -31.35 -40.36 21.85
C PHE G 85 -31.30 -41.28 20.64
N ALA G 86 -30.74 -42.47 20.83
CA ALA G 86 -30.68 -43.45 19.75
C ALA G 86 -32.11 -43.90 19.49
N ASP G 87 -32.96 -43.79 20.51
CA ASP G 87 -34.37 -44.17 20.36
C ASP G 87 -35.08 -43.13 19.49
N TRP G 88 -34.70 -41.87 19.64
CA TRP G 88 -35.30 -40.82 18.82
C TRP G 88 -34.83 -40.98 17.37
N ASP G 89 -33.59 -41.41 17.19
CA ASP G 89 -33.08 -41.60 15.84
C ASP G 89 -33.93 -42.67 15.15
N ARG G 90 -34.34 -43.67 15.91
CA ARG G 90 -35.17 -44.72 15.36
C ARG G 90 -36.50 -44.18 14.86
N LEU G 91 -37.07 -43.20 15.57
CA LEU G 91 -38.32 -42.59 15.13
C LEU G 91 -38.08 -41.86 13.82
N SER G 92 -36.92 -41.21 13.73
CA SER G 92 -36.56 -40.44 12.55
C SER G 92 -36.56 -41.24 11.26
N ILE G 93 -36.19 -42.51 11.32
CA ILE G 93 -36.14 -43.32 10.11
C ILE G 93 -37.40 -44.13 9.76
N VAL G 94 -38.44 -44.01 10.57
CA VAL G 94 -39.68 -44.74 10.27
C VAL G 94 -40.19 -44.21 8.92
N LYS G 95 -40.41 -45.11 7.97
CA LYS G 95 -40.85 -44.71 6.64
C LYS G 95 -42.33 -44.47 6.45
N THR G 96 -43.15 -44.99 7.35
CA THR G 96 -44.60 -44.81 7.27
C THR G 96 -44.96 -43.36 7.62
N PRO G 97 -45.92 -42.76 6.90
CA PRO G 97 -46.33 -41.38 7.20
C PRO G 97 -46.76 -41.26 8.66
N MET G 98 -46.36 -40.17 9.31
CA MET G 98 -46.70 -39.93 10.70
C MET G 98 -47.30 -38.54 10.88
N ILE G 99 -48.34 -38.45 11.69
CA ILE G 99 -49.00 -37.18 11.94
C ILE G 99 -49.15 -36.95 13.44
N ALA G 100 -48.84 -35.75 13.88
CA ALA G 100 -48.97 -35.41 15.29
C ALA G 100 -50.25 -34.61 15.51
N ALA G 101 -51.10 -35.09 16.41
CA ALA G 101 -52.36 -34.39 16.73
C ALA G 101 -52.09 -33.78 18.10
N VAL G 102 -51.65 -32.53 18.11
CA VAL G 102 -51.31 -31.84 19.34
C VAL G 102 -52.55 -31.23 20.02
N ASN G 103 -52.95 -31.84 21.15
CA ASN G 103 -54.13 -31.41 21.87
C ASN G 103 -53.91 -30.32 22.92
N GLY G 104 -52.67 -30.13 23.36
CA GLY G 104 -52.42 -29.12 24.36
C GLY G 104 -50.97 -28.71 24.43
N LEU G 105 -50.38 -28.74 25.62
CA LEU G 105 -48.98 -28.40 25.78
C LEU G 105 -48.09 -29.43 25.08
N ALA G 106 -47.14 -28.93 24.30
CA ALA G 106 -46.16 -29.76 23.60
C ALA G 106 -44.86 -29.02 23.88
N LEU G 107 -44.25 -29.33 25.02
CA LEU G 107 -43.02 -28.66 25.44
C LEU G 107 -41.82 -29.59 25.51
N GLY G 108 -40.63 -29.03 25.28
CA GLY G 108 -39.42 -29.82 25.33
C GLY G 108 -39.53 -31.07 24.48
N GLY G 109 -39.30 -32.22 25.10
CA GLY G 109 -39.39 -33.48 24.39
C GLY G 109 -40.72 -33.63 23.66
N GLY G 110 -41.76 -33.02 24.21
CA GLY G 110 -43.08 -33.09 23.60
C GLY G 110 -43.10 -32.40 22.25
N PHE G 111 -42.44 -31.25 22.18
CA PHE G 111 -42.36 -30.46 20.96
C PHE G 111 -41.50 -31.22 19.96
N GLU G 112 -40.42 -31.84 20.44
CA GLU G 112 -39.53 -32.59 19.58
C GLU G 112 -40.26 -33.82 19.04
N LEU G 113 -41.19 -34.35 19.83
CA LEU G 113 -41.97 -35.51 19.42
C LEU G 113 -42.87 -35.11 18.26
N ALA G 114 -43.45 -33.92 18.34
CA ALA G 114 -44.33 -33.41 17.29
C ALA G 114 -43.53 -33.12 16.03
N LEU G 115 -42.37 -32.49 16.21
CA LEU G 115 -41.49 -32.15 15.10
C LEU G 115 -40.95 -33.40 14.40
N SER G 116 -40.91 -34.52 15.11
CA SER G 116 -40.43 -35.77 14.54
C SER G 116 -41.43 -36.32 13.52
N CYS G 117 -42.70 -35.90 13.66
CA CYS G 117 -43.73 -36.35 12.74
C CYS G 117 -43.62 -35.61 11.41
N ASP G 118 -44.30 -36.11 10.38
CA ASP G 118 -44.25 -35.51 9.05
C ASP G 118 -45.17 -34.31 8.89
N LEU G 119 -46.32 -34.36 9.54
CA LEU G 119 -47.27 -33.28 9.49
C LEU G 119 -47.76 -33.05 10.90
N ILE G 120 -48.21 -31.83 11.18
CA ILE G 120 -48.71 -31.51 12.51
C ILE G 120 -50.04 -30.78 12.43
N VAL G 121 -51.04 -31.32 13.12
CA VAL G 121 -52.36 -30.68 13.19
C VAL G 121 -52.48 -30.34 14.66
N ALA G 122 -52.78 -29.08 14.98
CA ALA G 122 -52.87 -28.69 16.38
C ALA G 122 -54.13 -27.96 16.79
N SER G 123 -54.54 -28.19 18.03
CA SER G 123 -55.70 -27.53 18.60
C SER G 123 -55.33 -26.07 18.75
N SER G 124 -56.27 -25.17 18.49
CA SER G 124 -55.98 -23.74 18.62
C SER G 124 -55.54 -23.44 20.06
N ALA G 125 -55.77 -24.41 20.96
CA ALA G 125 -55.41 -24.23 22.36
C ALA G 125 -54.05 -24.81 22.71
N ALA G 126 -53.38 -25.43 21.73
CA ALA G 126 -52.07 -26.03 21.99
C ALA G 126 -50.96 -24.98 22.03
N GLU G 127 -49.91 -25.29 22.79
CA GLU G 127 -48.76 -24.41 22.91
C GLU G 127 -47.48 -25.22 22.73
N PHE G 128 -46.49 -24.60 22.07
CA PHE G 128 -45.21 -25.23 21.81
C PHE G 128 -44.10 -24.43 22.49
N GLY G 129 -42.97 -25.08 22.77
CA GLY G 129 -41.87 -24.36 23.40
C GLY G 129 -40.76 -25.28 23.87
N PHE G 130 -39.61 -24.69 24.16
CA PHE G 130 -38.43 -25.41 24.66
C PHE G 130 -37.93 -24.72 25.93
N PRO G 131 -38.52 -25.08 27.08
CA PRO G 131 -38.13 -24.49 28.36
C PRO G 131 -36.84 -25.05 28.92
N GLU G 132 -36.18 -25.94 28.17
CA GLU G 132 -34.94 -26.53 28.64
C GLU G 132 -33.91 -25.51 29.12
N VAL G 133 -33.81 -24.39 28.40
CA VAL G 133 -32.85 -23.35 28.78
C VAL G 133 -33.05 -22.89 30.22
N ASN G 134 -34.29 -22.86 30.67
CA ASN G 134 -34.61 -22.42 32.01
C ASN G 134 -34.33 -23.48 33.10
N LEU G 135 -33.95 -24.68 32.67
CA LEU G 135 -33.62 -25.75 33.61
C LEU G 135 -32.11 -25.92 33.60
N GLY G 136 -31.42 -25.02 32.90
CA GLY G 136 -29.98 -25.07 32.82
C GLY G 136 -29.44 -25.95 31.71
N VAL G 137 -30.32 -26.46 30.86
CA VAL G 137 -29.88 -27.32 29.77
C VAL G 137 -30.39 -26.86 28.41
N MET G 138 -30.59 -27.80 27.49
CA MET G 138 -31.07 -27.46 26.15
C MET G 138 -31.81 -28.64 25.55
N PRO G 139 -32.51 -28.44 24.43
CA PRO G 139 -33.24 -29.54 23.79
C PRO G 139 -32.18 -30.55 23.35
N GLY G 140 -32.44 -31.84 23.56
CA GLY G 140 -31.44 -32.82 23.17
C GLY G 140 -31.91 -33.88 22.21
N ALA G 141 -33.16 -33.78 21.76
CA ALA G 141 -33.72 -34.76 20.84
C ALA G 141 -34.10 -34.17 19.48
N GLY G 142 -33.25 -33.28 18.96
CA GLY G 142 -33.50 -32.69 17.66
C GLY G 142 -34.17 -31.34 17.65
N GLY G 143 -34.57 -30.85 18.82
CA GLY G 143 -35.25 -29.58 18.89
C GLY G 143 -34.51 -28.41 18.26
N THR G 144 -33.25 -28.22 18.62
CA THR G 144 -32.48 -27.13 18.07
C THR G 144 -32.29 -27.27 16.56
N GLN G 145 -32.23 -28.51 16.08
CA GLN G 145 -32.02 -28.77 14.66
C GLN G 145 -33.28 -28.59 13.82
N ARG G 146 -34.35 -29.29 14.17
CA ARG G 146 -35.59 -29.18 13.42
C ARG G 146 -36.22 -27.78 13.45
N LEU G 147 -36.15 -27.12 14.60
CA LEU G 147 -36.73 -25.78 14.70
C LEU G 147 -36.00 -24.81 13.79
N THR G 148 -34.67 -24.84 13.87
CA THR G 148 -33.85 -23.95 13.06
C THR G 148 -34.06 -24.14 11.56
N LYS G 149 -34.25 -25.39 11.13
CA LYS G 149 -34.44 -25.63 9.71
C LYS G 149 -35.79 -25.11 9.22
N LEU G 150 -36.77 -25.07 10.12
CA LEU G 150 -38.10 -24.61 9.73
C LEU G 150 -38.28 -23.09 9.76
N ILE G 151 -37.68 -22.43 10.76
CA ILE G 151 -37.86 -20.99 10.90
C ILE G 151 -36.62 -20.09 10.85
N GLY G 152 -35.44 -20.67 10.63
CA GLY G 152 -34.24 -19.87 10.57
C GLY G 152 -33.58 -19.67 11.93
N PRO G 153 -32.28 -19.38 11.96
CA PRO G 153 -31.52 -19.17 13.20
C PRO G 153 -31.92 -17.97 14.05
N LYS G 154 -32.27 -16.86 13.41
CA LYS G 154 -32.66 -15.65 14.13
C LYS G 154 -33.87 -15.94 15.01
N ARG G 155 -34.90 -16.52 14.41
CA ARG G 155 -36.10 -16.83 15.16
C ARG G 155 -35.93 -18.05 16.05
N ALA G 156 -35.11 -19.00 15.62
CA ALA G 156 -34.89 -20.20 16.40
C ALA G 156 -34.30 -19.83 17.77
N LEU G 157 -33.25 -19.02 17.76
CA LEU G 157 -32.59 -18.59 18.99
C LEU G 157 -33.53 -17.87 19.93
N GLU G 158 -34.40 -17.04 19.37
CA GLU G 158 -35.35 -16.30 20.16
C GLU G 158 -36.16 -17.24 21.07
N TRP G 159 -36.68 -18.31 20.49
CA TRP G 159 -37.46 -19.27 21.28
C TRP G 159 -36.60 -20.20 22.13
N LEU G 160 -35.47 -20.62 21.58
CA LEU G 160 -34.58 -21.53 22.31
C LEU G 160 -33.88 -20.86 23.48
N TRP G 161 -33.51 -19.58 23.31
CA TRP G 161 -32.83 -18.84 24.37
C TRP G 161 -33.77 -18.37 25.48
N THR G 162 -35.04 -18.14 25.16
CA THR G 162 -36.00 -17.67 26.17
C THR G 162 -36.84 -18.78 26.78
N GLY G 163 -37.13 -19.80 26.00
CA GLY G 163 -37.94 -20.90 26.49
C GLY G 163 -39.41 -20.49 26.55
N ALA G 164 -39.74 -19.41 25.85
CA ALA G 164 -41.11 -18.90 25.84
C ALA G 164 -42.06 -19.85 25.11
N ARG G 165 -43.35 -19.73 25.42
CA ARG G 165 -44.36 -20.57 24.80
C ARG G 165 -44.93 -19.96 23.52
N MET G 166 -45.00 -20.78 22.48
CA MET G 166 -45.50 -20.37 21.17
C MET G 166 -46.94 -20.87 20.99
N SER G 167 -47.82 -20.00 20.52
CA SER G 167 -49.21 -20.39 20.32
C SER G 167 -49.32 -21.26 19.08
N ALA G 168 -50.31 -22.15 19.07
CA ALA G 168 -50.53 -23.03 17.93
C ALA G 168 -50.63 -22.18 16.67
N LYS G 169 -51.29 -21.03 16.78
CA LYS G 169 -51.47 -20.15 15.63
C LYS G 169 -50.15 -19.59 15.11
N GLU G 170 -49.23 -19.27 16.01
CA GLU G 170 -47.93 -18.75 15.61
C GLU G 170 -47.16 -19.83 14.87
N ALA G 171 -47.20 -21.05 15.41
CA ALA G 171 -46.51 -22.18 14.81
C ALA G 171 -47.00 -22.38 13.37
N GLU G 172 -48.31 -22.30 13.18
CA GLU G 172 -48.89 -22.47 11.85
C GLU G 172 -48.37 -21.42 10.87
N GLN G 173 -48.26 -20.17 11.34
CA GLN G 173 -47.77 -19.09 10.49
C GLN G 173 -46.30 -19.28 10.16
N LEU G 174 -45.56 -19.90 11.06
CA LEU G 174 -44.13 -20.13 10.85
C LEU G 174 -43.85 -21.34 9.96
N GLY G 175 -44.84 -22.19 9.72
CA GLY G 175 -44.64 -23.35 8.88
C GLY G 175 -44.26 -24.60 9.65
N ILE G 176 -44.47 -24.56 10.97
CA ILE G 176 -44.18 -25.69 11.84
C ILE G 176 -45.41 -26.58 11.87
N VAL G 177 -46.55 -25.96 12.12
CA VAL G 177 -47.83 -26.66 12.19
C VAL G 177 -48.52 -26.55 10.84
N ASN G 178 -49.10 -27.64 10.37
CA ASN G 178 -49.77 -27.64 9.09
C ASN G 178 -51.18 -27.05 9.17
N ARG G 179 -51.90 -27.36 10.24
CA ARG G 179 -53.25 -26.85 10.39
C ARG G 179 -53.65 -26.69 11.85
N VAL G 180 -54.42 -25.64 12.12
CA VAL G 180 -54.93 -25.40 13.47
C VAL G 180 -56.44 -25.46 13.40
N VAL G 181 -57.04 -26.23 14.29
CA VAL G 181 -58.50 -26.36 14.34
C VAL G 181 -58.97 -26.25 15.78
N SER G 182 -60.28 -26.10 15.96
CA SER G 182 -60.87 -25.99 17.29
C SER G 182 -60.56 -27.25 18.09
N PRO G 183 -60.42 -27.13 19.41
CA PRO G 183 -60.12 -28.27 20.29
C PRO G 183 -60.97 -29.52 20.11
N GLU G 184 -62.30 -29.36 19.99
CA GLU G 184 -63.16 -30.52 19.86
C GLU G 184 -63.12 -31.21 18.50
N LEU G 185 -62.43 -30.59 17.54
CA LEU G 185 -62.31 -31.15 16.19
C LEU G 185 -60.90 -31.66 15.86
N LEU G 186 -59.99 -31.58 16.82
CA LEU G 186 -58.61 -32.01 16.61
C LEU G 186 -58.53 -33.43 16.04
N MET G 187 -59.00 -34.41 16.81
CA MET G 187 -58.94 -35.80 16.35
C MET G 187 -59.76 -36.03 15.10
N GLU G 188 -60.89 -35.33 15.01
CA GLU G 188 -61.77 -35.46 13.85
C GLU G 188 -61.02 -35.04 12.58
N GLU G 189 -60.37 -33.89 12.64
CA GLU G 189 -59.62 -33.37 11.50
C GLU G 189 -58.40 -34.22 11.21
N THR G 190 -57.71 -34.65 12.26
CA THR G 190 -56.52 -35.47 12.10
C THR G 190 -56.85 -36.83 11.51
N MET G 191 -57.91 -37.46 12.00
CA MET G 191 -58.30 -38.77 11.49
C MET G 191 -58.79 -38.65 10.05
N ARG G 192 -59.40 -37.51 9.72
CA ARG G 192 -59.88 -37.30 8.36
C ARG G 192 -58.68 -37.27 7.44
N LEU G 193 -57.72 -36.41 7.79
CA LEU G 193 -56.50 -36.26 7.02
C LEU G 193 -55.81 -37.61 6.88
N ALA G 194 -55.71 -38.33 7.98
CA ALA G 194 -55.07 -39.64 7.99
C ALA G 194 -55.75 -40.56 6.98
N GLY G 195 -57.07 -40.56 6.97
CA GLY G 195 -57.82 -41.39 6.05
C GLY G 195 -57.51 -41.07 4.61
N ARG G 196 -57.55 -39.79 4.26
CA ARG G 196 -57.27 -39.33 2.90
C ARG G 196 -55.88 -39.80 2.47
N LEU G 197 -54.88 -39.55 3.31
CA LEU G 197 -53.52 -39.95 3.01
C LEU G 197 -53.41 -41.46 2.89
N ALA G 198 -54.22 -42.19 3.66
CA ALA G 198 -54.20 -43.64 3.61
C ALA G 198 -54.72 -44.16 2.27
N GLU G 199 -55.35 -43.27 1.51
CA GLU G 199 -55.91 -43.65 0.22
C GLU G 199 -54.99 -43.31 -0.95
N GLN G 200 -53.88 -42.63 -0.66
CA GLN G 200 -52.91 -42.28 -1.70
C GLN G 200 -52.03 -43.50 -1.96
N PRO G 201 -51.39 -43.57 -3.13
CA PRO G 201 -50.51 -44.73 -3.41
C PRO G 201 -49.43 -44.75 -2.33
N PRO G 202 -49.37 -45.83 -1.53
CA PRO G 202 -48.38 -45.97 -0.45
C PRO G 202 -46.92 -45.79 -0.86
N LEU G 203 -46.54 -46.35 -2.00
CA LEU G 203 -45.17 -46.24 -2.49
C LEU G 203 -44.80 -44.80 -2.80
N ALA G 204 -45.72 -44.08 -3.42
CA ALA G 204 -45.49 -42.69 -3.76
C ALA G 204 -45.28 -41.87 -2.49
N LEU G 205 -46.13 -42.06 -1.48
CA LEU G 205 -45.98 -41.32 -0.23
C LEU G 205 -44.62 -41.63 0.40
N ARG G 206 -44.29 -42.92 0.44
CA ARG G 206 -43.04 -43.40 1.01
C ARG G 206 -41.80 -42.77 0.36
N LEU G 207 -41.76 -42.79 -0.97
CA LEU G 207 -40.63 -42.26 -1.72
C LEU G 207 -40.58 -40.75 -1.76
N ILE G 208 -41.74 -40.10 -1.65
CA ILE G 208 -41.79 -38.65 -1.63
C ILE G 208 -41.22 -38.23 -0.28
N LYS G 209 -41.60 -38.93 0.78
CA LYS G 209 -41.10 -38.61 2.12
C LYS G 209 -39.58 -38.71 2.19
N GLU G 210 -39.00 -39.72 1.55
CA GLU G 210 -37.55 -39.87 1.54
C GLU G 210 -36.91 -38.69 0.81
N ALA G 211 -37.44 -38.36 -0.36
CA ALA G 211 -36.91 -37.26 -1.16
C ALA G 211 -36.94 -35.95 -0.38
N VAL G 212 -38.04 -35.68 0.31
CA VAL G 212 -38.17 -34.44 1.09
C VAL G 212 -37.11 -34.40 2.17
N GLN G 213 -36.86 -35.57 2.78
CA GLN G 213 -35.85 -35.64 3.82
C GLN G 213 -34.48 -35.33 3.21
N LYS G 214 -34.23 -35.80 2.00
CA LYS G 214 -32.95 -35.54 1.35
C LYS G 214 -32.86 -34.06 0.94
N ALA G 215 -34.01 -33.46 0.64
CA ALA G 215 -34.05 -32.05 0.24
C ALA G 215 -33.61 -31.16 1.40
N VAL G 216 -33.82 -31.65 2.61
CA VAL G 216 -33.42 -30.92 3.80
C VAL G 216 -31.91 -31.01 3.98
N ASP G 217 -31.34 -32.20 3.77
CA ASP G 217 -29.91 -32.42 3.97
C ASP G 217 -28.95 -32.37 2.77
N TYR G 218 -29.48 -32.52 1.56
CA TYR G 218 -28.66 -32.56 0.34
C TYR G 218 -28.54 -31.29 -0.47
N PRO G 219 -27.38 -31.09 -1.15
CA PRO G 219 -27.21 -29.91 -1.99
C PRO G 219 -28.20 -30.23 -3.13
N LEU G 220 -28.76 -29.21 -3.77
CA LEU G 220 -29.75 -29.42 -4.83
C LEU G 220 -29.41 -30.50 -5.88
N TYR G 221 -28.25 -30.41 -6.51
CA TYR G 221 -27.87 -31.37 -7.55
C TYR G 221 -27.96 -32.84 -7.07
N GLU G 222 -27.37 -33.13 -5.92
CA GLU G 222 -27.41 -34.50 -5.39
C GLU G 222 -28.82 -34.89 -4.92
N GLY G 223 -29.54 -33.94 -4.34
CA GLY G 223 -30.89 -34.24 -3.92
C GLY G 223 -31.71 -34.65 -5.14
N MET G 224 -31.53 -33.93 -6.25
CA MET G 224 -32.25 -34.25 -7.47
C MET G 224 -31.82 -35.61 -8.02
N GLN G 225 -30.57 -35.99 -7.78
CA GLN G 225 -30.06 -37.28 -8.23
C GLN G 225 -30.80 -38.40 -7.51
N PHE G 226 -31.03 -38.20 -6.21
CA PHE G 226 -31.73 -39.18 -5.41
C PHE G 226 -33.21 -39.18 -5.81
N GLU G 227 -33.75 -37.99 -5.98
CA GLU G 227 -35.15 -37.84 -6.35
C GLU G 227 -35.52 -38.64 -7.61
N ARG G 228 -34.74 -38.50 -8.68
CA ARG G 228 -35.05 -39.21 -9.92
C ARG G 228 -34.89 -40.73 -9.81
N LYS G 229 -34.01 -41.20 -8.94
CA LYS G 229 -33.86 -42.64 -8.77
C LYS G 229 -35.16 -43.16 -8.14
N ASN G 230 -35.73 -42.43 -7.20
CA ASN G 230 -36.99 -42.87 -6.61
C ASN G 230 -38.07 -42.82 -7.68
N PHE G 231 -37.99 -41.82 -8.55
CA PHE G 231 -38.94 -41.66 -9.65
C PHE G 231 -38.91 -42.91 -10.51
N TYR G 232 -37.70 -43.30 -10.93
CA TYR G 232 -37.55 -44.51 -11.75
C TYR G 232 -38.20 -45.72 -11.07
N LEU G 233 -37.93 -45.89 -9.79
CA LEU G 233 -38.45 -47.01 -9.01
C LEU G 233 -39.97 -47.15 -9.01
N LEU G 234 -40.69 -46.02 -9.02
CA LEU G 234 -42.13 -46.06 -9.00
C LEU G 234 -42.72 -46.67 -10.28
N PHE G 235 -41.95 -46.69 -11.36
CA PHE G 235 -42.46 -47.26 -12.61
C PHE G 235 -42.35 -48.78 -12.64
N ALA G 236 -42.03 -49.36 -11.49
CA ALA G 236 -41.96 -50.81 -11.36
C ALA G 236 -43.20 -51.22 -10.57
N SER G 237 -44.00 -50.23 -10.20
CA SER G 237 -45.21 -50.47 -9.42
C SER G 237 -46.46 -50.51 -10.28
N GLU G 238 -47.47 -51.24 -9.82
CA GLU G 238 -48.73 -51.32 -10.55
C GLU G 238 -49.50 -50.01 -10.33
N ASP G 239 -49.29 -49.39 -9.17
CA ASP G 239 -49.97 -48.15 -8.88
C ASP G 239 -49.61 -47.04 -9.87
N GLN G 240 -48.37 -47.06 -10.39
CA GLN G 240 -47.96 -46.05 -11.36
C GLN G 240 -48.70 -46.28 -12.68
N LYS G 241 -48.79 -47.52 -13.11
CA LYS G 241 -49.49 -47.85 -14.35
C LYS G 241 -50.97 -47.48 -14.22
N GLU G 242 -51.59 -47.94 -13.14
CA GLU G 242 -53.00 -47.67 -12.87
C GLU G 242 -53.27 -46.17 -12.67
N GLY G 243 -52.39 -45.52 -11.93
CA GLY G 243 -52.55 -44.10 -11.69
C GLY G 243 -52.58 -43.30 -12.97
N MET G 244 -51.62 -43.57 -13.85
CA MET G 244 -51.54 -42.84 -15.12
C MET G 244 -52.63 -43.27 -16.10
N ALA G 245 -52.99 -44.55 -16.06
CA ALA G 245 -54.05 -45.06 -16.95
C ALA G 245 -55.38 -44.38 -16.59
N ALA G 246 -55.70 -44.37 -15.30
CA ALA G 246 -56.94 -43.75 -14.83
C ALA G 246 -56.98 -42.28 -15.21
N PHE G 247 -55.83 -41.61 -15.11
CA PHE G 247 -55.74 -40.20 -15.45
C PHE G 247 -56.04 -40.00 -16.93
N LEU G 248 -55.44 -40.84 -17.76
CA LEU G 248 -55.64 -40.76 -19.20
C LEU G 248 -57.04 -41.21 -19.61
N GLU G 249 -57.59 -42.16 -18.84
CA GLU G 249 -58.92 -42.68 -19.10
C GLU G 249 -59.99 -41.88 -18.36
N LYS G 250 -59.57 -40.80 -17.71
CA LYS G 250 -60.47 -39.93 -16.98
C LYS G 250 -61.42 -40.70 -16.05
N ARG G 251 -60.86 -41.59 -15.26
CA ARG G 251 -61.63 -42.39 -14.30
C ARG G 251 -60.93 -42.40 -12.95
N LYS G 252 -61.61 -42.89 -11.92
CA LYS G 252 -61.03 -42.94 -10.59
C LYS G 252 -60.09 -44.13 -10.47
N PRO G 253 -58.86 -43.90 -9.98
CA PRO G 253 -57.86 -44.96 -9.82
C PRO G 253 -58.09 -45.88 -8.63
N ARG G 254 -57.60 -47.11 -8.75
CA ARG G 254 -57.72 -48.10 -7.69
C ARG G 254 -56.32 -48.59 -7.35
N PHE G 255 -55.70 -47.93 -6.36
CA PHE G 255 -54.35 -48.27 -5.93
C PHE G 255 -54.29 -49.45 -4.97
N GLN G 256 -53.14 -50.12 -4.90
CA GLN G 256 -52.97 -51.27 -4.03
C GLN G 256 -51.72 -51.29 -3.17
N GLY G 257 -50.82 -50.32 -3.37
CA GLY G 257 -49.61 -50.28 -2.58
C GLY G 257 -48.51 -51.16 -3.15
N LYS G 258 -48.64 -51.48 -4.44
CA LYS G 258 -47.66 -52.31 -5.13
C LYS G 258 -47.52 -51.82 -6.57
N PHE H 4 -8.36 2.42 19.08
CA PHE H 4 -9.78 2.57 18.63
C PHE H 4 -10.10 4.01 18.25
N VAL H 5 -10.12 4.29 16.96
CA VAL H 5 -10.42 5.62 16.46
C VAL H 5 -11.69 5.59 15.60
N SER H 6 -12.25 4.40 15.41
CA SER H 6 -13.45 4.25 14.60
C SER H 6 -14.64 3.77 15.42
N ILE H 7 -14.38 3.15 16.56
CA ILE H 7 -15.44 2.64 17.41
C ILE H 7 -15.22 3.04 18.86
N ALA H 8 -16.25 2.85 19.68
CA ALA H 8 -16.19 3.15 21.10
C ALA H 8 -16.80 1.96 21.82
N ALA H 9 -16.02 1.31 22.68
CA ALA H 9 -16.51 0.15 23.42
C ALA H 9 -16.60 0.46 24.91
N ARG H 10 -17.61 -0.11 25.56
CA ARG H 10 -17.81 0.09 26.99
C ARG H 10 -18.69 -1.01 27.55
N GLN H 11 -18.58 -1.24 28.86
CA GLN H 11 -19.38 -2.27 29.52
C GLN H 11 -20.50 -1.63 30.34
N GLU H 12 -21.43 -2.45 30.77
CA GLU H 12 -22.57 -2.02 31.58
C GLU H 12 -23.22 -3.30 32.05
N GLY H 13 -23.15 -3.55 33.35
CA GLY H 13 -23.71 -4.79 33.89
C GLY H 13 -22.89 -5.91 33.29
N ALA H 14 -23.54 -6.93 32.76
CA ALA H 14 -22.84 -8.04 32.13
C ALA H 14 -22.99 -7.92 30.62
N VAL H 15 -23.20 -6.70 30.15
CA VAL H 15 -23.38 -6.45 28.72
C VAL H 15 -22.29 -5.55 28.14
N GLY H 16 -21.61 -6.06 27.11
CA GLY H 16 -20.58 -5.28 26.45
C GLY H 16 -21.24 -4.51 25.31
N ILE H 17 -20.94 -3.21 25.21
CA ILE H 17 -21.52 -2.38 24.17
C ILE H 17 -20.48 -1.81 23.21
N ILE H 18 -20.72 -1.97 21.92
CA ILE H 18 -19.81 -1.47 20.90
C ILE H 18 -20.55 -0.49 20.01
N GLU H 19 -20.05 0.74 19.95
CA GLU H 19 -20.68 1.78 19.15
C GLU H 19 -19.79 2.23 18.00
N LEU H 20 -20.31 2.12 16.78
CA LEU H 20 -19.57 2.55 15.61
C LEU H 20 -19.50 4.07 15.77
N ALA H 21 -18.31 4.65 15.61
CA ALA H 21 -18.14 6.08 15.84
C ALA H 21 -17.56 6.91 14.70
N ARG H 22 -18.21 6.87 13.56
CA ARG H 22 -17.82 7.67 12.41
C ARG H 22 -19.12 8.19 11.80
N PRO H 23 -19.99 8.80 12.63
CA PRO H 23 -21.28 9.32 12.16
C PRO H 23 -21.14 10.31 11.01
N ASP H 24 -20.00 10.99 10.95
CA ASP H 24 -19.76 11.96 9.88
C ASP H 24 -19.82 11.25 8.53
N VAL H 25 -19.47 9.96 8.54
CA VAL H 25 -19.52 9.19 7.30
C VAL H 25 -20.51 8.03 7.46
N LEU H 26 -21.54 8.25 8.26
CA LEU H 26 -22.57 7.25 8.50
C LEU H 26 -22.00 5.88 8.88
N ASN H 27 -20.89 5.91 9.63
CA ASN H 27 -20.23 4.70 10.10
C ASN H 27 -19.85 3.74 8.98
N ALA H 28 -19.36 4.28 7.87
CA ALA H 28 -18.95 3.45 6.74
C ALA H 28 -17.90 2.46 7.23
N LEU H 29 -18.17 1.17 7.04
CA LEU H 29 -17.25 0.13 7.49
C LEU H 29 -15.99 0.02 6.65
N SER H 30 -14.88 0.48 7.21
CA SER H 30 -13.59 0.41 6.52
C SER H 30 -12.85 -0.81 7.08
N ARG H 31 -11.80 -1.22 6.39
CA ARG H 31 -11.02 -2.38 6.87
C ARG H 31 -10.55 -2.08 8.29
N GLN H 32 -10.12 -0.85 8.50
CA GLN H 32 -9.63 -0.42 9.81
C GLN H 32 -10.72 -0.52 10.86
N MET H 33 -11.91 -0.03 10.54
CA MET H 33 -13.01 -0.08 11.50
C MET H 33 -13.38 -1.51 11.85
N VAL H 34 -13.47 -2.37 10.83
CA VAL H 34 -13.81 -3.77 11.06
C VAL H 34 -12.76 -4.42 11.95
N ALA H 35 -11.50 -4.06 11.75
CA ALA H 35 -10.42 -4.62 12.57
C ALA H 35 -10.64 -4.25 14.04
N GLU H 36 -11.11 -3.03 14.27
CA GLU H 36 -11.38 -2.56 15.62
C GLU H 36 -12.59 -3.28 16.20
N ILE H 37 -13.60 -3.49 15.37
CA ILE H 37 -14.81 -4.19 15.82
C ILE H 37 -14.46 -5.60 16.26
N VAL H 38 -13.59 -6.26 15.50
CA VAL H 38 -13.19 -7.63 15.83
C VAL H 38 -12.45 -7.66 17.17
N ALA H 39 -11.48 -6.76 17.33
CA ALA H 39 -10.71 -6.71 18.57
C ALA H 39 -11.63 -6.54 19.77
N ALA H 40 -12.57 -5.60 19.67
CA ALA H 40 -13.49 -5.32 20.77
C ALA H 40 -14.41 -6.51 21.09
N VAL H 41 -14.98 -7.11 20.04
CA VAL H 41 -15.87 -8.24 20.23
C VAL H 41 -15.16 -9.45 20.83
N GLU H 42 -13.97 -9.74 20.34
CA GLU H 42 -13.19 -10.88 20.84
C GLU H 42 -12.77 -10.66 22.29
N ALA H 43 -12.57 -9.42 22.68
CA ALA H 43 -12.17 -9.10 24.05
C ALA H 43 -13.36 -9.37 24.95
N PHE H 44 -14.54 -8.91 24.52
CA PHE H 44 -15.77 -9.13 25.28
C PHE H 44 -16.10 -10.62 25.32
N ASP H 45 -15.83 -11.31 24.21
CA ASP H 45 -16.11 -12.74 24.13
C ASP H 45 -15.32 -13.52 25.18
N ARG H 46 -14.02 -13.32 25.21
CA ARG H 46 -13.13 -14.01 26.15
C ARG H 46 -13.40 -13.67 27.61
N ASN H 47 -13.99 -12.49 27.85
CA ASN H 47 -14.29 -12.06 29.21
C ASN H 47 -15.56 -12.73 29.73
N GLU H 48 -15.41 -13.63 30.71
CA GLU H 48 -16.58 -14.33 31.26
C GLU H 48 -17.50 -13.44 32.08
N LYS H 49 -17.16 -12.16 32.19
CA LYS H 49 -17.99 -11.22 32.93
C LYS H 49 -19.02 -10.61 31.99
N VAL H 50 -18.73 -10.62 30.69
CA VAL H 50 -19.65 -10.07 29.68
C VAL H 50 -20.44 -11.21 29.05
N ARG H 51 -21.70 -11.33 29.43
CA ARG H 51 -22.55 -12.41 28.94
C ARG H 51 -23.29 -12.10 27.64
N VAL H 52 -23.33 -10.83 27.26
CA VAL H 52 -24.01 -10.43 26.02
C VAL H 52 -23.29 -9.23 25.42
N ILE H 53 -23.25 -9.18 24.10
CA ILE H 53 -22.60 -8.09 23.39
C ILE H 53 -23.62 -7.41 22.49
N VAL H 54 -23.66 -6.08 22.53
CA VAL H 54 -24.56 -5.30 21.71
C VAL H 54 -23.78 -4.37 20.79
N LEU H 55 -24.16 -4.37 19.52
CA LEU H 55 -23.51 -3.51 18.54
C LEU H 55 -24.52 -2.49 18.04
N THR H 56 -24.11 -1.23 17.97
CA THR H 56 -24.99 -0.18 17.48
C THR H 56 -24.15 0.92 16.86
N GLY H 57 -24.81 1.83 16.14
CA GLY H 57 -24.07 2.90 15.51
C GLY H 57 -24.43 4.26 16.06
N ARG H 58 -23.47 5.17 16.04
CA ARG H 58 -23.69 6.54 16.52
C ARG H 58 -24.28 7.34 15.37
N GLY H 59 -25.11 8.32 15.68
CA GLY H 59 -25.70 9.13 14.63
C GLY H 59 -27.02 8.58 14.14
N ARG H 60 -27.37 8.84 12.89
CA ARG H 60 -28.64 8.36 12.35
C ARG H 60 -28.56 7.01 11.64
N ALA H 61 -27.37 6.47 11.49
CA ALA H 61 -27.22 5.19 10.82
C ALA H 61 -26.44 4.15 11.60
N PHE H 62 -26.71 2.89 11.29
CA PHE H 62 -26.02 1.76 11.90
C PHE H 62 -24.69 1.73 11.15
N ALA H 63 -24.79 1.55 9.84
CA ALA H 63 -23.63 1.52 8.95
C ALA H 63 -24.15 1.59 7.52
N ALA H 64 -23.91 2.73 6.86
CA ALA H 64 -24.39 2.95 5.49
C ALA H 64 -23.64 2.20 4.40
N GLY H 65 -22.77 1.28 4.77
CA GLY H 65 -22.03 0.53 3.77
C GLY H 65 -20.56 0.42 4.11
N ALA H 66 -19.76 0.03 3.12
CA ALA H 66 -18.32 -0.09 3.31
C ALA H 66 -17.69 1.24 2.92
N ASP H 67 -16.39 1.36 3.18
CA ASP H 67 -15.65 2.58 2.87
C ASP H 67 -15.50 2.72 1.35
N ILE H 68 -16.25 3.66 0.78
CA ILE H 68 -16.22 3.91 -0.66
C ILE H 68 -14.81 4.15 -1.23
N GLN H 69 -13.93 4.74 -0.43
CA GLN H 69 -12.57 4.99 -0.90
C GLN H 69 -11.87 3.67 -1.19
N GLU H 70 -12.13 2.66 -0.36
CA GLU H 70 -11.53 1.34 -0.55
C GLU H 70 -11.98 0.76 -1.89
N MET H 71 -13.28 0.84 -2.13
CA MET H 71 -13.89 0.32 -3.34
C MET H 71 -13.30 0.95 -4.60
N ALA H 72 -12.84 2.19 -4.47
CA ALA H 72 -12.26 2.90 -5.60
C ALA H 72 -10.79 2.52 -5.85
N LYS H 73 -10.09 2.18 -4.77
CA LYS H 73 -8.67 1.84 -4.86
C LYS H 73 -8.33 0.35 -5.03
N ASP H 74 -9.20 -0.53 -4.55
CA ASP H 74 -8.94 -1.97 -4.63
C ASP H 74 -8.94 -2.59 -6.03
N ASP H 75 -8.15 -3.65 -6.17
CA ASP H 75 -8.05 -4.42 -7.40
C ASP H 75 -8.02 -5.89 -6.95
N PRO H 76 -8.26 -6.85 -7.85
CA PRO H 76 -8.28 -8.28 -7.51
C PRO H 76 -7.09 -8.81 -6.70
N ILE H 77 -5.89 -8.63 -7.23
CA ILE H 77 -4.70 -9.14 -6.55
C ILE H 77 -4.52 -8.50 -5.18
N ARG H 78 -4.71 -7.20 -5.11
CA ARG H 78 -4.58 -6.47 -3.86
C ARG H 78 -5.55 -7.05 -2.83
N LEU H 79 -6.78 -7.30 -3.27
CA LEU H 79 -7.81 -7.86 -2.40
C LEU H 79 -7.45 -9.26 -1.92
N GLU H 80 -6.91 -10.07 -2.82
CA GLU H 80 -6.52 -11.43 -2.49
C GLU H 80 -5.52 -11.45 -1.34
N TRP H 81 -4.48 -10.61 -1.42
CA TRP H 81 -3.47 -10.54 -0.38
C TRP H 81 -4.00 -9.93 0.92
N LEU H 82 -4.90 -8.95 0.82
CA LEU H 82 -5.46 -8.32 2.01
C LEU H 82 -6.30 -9.30 2.84
N ASN H 83 -7.04 -10.16 2.14
CA ASN H 83 -7.86 -11.17 2.82
C ASN H 83 -8.65 -10.52 3.93
N GLN H 84 -9.21 -9.35 3.65
CA GLN H 84 -9.96 -8.58 4.63
C GLN H 84 -11.17 -9.30 5.22
N PHE H 85 -11.76 -10.22 4.47
CA PHE H 85 -12.93 -10.92 4.96
C PHE H 85 -12.64 -11.97 6.02
N ALA H 86 -11.36 -12.20 6.31
CA ALA H 86 -11.00 -13.14 7.36
C ALA H 86 -11.45 -12.52 8.69
N ASP H 87 -11.40 -11.20 8.77
CA ASP H 87 -11.83 -10.52 9.99
C ASP H 87 -13.32 -10.73 10.21
N TRP H 88 -14.07 -10.82 9.10
CA TRP H 88 -15.50 -11.05 9.19
C TRP H 88 -15.75 -12.48 9.66
N ASP H 89 -14.88 -13.40 9.27
CA ASP H 89 -15.03 -14.79 9.70
C ASP H 89 -14.88 -14.89 11.21
N ARG H 90 -14.02 -14.04 11.78
CA ARG H 90 -13.77 -14.06 13.22
C ARG H 90 -15.04 -13.67 13.97
N LEU H 91 -15.81 -12.74 13.40
CA LEU H 91 -17.07 -12.33 14.02
C LEU H 91 -18.03 -13.51 14.02
N SER H 92 -17.98 -14.29 12.94
CA SER H 92 -18.85 -15.44 12.78
C SER H 92 -18.70 -16.52 13.86
N ILE H 93 -17.51 -16.61 14.46
CA ILE H 93 -17.28 -17.63 15.48
C ILE H 93 -17.30 -17.17 16.92
N VAL H 94 -17.73 -15.92 17.15
CA VAL H 94 -17.83 -15.41 18.51
C VAL H 94 -18.86 -16.28 19.22
N LYS H 95 -18.52 -16.83 20.39
CA LYS H 95 -19.45 -17.68 21.10
C LYS H 95 -20.43 -16.97 22.03
N THR H 96 -20.08 -15.76 22.45
CA THR H 96 -20.97 -14.99 23.32
C THR H 96 -22.16 -14.45 22.54
N PRO H 97 -23.36 -14.46 23.14
CA PRO H 97 -24.55 -13.95 22.46
C PRO H 97 -24.31 -12.52 21.96
N MET H 98 -24.72 -12.25 20.72
CA MET H 98 -24.54 -10.92 20.14
C MET H 98 -25.84 -10.36 19.59
N ILE H 99 -26.11 -9.10 19.92
CA ILE H 99 -27.33 -8.44 19.47
C ILE H 99 -27.03 -7.15 18.72
N ALA H 100 -27.67 -6.98 17.57
CA ALA H 100 -27.48 -5.77 16.78
C ALA H 100 -28.68 -4.85 17.01
N ALA H 101 -28.39 -3.61 17.38
CA ALA H 101 -29.44 -2.62 17.58
C ALA H 101 -29.31 -1.67 16.41
N VAL H 102 -30.07 -1.94 15.34
CA VAL H 102 -30.01 -1.13 14.13
C VAL H 102 -30.80 0.15 14.34
N ASN H 103 -30.07 1.26 14.44
CA ASN H 103 -30.65 2.57 14.69
C ASN H 103 -30.99 3.36 13.45
N GLY H 104 -30.66 2.82 12.27
CA GLY H 104 -30.95 3.53 11.05
C GLY H 104 -30.58 2.73 9.82
N LEU H 105 -29.88 3.35 8.89
CA LEU H 105 -29.46 2.66 7.69
C LEU H 105 -28.43 1.57 7.99
N ALA H 106 -28.67 0.39 7.43
CA ALA H 106 -27.78 -0.76 7.55
C ALA H 106 -27.72 -1.31 6.13
N LEU H 107 -26.88 -0.70 5.31
CA LEU H 107 -26.76 -1.08 3.91
C LEU H 107 -25.40 -1.73 3.63
N GLY H 108 -25.38 -2.65 2.67
CA GLY H 108 -24.15 -3.34 2.31
C GLY H 108 -23.49 -3.95 3.54
N GLY H 109 -22.22 -3.63 3.75
CA GLY H 109 -21.51 -4.15 4.90
C GLY H 109 -22.29 -3.92 6.17
N GLY H 110 -23.05 -2.83 6.21
CA GLY H 110 -23.84 -2.52 7.39
C GLY H 110 -24.86 -3.60 7.63
N PHE H 111 -25.53 -4.03 6.56
CA PHE H 111 -26.52 -5.09 6.66
C PHE H 111 -25.79 -6.38 7.08
N GLU H 112 -24.66 -6.64 6.41
CA GLU H 112 -23.88 -7.84 6.71
C GLU H 112 -23.44 -7.91 8.16
N LEU H 113 -23.07 -6.76 8.73
CA LEU H 113 -22.66 -6.71 10.14
C LEU H 113 -23.85 -7.09 11.01
N ALA H 114 -25.02 -6.53 10.72
CA ALA H 114 -26.21 -6.83 11.52
C ALA H 114 -26.57 -8.31 11.40
N LEU H 115 -26.44 -8.86 10.20
CA LEU H 115 -26.75 -10.27 9.97
C LEU H 115 -25.78 -11.17 10.73
N SER H 116 -24.59 -10.65 11.03
CA SER H 116 -23.58 -11.41 11.76
C SER H 116 -23.94 -11.61 13.22
N CYS H 117 -24.91 -10.85 13.71
CA CYS H 117 -25.32 -11.01 15.10
C CYS H 117 -26.38 -12.09 15.21
N ASP H 118 -26.60 -12.57 16.42
CA ASP H 118 -27.58 -13.62 16.68
C ASP H 118 -29.02 -13.12 16.63
N LEU H 119 -29.22 -11.90 17.11
CA LEU H 119 -30.55 -11.30 17.11
C LEU H 119 -30.44 -9.85 16.64
N ILE H 120 -31.50 -9.34 16.03
CA ILE H 120 -31.49 -7.96 15.55
C ILE H 120 -32.71 -7.20 16.07
N VAL H 121 -32.46 -6.08 16.73
CA VAL H 121 -33.53 -5.23 17.23
C VAL H 121 -33.38 -3.98 16.38
N ALA H 122 -34.42 -3.65 15.62
CA ALA H 122 -34.34 -2.50 14.73
C ALA H 122 -35.26 -1.34 15.08
N SER H 123 -34.80 -0.15 14.72
CA SER H 123 -35.56 1.07 14.92
C SER H 123 -36.60 1.13 13.82
N SER H 124 -37.67 1.89 14.03
CA SER H 124 -38.72 2.01 13.04
C SER H 124 -38.18 2.62 11.75
N ALA H 125 -37.21 3.52 11.91
CA ALA H 125 -36.61 4.21 10.77
C ALA H 125 -35.48 3.43 10.09
N ALA H 126 -35.11 2.29 10.66
CA ALA H 126 -34.05 1.49 10.08
C ALA H 126 -34.45 0.89 8.75
N GLU H 127 -33.52 0.88 7.81
CA GLU H 127 -33.73 0.29 6.49
C GLU H 127 -32.55 -0.60 6.16
N PHE H 128 -32.79 -1.70 5.47
CA PHE H 128 -31.75 -2.65 5.11
C PHE H 128 -31.64 -2.79 3.59
N GLY H 129 -30.52 -3.30 3.10
CA GLY H 129 -30.36 -3.47 1.67
C GLY H 129 -28.93 -3.65 1.20
N PHE H 130 -28.78 -4.07 -0.05
CA PHE H 130 -27.47 -4.29 -0.67
C PHE H 130 -27.40 -3.53 -1.99
N PRO H 131 -27.16 -2.21 -1.93
CA PRO H 131 -27.08 -1.37 -3.13
C PRO H 131 -25.81 -1.56 -3.97
N GLU H 132 -24.87 -2.35 -3.45
CA GLU H 132 -23.62 -2.60 -4.16
C GLU H 132 -23.79 -2.97 -5.64
N VAL H 133 -24.79 -3.79 -5.95
CA VAL H 133 -25.00 -4.19 -7.33
C VAL H 133 -25.11 -2.98 -8.24
N ASN H 134 -25.72 -1.90 -7.75
CA ASN H 134 -25.85 -0.69 -8.55
C ASN H 134 -24.50 -0.06 -8.88
N LEU H 135 -23.48 -0.40 -8.11
CA LEU H 135 -22.14 0.13 -8.35
C LEU H 135 -21.30 -0.90 -9.10
N GLY H 136 -21.97 -1.95 -9.56
CA GLY H 136 -21.31 -3.01 -10.30
C GLY H 136 -20.54 -3.98 -9.42
N VAL H 137 -20.87 -3.98 -8.12
CA VAL H 137 -20.19 -4.86 -7.17
C VAL H 137 -21.25 -5.74 -6.50
N MET H 138 -20.81 -6.61 -5.61
CA MET H 138 -21.71 -7.51 -4.92
C MET H 138 -21.28 -7.57 -3.45
N PRO H 139 -22.12 -8.16 -2.58
CA PRO H 139 -21.72 -8.24 -1.18
C PRO H 139 -20.53 -9.19 -1.10
N GLY H 140 -19.59 -8.93 -0.20
CA GLY H 140 -18.44 -9.79 -0.07
C GLY H 140 -18.21 -10.25 1.36
N ALA H 141 -19.10 -9.87 2.26
CA ALA H 141 -18.97 -10.25 3.66
C ALA H 141 -20.10 -11.12 4.18
N GLY H 142 -20.55 -12.07 3.37
CA GLY H 142 -21.60 -12.97 3.81
C GLY H 142 -23.02 -12.57 3.47
N GLY H 143 -23.20 -11.38 2.92
CA GLY H 143 -24.53 -10.92 2.58
C GLY H 143 -25.34 -11.89 1.72
N THR H 144 -24.75 -12.37 0.63
CA THR H 144 -25.46 -13.29 -0.25
C THR H 144 -25.78 -14.60 0.44
N GLN H 145 -24.90 -15.01 1.35
CA GLN H 145 -25.07 -16.26 2.06
C GLN H 145 -26.13 -16.19 3.16
N ARG H 146 -25.98 -15.26 4.08
CA ARG H 146 -26.92 -15.14 5.18
C ARG H 146 -28.34 -14.76 4.76
N LEU H 147 -28.48 -13.84 3.79
CA LEU H 147 -29.81 -13.43 3.36
C LEU H 147 -30.55 -14.62 2.75
N THR H 148 -29.86 -15.36 1.89
CA THR H 148 -30.44 -16.52 1.23
C THR H 148 -30.90 -17.60 2.21
N LYS H 149 -30.09 -17.89 3.22
CA LYS H 149 -30.45 -18.91 4.20
C LYS H 149 -31.67 -18.49 5.01
N LEU H 150 -31.85 -17.18 5.18
CA LEU H 150 -32.99 -16.68 5.95
C LEU H 150 -34.30 -16.56 5.16
N ILE H 151 -34.22 -16.18 3.89
CA ILE H 151 -35.45 -16.00 3.11
C ILE H 151 -35.60 -16.77 1.81
N GLY H 152 -34.65 -17.65 1.50
CA GLY H 152 -34.75 -18.40 0.25
C GLY H 152 -34.14 -17.68 -0.92
N PRO H 153 -33.74 -18.40 -1.97
CA PRO H 153 -33.12 -17.80 -3.17
C PRO H 153 -34.02 -16.90 -4.03
N LYS H 154 -35.29 -17.24 -4.14
CA LYS H 154 -36.21 -16.43 -4.94
C LYS H 154 -36.26 -15.01 -4.39
N ARG H 155 -36.63 -14.87 -3.13
CA ARG H 155 -36.71 -13.57 -2.50
C ARG H 155 -35.34 -12.90 -2.38
N ALA H 156 -34.33 -13.66 -1.96
CA ALA H 156 -32.98 -13.10 -1.81
C ALA H 156 -32.45 -12.51 -3.11
N LEU H 157 -32.63 -13.22 -4.21
CA LEU H 157 -32.16 -12.74 -5.50
C LEU H 157 -32.82 -11.43 -5.93
N GLU H 158 -34.08 -11.24 -5.56
CA GLU H 158 -34.75 -10.00 -5.94
C GLU H 158 -34.05 -8.82 -5.29
N TRP H 159 -33.83 -8.92 -3.98
CA TRP H 159 -33.18 -7.86 -3.22
C TRP H 159 -31.73 -7.63 -3.64
N LEU H 160 -30.98 -8.71 -3.85
CA LEU H 160 -29.57 -8.61 -4.24
C LEU H 160 -29.37 -8.12 -5.67
N TRP H 161 -30.30 -8.45 -6.55
CA TRP H 161 -30.21 -8.03 -7.94
C TRP H 161 -30.71 -6.60 -8.17
N THR H 162 -31.67 -6.16 -7.37
CA THR H 162 -32.21 -4.81 -7.53
C THR H 162 -31.51 -3.77 -6.66
N GLY H 163 -31.06 -4.20 -5.48
CA GLY H 163 -30.40 -3.29 -4.57
C GLY H 163 -31.38 -2.39 -3.82
N ALA H 164 -32.66 -2.72 -3.92
CA ALA H 164 -33.71 -1.93 -3.28
C ALA H 164 -33.65 -2.03 -1.76
N ARG H 165 -34.22 -1.02 -1.09
CA ARG H 165 -34.23 -1.01 0.37
C ARG H 165 -35.43 -1.70 0.97
N MET H 166 -35.17 -2.47 2.02
CA MET H 166 -36.17 -3.24 2.73
C MET H 166 -36.49 -2.50 4.04
N SER H 167 -37.76 -2.40 4.38
CA SER H 167 -38.18 -1.72 5.60
C SER H 167 -37.96 -2.62 6.81
N ALA H 168 -37.92 -2.01 7.99
CA ALA H 168 -37.72 -2.76 9.21
C ALA H 168 -38.89 -3.72 9.40
N LYS H 169 -40.07 -3.26 8.99
CA LYS H 169 -41.27 -4.06 9.12
C LYS H 169 -41.20 -5.33 8.27
N GLU H 170 -40.82 -5.19 7.01
CA GLU H 170 -40.73 -6.35 6.15
C GLU H 170 -39.66 -7.31 6.66
N ALA H 171 -38.53 -6.77 7.09
CA ALA H 171 -37.44 -7.59 7.61
C ALA H 171 -37.97 -8.46 8.75
N GLU H 172 -38.79 -7.86 9.61
CA GLU H 172 -39.37 -8.60 10.73
C GLU H 172 -40.28 -9.72 10.20
N GLN H 173 -41.07 -9.39 9.18
CA GLN H 173 -41.98 -10.37 8.59
C GLN H 173 -41.21 -11.55 8.02
N LEU H 174 -40.04 -11.27 7.46
CA LEU H 174 -39.19 -12.29 6.84
C LEU H 174 -38.37 -13.10 7.82
N GLY H 175 -38.41 -12.75 9.10
CA GLY H 175 -37.65 -13.49 10.08
C GLY H 175 -36.19 -13.07 10.16
N ILE H 176 -35.90 -11.90 9.60
CA ILE H 176 -34.54 -11.37 9.62
C ILE H 176 -34.36 -10.57 10.92
N VAL H 177 -35.30 -9.66 11.17
CA VAL H 177 -35.29 -8.83 12.37
C VAL H 177 -36.23 -9.45 13.40
N ASN H 178 -35.78 -9.52 14.65
CA ASN H 178 -36.56 -10.11 15.73
C ASN H 178 -37.61 -9.19 16.33
N ARG H 179 -37.32 -7.89 16.36
CA ARG H 179 -38.24 -6.94 16.97
C ARG H 179 -38.02 -5.54 16.41
N VAL H 180 -39.11 -4.78 16.28
CA VAL H 180 -39.04 -3.42 15.78
C VAL H 180 -39.64 -2.49 16.84
N VAL H 181 -38.91 -1.43 17.17
CA VAL H 181 -39.36 -0.47 18.17
C VAL H 181 -39.06 0.95 17.72
N SER H 182 -39.63 1.93 18.40
CA SER H 182 -39.41 3.34 18.05
C SER H 182 -37.94 3.72 18.21
N PRO H 183 -37.47 4.70 17.42
CA PRO H 183 -36.09 5.18 17.46
C PRO H 183 -35.57 5.59 18.84
N GLU H 184 -36.41 6.22 19.65
CA GLU H 184 -35.97 6.66 20.96
C GLU H 184 -35.97 5.59 22.05
N LEU H 185 -36.55 4.43 21.76
CA LEU H 185 -36.60 3.34 22.72
C LEU H 185 -35.69 2.17 22.32
N LEU H 186 -35.01 2.31 21.18
CA LEU H 186 -34.13 1.25 20.67
C LEU H 186 -33.12 0.74 21.70
N MET H 187 -32.21 1.63 22.10
CA MET H 187 -31.17 1.25 23.06
C MET H 187 -31.71 0.77 24.39
N GLU H 188 -32.71 1.46 24.92
CA GLU H 188 -33.29 1.05 26.20
C GLU H 188 -33.94 -0.32 26.10
N GLU H 189 -34.57 -0.59 24.96
CA GLU H 189 -35.22 -1.89 24.75
C GLU H 189 -34.20 -2.99 24.49
N THR H 190 -33.10 -2.65 23.83
CA THR H 190 -32.07 -3.63 23.53
C THR H 190 -31.28 -4.01 24.78
N MET H 191 -30.99 -3.02 25.62
CA MET H 191 -30.25 -3.27 26.85
C MET H 191 -31.10 -4.08 27.83
N ARG H 192 -32.41 -3.94 27.71
CA ARG H 192 -33.33 -4.68 28.58
C ARG H 192 -33.30 -6.14 28.14
N LEU H 193 -33.33 -6.36 26.83
CA LEU H 193 -33.29 -7.71 26.29
C LEU H 193 -31.94 -8.33 26.62
N ALA H 194 -30.87 -7.56 26.43
CA ALA H 194 -29.53 -8.04 26.71
C ALA H 194 -29.43 -8.39 28.20
N GLY H 195 -30.06 -7.59 29.04
CA GLY H 195 -30.04 -7.85 30.47
C GLY H 195 -30.72 -9.15 30.84
N ARG H 196 -31.87 -9.42 30.23
CA ARG H 196 -32.60 -10.66 30.51
C ARG H 196 -31.80 -11.86 30.04
N LEU H 197 -31.24 -11.78 28.84
CA LEU H 197 -30.45 -12.88 28.30
C LEU H 197 -29.24 -13.13 29.18
N ALA H 198 -28.70 -12.07 29.77
CA ALA H 198 -27.55 -12.17 30.64
C ALA H 198 -27.86 -12.96 31.90
N GLU H 199 -29.16 -13.05 32.23
CA GLU H 199 -29.59 -13.77 33.42
C GLU H 199 -29.89 -15.23 33.15
N GLN H 200 -29.85 -15.63 31.89
CA GLN H 200 -30.09 -17.01 31.50
C GLN H 200 -28.80 -17.80 31.73
N PRO H 201 -28.91 -19.11 31.99
CA PRO H 201 -27.72 -19.95 32.21
C PRO H 201 -26.73 -19.75 31.05
N PRO H 202 -25.56 -19.17 31.33
CA PRO H 202 -24.52 -18.90 30.34
C PRO H 202 -24.14 -20.08 29.44
N LEU H 203 -23.90 -21.23 30.06
CA LEU H 203 -23.53 -22.43 29.32
C LEU H 203 -24.65 -22.86 28.38
N ALA H 204 -25.88 -22.81 28.86
CA ALA H 204 -27.03 -23.18 28.05
C ALA H 204 -27.08 -22.30 26.81
N LEU H 205 -26.99 -20.98 27.00
CA LEU H 205 -27.02 -20.07 25.86
C LEU H 205 -25.89 -20.36 24.87
N ARG H 206 -24.69 -20.58 25.40
CA ARG H 206 -23.51 -20.87 24.60
C ARG H 206 -23.67 -22.09 23.71
N LEU H 207 -24.04 -23.23 24.32
CA LEU H 207 -24.20 -24.47 23.58
C LEU H 207 -25.44 -24.52 22.68
N ILE H 208 -26.47 -23.76 23.00
CA ILE H 208 -27.66 -23.72 22.17
C ILE H 208 -27.29 -22.96 20.91
N LYS H 209 -26.51 -21.90 21.06
CA LYS H 209 -26.08 -21.09 19.93
C LYS H 209 -25.24 -21.94 19.00
N GLU H 210 -24.32 -22.72 19.57
CA GLU H 210 -23.47 -23.59 18.77
C GLU H 210 -24.34 -24.57 17.97
N ALA H 211 -25.33 -25.17 18.65
CA ALA H 211 -26.21 -26.13 18.01
C ALA H 211 -27.01 -25.52 16.86
N VAL H 212 -27.56 -24.33 17.10
CA VAL H 212 -28.34 -23.65 16.08
C VAL H 212 -27.49 -23.36 14.86
N GLN H 213 -26.23 -22.98 15.09
CA GLN H 213 -25.32 -22.69 13.99
C GLN H 213 -25.08 -23.96 13.17
N LYS H 214 -25.01 -25.10 13.84
CA LYS H 214 -24.81 -26.35 13.13
C LYS H 214 -26.07 -26.70 12.34
N ALA H 215 -27.24 -26.39 12.90
CA ALA H 215 -28.50 -26.70 12.24
C ALA H 215 -28.65 -26.00 10.90
N VAL H 216 -28.02 -24.83 10.77
CA VAL H 216 -28.10 -24.08 9.53
C VAL H 216 -27.37 -24.80 8.40
N ASP H 217 -26.24 -25.42 8.73
CA ASP H 217 -25.43 -26.11 7.74
C ASP H 217 -25.54 -27.65 7.71
N TYR H 218 -25.46 -28.27 8.89
CA TYR H 218 -25.49 -29.73 9.03
C TYR H 218 -26.73 -30.50 8.59
N PRO H 219 -26.52 -31.75 8.11
CA PRO H 219 -27.66 -32.58 7.70
C PRO H 219 -28.28 -32.92 9.06
N LEU H 220 -29.59 -33.13 9.10
CA LEU H 220 -30.28 -33.42 10.36
C LEU H 220 -29.64 -34.41 11.31
N TYR H 221 -29.33 -35.61 10.82
CA TYR H 221 -28.74 -36.65 11.66
C TYR H 221 -27.42 -36.23 12.32
N GLU H 222 -26.53 -35.62 11.55
CA GLU H 222 -25.25 -35.17 12.09
C GLU H 222 -25.46 -34.01 13.04
N GLY H 223 -26.40 -33.13 12.71
CA GLY H 223 -26.69 -32.01 13.57
C GLY H 223 -27.18 -32.50 14.92
N MET H 224 -28.06 -33.49 14.91
CA MET H 224 -28.58 -34.05 16.15
C MET H 224 -27.47 -34.74 16.94
N GLN H 225 -26.50 -35.29 16.22
CA GLN H 225 -25.35 -35.95 16.85
C GLN H 225 -24.55 -34.90 17.65
N PHE H 226 -24.34 -33.74 17.03
CA PHE H 226 -23.60 -32.66 17.68
C PHE H 226 -24.40 -32.16 18.87
N GLU H 227 -25.67 -31.87 18.61
CA GLU H 227 -26.60 -31.37 19.61
C GLU H 227 -26.57 -32.17 20.91
N ARG H 228 -26.72 -33.49 20.81
CA ARG H 228 -26.73 -34.34 21.99
C ARG H 228 -25.41 -34.39 22.75
N LYS H 229 -24.29 -34.14 22.07
CA LYS H 229 -23.01 -34.14 22.79
C LYS H 229 -23.00 -32.89 23.67
N ASN H 230 -23.53 -31.78 23.15
CA ASN H 230 -23.61 -30.56 23.93
C ASN H 230 -24.58 -30.79 25.08
N PHE H 231 -25.62 -31.58 24.82
CA PHE H 231 -26.61 -31.89 25.84
C PHE H 231 -25.89 -32.58 27.01
N TYR H 232 -25.11 -33.59 26.67
CA TYR H 232 -24.36 -34.33 27.67
C TYR H 232 -23.50 -33.40 28.50
N LEU H 233 -22.71 -32.58 27.82
CA LEU H 233 -21.80 -31.64 28.45
C LEU H 233 -22.45 -30.76 29.50
N LEU H 234 -23.67 -30.31 29.24
CA LEU H 234 -24.36 -29.47 30.20
C LEU H 234 -24.61 -30.15 31.54
N PHE H 235 -24.61 -31.48 31.55
CA PHE H 235 -24.83 -32.20 32.80
C PHE H 235 -23.57 -32.30 33.66
N ALA H 236 -22.53 -31.61 33.22
CA ALA H 236 -21.28 -31.58 33.98
C ALA H 236 -21.26 -30.27 34.75
N SER H 237 -22.22 -29.38 34.44
CA SER H 237 -22.28 -28.08 35.10
C SER H 237 -23.16 -28.05 36.33
N GLU H 238 -22.87 -27.10 37.21
CA GLU H 238 -23.65 -26.93 38.43
C GLU H 238 -24.99 -26.30 38.07
N ASP H 239 -25.01 -25.52 36.99
CA ASP H 239 -26.23 -24.86 36.55
C ASP H 239 -27.33 -25.83 36.15
N GLN H 240 -26.94 -26.98 35.58
CA GLN H 240 -27.91 -27.98 35.18
C GLN H 240 -28.52 -28.63 36.42
N LYS H 241 -27.65 -28.97 37.37
CA LYS H 241 -28.11 -29.60 38.60
C LYS H 241 -28.98 -28.61 39.38
N GLU H 242 -28.53 -27.36 39.46
CA GLU H 242 -29.27 -26.32 40.17
C GLU H 242 -30.58 -26.00 39.48
N GLY H 243 -30.57 -26.00 38.15
CA GLY H 243 -31.78 -25.70 37.40
C GLY H 243 -32.88 -26.74 37.54
N MET H 244 -32.54 -28.01 37.37
CA MET H 244 -33.52 -29.08 37.48
C MET H 244 -33.95 -29.32 38.91
N ALA H 245 -33.01 -29.22 39.84
CA ALA H 245 -33.33 -29.44 41.25
C ALA H 245 -34.30 -28.35 41.69
N ALA H 246 -33.98 -27.11 41.34
CA ALA H 246 -34.83 -25.97 41.69
C ALA H 246 -36.23 -26.15 41.10
N PHE H 247 -36.29 -26.66 39.87
CA PHE H 247 -37.56 -26.90 39.20
C PHE H 247 -38.41 -27.91 39.95
N LEU H 248 -37.75 -28.93 40.50
CA LEU H 248 -38.44 -29.98 41.25
C LEU H 248 -38.74 -29.51 42.67
N GLU H 249 -37.78 -28.80 43.26
CA GLU H 249 -37.93 -28.29 44.63
C GLU H 249 -38.87 -27.10 44.69
N LYS H 250 -39.30 -26.60 43.54
CA LYS H 250 -40.21 -25.46 43.49
C LYS H 250 -39.54 -24.19 44.01
N ARG H 251 -38.31 -23.94 43.58
CA ARG H 251 -37.57 -22.77 44.03
C ARG H 251 -36.94 -22.02 42.85
N LYS H 252 -36.48 -20.79 43.10
CA LYS H 252 -35.86 -20.00 42.05
C LYS H 252 -34.41 -20.43 41.94
N PRO H 253 -33.99 -20.90 40.75
CA PRO H 253 -32.61 -21.34 40.55
C PRO H 253 -31.61 -20.19 40.56
N ARG H 254 -30.42 -20.46 41.06
CA ARG H 254 -29.38 -19.44 41.08
C ARG H 254 -28.24 -19.95 40.19
N PHE H 255 -28.20 -19.43 38.96
CA PHE H 255 -27.18 -19.85 38.00
C PHE H 255 -25.90 -19.04 38.15
N GLN H 256 -24.76 -19.71 38.02
CA GLN H 256 -23.47 -19.06 38.16
C GLN H 256 -22.59 -19.14 36.91
N GLY H 257 -23.11 -19.74 35.85
CA GLY H 257 -22.34 -19.86 34.63
C GLY H 257 -21.29 -20.95 34.73
N LYS H 258 -21.55 -21.92 35.60
CA LYS H 258 -20.66 -23.04 35.82
C LYS H 258 -21.50 -24.30 35.99
N GLU I 3 56.97 10.19 -10.45
CA GLU I 3 56.59 9.06 -11.34
C GLU I 3 55.39 9.46 -12.21
N PHE I 4 55.52 10.59 -12.90
CA PHE I 4 54.47 11.10 -13.76
C PHE I 4 54.92 10.96 -15.21
N VAL I 5 53.98 10.69 -16.12
CA VAL I 5 54.33 10.54 -17.52
C VAL I 5 53.92 11.73 -18.38
N SER I 6 53.19 12.68 -17.79
CA SER I 6 52.73 13.86 -18.52
C SER I 6 53.15 15.17 -17.89
N ILE I 7 53.76 15.11 -16.71
CA ILE I 7 54.21 16.31 -16.02
C ILE I 7 55.48 16.03 -15.24
N ALA I 8 56.09 17.11 -14.75
CA ALA I 8 57.31 17.01 -13.97
C ALA I 8 57.17 17.98 -12.80
N ALA I 9 57.51 17.54 -11.60
CA ALA I 9 57.40 18.39 -10.43
C ALA I 9 58.72 18.50 -9.68
N ARG I 10 58.97 19.67 -9.09
CA ARG I 10 60.20 19.90 -8.35
C ARG I 10 59.96 20.99 -7.31
N GLN I 11 60.94 21.20 -6.44
CA GLN I 11 60.83 22.21 -5.40
C GLN I 11 62.01 23.17 -5.42
N GLU I 12 61.70 24.44 -5.17
CA GLU I 12 62.73 25.47 -5.14
C GLU I 12 62.37 26.31 -3.92
N GLY I 13 63.16 26.17 -2.86
CA GLY I 13 62.87 26.92 -1.65
C GLY I 13 61.53 26.41 -1.15
N ALA I 14 60.65 27.32 -0.75
CA ALA I 14 59.33 26.95 -0.24
C ALA I 14 58.27 26.92 -1.34
N VAL I 15 58.71 26.81 -2.59
CA VAL I 15 57.79 26.80 -3.72
C VAL I 15 57.74 25.47 -4.46
N GLY I 16 56.53 25.00 -4.73
CA GLY I 16 56.36 23.75 -5.45
C GLY I 16 56.09 24.09 -6.91
N ILE I 17 56.85 23.48 -7.81
CA ILE I 17 56.67 23.76 -9.23
C ILE I 17 56.19 22.55 -10.01
N ILE I 18 55.16 22.75 -10.81
CA ILE I 18 54.63 21.68 -11.64
C ILE I 18 54.79 22.13 -13.09
N GLU I 19 55.45 21.30 -13.87
CA GLU I 19 55.67 21.60 -15.28
C GLU I 19 54.94 20.61 -16.16
N LEU I 20 54.03 21.11 -16.98
CA LEU I 20 53.29 20.26 -17.90
C LEU I 20 54.35 19.79 -18.88
N ALA I 21 54.46 18.47 -19.08
CA ALA I 21 55.50 17.94 -19.97
C ALA I 21 55.07 17.11 -21.18
N ARG I 22 54.36 17.73 -22.10
CA ARG I 22 53.94 17.07 -23.33
C ARG I 22 54.00 18.11 -24.44
N PRO I 23 55.14 18.83 -24.57
CA PRO I 23 55.30 19.85 -25.59
C PRO I 23 55.10 19.38 -27.02
N ASP I 24 55.28 18.07 -27.25
CA ASP I 24 55.09 17.53 -28.59
C ASP I 24 53.65 17.73 -29.03
N VAL I 25 52.75 17.93 -28.07
CA VAL I 25 51.35 18.18 -28.38
C VAL I 25 50.91 19.47 -27.72
N LEU I 26 51.86 20.37 -27.49
CA LEU I 26 51.59 21.67 -26.89
C LEU I 26 50.88 21.52 -25.54
N ASN I 27 51.25 20.48 -24.81
CA ASN I 27 50.70 20.17 -23.49
C ASN I 27 49.19 20.06 -23.45
N ALA I 28 48.62 19.44 -24.48
CA ALA I 28 47.18 19.25 -24.54
C ALA I 28 46.81 18.46 -23.27
N LEU I 29 45.77 18.90 -22.57
CA LEU I 29 45.34 18.27 -21.33
C LEU I 29 44.51 17.00 -21.47
N SER I 30 45.14 15.85 -21.22
CA SER I 30 44.43 14.58 -21.28
C SER I 30 43.84 14.32 -19.90
N ARG I 31 42.84 13.46 -19.83
CA ARG I 31 42.23 13.16 -18.54
C ARG I 31 43.28 12.60 -17.60
N GLN I 32 44.22 11.82 -18.15
CA GLN I 32 45.28 11.24 -17.35
C GLN I 32 46.23 12.32 -16.84
N MET I 33 46.53 13.29 -17.70
CA MET I 33 47.43 14.37 -17.32
C MET I 33 46.80 15.21 -16.19
N VAL I 34 45.51 15.50 -16.32
CA VAL I 34 44.82 16.28 -15.28
C VAL I 34 44.93 15.52 -13.95
N ALA I 35 44.72 14.20 -14.01
CA ALA I 35 44.79 13.37 -12.81
C ALA I 35 46.16 13.50 -12.16
N GLU I 36 47.21 13.56 -12.98
CA GLU I 36 48.57 13.71 -12.48
C GLU I 36 48.74 15.09 -11.85
N ILE I 37 48.25 16.11 -12.53
CA ILE I 37 48.36 17.47 -12.02
C ILE I 37 47.72 17.52 -10.64
N VAL I 38 46.55 16.89 -10.52
CA VAL I 38 45.84 16.86 -9.25
C VAL I 38 46.69 16.19 -8.17
N ALA I 39 47.24 15.02 -8.51
CA ALA I 39 48.09 14.28 -7.58
C ALA I 39 49.23 15.15 -7.06
N ALA I 40 49.93 15.80 -7.98
CA ALA I 40 51.06 16.66 -7.62
C ALA I 40 50.65 17.87 -6.77
N VAL I 41 49.57 18.54 -7.15
CA VAL I 41 49.12 19.70 -6.40
C VAL I 41 48.69 19.32 -4.98
N GLU I 42 47.93 18.24 -4.84
CA GLU I 42 47.49 17.84 -3.51
C GLU I 42 48.68 17.47 -2.65
N ALA I 43 49.68 16.83 -3.26
CA ALA I 43 50.88 16.44 -2.54
C ALA I 43 51.59 17.70 -2.04
N PHE I 44 51.77 18.69 -2.91
CA PHE I 44 52.42 19.93 -2.49
C PHE I 44 51.60 20.62 -1.42
N ASP I 45 50.28 20.56 -1.57
CA ASP I 45 49.36 21.18 -0.63
C ASP I 45 49.60 20.65 0.78
N ARG I 46 49.70 19.33 0.90
CA ARG I 46 49.93 18.66 2.19
C ARG I 46 51.35 18.88 2.72
N ASN I 47 52.31 19.05 1.82
CA ASN I 47 53.70 19.25 2.20
C ASN I 47 53.86 20.54 3.00
N GLU I 48 54.26 20.41 4.26
CA GLU I 48 54.45 21.57 5.13
C GLU I 48 55.57 22.49 4.65
N LYS I 49 56.45 21.98 3.80
CA LYS I 49 57.57 22.78 3.28
C LYS I 49 57.19 23.65 2.08
N VAL I 50 56.06 23.33 1.44
CA VAL I 50 55.61 24.06 0.27
C VAL I 50 54.49 25.06 0.60
N ARG I 51 54.82 26.35 0.55
CA ARG I 51 53.87 27.40 0.86
C ARG I 51 53.18 28.00 -0.38
N VAL I 52 53.75 27.74 -1.55
CA VAL I 52 53.19 28.24 -2.81
C VAL I 52 53.41 27.23 -3.92
N ILE I 53 52.44 27.13 -4.82
CA ILE I 53 52.51 26.21 -5.93
C ILE I 53 52.44 26.96 -7.25
N VAL I 54 53.38 26.67 -8.15
CA VAL I 54 53.42 27.31 -9.46
C VAL I 54 53.21 26.29 -10.57
N LEU I 55 52.36 26.63 -11.52
CA LEU I 55 52.10 25.77 -12.67
C LEU I 55 52.64 26.48 -13.91
N THR I 56 53.34 25.75 -14.75
CA THR I 56 53.86 26.33 -15.98
C THR I 56 54.02 25.24 -17.03
N GLY I 57 54.18 25.65 -18.28
CA GLY I 57 54.32 24.66 -19.34
C GLY I 57 55.70 24.54 -19.94
N ARG I 58 56.02 23.34 -20.40
CA ARG I 58 57.30 23.08 -21.05
C ARG I 58 57.09 23.31 -22.55
N GLY I 59 58.08 23.91 -23.20
CA GLY I 59 57.93 24.17 -24.62
C GLY I 59 57.40 25.56 -24.89
N ARG I 60 56.75 25.75 -26.04
CA ARG I 60 56.24 27.05 -26.41
C ARG I 60 54.82 27.36 -25.94
N ALA I 61 54.15 26.39 -25.34
CA ALA I 61 52.77 26.62 -24.88
C ALA I 61 52.53 26.25 -23.41
N PHE I 62 51.52 26.88 -22.81
CA PHE I 62 51.16 26.58 -21.43
C PHE I 62 50.42 25.25 -21.54
N ALA I 63 49.30 25.28 -22.27
CA ALA I 63 48.48 24.11 -22.52
C ALA I 63 47.46 24.48 -23.59
N ALA I 64 47.67 23.98 -24.80
CA ALA I 64 46.77 24.27 -25.91
C ALA I 64 45.63 23.27 -26.02
N GLY I 65 44.54 23.55 -25.32
CA GLY I 65 43.38 22.69 -25.37
C GLY I 65 43.51 21.40 -24.57
N ALA I 66 42.57 20.50 -24.82
CA ALA I 66 42.55 19.19 -24.16
C ALA I 66 42.81 18.13 -25.21
N ASP I 67 42.94 16.88 -24.77
CA ASP I 67 43.16 15.78 -25.69
C ASP I 67 41.82 15.55 -26.39
N ILE I 68 41.70 15.97 -27.63
CA ILE I 68 40.45 15.81 -28.37
C ILE I 68 40.22 14.37 -28.83
N GLN I 69 41.29 13.70 -29.24
CA GLN I 69 41.21 12.32 -29.71
C GLN I 69 40.55 11.38 -28.70
N GLU I 70 40.99 11.43 -27.45
CA GLU I 70 40.45 10.53 -26.44
C GLU I 70 38.96 10.70 -26.14
N MET I 71 38.37 11.84 -26.50
CA MET I 71 36.95 12.05 -26.25
C MET I 71 36.11 12.28 -27.50
N ALA I 72 36.74 12.23 -28.67
CA ALA I 72 36.06 12.46 -29.94
C ALA I 72 34.78 11.65 -30.16
N LYS I 73 34.74 10.42 -29.67
CA LYS I 73 33.58 9.58 -29.86
C LYS I 73 32.84 9.22 -28.57
N ASP I 74 33.04 10.00 -27.52
CA ASP I 74 32.36 9.71 -26.26
C ASP I 74 30.89 10.07 -26.37
N ASP I 75 30.08 9.50 -25.49
CA ASP I 75 28.65 9.79 -25.47
C ASP I 75 28.32 10.27 -24.05
N PRO I 76 27.14 10.86 -23.85
CA PRO I 76 26.74 11.37 -22.52
C PRO I 76 26.88 10.36 -21.38
N ILE I 77 26.45 9.13 -21.61
CA ILE I 77 26.52 8.09 -20.57
C ILE I 77 27.95 7.83 -20.14
N ARG I 78 28.83 7.69 -21.12
CA ARG I 78 30.25 7.49 -20.85
C ARG I 78 30.75 8.64 -19.94
N LEU I 79 30.47 9.88 -20.36
CA LEU I 79 30.90 11.06 -19.60
C LEU I 79 30.29 11.15 -18.21
N GLU I 80 29.00 10.82 -18.09
CA GLU I 80 28.31 10.85 -16.81
C GLU I 80 28.98 9.94 -15.78
N TRP I 81 29.20 8.68 -16.14
CA TRP I 81 29.84 7.75 -15.21
C TRP I 81 31.30 8.08 -14.95
N LEU I 82 31.98 8.63 -15.95
CA LEU I 82 33.39 9.00 -15.82
C LEU I 82 33.58 10.15 -14.83
N ASN I 83 32.69 11.14 -14.88
CA ASN I 83 32.76 12.29 -13.97
C ASN I 83 34.18 12.88 -13.95
N GLN I 84 34.74 13.09 -15.13
CA GLN I 84 36.09 13.60 -15.28
C GLN I 84 36.37 14.94 -14.61
N PHE I 85 35.33 15.78 -14.48
CA PHE I 85 35.50 17.09 -13.90
C PHE I 85 35.58 17.08 -12.38
N ALA I 86 35.43 15.89 -11.79
CA ALA I 86 35.54 15.76 -10.35
C ALA I 86 37.00 16.08 -10.00
N ASP I 87 37.90 15.78 -10.92
CA ASP I 87 39.33 16.06 -10.73
C ASP I 87 39.58 17.56 -10.73
N TRP I 88 38.84 18.28 -11.56
CA TRP I 88 38.99 19.73 -11.61
C TRP I 88 38.45 20.34 -10.31
N ASP I 89 37.43 19.70 -9.72
CA ASP I 89 36.87 20.21 -8.47
C ASP I 89 37.89 20.08 -7.34
N ARG I 90 38.70 19.01 -7.40
CA ARG I 90 39.73 18.81 -6.39
C ARG I 90 40.78 19.91 -6.48
N LEU I 91 41.01 20.41 -7.68
CA LEU I 91 41.97 21.50 -7.85
C LEU I 91 41.39 22.75 -7.22
N SER I 92 40.08 22.95 -7.41
CA SER I 92 39.40 24.12 -6.87
C SER I 92 39.43 24.25 -5.36
N ILE I 93 39.50 23.13 -4.64
CA ILE I 93 39.51 23.22 -3.18
C ILE I 93 40.87 23.23 -2.51
N VAL I 94 41.94 23.16 -3.29
CA VAL I 94 43.28 23.20 -2.73
C VAL I 94 43.41 24.54 -2.00
N LYS I 95 43.86 24.51 -0.75
CA LYS I 95 43.98 25.72 0.05
C LYS I 95 45.30 26.47 -0.04
N THR I 96 46.34 25.82 -0.56
CA THR I 96 47.66 26.45 -0.71
C THR I 96 47.60 27.43 -1.89
N PRO I 97 48.29 28.57 -1.79
CA PRO I 97 48.31 29.56 -2.87
C PRO I 97 48.82 28.93 -4.17
N MET I 98 48.16 29.22 -5.28
CA MET I 98 48.56 28.68 -6.58
C MET I 98 48.70 29.77 -7.63
N ILE I 99 49.80 29.72 -8.37
CA ILE I 99 50.08 30.70 -9.40
C ILE I 99 50.32 30.04 -10.74
N ALA I 100 49.68 30.56 -11.78
CA ALA I 100 49.86 30.04 -13.13
C ALA I 100 50.84 30.96 -13.85
N ALA I 101 51.90 30.36 -14.40
CA ALA I 101 52.91 31.11 -15.15
C ALA I 101 52.67 30.73 -16.61
N VAL I 102 51.83 31.50 -17.29
CA VAL I 102 51.47 31.23 -18.67
C VAL I 102 52.53 31.71 -19.66
N ASN I 103 53.28 30.76 -20.21
CA ASN I 103 54.36 31.03 -21.14
C ASN I 103 53.93 31.11 -22.60
N GLY I 104 52.70 30.70 -22.91
CA GLY I 104 52.25 30.75 -24.29
C GLY I 104 50.77 30.52 -24.44
N LEU I 105 50.38 29.69 -25.40
CA LEU I 105 48.98 29.39 -25.62
C LEU I 105 48.32 28.71 -24.43
N ALA I 106 47.21 29.29 -23.97
CA ALA I 106 46.41 28.76 -22.87
C ALA I 106 45.00 28.71 -23.44
N LEU I 107 44.68 27.63 -24.14
CA LEU I 107 43.39 27.46 -24.77
C LEU I 107 42.56 26.36 -24.12
N GLY I 108 41.25 26.53 -24.13
CA GLY I 108 40.35 25.55 -23.55
C GLY I 108 40.78 25.10 -22.18
N GLY I 109 40.93 23.78 -22.00
CA GLY I 109 41.34 23.26 -20.71
C GLY I 109 42.56 23.99 -20.15
N GLY I 110 43.45 24.45 -21.03
CA GLY I 110 44.63 25.17 -20.58
C GLY I 110 44.27 26.51 -19.97
N PHE I 111 43.28 27.18 -20.56
CA PHE I 111 42.82 28.47 -20.05
C PHE I 111 42.12 28.20 -18.72
N GLU I 112 41.36 27.11 -18.67
CA GLU I 112 40.65 26.75 -17.44
C GLU I 112 41.63 26.36 -16.34
N LEU I 113 42.77 25.81 -16.71
CA LEU I 113 43.78 25.42 -15.73
C LEU I 113 44.36 26.68 -15.12
N ALA I 114 44.61 27.69 -15.96
CA ALA I 114 45.13 28.94 -15.47
C ALA I 114 44.09 29.63 -14.60
N LEU I 115 42.84 29.60 -15.03
CA LEU I 115 41.77 30.24 -14.27
C LEU I 115 41.60 29.59 -12.90
N SER I 116 41.93 28.29 -12.81
CA SER I 116 41.82 27.57 -11.54
C SER I 116 42.83 28.07 -10.53
N CYS I 117 43.88 28.75 -10.99
CA CYS I 117 44.89 29.27 -10.06
C CYS I 117 44.41 30.59 -9.46
N ASP I 118 45.05 30.98 -8.36
CA ASP I 118 44.70 32.20 -7.65
C ASP I 118 45.21 33.46 -8.30
N LEU I 119 46.39 33.38 -8.92
CA LEU I 119 47.00 34.52 -9.60
C LEU I 119 47.57 34.02 -10.92
N ILE I 120 47.66 34.91 -11.90
CA ILE I 120 48.19 34.54 -13.20
C ILE I 120 49.23 35.54 -13.66
N VAL I 121 50.43 35.04 -13.97
CA VAL I 121 51.51 35.86 -14.49
C VAL I 121 51.67 35.31 -15.90
N ALA I 122 51.55 36.19 -16.89
CA ALA I 122 51.64 35.74 -18.27
C ALA I 122 52.73 36.42 -19.08
N SER I 123 53.25 35.68 -20.05
CA SER I 123 54.26 36.22 -20.95
C SER I 123 53.48 37.10 -21.91
N SER I 124 54.09 38.17 -22.39
CA SER I 124 53.43 39.07 -23.33
C SER I 124 53.13 38.29 -24.60
N ALA I 125 53.72 37.12 -24.73
CA ALA I 125 53.52 36.28 -25.90
C ALA I 125 52.34 35.34 -25.75
N ALA I 126 51.83 35.19 -24.53
CA ALA I 126 50.71 34.29 -24.28
C ALA I 126 49.39 34.73 -24.90
N GLU I 127 48.55 33.75 -25.20
CA GLU I 127 47.23 33.99 -25.76
C GLU I 127 46.24 33.07 -25.07
N PHE I 128 45.05 33.58 -24.79
CA PHE I 128 44.02 32.81 -24.11
C PHE I 128 42.80 32.70 -25.01
N GLY I 129 41.99 31.66 -24.79
CA GLY I 129 40.80 31.49 -25.60
C GLY I 129 40.08 30.19 -25.32
N PHE I 130 38.84 30.11 -25.82
CA PHE I 130 38.01 28.92 -25.66
C PHE I 130 37.50 28.51 -27.03
N PRO I 131 38.30 27.70 -27.76
CA PRO I 131 37.91 27.25 -29.09
C PRO I 131 36.87 26.13 -29.10
N GLU I 132 36.47 25.67 -27.92
CA GLU I 132 35.49 24.58 -27.84
C GLU I 132 34.27 24.75 -28.74
N VAL I 133 33.73 25.96 -28.81
CA VAL I 133 32.56 26.19 -29.64
C VAL I 133 32.79 25.78 -31.09
N ASN I 134 34.02 25.90 -31.56
CA ASN I 134 34.31 25.56 -32.95
C ASN I 134 34.49 24.07 -33.18
N LEU I 135 34.43 23.30 -32.08
CA LEU I 135 34.54 21.86 -32.15
C LEU I 135 33.14 21.29 -31.92
N GLY I 136 32.16 22.17 -31.79
CA GLY I 136 30.80 21.74 -31.58
C GLY I 136 30.43 21.56 -30.12
N VAL I 137 31.34 21.90 -29.21
CA VAL I 137 31.05 21.77 -27.78
C VAL I 137 31.19 23.10 -27.02
N MET I 138 31.67 23.04 -25.78
CA MET I 138 31.83 24.21 -24.93
C MET I 138 32.81 23.91 -23.80
N PRO I 139 33.30 24.94 -23.11
CA PRO I 139 34.22 24.67 -22.00
C PRO I 139 33.44 23.86 -20.98
N GLY I 140 34.09 22.86 -20.39
CA GLY I 140 33.38 22.05 -19.41
C GLY I 140 34.04 21.95 -18.06
N ALA I 141 35.15 22.67 -17.89
CA ALA I 141 35.88 22.64 -16.63
C ALA I 141 35.91 24.00 -15.93
N GLY I 142 34.75 24.66 -15.89
CA GLY I 142 34.65 25.96 -15.24
C GLY I 142 34.89 27.16 -16.12
N GLY I 143 35.31 26.92 -17.37
CA GLY I 143 35.59 28.01 -18.30
C GLY I 143 34.50 29.06 -18.42
N THR I 144 33.27 28.62 -18.71
CA THR I 144 32.16 29.57 -18.85
C THR I 144 31.87 30.29 -17.55
N GLN I 145 32.08 29.61 -16.43
CA GLN I 145 31.79 30.19 -15.12
C GLN I 145 32.82 31.22 -14.65
N ARG I 146 34.08 30.81 -14.62
CA ARG I 146 35.13 31.71 -14.16
C ARG I 146 35.32 32.92 -15.07
N LEU I 147 35.25 32.74 -16.37
CA LEU I 147 35.42 33.88 -17.29
C LEU I 147 34.30 34.91 -17.06
N THR I 148 33.06 34.44 -17.05
CA THR I 148 31.91 35.33 -16.85
C THR I 148 31.99 36.10 -15.53
N LYS I 149 32.38 35.44 -14.44
CA LYS I 149 32.48 36.14 -13.16
C LYS I 149 33.54 37.24 -13.21
N LEU I 150 34.57 37.03 -14.02
CA LEU I 150 35.65 38.00 -14.15
C LEU I 150 35.38 39.17 -15.10
N ILE I 151 34.72 38.93 -16.23
CA ILE I 151 34.51 40.00 -17.19
C ILE I 151 33.07 40.34 -17.61
N GLY I 152 32.08 39.72 -16.96
CA GLY I 152 30.70 39.99 -17.30
C GLY I 152 30.20 39.14 -18.46
N PRO I 153 28.87 38.96 -18.60
CA PRO I 153 28.27 38.16 -19.67
C PRO I 153 28.42 38.69 -21.09
N LYS I 154 28.39 40.01 -21.26
CA LYS I 154 28.51 40.60 -22.59
C LYS I 154 29.86 40.23 -23.20
N ARG I 155 30.93 40.50 -22.48
CA ARG I 155 32.26 40.18 -22.97
C ARG I 155 32.49 38.67 -22.97
N ALA I 156 32.03 37.99 -21.93
CA ALA I 156 32.21 36.54 -21.86
C ALA I 156 31.60 35.83 -23.08
N LEU I 157 30.35 36.15 -23.40
CA LEU I 157 29.70 35.51 -24.55
C LEU I 157 30.45 35.76 -25.85
N GLU I 158 30.98 36.97 -26.00
CA GLU I 158 31.71 37.32 -27.20
C GLU I 158 32.83 36.30 -27.44
N TRP I 159 33.65 36.08 -26.41
CA TRP I 159 34.78 35.16 -26.50
C TRP I 159 34.39 33.68 -26.57
N LEU I 160 33.34 33.31 -25.82
CA LEU I 160 32.89 31.92 -25.78
C LEU I 160 32.15 31.50 -27.03
N TRP I 161 31.40 32.43 -27.62
CA TRP I 161 30.64 32.12 -28.83
C TRP I 161 31.50 32.08 -30.08
N THR I 162 32.62 32.82 -30.08
CA THR I 162 33.50 32.87 -31.24
C THR I 162 34.72 31.98 -31.17
N GLY I 163 35.24 31.76 -29.96
CA GLY I 163 36.42 30.94 -29.83
C GLY I 163 37.68 31.72 -30.17
N ALA I 164 37.53 33.02 -30.39
CA ALA I 164 38.67 33.88 -30.73
C ALA I 164 39.72 33.93 -29.64
N ARG I 165 40.94 34.28 -30.02
CA ARG I 165 42.04 34.37 -29.08
C ARG I 165 42.21 35.74 -28.49
N MET I 166 42.43 35.78 -27.18
CA MET I 166 42.62 37.01 -26.42
C MET I 166 44.10 37.18 -26.07
N SER I 167 44.64 38.37 -26.30
CA SER I 167 46.04 38.66 -26.02
C SER I 167 46.27 38.77 -24.52
N ALA I 168 47.51 38.59 -24.09
CA ALA I 168 47.83 38.70 -22.67
C ALA I 168 47.52 40.11 -22.21
N LYS I 169 47.82 41.09 -23.05
CA LYS I 169 47.58 42.48 -22.73
C LYS I 169 46.11 42.74 -22.38
N GLU I 170 45.20 42.25 -23.22
CA GLU I 170 43.79 42.44 -22.95
C GLU I 170 43.34 41.65 -21.72
N ALA I 171 43.90 40.47 -21.53
CA ALA I 171 43.57 39.65 -20.37
C ALA I 171 43.88 40.41 -19.08
N GLU I 172 45.00 41.12 -19.09
CA GLU I 172 45.44 41.90 -17.93
C GLU I 172 44.48 43.07 -17.76
N GLN I 173 44.11 43.68 -18.88
CA GLN I 173 43.19 44.83 -18.89
C GLN I 173 41.83 44.42 -18.29
N LEU I 174 41.41 43.19 -18.58
CA LEU I 174 40.14 42.69 -18.08
C LEU I 174 40.16 42.18 -16.64
N GLY I 175 41.35 42.09 -16.05
CA GLY I 175 41.45 41.63 -14.68
C GLY I 175 41.54 40.11 -14.58
N ILE I 176 41.78 39.46 -15.71
CA ILE I 176 41.91 38.01 -15.76
C ILE I 176 43.35 37.64 -15.34
N VAL I 177 44.31 38.41 -15.86
CA VAL I 177 45.73 38.20 -15.58
C VAL I 177 46.25 39.29 -14.67
N ASN I 178 47.12 38.93 -13.73
CA ASN I 178 47.66 39.88 -12.77
C ASN I 178 48.79 40.74 -13.30
N ARG I 179 49.69 40.11 -14.05
CA ARG I 179 50.81 40.85 -14.63
C ARG I 179 51.31 40.19 -15.89
N VAL I 180 51.75 41.03 -16.82
CA VAL I 180 52.27 40.58 -18.09
C VAL I 180 53.74 40.98 -18.12
N VAL I 181 54.63 40.05 -18.44
CA VAL I 181 56.05 40.35 -18.49
C VAL I 181 56.68 39.81 -19.77
N SER I 182 57.92 40.21 -20.04
CA SER I 182 58.63 39.76 -21.24
C SER I 182 58.80 38.25 -21.11
N PRO I 183 58.91 37.55 -22.24
CA PRO I 183 59.06 36.10 -22.19
C PRO I 183 60.26 35.61 -21.36
N GLU I 184 61.38 36.32 -21.41
CA GLU I 184 62.55 35.89 -20.66
C GLU I 184 62.48 36.18 -19.18
N LEU I 185 61.47 36.94 -18.76
CA LEU I 185 61.31 37.26 -17.35
C LEU I 185 60.09 36.55 -16.74
N LEU I 186 59.38 35.76 -17.54
CA LEU I 186 58.19 35.07 -17.05
C LEU I 186 58.40 34.28 -15.76
N MET I 187 59.41 33.40 -15.75
CA MET I 187 59.64 32.61 -14.55
C MET I 187 60.28 33.41 -13.42
N GLU I 188 61.08 34.40 -13.79
CA GLU I 188 61.74 35.24 -12.80
C GLU I 188 60.69 36.05 -12.03
N GLU I 189 59.73 36.59 -12.77
CA GLU I 189 58.65 37.39 -12.20
C GLU I 189 57.78 36.51 -11.30
N THR I 190 57.44 35.33 -11.81
CA THR I 190 56.60 34.37 -11.09
C THR I 190 57.24 33.88 -9.79
N MET I 191 58.50 33.48 -9.87
CA MET I 191 59.20 32.98 -8.69
C MET I 191 59.47 34.08 -7.68
N ARG I 192 59.65 35.32 -8.16
CA ARG I 192 59.87 36.43 -7.24
C ARG I 192 58.59 36.62 -6.46
N LEU I 193 57.46 36.55 -7.17
CA LEU I 193 56.16 36.70 -6.55
C LEU I 193 55.90 35.50 -5.65
N ALA I 194 56.23 34.31 -6.14
CA ALA I 194 56.02 33.08 -5.36
C ALA I 194 56.86 33.13 -4.08
N GLY I 195 58.11 33.56 -4.20
CA GLY I 195 58.98 33.64 -3.04
C GLY I 195 58.51 34.66 -2.02
N ARG I 196 58.02 35.80 -2.51
CA ARG I 196 57.52 36.86 -1.62
C ARG I 196 56.28 36.39 -0.87
N LEU I 197 55.40 35.66 -1.55
CA LEU I 197 54.20 35.15 -0.92
C LEU I 197 54.59 34.11 0.14
N ALA I 198 55.59 33.29 -0.18
CA ALA I 198 56.04 32.27 0.75
C ALA I 198 56.50 32.89 2.07
N GLU I 199 56.83 34.18 2.04
CA GLU I 199 57.29 34.87 3.25
C GLU I 199 56.18 35.54 4.03
N GLN I 200 54.96 35.50 3.50
CA GLN I 200 53.82 36.10 4.18
C GLN I 200 53.31 35.09 5.20
N PRO I 201 52.57 35.55 6.24
CA PRO I 201 52.06 34.61 7.25
C PRO I 201 51.16 33.60 6.53
N PRO I 202 51.55 32.32 6.55
CA PRO I 202 50.78 31.26 5.89
C PRO I 202 49.29 31.19 6.23
N LEU I 203 48.95 31.35 7.50
CA LEU I 203 47.56 31.28 7.93
C LEU I 203 46.74 32.44 7.39
N ALA I 204 47.33 33.64 7.40
CA ALA I 204 46.64 34.80 6.89
C ALA I 204 46.31 34.61 5.39
N LEU I 205 47.28 34.13 4.61
CA LEU I 205 47.05 33.92 3.18
C LEU I 205 45.97 32.86 2.96
N ARG I 206 46.03 31.81 3.77
CA ARG I 206 45.07 30.70 3.68
C ARG I 206 43.64 31.19 3.89
N LEU I 207 43.43 31.92 4.99
CA LEU I 207 42.09 32.40 5.33
C LEU I 207 41.62 33.55 4.44
N ILE I 208 42.56 34.30 3.88
CA ILE I 208 42.20 35.41 2.99
C ILE I 208 41.69 34.79 1.69
N LYS I 209 42.36 33.73 1.24
CA LYS I 209 41.94 33.05 0.03
C LYS I 209 40.52 32.48 0.20
N GLU I 210 40.24 31.92 1.37
CA GLU I 210 38.90 31.37 1.62
C GLU I 210 37.86 32.49 1.56
N ALA I 211 38.15 33.60 2.23
CA ALA I 211 37.23 34.75 2.26
C ALA I 211 36.92 35.25 0.85
N VAL I 212 37.95 35.39 0.03
CA VAL I 212 37.80 35.87 -1.33
C VAL I 212 36.92 34.95 -2.15
N GLN I 213 37.09 33.64 -1.95
CA GLN I 213 36.26 32.67 -2.66
C GLN I 213 34.80 32.87 -2.25
N LYS I 214 34.56 33.07 -0.96
CA LYS I 214 33.20 33.27 -0.49
C LYS I 214 32.65 34.57 -1.10
N ALA I 215 33.49 35.60 -1.18
CA ALA I 215 33.08 36.89 -1.72
C ALA I 215 32.58 36.77 -3.16
N VAL I 216 33.11 35.79 -3.88
CA VAL I 216 32.70 35.56 -5.25
C VAL I 216 31.27 34.99 -5.28
N ASP I 217 30.96 34.13 -4.31
CA ASP I 217 29.64 33.49 -4.28
C ASP I 217 28.59 34.02 -3.30
N TYR I 218 29.00 34.31 -2.06
CA TYR I 218 28.12 34.79 -0.99
C TYR I 218 27.54 36.20 -1.12
N PRO I 219 26.33 36.41 -0.58
CA PRO I 219 25.71 37.74 -0.61
C PRO I 219 26.60 38.49 0.37
N LEU I 220 26.75 39.80 0.20
CA LEU I 220 27.63 40.58 1.08
C LEU I 220 27.54 40.29 2.58
N TYR I 221 26.34 40.39 3.15
CA TYR I 221 26.18 40.17 4.59
C TYR I 221 26.72 38.83 5.08
N GLU I 222 26.41 37.76 4.35
CA GLU I 222 26.88 36.43 4.76
C GLU I 222 28.38 36.27 4.52
N GLY I 223 28.88 36.86 3.44
CA GLY I 223 30.30 36.77 3.16
C GLY I 223 31.05 37.43 4.30
N MET I 224 30.50 38.56 4.78
CA MET I 224 31.13 39.28 5.88
C MET I 224 31.09 38.47 7.17
N GLN I 225 30.04 37.69 7.34
CA GLN I 225 29.91 36.84 8.53
C GLN I 225 31.01 35.78 8.54
N PHE I 226 31.33 35.25 7.37
CA PHE I 226 32.38 34.24 7.23
C PHE I 226 33.73 34.91 7.44
N GLU I 227 33.90 36.06 6.78
CA GLU I 227 35.12 36.83 6.88
C GLU I 227 35.55 37.05 8.32
N ARG I 228 34.65 37.58 9.15
CA ARG I 228 35.00 37.86 10.55
C ARG I 228 35.30 36.64 11.42
N LYS I 229 34.76 35.48 11.06
CA LYS I 229 35.06 34.27 11.83
C LYS I 229 36.52 33.89 11.56
N ASN I 230 36.96 34.07 10.30
CA ASN I 230 38.34 33.78 9.94
C ASN I 230 39.21 34.81 10.64
N PHE I 231 38.70 36.03 10.77
CA PHE I 231 39.44 37.10 11.44
C PHE I 231 39.70 36.70 12.89
N TYR I 232 38.67 36.22 13.58
CA TYR I 232 38.82 35.79 14.97
C TYR I 232 39.85 34.66 15.09
N LEU I 233 39.74 33.66 14.20
CA LEU I 233 40.64 32.53 14.23
C LEU I 233 42.11 32.92 14.17
N LEU I 234 42.43 33.95 13.39
CA LEU I 234 43.81 34.39 13.27
C LEU I 234 44.41 34.84 14.61
N PHE I 235 43.57 35.29 15.53
CA PHE I 235 44.09 35.74 16.82
C PHE I 235 44.42 34.57 17.76
N ALA I 236 44.40 33.36 17.21
CA ALA I 236 44.76 32.17 17.98
C ALA I 236 46.15 31.77 17.52
N SER I 237 46.71 32.53 16.58
CA SER I 237 48.03 32.24 16.03
C SER I 237 49.13 33.13 16.58
N GLU I 238 50.35 32.58 16.60
CA GLU I 238 51.50 33.33 17.07
C GLU I 238 51.89 34.39 16.05
N ASP I 239 51.62 34.12 14.76
CA ASP I 239 51.95 35.10 13.72
C ASP I 239 51.17 36.41 13.88
N GLN I 240 49.94 36.32 14.41
CA GLN I 240 49.13 37.51 14.63
C GLN I 240 49.73 38.34 15.77
N LYS I 241 50.17 37.66 16.82
CA LYS I 241 50.78 38.33 17.96
C LYS I 241 52.07 38.98 17.50
N GLU I 242 52.89 38.20 16.80
CA GLU I 242 54.17 38.68 16.28
C GLU I 242 53.95 39.83 15.29
N GLY I 243 53.07 39.59 14.32
CA GLY I 243 52.78 40.61 13.32
C GLY I 243 52.43 41.96 13.91
N MET I 244 51.51 42.00 14.86
CA MET I 244 51.10 43.25 15.46
C MET I 244 52.16 43.83 16.40
N ALA I 245 52.89 42.94 17.08
CA ALA I 245 53.94 43.39 17.98
C ALA I 245 54.99 44.12 17.15
N ALA I 246 55.36 43.52 16.03
CA ALA I 246 56.36 44.10 15.13
C ALA I 246 55.92 45.46 14.61
N PHE I 247 54.69 45.54 14.12
CA PHE I 247 54.15 46.78 13.59
C PHE I 247 54.32 47.88 14.63
N LEU I 248 53.87 47.60 15.85
CA LEU I 248 53.95 48.55 16.96
C LEU I 248 55.38 48.84 17.39
N GLU I 249 56.24 47.84 17.27
CA GLU I 249 57.65 47.98 17.67
C GLU I 249 58.57 48.48 16.57
N LYS I 250 57.99 48.94 15.46
CA LYS I 250 58.78 49.45 14.34
C LYS I 250 59.92 48.49 13.97
N ARG I 251 59.64 47.19 14.01
CA ARG I 251 60.68 46.21 13.68
C ARG I 251 60.22 45.20 12.63
N LYS I 252 61.11 44.26 12.31
CA LYS I 252 60.85 43.23 11.32
C LYS I 252 60.20 42.01 11.99
N PRO I 253 58.98 41.66 11.55
CA PRO I 253 58.26 40.52 12.11
C PRO I 253 58.80 39.17 11.67
N ARG I 254 58.73 38.19 12.56
CA ARG I 254 59.20 36.85 12.24
C ARG I 254 58.06 35.85 12.30
N PHE I 255 57.50 35.55 11.13
CA PHE I 255 56.38 34.62 11.02
C PHE I 255 56.83 33.17 10.95
N GLN I 256 55.97 32.27 11.42
CA GLN I 256 56.30 30.85 11.42
C GLN I 256 55.18 29.93 10.94
N GLY I 257 54.08 30.51 10.47
CA GLY I 257 52.98 29.69 9.98
C GLY I 257 52.18 29.00 11.08
N LYS I 258 52.21 29.59 12.28
CA LYS I 258 51.48 29.04 13.42
C LYS I 258 51.04 30.18 14.33
N GLU J 3 -1.40 43.50 -38.40
CA GLU J 3 -1.56 43.15 -36.95
C GLU J 3 -0.64 43.98 -36.06
N PHE J 4 0.67 43.78 -36.18
CA PHE J 4 1.60 44.59 -35.40
C PHE J 4 1.47 46.03 -35.91
N VAL J 5 1.55 47.00 -35.01
CA VAL J 5 1.44 48.39 -35.41
C VAL J 5 2.58 49.22 -34.83
N SER J 6 3.54 48.55 -34.21
CA SER J 6 4.67 49.26 -33.61
C SER J 6 6.02 48.73 -34.03
N ILE J 7 6.04 47.58 -34.70
CA ILE J 7 7.30 46.98 -35.15
C ILE J 7 7.15 46.35 -36.52
N ALA J 8 8.29 46.03 -37.14
CA ALA J 8 8.33 45.39 -38.44
C ALA J 8 9.41 44.32 -38.34
N ALA J 9 9.12 43.11 -38.80
CA ALA J 9 10.08 42.02 -38.74
C ALA J 9 10.37 41.44 -40.12
N ARG J 10 11.61 40.98 -40.30
CA ARG J 10 12.04 40.40 -41.56
C ARG J 10 13.18 39.42 -41.33
N GLN J 11 13.35 38.48 -42.25
CA GLN J 11 14.42 37.49 -42.15
C GLN J 11 15.45 37.66 -43.26
N GLU J 12 16.72 37.58 -42.89
CA GLU J 12 17.79 37.68 -43.86
C GLU J 12 18.68 36.47 -43.59
N GLY J 13 18.51 35.43 -44.40
CA GLY J 13 19.28 34.22 -44.21
C GLY J 13 18.74 33.53 -42.98
N ALA J 14 19.62 33.22 -42.02
CA ALA J 14 19.19 32.56 -40.79
C ALA J 14 19.11 33.58 -39.66
N VAL J 15 18.89 34.85 -40.03
CA VAL J 15 18.80 35.93 -39.05
C VAL J 15 17.44 36.61 -39.09
N GLY J 16 16.82 36.73 -37.91
CA GLY J 16 15.53 37.37 -37.80
C GLY J 16 15.79 38.81 -37.35
N ILE J 17 15.14 39.77 -38.01
CA ILE J 17 15.34 41.16 -37.65
C ILE J 17 14.05 41.81 -37.18
N ILE J 18 14.11 42.47 -36.03
CA ILE J 18 12.95 43.17 -35.49
C ILE J 18 13.31 44.65 -35.47
N GLU J 19 12.47 45.44 -36.11
CA GLU J 19 12.70 46.87 -36.22
C GLU J 19 11.61 47.66 -35.50
N LEU J 20 11.98 48.40 -34.45
CA LEU J 20 10.98 49.18 -33.73
C LEU J 20 10.52 50.22 -34.76
N ALA J 21 9.22 50.29 -34.98
CA ALA J 21 8.68 51.18 -36.00
C ALA J 21 7.84 52.38 -35.56
N ARG J 22 8.32 53.13 -34.58
CA ARG J 22 7.63 54.31 -34.13
C ARG J 22 8.62 55.47 -34.04
N PRO J 23 9.33 55.75 -35.15
CA PRO J 23 10.32 56.83 -35.21
C PRO J 23 9.74 58.19 -34.88
N ASP J 24 8.43 58.34 -35.11
CA ASP J 24 7.73 59.59 -34.83
C ASP J 24 7.91 59.98 -33.36
N VAL J 25 8.07 58.99 -32.48
CA VAL J 25 8.25 59.25 -31.06
C VAL J 25 9.58 58.67 -30.58
N LEU J 26 10.52 58.54 -31.50
CA LEU J 26 11.84 57.99 -31.21
C LEU J 26 11.75 56.62 -30.55
N ASN J 27 10.76 55.85 -30.97
CA ASN J 27 10.52 54.50 -30.47
C ASN J 27 10.36 54.38 -28.97
N ALA J 28 9.69 55.35 -28.34
CA ALA J 28 9.46 55.27 -26.90
C ALA J 28 8.71 53.97 -26.66
N LEU J 29 9.14 53.18 -25.68
CA LEU J 29 8.53 51.90 -25.40
C LEU J 29 7.22 51.92 -24.62
N SER J 30 6.12 51.66 -25.32
CA SER J 30 4.81 51.62 -24.68
C SER J 30 4.61 50.15 -24.28
N ARG J 31 3.61 49.89 -23.44
CA ARG J 31 3.34 48.54 -23.03
C ARG J 31 2.97 47.66 -24.23
N GLN J 32 2.24 48.23 -25.17
CA GLN J 32 1.85 47.49 -26.37
C GLN J 32 3.06 47.19 -27.25
N MET J 33 3.99 48.13 -27.33
CA MET J 33 5.17 47.93 -28.14
C MET J 33 6.02 46.81 -27.55
N VAL J 34 6.16 46.81 -26.23
CA VAL J 34 6.95 45.77 -25.57
C VAL J 34 6.32 44.41 -25.86
N ALA J 35 4.98 44.35 -25.80
CA ALA J 35 4.25 43.12 -26.05
C ALA J 35 4.49 42.60 -27.46
N GLU J 36 4.52 43.51 -28.42
CA GLU J 36 4.75 43.12 -29.81
C GLU J 36 6.17 42.62 -29.97
N ILE J 37 7.12 43.32 -29.35
CA ILE J 37 8.52 42.91 -29.44
C ILE J 37 8.69 41.48 -28.93
N VAL J 38 8.12 41.20 -27.76
CA VAL J 38 8.23 39.86 -27.18
C VAL J 38 7.58 38.81 -28.07
N ALA J 39 6.41 39.11 -28.61
CA ALA J 39 5.71 38.16 -29.48
C ALA J 39 6.59 37.85 -30.69
N ALA J 40 7.23 38.88 -31.24
CA ALA J 40 8.09 38.72 -32.41
C ALA J 40 9.35 37.91 -32.11
N VAL J 41 9.97 38.19 -30.97
CA VAL J 41 11.18 37.49 -30.57
C VAL J 41 10.89 36.01 -30.34
N GLU J 42 9.79 35.73 -29.63
CA GLU J 42 9.43 34.35 -29.35
C GLU J 42 9.12 33.60 -30.63
N ALA J 43 8.56 34.31 -31.61
CA ALA J 43 8.23 33.69 -32.90
C ALA J 43 9.52 33.29 -33.60
N PHE J 44 10.51 34.18 -33.59
CA PHE J 44 11.79 33.88 -34.22
C PHE J 44 12.50 32.79 -33.44
N ASP J 45 12.33 32.81 -32.12
CA ASP J 45 12.95 31.83 -31.25
C ASP J 45 12.48 30.41 -31.58
N ARG J 46 11.18 30.24 -31.75
CA ARG J 46 10.62 28.93 -32.06
C ARG J 46 10.99 28.49 -33.48
N ASN J 47 11.10 29.45 -34.39
CA ASN J 47 11.46 29.16 -35.77
C ASN J 47 12.86 28.56 -35.84
N GLU J 48 12.94 27.26 -36.09
CA GLU J 48 14.23 26.58 -36.17
C GLU J 48 15.16 27.11 -37.25
N LYS J 49 14.61 27.81 -38.23
CA LYS J 49 15.42 28.37 -39.30
C LYS J 49 16.09 29.69 -38.91
N VAL J 50 15.59 30.34 -37.86
CA VAL J 50 16.19 31.59 -37.40
C VAL J 50 17.14 31.27 -36.24
N ARG J 51 18.45 31.44 -36.50
CA ARG J 51 19.47 31.13 -35.51
C ARG J 51 19.98 32.32 -34.69
N VAL J 52 19.70 33.52 -35.17
CA VAL J 52 20.13 34.74 -34.50
C VAL J 52 19.04 35.79 -34.68
N ILE J 53 18.81 36.58 -33.65
CA ILE J 53 17.79 37.64 -33.70
C ILE J 53 18.47 38.99 -33.46
N VAL J 54 18.12 39.97 -34.28
CA VAL J 54 18.68 41.31 -34.17
C VAL J 54 17.56 42.32 -33.94
N LEU J 55 17.77 43.21 -32.97
CA LEU J 55 16.79 44.25 -32.66
C LEU J 55 17.42 45.60 -32.98
N THR J 56 16.69 46.46 -33.68
CA THR J 56 17.20 47.79 -34.00
C THR J 56 16.03 48.76 -34.09
N GLY J 57 16.32 50.05 -34.12
CA GLY J 57 15.26 51.03 -34.20
C GLY J 57 15.22 51.79 -35.50
N ARG J 58 14.02 51.97 -36.03
CA ARG J 58 13.84 52.72 -37.27
C ARG J 58 13.95 54.18 -36.87
N GLY J 59 14.51 55.00 -37.75
CA GLY J 59 14.65 56.41 -37.42
C GLY J 59 15.98 56.71 -36.75
N ARG J 60 16.05 57.81 -36.03
CA ARG J 60 17.29 58.20 -35.38
C ARG J 60 17.51 57.67 -33.97
N ALA J 61 16.57 56.90 -33.44
CA ALA J 61 16.74 56.36 -32.10
C ALA J 61 16.39 54.88 -31.97
N PHE J 62 17.13 54.20 -31.11
CA PHE J 62 16.90 52.78 -30.84
C PHE J 62 15.58 52.73 -30.07
N ALA J 63 15.56 53.42 -28.93
CA ALA J 63 14.38 53.50 -28.09
C ALA J 63 14.66 54.54 -27.01
N ALA J 64 14.17 55.76 -27.24
CA ALA J 64 14.38 56.85 -26.29
C ALA J 64 13.38 56.80 -25.13
N GLY J 65 13.66 55.94 -24.15
CA GLY J 65 12.79 55.84 -22.99
C GLY J 65 11.50 55.07 -23.21
N ALA J 66 10.59 55.20 -22.26
CA ALA J 66 9.29 54.52 -22.34
C ALA J 66 8.20 55.56 -22.60
N ASP J 67 6.97 55.09 -22.82
CA ASP J 67 5.83 55.98 -23.04
C ASP J 67 5.49 56.52 -21.65
N ILE J 68 5.90 57.75 -21.35
CA ILE J 68 5.63 58.32 -20.04
C ILE J 68 4.18 58.74 -19.85
N GLN J 69 3.56 59.25 -20.91
CA GLN J 69 2.18 59.70 -20.81
C GLN J 69 1.28 58.55 -20.35
N GLU J 70 1.52 57.37 -20.90
CA GLU J 70 0.75 56.19 -20.56
C GLU J 70 0.95 55.75 -19.10
N MET J 71 2.09 56.12 -18.53
CA MET J 71 2.47 55.76 -17.16
C MET J 71 2.20 56.83 -16.11
N ALA J 72 2.30 58.09 -16.53
CA ALA J 72 2.15 59.25 -15.66
C ALA J 72 1.10 59.27 -14.55
N LYS J 73 -0.10 58.76 -14.81
CA LYS J 73 -1.14 58.79 -13.78
C LYS J 73 -1.31 57.49 -13.01
N ASP J 74 -0.56 56.45 -13.38
CA ASP J 74 -0.67 55.18 -12.69
C ASP J 74 -0.39 55.24 -11.19
N ASP J 75 -0.94 54.27 -10.47
CA ASP J 75 -0.77 54.15 -9.04
C ASP J 75 -0.20 52.75 -8.80
N PRO J 76 0.28 52.46 -7.58
CA PRO J 76 0.84 51.15 -7.28
C PRO J 76 -0.09 49.96 -7.52
N ILE J 77 -1.34 50.06 -7.08
CA ILE J 77 -2.27 48.96 -7.26
C ILE J 77 -2.50 48.66 -8.74
N ARG J 78 -2.61 49.73 -9.53
CA ARG J 78 -2.79 49.58 -10.96
C ARG J 78 -1.60 48.80 -11.54
N LEU J 79 -0.39 49.22 -11.19
CA LEU J 79 0.81 48.56 -11.68
C LEU J 79 0.92 47.10 -11.23
N GLU J 80 0.52 46.83 -9.99
CA GLU J 80 0.58 45.47 -9.45
C GLU J 80 -0.30 44.49 -10.23
N TRP J 81 -1.52 44.89 -10.55
CA TRP J 81 -2.42 44.02 -11.30
C TRP J 81 -1.96 43.89 -12.76
N LEU J 82 -1.42 44.98 -13.30
CA LEU J 82 -0.93 45.00 -14.67
C LEU J 82 0.24 44.04 -14.86
N ASN J 83 1.18 44.07 -13.92
CA ASN J 83 2.36 43.20 -13.97
C ASN J 83 3.00 43.30 -15.36
N GLN J 84 3.26 44.51 -15.80
CA GLN J 84 3.82 44.74 -17.13
C GLN J 84 5.21 44.16 -17.36
N PHE J 85 5.99 44.01 -16.30
CA PHE J 85 7.35 43.48 -16.46
C PHE J 85 7.40 41.97 -16.67
N ALA J 86 6.23 41.34 -16.68
CA ALA J 86 6.18 39.90 -16.91
C ALA J 86 6.59 39.68 -18.36
N ASP J 87 6.27 40.65 -19.21
CA ASP J 87 6.63 40.57 -20.62
C ASP J 87 8.16 40.68 -20.76
N TRP J 88 8.75 41.54 -19.95
CA TRP J 88 10.21 41.70 -19.98
C TRP J 88 10.87 40.39 -19.54
N ASP J 89 10.28 39.72 -18.56
CA ASP J 89 10.83 38.45 -18.08
C ASP J 89 10.82 37.41 -19.20
N ARG J 90 9.79 37.46 -20.03
CA ARG J 90 9.69 36.51 -21.14
C ARG J 90 10.86 36.70 -22.09
N LEU J 91 11.31 37.94 -22.26
CA LEU J 91 12.45 38.23 -23.12
C LEU J 91 13.69 37.58 -22.55
N SER J 92 13.84 37.67 -21.24
CA SER J 92 15.00 37.12 -20.54
C SER J 92 15.26 35.63 -20.74
N ILE J 93 14.21 34.85 -21.00
CA ILE J 93 14.41 33.43 -21.16
C ILE J 93 14.49 32.91 -22.59
N VAL J 94 14.47 33.82 -23.57
CA VAL J 94 14.58 33.42 -24.96
C VAL J 94 15.95 32.78 -25.14
N LYS J 95 15.98 31.54 -25.64
CA LYS J 95 17.24 30.84 -25.80
C LYS J 95 18.03 31.12 -27.08
N THR J 96 17.37 31.68 -28.08
CA THR J 96 18.05 32.01 -29.33
C THR J 96 18.95 33.23 -29.13
N PRO J 97 20.15 33.24 -29.74
CA PRO J 97 21.04 34.39 -29.57
C PRO J 97 20.33 35.67 -29.99
N MET J 98 20.58 36.75 -29.25
CA MET J 98 19.95 38.04 -29.54
C MET J 98 20.97 39.15 -29.56
N ILE J 99 20.90 40.00 -30.58
CA ILE J 99 21.82 41.11 -30.70
C ILE J 99 21.08 42.43 -30.86
N ALA J 100 21.54 43.45 -30.16
CA ALA J 100 20.92 44.76 -30.28
C ALA J 100 21.83 45.64 -31.13
N ALA J 101 21.29 46.22 -32.18
CA ALA J 101 22.04 47.12 -33.06
C ALA J 101 21.51 48.49 -32.63
N VAL J 102 22.25 49.15 -31.75
CA VAL J 102 21.84 50.42 -31.19
C VAL J 102 22.21 51.69 -31.95
N ASN J 103 21.19 52.33 -32.51
CA ASN J 103 21.37 53.58 -33.23
C ASN J 103 20.87 54.68 -32.29
N GLY J 104 21.59 55.78 -32.23
CA GLY J 104 21.17 56.89 -31.38
C GLY J 104 20.86 56.58 -29.93
N LEU J 105 19.78 57.18 -29.44
CA LEU J 105 19.38 57.02 -28.04
C LEU J 105 18.76 55.70 -27.62
N ALA J 106 19.29 55.15 -26.54
CA ALA J 106 18.81 53.91 -25.93
C ALA J 106 18.77 54.28 -24.45
N LEU J 107 17.70 54.98 -24.06
CA LEU J 107 17.53 55.45 -22.70
C LEU J 107 16.41 54.72 -21.95
N GLY J 108 16.56 54.63 -20.63
CA GLY J 108 15.55 53.97 -19.81
C GLY J 108 15.18 52.60 -20.33
N GLY J 109 13.89 52.37 -20.55
CA GLY J 109 13.46 51.08 -21.07
C GLY J 109 14.23 50.71 -22.33
N GLY J 110 14.64 51.73 -23.08
CA GLY J 110 15.40 51.48 -24.30
C GLY J 110 16.72 50.85 -23.97
N PHE J 111 17.34 51.33 -22.88
CA PHE J 111 18.62 50.81 -22.42
C PHE J 111 18.39 49.38 -21.91
N GLU J 112 17.30 49.20 -21.18
CA GLU J 112 16.97 47.88 -20.63
C GLU J 112 16.70 46.87 -21.76
N LEU J 113 16.19 47.34 -22.89
CA LEU J 113 15.93 46.43 -24.02
C LEU J 113 17.26 45.94 -24.57
N ALA J 114 18.18 46.86 -24.80
CA ALA J 114 19.50 46.52 -25.31
C ALA J 114 20.21 45.58 -24.34
N LEU J 115 20.11 45.88 -23.05
CA LEU J 115 20.74 45.05 -22.03
C LEU J 115 20.13 43.66 -22.00
N SER J 116 18.90 43.54 -22.50
CA SER J 116 18.22 42.26 -22.52
C SER J 116 18.76 41.36 -23.64
N CYS J 117 19.56 41.95 -24.53
CA CYS J 117 20.16 41.17 -25.61
C CYS J 117 21.47 40.57 -25.15
N ASP J 118 21.98 39.59 -25.88
CA ASP J 118 23.23 38.94 -25.51
C ASP J 118 24.46 39.75 -25.85
N LEU J 119 24.42 40.42 -26.99
CA LEU J 119 25.53 41.25 -27.45
C LEU J 119 24.94 42.57 -27.91
N ILE J 120 25.76 43.61 -27.89
CA ILE J 120 25.32 44.92 -28.33
C ILE J 120 26.33 45.56 -29.26
N VAL J 121 25.89 45.93 -30.45
CA VAL J 121 26.74 46.63 -31.39
C VAL J 121 26.13 48.02 -31.41
N ALA J 122 26.95 49.03 -31.16
CA ALA J 122 26.44 50.39 -31.07
C ALA J 122 27.05 51.38 -32.05
N SER J 123 26.23 52.33 -32.47
CA SER J 123 26.66 53.39 -33.34
C SER J 123 27.56 54.26 -32.48
N SER J 124 28.58 54.89 -33.07
CA SER J 124 29.47 55.75 -32.31
C SER J 124 28.70 56.97 -31.80
N ALA J 125 27.52 57.20 -32.36
CA ALA J 125 26.70 58.33 -31.94
C ALA J 125 25.64 57.93 -30.93
N ALA J 126 25.58 56.64 -30.60
CA ALA J 126 24.58 56.15 -29.65
C ALA J 126 24.86 56.62 -28.23
N GLU J 127 23.81 56.73 -27.43
CA GLU J 127 23.93 57.14 -26.03
C GLU J 127 23.01 56.26 -25.17
N PHE J 128 23.50 55.86 -24.01
CA PHE J 128 22.73 55.01 -23.09
C PHE J 128 22.54 55.76 -21.78
N GLY J 129 21.51 55.40 -21.03
CA GLY J 129 21.30 56.08 -19.76
C GLY J 129 19.97 55.74 -19.09
N PHE J 130 19.88 56.07 -17.82
CA PHE J 130 18.66 55.83 -17.06
C PHE J 130 18.18 57.15 -16.47
N PRO J 131 17.42 57.92 -17.26
CA PRO J 131 16.90 59.20 -16.79
C PRO J 131 15.76 59.07 -15.79
N GLU J 132 15.35 57.83 -15.49
CA GLU J 132 14.26 57.59 -14.56
C GLU J 132 14.34 58.37 -13.26
N VAL J 133 15.51 58.38 -12.62
CA VAL J 133 15.64 59.08 -11.35
C VAL J 133 15.17 60.53 -11.46
N ASN J 134 15.42 61.17 -12.60
CA ASN J 134 15.01 62.55 -12.80
C ASN J 134 13.52 62.71 -13.06
N LEU J 135 12.81 61.60 -13.20
CA LEU J 135 11.37 61.64 -13.41
C LEU J 135 10.71 61.24 -12.09
N GLY J 136 11.52 61.14 -11.03
CA GLY J 136 11.00 60.76 -9.72
C GLY J 136 10.84 59.27 -9.52
N VAL J 137 11.28 58.48 -10.50
CA VAL J 137 11.16 57.02 -10.39
C VAL J 137 12.52 56.33 -10.53
N MET J 138 12.51 55.12 -11.08
CA MET J 138 13.74 54.35 -11.23
C MET J 138 13.51 53.33 -12.34
N PRO J 139 14.58 52.70 -12.84
CA PRO J 139 14.38 51.70 -13.90
C PRO J 139 13.57 50.57 -13.29
N GLY J 140 12.60 50.04 -14.02
CA GLY J 140 11.78 48.98 -13.49
C GLY J 140 11.77 47.71 -14.32
N ALA J 141 12.62 47.66 -15.34
CA ALA J 141 12.70 46.48 -16.21
C ALA J 141 14.09 45.87 -16.22
N GLY J 142 14.70 45.77 -15.04
CA GLY J 142 16.02 45.16 -14.91
C GLY J 142 17.23 46.07 -15.05
N GLY J 143 17.00 47.35 -15.31
CA GLY J 143 18.12 48.28 -15.46
C GLY J 143 19.04 48.34 -14.26
N THR J 144 18.47 48.47 -13.07
CA THR J 144 19.30 48.56 -11.87
C THR J 144 20.05 47.24 -11.68
N GLN J 145 19.43 46.13 -12.09
CA GLN J 145 20.07 44.82 -11.93
C GLN J 145 21.18 44.54 -12.94
N ARG J 146 20.85 44.60 -14.22
CA ARG J 146 21.82 44.32 -15.27
C ARG J 146 23.01 45.29 -15.28
N LEU J 147 22.77 46.57 -15.04
CA LEU J 147 23.87 47.54 -15.06
C LEU J 147 24.88 47.27 -13.94
N THR J 148 24.38 47.01 -12.74
CA THR J 148 25.23 46.75 -11.59
C THR J 148 26.06 45.48 -11.76
N LYS J 149 25.47 44.44 -12.36
CA LYS J 149 26.22 43.22 -12.56
C LYS J 149 27.33 43.44 -13.56
N LEU J 150 27.10 44.34 -14.51
CA LEU J 150 28.10 44.63 -15.53
C LEU J 150 29.22 45.57 -15.09
N ILE J 151 28.90 46.60 -14.30
CA ILE J 151 29.94 47.55 -13.91
C ILE J 151 30.20 47.77 -12.41
N GLY J 152 29.56 46.98 -11.56
CA GLY J 152 29.79 47.15 -10.13
C GLY J 152 28.86 48.20 -9.55
N PRO J 153 28.59 48.17 -8.24
CA PRO J 153 27.71 49.11 -7.54
C PRO J 153 28.14 50.56 -7.46
N LYS J 154 29.44 50.81 -7.35
CA LYS J 154 29.95 52.18 -7.25
C LYS J 154 29.63 52.96 -8.52
N ARG J 155 30.05 52.44 -9.67
CA ARG J 155 29.78 53.11 -10.93
C ARG J 155 28.31 53.05 -11.32
N ALA J 156 27.64 51.94 -11.03
CA ALA J 156 26.22 51.82 -11.36
C ALA J 156 25.39 52.89 -10.64
N LEU J 157 25.66 53.07 -9.34
CA LEU J 157 24.91 54.06 -8.57
C LEU J 157 25.09 55.45 -9.12
N GLU J 158 26.30 55.78 -9.56
CA GLU J 158 26.55 57.10 -10.11
C GLU J 158 25.63 57.35 -11.30
N TRP J 159 25.61 56.43 -12.26
CA TRP J 159 24.74 56.60 -13.43
C TRP J 159 23.25 56.59 -13.08
N LEU J 160 22.87 55.70 -12.18
CA LEU J 160 21.48 55.56 -11.77
C LEU J 160 20.97 56.73 -10.93
N TRP J 161 21.83 57.30 -10.08
CA TRP J 161 21.44 58.42 -9.22
C TRP J 161 21.41 59.76 -9.95
N THR J 162 22.27 59.92 -10.96
CA THR J 162 22.34 61.16 -11.73
C THR J 162 21.47 61.14 -12.97
N GLY J 163 21.36 59.97 -13.61
CA GLY J 163 20.57 59.85 -14.82
C GLY J 163 21.31 60.39 -16.04
N ALA J 164 22.61 60.63 -15.90
CA ALA J 164 23.42 61.15 -16.99
C ALA J 164 23.55 60.17 -18.16
N ARG J 165 23.84 60.70 -19.35
CA ARG J 165 23.99 59.84 -20.52
C ARG J 165 25.42 59.34 -20.67
N MET J 166 25.55 58.12 -21.18
CA MET J 166 26.83 57.45 -21.37
C MET J 166 27.10 57.28 -22.86
N SER J 167 28.29 57.64 -23.32
CA SER J 167 28.63 57.51 -24.73
C SER J 167 28.84 56.03 -25.07
N ALA J 168 28.76 55.71 -26.34
CA ALA J 168 28.98 54.34 -26.79
C ALA J 168 30.40 53.92 -26.44
N LYS J 169 31.32 54.87 -26.56
CA LYS J 169 32.72 54.61 -26.27
C LYS J 169 32.91 54.22 -24.82
N GLU J 170 32.27 54.95 -23.92
CA GLU J 170 32.41 54.63 -22.51
C GLU J 170 31.74 53.28 -22.19
N ALA J 171 30.61 53.01 -22.85
CA ALA J 171 29.91 51.75 -22.64
C ALA J 171 30.76 50.57 -23.06
N GLU J 172 31.53 50.75 -24.14
CA GLU J 172 32.40 49.68 -24.63
C GLU J 172 33.56 49.46 -23.65
N GLN J 173 34.09 50.55 -23.11
CA GLN J 173 35.20 50.47 -22.17
C GLN J 173 34.72 49.77 -20.90
N LEU J 174 33.45 49.95 -20.58
CA LEU J 174 32.86 49.35 -19.38
C LEU J 174 32.45 47.88 -19.56
N GLY J 175 32.39 47.41 -20.79
CA GLY J 175 32.01 46.03 -21.03
C GLY J 175 30.53 45.82 -21.24
N ILE J 176 29.81 46.93 -21.49
CA ILE J 176 28.37 46.89 -21.74
C ILE J 176 28.14 46.65 -23.23
N VAL J 177 28.87 47.40 -24.05
CA VAL J 177 28.78 47.30 -25.50
C VAL J 177 29.95 46.46 -26.00
N ASN J 178 29.70 45.63 -27.00
CA ASN J 178 30.72 44.75 -27.55
C ASN J 178 31.52 45.36 -28.68
N ARG J 179 30.87 46.22 -29.46
CA ARG J 179 31.52 46.80 -30.62
C ARG J 179 30.92 48.15 -30.97
N VAL J 180 31.77 49.09 -31.36
CA VAL J 180 31.31 50.42 -31.75
C VAL J 180 31.67 50.63 -33.22
N VAL J 181 30.70 51.07 -34.01
CA VAL J 181 30.92 51.33 -35.44
C VAL J 181 30.29 52.63 -35.89
N SER J 182 30.66 53.05 -37.09
CA SER J 182 30.15 54.28 -37.69
C SER J 182 28.63 54.20 -37.79
N PRO J 183 27.95 55.31 -37.51
CA PRO J 183 26.48 55.39 -37.58
C PRO J 183 25.83 54.67 -38.75
N GLU J 184 26.25 54.97 -39.98
CA GLU J 184 25.65 54.34 -41.15
C GLU J 184 26.16 52.94 -41.46
N LEU J 185 27.07 52.42 -40.65
CA LEU J 185 27.58 51.06 -40.87
C LEU J 185 26.99 50.09 -39.86
N LEU J 186 26.20 50.62 -38.92
CA LEU J 186 25.59 49.81 -37.88
C LEU J 186 24.95 48.50 -38.32
N MET J 187 23.93 48.56 -39.16
CA MET J 187 23.24 47.35 -39.60
C MET J 187 24.08 46.40 -40.44
N GLU J 188 24.87 46.96 -41.36
CA GLU J 188 25.71 46.13 -42.21
C GLU J 188 26.68 45.34 -41.33
N GLU J 189 27.29 46.02 -40.36
CA GLU J 189 28.22 45.36 -39.45
C GLU J 189 27.52 44.34 -38.57
N THR J 190 26.36 44.74 -38.04
CA THR J 190 25.59 43.86 -37.17
C THR J 190 25.17 42.59 -37.91
N MET J 191 24.78 42.74 -39.17
CA MET J 191 24.36 41.59 -39.97
C MET J 191 25.54 40.69 -40.29
N ARG J 192 26.72 41.28 -40.39
CA ARG J 192 27.94 40.53 -40.64
C ARG J 192 28.19 39.65 -39.41
N LEU J 193 28.08 40.25 -38.24
CA LEU J 193 28.27 39.52 -36.98
C LEU J 193 27.21 38.44 -36.80
N ALA J 194 25.94 38.81 -36.97
CA ALA J 194 24.84 37.86 -36.83
C ALA J 194 25.02 36.69 -37.78
N GLY J 195 25.44 37.01 -39.01
CA GLY J 195 25.65 35.97 -40.00
C GLY J 195 26.70 34.97 -39.53
N ARG J 196 27.84 35.48 -39.06
CA ARG J 196 28.92 34.62 -38.57
C ARG J 196 28.43 33.76 -37.40
N LEU J 197 27.64 34.33 -36.51
CA LEU J 197 27.12 33.57 -35.37
C LEU J 197 26.20 32.45 -35.83
N ALA J 198 25.39 32.74 -36.85
CA ALA J 198 24.45 31.77 -37.39
C ALA J 198 25.18 30.56 -37.98
N GLU J 199 26.47 30.72 -38.23
CA GLU J 199 27.27 29.63 -38.79
C GLU J 199 27.89 28.74 -37.71
N GLN J 200 27.88 29.23 -36.47
CA GLN J 200 28.44 28.47 -35.36
C GLN J 200 27.46 27.35 -34.96
N PRO J 201 27.97 26.28 -34.31
CA PRO J 201 27.11 25.16 -33.89
C PRO J 201 26.00 25.69 -32.99
N PRO J 202 24.74 25.62 -33.45
CA PRO J 202 23.54 26.09 -32.75
C PRO J 202 23.34 25.57 -31.32
N LEU J 203 23.57 24.28 -31.11
CA LEU J 203 23.43 23.69 -29.78
C LEU J 203 24.50 24.25 -28.86
N ALA J 204 25.70 24.45 -29.39
CA ALA J 204 26.80 24.99 -28.60
C ALA J 204 26.48 26.41 -28.14
N LEU J 205 26.01 27.24 -29.06
CA LEU J 205 25.66 28.63 -28.70
C LEU J 205 24.56 28.65 -27.65
N ARG J 206 23.55 27.79 -27.84
CA ARG J 206 22.43 27.70 -26.93
C ARG J 206 22.87 27.35 -25.50
N LEU J 207 23.62 26.25 -25.37
CA LEU J 207 24.08 25.78 -24.07
C LEU J 207 25.15 26.65 -23.42
N ILE J 208 25.94 27.35 -24.23
CA ILE J 208 26.95 28.23 -23.70
C ILE J 208 26.23 29.45 -23.11
N LYS J 209 25.20 29.92 -23.82
CA LYS J 209 24.41 31.05 -23.35
C LYS J 209 23.78 30.72 -21.99
N GLU J 210 23.26 29.50 -21.87
CA GLU J 210 22.65 29.09 -20.60
C GLU J 210 23.67 29.10 -19.48
N ALA J 211 24.85 28.56 -19.76
CA ALA J 211 25.92 28.48 -18.76
C ALA J 211 26.33 29.87 -18.29
N VAL J 212 26.47 30.79 -19.23
CA VAL J 212 26.86 32.16 -18.90
C VAL J 212 25.83 32.80 -18.00
N GLN J 213 24.54 32.57 -18.28
CA GLN J 213 23.46 33.11 -17.47
C GLN J 213 23.52 32.55 -16.06
N LYS J 214 23.87 31.28 -15.94
CA LYS J 214 23.99 30.68 -14.62
C LYS J 214 25.20 31.26 -13.91
N ALA J 215 26.28 31.51 -14.66
CA ALA J 215 27.51 32.06 -14.10
C ALA J 215 27.25 33.40 -13.44
N VAL J 216 26.33 34.18 -14.01
CA VAL J 216 26.01 35.47 -13.42
C VAL J 216 25.40 35.28 -12.03
N ASP J 217 24.49 34.32 -11.92
CA ASP J 217 23.80 34.05 -10.66
C ASP J 217 24.41 33.01 -9.72
N TYR J 218 24.57 31.77 -10.20
CA TYR J 218 25.11 30.66 -9.40
C TYR J 218 26.48 30.78 -8.72
N PRO J 219 26.64 30.14 -7.56
CA PRO J 219 27.93 30.18 -6.88
C PRO J 219 28.82 29.38 -7.83
N LEU J 220 30.13 29.57 -7.77
CA LEU J 220 31.03 28.87 -8.68
C LEU J 220 30.81 27.36 -8.76
N TYR J 221 30.90 26.67 -7.64
CA TYR J 221 30.74 25.22 -7.60
C TYR J 221 29.47 24.73 -8.31
N GLU J 222 28.32 25.30 -7.97
CA GLU J 222 27.07 24.88 -8.58
C GLU J 222 27.00 25.31 -10.04
N GLY J 223 27.61 26.45 -10.36
CA GLY J 223 27.61 26.90 -11.73
C GLY J 223 28.37 25.89 -12.57
N MET J 224 29.48 25.39 -12.04
CA MET J 224 30.28 24.41 -12.77
C MET J 224 29.53 23.08 -12.91
N GLN J 225 28.66 22.80 -11.95
CA GLN J 225 27.83 21.58 -11.97
C GLN J 225 26.84 21.64 -13.12
N PHE J 226 26.28 22.83 -13.35
CA PHE J 226 25.31 23.01 -14.42
C PHE J 226 26.04 22.93 -15.76
N GLU J 227 27.18 23.60 -15.81
CA GLU J 227 28.02 23.66 -17.00
C GLU J 227 28.39 22.28 -17.55
N ARG J 228 28.89 21.39 -16.68
CA ARG J 228 29.30 20.07 -17.14
C ARG J 228 28.15 19.22 -17.66
N LYS J 229 26.94 19.42 -17.12
CA LYS J 229 25.78 18.68 -17.59
C LYS J 229 25.47 19.11 -19.02
N ASN J 230 25.68 20.39 -19.32
CA ASN J 230 25.44 20.86 -20.67
C ASN J 230 26.54 20.30 -21.55
N PHE J 231 27.74 20.17 -20.98
CA PHE J 231 28.88 19.63 -21.70
C PHE J 231 28.55 18.19 -22.11
N TYR J 232 28.02 17.40 -21.16
CA TYR J 232 27.65 16.01 -21.43
C TYR J 232 26.63 15.94 -22.57
N LEU J 233 25.60 16.77 -22.47
CA LEU J 233 24.54 16.81 -23.46
C LEU J 233 25.01 17.05 -24.88
N LEU J 234 26.02 17.89 -25.06
CA LEU J 234 26.51 18.18 -26.40
C LEU J 234 27.06 16.94 -27.08
N PHE J 235 27.44 15.94 -26.28
CA PHE J 235 27.99 14.73 -26.87
C PHE J 235 26.94 13.76 -27.40
N ALA J 236 25.68 14.20 -27.39
CA ALA J 236 24.60 13.40 -27.94
C ALA J 236 24.28 14.01 -29.31
N SER J 237 24.98 15.08 -29.65
CA SER J 237 24.75 15.76 -30.93
C SER J 237 25.74 15.39 -32.02
N GLU J 238 25.26 15.43 -33.26
CA GLU J 238 26.10 15.12 -34.41
C GLU J 238 27.17 16.19 -34.60
N ASP J 239 26.84 17.43 -34.27
CA ASP J 239 27.82 18.51 -34.44
C ASP J 239 29.07 18.33 -33.59
N GLN J 240 28.92 17.70 -32.43
CA GLN J 240 30.07 17.46 -31.56
C GLN J 240 30.97 16.44 -32.23
N LYS J 241 30.37 15.36 -32.70
CA LYS J 241 31.13 14.30 -33.38
C LYS J 241 31.85 14.89 -34.59
N GLU J 242 31.10 15.62 -35.42
CA GLU J 242 31.65 16.23 -36.63
C GLU J 242 32.69 17.29 -36.32
N GLY J 243 32.41 18.12 -35.31
CA GLY J 243 33.34 19.17 -34.95
C GLY J 243 34.71 18.66 -34.54
N MET J 244 34.73 17.60 -33.74
CA MET J 244 35.99 17.04 -33.29
C MET J 244 36.69 16.22 -34.36
N ALA J 245 35.89 15.54 -35.19
CA ALA J 245 36.44 14.73 -36.28
C ALA J 245 37.13 15.66 -37.28
N ALA J 246 36.48 16.78 -37.58
CA ALA J 246 37.03 17.75 -38.51
C ALA J 246 38.33 18.32 -37.96
N PHE J 247 38.34 18.63 -36.68
CA PHE J 247 39.52 19.17 -36.01
C PHE J 247 40.69 18.20 -36.14
N LEU J 248 40.46 16.94 -35.78
CA LEU J 248 41.49 15.91 -35.86
C LEU J 248 41.92 15.67 -37.30
N GLU J 249 40.97 15.79 -38.22
CA GLU J 249 41.21 15.46 -39.62
C GLU J 249 41.61 16.69 -40.43
N LYS J 250 41.91 17.78 -39.73
CA LYS J 250 42.31 19.03 -40.37
C LYS J 250 41.45 19.50 -41.54
N ARG J 251 40.13 19.50 -41.35
CA ARG J 251 39.19 19.95 -42.37
C ARG J 251 38.02 20.76 -41.82
N LYS J 252 37.33 21.47 -42.70
CA LYS J 252 36.21 22.31 -42.29
C LYS J 252 35.04 21.47 -41.78
N PRO J 253 34.64 21.69 -40.52
CA PRO J 253 33.52 20.93 -39.96
C PRO J 253 32.21 21.31 -40.63
N ARG J 254 31.27 20.38 -40.65
CA ARG J 254 29.96 20.64 -41.25
C ARG J 254 28.89 20.44 -40.20
N PHE J 255 28.47 21.53 -39.58
CA PHE J 255 27.44 21.51 -38.53
C PHE J 255 26.05 21.56 -39.11
N GLN J 256 25.06 21.11 -38.33
CA GLN J 256 23.68 21.09 -38.79
C GLN J 256 22.65 21.54 -37.74
N GLY J 257 23.10 21.78 -36.52
CA GLY J 257 22.18 22.21 -35.48
C GLY J 257 21.51 21.02 -34.80
N LYS J 258 22.15 19.87 -34.91
CA LYS J 258 21.64 18.64 -34.31
C LYS J 258 22.81 17.77 -33.87
N SER K 2 -31.03 -73.26 21.86
CA SER K 2 -31.05 -73.13 20.38
C SER K 2 -31.33 -71.69 19.97
N GLU K 3 -30.66 -70.75 20.63
CA GLU K 3 -30.85 -69.33 20.36
C GLU K 3 -30.84 -69.00 18.87
N PHE K 4 -29.70 -69.19 18.23
CA PHE K 4 -29.56 -68.89 16.80
C PHE K 4 -29.45 -70.17 15.98
N VAL K 5 -29.69 -70.05 14.68
CA VAL K 5 -29.61 -71.21 13.80
C VAL K 5 -28.50 -71.09 12.77
N SER K 6 -28.06 -69.87 12.48
CA SER K 6 -27.00 -69.67 11.49
C SER K 6 -25.67 -69.19 12.06
N ILE K 7 -25.66 -68.87 13.35
CA ILE K 7 -24.44 -68.41 13.99
C ILE K 7 -24.33 -69.00 15.39
N ALA K 8 -23.17 -68.82 16.00
CA ALA K 8 -22.91 -69.30 17.35
C ALA K 8 -22.16 -68.18 18.05
N ALA K 9 -22.67 -67.75 19.21
CA ALA K 9 -22.05 -66.67 19.96
C ALA K 9 -21.61 -67.11 21.34
N ARG K 10 -20.47 -66.59 21.79
CA ARG K 10 -19.94 -66.91 23.11
C ARG K 10 -19.10 -65.75 23.62
N GLN K 11 -18.91 -65.69 24.94
CA GLN K 11 -18.13 -64.63 25.54
C GLN K 11 -16.90 -65.18 26.26
N GLU K 12 -15.73 -64.71 25.84
CA GLU K 12 -14.46 -65.14 26.43
C GLU K 12 -13.82 -63.95 27.13
N GLY K 13 -13.97 -63.87 28.45
CA GLY K 13 -13.41 -62.75 29.17
C GLY K 13 -14.24 -61.51 28.86
N ALA K 14 -13.57 -60.47 28.37
CA ALA K 14 -14.27 -59.23 28.00
C ALA K 14 -14.45 -59.15 26.49
N VAL K 15 -14.34 -60.30 25.82
CA VAL K 15 -14.47 -60.36 24.37
C VAL K 15 -15.61 -61.24 23.90
N GLY K 16 -16.55 -60.65 23.16
CA GLY K 16 -17.68 -61.40 22.63
C GLY K 16 -17.28 -61.97 21.28
N ILE K 17 -17.59 -63.23 21.04
CA ILE K 17 -17.23 -63.86 19.78
C ILE K 17 -18.44 -64.40 19.04
N ILE K 18 -18.57 -64.03 17.78
CA ILE K 18 -19.67 -64.48 16.93
C ILE K 18 -19.11 -65.25 15.76
N GLU K 19 -19.49 -66.52 15.67
CA GLU K 19 -19.01 -67.38 14.59
C GLU K 19 -20.14 -67.72 13.61
N LEU K 20 -19.95 -67.36 12.35
CA LEU K 20 -20.95 -67.67 11.33
C LEU K 20 -20.97 -69.19 11.28
N ALA K 21 -22.15 -69.78 11.44
CA ALA K 21 -22.28 -71.23 11.50
C ALA K 21 -23.01 -71.93 10.37
N ARG K 22 -22.62 -71.69 9.13
CA ARG K 22 -23.24 -72.36 7.99
C ARG K 22 -22.17 -72.76 6.99
N PRO K 23 -21.13 -73.47 7.47
CA PRO K 23 -20.01 -73.91 6.63
C PRO K 23 -20.42 -74.80 5.45
N ASP K 24 -21.58 -75.44 5.55
CA ASP K 24 -22.06 -76.29 4.47
C ASP K 24 -22.25 -75.45 3.21
N VAL K 25 -22.46 -74.15 3.41
CA VAL K 25 -22.63 -73.22 2.29
C VAL K 25 -21.60 -72.10 2.38
N LEU K 26 -20.46 -72.40 3.00
CA LEU K 26 -19.37 -71.45 3.18
C LEU K 26 -19.84 -70.15 3.83
N ASN K 27 -20.80 -70.29 4.73
CA ASN K 27 -21.37 -69.16 5.47
C ASN K 27 -22.02 -68.10 4.58
N ALA K 28 -22.67 -68.52 3.50
CA ALA K 28 -23.35 -67.58 2.62
C ALA K 28 -24.26 -66.72 3.48
N LEU K 29 -24.18 -65.41 3.33
CA LEU K 29 -25.01 -64.51 4.14
C LEU K 29 -26.45 -64.37 3.66
N SER K 30 -27.37 -65.00 4.37
CA SER K 30 -28.77 -64.90 4.04
C SER K 30 -29.32 -63.73 4.84
N ARG K 31 -30.52 -63.27 4.49
CA ARG K 31 -31.14 -62.16 5.21
C ARG K 31 -31.44 -62.59 6.64
N GLN K 32 -31.71 -63.88 6.81
CA GLN K 32 -31.99 -64.46 8.12
C GLN K 32 -30.72 -64.40 8.96
N MET K 33 -29.61 -64.84 8.38
CA MET K 33 -28.33 -64.86 9.09
C MET K 33 -27.92 -63.44 9.47
N VAL K 34 -28.09 -62.49 8.55
CA VAL K 34 -27.76 -61.10 8.85
C VAL K 34 -28.55 -60.63 10.08
N ALA K 35 -29.82 -61.01 10.16
CA ALA K 35 -30.65 -60.62 11.29
C ALA K 35 -30.11 -61.18 12.62
N GLU K 36 -29.58 -62.40 12.58
CA GLU K 36 -29.03 -63.01 13.78
C GLU K 36 -27.73 -62.32 14.18
N ILE K 37 -26.88 -62.04 13.19
CA ILE K 37 -25.63 -61.35 13.49
C ILE K 37 -25.92 -60.03 14.18
N VAL K 38 -26.91 -59.30 13.66
CA VAL K 38 -27.29 -58.02 14.23
C VAL K 38 -27.76 -58.14 15.67
N ALA K 39 -28.58 -59.15 15.94
CA ALA K 39 -29.09 -59.37 17.29
C ALA K 39 -27.93 -59.67 18.24
N ALA K 40 -27.02 -60.55 17.80
CA ALA K 40 -25.88 -60.92 18.62
C ALA K 40 -24.95 -59.74 18.90
N VAL K 41 -24.64 -58.96 17.87
CA VAL K 41 -23.77 -57.80 18.03
C VAL K 41 -24.37 -56.77 18.98
N GLU K 42 -25.62 -56.41 18.76
CA GLU K 42 -26.28 -55.42 19.62
C GLU K 42 -26.32 -55.88 21.07
N ALA K 43 -26.51 -57.18 21.29
CA ALA K 43 -26.55 -57.72 22.64
C ALA K 43 -25.17 -57.61 23.30
N PHE K 44 -24.13 -57.95 22.54
CA PHE K 44 -22.78 -57.86 23.06
C PHE K 44 -22.44 -56.40 23.31
N ASP K 45 -22.99 -55.52 22.47
CA ASP K 45 -22.76 -54.08 22.60
C ASP K 45 -23.39 -53.58 23.89
N ARG K 46 -24.61 -54.03 24.19
CA ARG K 46 -25.32 -53.64 25.40
C ARG K 46 -24.66 -54.19 26.66
N ASN K 47 -24.10 -55.40 26.55
CA ASN K 47 -23.43 -56.05 27.67
C ASN K 47 -22.26 -55.18 28.13
N GLU K 48 -22.38 -54.56 29.30
CA GLU K 48 -21.33 -53.71 29.83
C GLU K 48 -20.02 -54.46 30.05
N LYS K 49 -20.11 -55.79 30.13
CA LYS K 49 -18.95 -56.63 30.34
C LYS K 49 -18.19 -56.96 29.06
N VAL K 50 -18.82 -56.75 27.90
CA VAL K 50 -18.17 -57.04 26.63
C VAL K 50 -17.59 -55.75 26.05
N ARG K 51 -16.26 -55.65 26.03
CA ARG K 51 -15.60 -54.46 25.53
C ARG K 51 -15.15 -54.54 24.08
N VAL K 52 -15.14 -55.76 23.52
CA VAL K 52 -14.72 -55.94 22.15
C VAL K 52 -15.50 -57.10 21.53
N ILE K 53 -15.85 -56.96 20.24
CA ILE K 53 -16.60 -58.02 19.56
C ILE K 53 -15.81 -58.53 18.35
N VAL K 54 -15.68 -59.85 18.27
CA VAL K 54 -14.97 -60.49 17.19
C VAL K 54 -15.93 -61.29 16.32
N LEU K 55 -15.75 -61.19 15.00
CA LEU K 55 -16.60 -61.91 14.06
C LEU K 55 -15.69 -62.81 13.22
N THR K 56 -16.07 -64.08 13.08
CA THR K 56 -15.26 -65.00 12.28
C THR K 56 -16.16 -66.06 11.68
N GLY K 57 -15.62 -66.83 10.73
CA GLY K 57 -16.41 -67.85 10.09
C GLY K 57 -15.94 -69.26 10.39
N ARG K 58 -16.91 -70.14 10.65
CA ARG K 58 -16.60 -71.52 10.93
C ARG K 58 -16.34 -72.20 9.59
N GLY K 59 -15.45 -73.18 9.57
CA GLY K 59 -15.16 -73.86 8.31
C GLY K 59 -13.98 -73.22 7.61
N ARG K 60 -13.95 -73.31 6.28
CA ARG K 60 -12.83 -72.73 5.53
C ARG K 60 -13.12 -71.34 4.97
N ALA K 61 -14.35 -70.86 5.11
CA ALA K 61 -14.70 -69.54 4.59
C ALA K 61 -15.27 -68.61 5.66
N PHE K 62 -14.99 -67.33 5.52
CA PHE K 62 -15.53 -66.31 6.42
C PHE K 62 -16.99 -66.05 6.10
N ALA K 63 -17.24 -65.53 4.90
CA ALA K 63 -18.54 -65.67 4.25
C ALA K 63 -18.40 -65.48 2.74
N ALA K 64 -18.68 -66.54 2.00
CA ALA K 64 -18.57 -66.50 0.54
C ALA K 64 -19.88 -66.04 -0.09
N GLY K 65 -20.03 -64.73 -0.21
CA GLY K 65 -21.23 -64.16 -0.80
C GLY K 65 -22.47 -64.23 0.06
N ALA K 66 -23.62 -63.94 -0.56
CA ALA K 66 -24.89 -63.96 0.12
C ALA K 66 -25.71 -65.12 -0.45
N ASP K 67 -26.89 -65.31 0.10
CA ASP K 67 -27.79 -66.37 -0.37
C ASP K 67 -28.45 -65.85 -1.64
N ILE K 68 -28.03 -66.40 -2.78
CA ILE K 68 -28.58 -65.96 -4.06
C ILE K 68 -29.99 -66.49 -4.33
N GLN K 69 -30.25 -67.73 -3.95
CA GLN K 69 -31.56 -68.33 -4.15
C GLN K 69 -32.73 -67.50 -3.63
N GLU K 70 -32.60 -66.99 -2.41
CA GLU K 70 -33.67 -66.22 -1.81
C GLU K 70 -33.95 -64.87 -2.49
N MET K 71 -33.05 -64.41 -3.36
CA MET K 71 -33.28 -63.13 -4.03
C MET K 71 -33.23 -63.22 -5.54
N ALA K 72 -32.97 -64.42 -6.07
CA ALA K 72 -32.87 -64.62 -7.51
C ALA K 72 -34.07 -64.12 -8.31
N LYS K 73 -35.26 -64.18 -7.72
CA LYS K 73 -36.46 -63.72 -8.43
C LYS K 73 -37.04 -62.41 -7.87
N ASP K 74 -36.27 -61.67 -7.08
CA ASP K 74 -36.78 -60.42 -6.53
C ASP K 74 -37.02 -59.33 -7.56
N ASP K 75 -37.81 -58.33 -7.17
CA ASP K 75 -38.09 -57.18 -8.04
C ASP K 75 -37.88 -55.93 -7.19
N PRO K 76 -37.79 -54.75 -7.84
CA PRO K 76 -37.58 -53.50 -7.09
C PRO K 76 -38.58 -53.26 -5.98
N ILE K 77 -39.85 -53.50 -6.26
CA ILE K 77 -40.90 -53.26 -5.27
C ILE K 77 -40.73 -54.12 -4.02
N ARG K 78 -40.53 -55.42 -4.18
CA ARG K 78 -40.36 -56.27 -3.01
C ARG K 78 -39.19 -55.76 -2.16
N LEU K 79 -38.08 -55.46 -2.81
CA LEU K 79 -36.89 -54.98 -2.13
C LEU K 79 -37.07 -53.65 -1.41
N GLU K 80 -37.82 -52.73 -2.02
CA GLU K 80 -38.08 -51.43 -1.42
C GLU K 80 -38.84 -51.58 -0.10
N TRP K 81 -39.90 -52.40 -0.10
CA TRP K 81 -40.69 -52.62 1.10
C TRP K 81 -39.90 -53.45 2.12
N LEU K 82 -39.12 -54.41 1.62
CA LEU K 82 -38.31 -55.26 2.49
C LEU K 82 -37.31 -54.42 3.30
N ASN K 83 -36.61 -53.52 2.63
CA ASN K 83 -35.62 -52.65 3.28
C ASN K 83 -34.62 -53.49 4.06
N GLN K 84 -34.11 -54.53 3.42
CA GLN K 84 -33.17 -55.45 4.07
C GLN K 84 -31.88 -54.81 4.57
N PHE K 85 -31.43 -53.75 3.92
CA PHE K 85 -30.19 -53.14 4.34
C PHE K 85 -30.32 -52.31 5.60
N ALA K 86 -31.54 -52.21 6.12
CA ALA K 86 -31.77 -51.48 7.35
C ALA K 86 -31.01 -52.22 8.44
N ASP K 87 -30.93 -53.56 8.33
CA ASP K 87 -30.20 -54.35 9.32
C ASP K 87 -28.71 -54.05 9.26
N TRP K 88 -28.20 -53.79 8.07
CA TRP K 88 -26.78 -53.47 7.93
C TRP K 88 -26.48 -52.10 8.55
N ASP K 89 -27.42 -51.17 8.44
CA ASP K 89 -27.22 -49.84 9.02
C ASP K 89 -27.11 -49.97 10.54
N ARG K 90 -27.81 -50.95 11.09
CA ARG K 90 -27.78 -51.19 12.53
C ARG K 90 -26.38 -51.63 12.95
N LEU K 91 -25.76 -52.49 12.15
CA LEU K 91 -24.41 -52.94 12.47
C LEU K 91 -23.49 -51.71 12.42
N SER K 92 -23.69 -50.88 11.40
CA SER K 92 -22.87 -49.69 11.22
C SER K 92 -22.83 -48.76 12.43
N ILE K 93 -23.92 -48.70 13.20
CA ILE K 93 -23.94 -47.80 14.35
C ILE K 93 -23.60 -48.41 15.70
N VAL K 94 -23.12 -49.66 15.72
CA VAL K 94 -22.74 -50.28 16.98
C VAL K 94 -21.49 -49.51 17.44
N LYS K 95 -21.48 -49.05 18.69
CA LYS K 95 -20.37 -48.27 19.20
C LYS K 95 -19.22 -49.06 19.80
N THR K 96 -19.47 -50.32 20.11
CA THR K 96 -18.45 -51.19 20.69
C THR K 96 -17.45 -51.58 19.59
N PRO K 97 -16.15 -51.62 19.91
CA PRO K 97 -15.13 -51.99 18.94
C PRO K 97 -15.43 -53.36 18.33
N MET K 98 -15.26 -53.47 17.01
CA MET K 98 -15.52 -54.73 16.31
C MET K 98 -14.35 -55.11 15.42
N ILE K 99 -13.97 -56.38 15.50
CA ILE K 99 -12.85 -56.89 14.72
C ILE K 99 -13.30 -58.08 13.89
N ALA K 100 -12.85 -58.12 12.64
CA ALA K 100 -13.19 -59.23 11.75
C ALA K 100 -11.97 -60.12 11.60
N ALA K 101 -12.14 -61.40 11.94
CA ALA K 101 -11.08 -62.38 11.81
C ALA K 101 -11.44 -63.13 10.54
N VAL K 102 -10.89 -62.71 9.41
CA VAL K 102 -11.20 -63.33 8.12
C VAL K 102 -10.34 -64.57 7.88
N ASN K 103 -10.99 -65.74 7.97
CA ASN K 103 -10.32 -67.03 7.81
C ASN K 103 -10.28 -67.64 6.43
N GLY K 104 -10.85 -66.98 5.43
CA GLY K 104 -10.81 -67.52 4.09
C GLY K 104 -11.47 -66.62 3.08
N LEU K 105 -12.52 -67.13 2.42
CA LEU K 105 -13.22 -66.34 1.43
C LEU K 105 -14.17 -65.34 2.07
N ALA K 106 -14.03 -64.08 1.69
CA ALA K 106 -14.89 -63.01 2.17
C ALA K 106 -15.30 -62.30 0.90
N LEU K 107 -16.39 -62.78 0.30
CA LEU K 107 -16.88 -62.22 -0.96
C LEU K 107 -18.26 -61.61 -0.85
N GLY K 108 -18.53 -60.61 -1.68
CA GLY K 108 -19.82 -59.94 -1.67
C GLY K 108 -20.22 -59.54 -0.27
N GLY K 109 -21.43 -59.92 0.12
CA GLY K 109 -21.91 -59.60 1.46
C GLY K 109 -20.85 -59.93 2.51
N GLY K 110 -20.06 -60.96 2.26
CA GLY K 110 -19.03 -61.32 3.21
C GLY K 110 -17.98 -60.24 3.36
N PHE K 111 -17.55 -59.69 2.23
CA PHE K 111 -16.56 -58.62 2.24
C PHE K 111 -17.16 -57.42 2.97
N GLU K 112 -18.43 -57.13 2.69
CA GLU K 112 -19.11 -56.00 3.32
C GLU K 112 -19.22 -56.15 4.82
N LEU K 113 -19.37 -57.40 5.28
CA LEU K 113 -19.46 -57.64 6.72
C LEU K 113 -18.10 -57.33 7.36
N ALA K 114 -17.03 -57.74 6.68
CA ALA K 114 -15.69 -57.48 7.20
C ALA K 114 -15.41 -55.98 7.20
N LEU K 115 -15.82 -55.30 6.13
CA LEU K 115 -15.62 -53.86 6.00
C LEU K 115 -16.41 -53.10 7.06
N SER K 116 -17.49 -53.72 7.55
CA SER K 116 -18.33 -53.13 8.58
C SER K 116 -17.63 -53.10 9.92
N CYS K 117 -16.58 -53.90 10.07
CA CYS K 117 -15.83 -53.95 11.31
C CYS K 117 -14.79 -52.83 11.37
N ASP K 118 -14.30 -52.52 12.57
CA ASP K 118 -13.31 -51.46 12.75
C ASP K 118 -11.91 -51.85 12.35
N LEU K 119 -11.56 -53.12 12.57
CA LEU K 119 -10.25 -53.63 12.22
C LEU K 119 -10.45 -54.99 11.60
N ILE K 120 -9.51 -55.40 10.76
CA ILE K 120 -9.59 -56.69 10.09
C ILE K 120 -8.25 -57.43 10.21
N VAL K 121 -8.29 -58.61 10.82
CA VAL K 121 -7.12 -59.44 10.94
C VAL K 121 -7.42 -60.56 9.95
N ALA K 122 -6.58 -60.68 8.94
CA ALA K 122 -6.81 -61.68 7.92
C ALA K 122 -5.81 -62.82 7.90
N SER K 123 -6.29 -63.97 7.47
CA SER K 123 -5.47 -65.15 7.33
C SER K 123 -4.78 -64.96 5.99
N SER K 124 -3.50 -65.31 5.91
CA SER K 124 -2.76 -65.17 4.67
C SER K 124 -3.43 -65.94 3.52
N ALA K 125 -4.41 -66.76 3.86
CA ALA K 125 -5.14 -67.56 2.88
C ALA K 125 -6.48 -66.92 2.49
N ALA K 126 -6.85 -65.86 3.20
CA ALA K 126 -8.11 -65.18 2.92
C ALA K 126 -8.12 -64.47 1.57
N GLU K 127 -9.30 -64.36 0.98
CA GLU K 127 -9.47 -63.67 -0.30
C GLU K 127 -10.69 -62.75 -0.19
N PHE K 128 -10.60 -61.58 -0.80
CA PHE K 128 -11.68 -60.60 -0.76
C PHE K 128 -12.14 -60.28 -2.17
N GLY K 129 -13.40 -59.86 -2.32
CA GLY K 129 -13.91 -59.53 -3.64
C GLY K 129 -15.40 -59.26 -3.69
N PHE K 130 -15.84 -58.65 -4.79
CA PHE K 130 -17.25 -58.33 -5.01
C PHE K 130 -17.68 -58.93 -6.35
N PRO K 131 -18.11 -60.19 -6.34
CA PRO K 131 -18.54 -60.89 -7.55
C PRO K 131 -19.93 -60.48 -8.06
N GLU K 132 -20.60 -59.60 -7.32
CA GLU K 132 -21.93 -59.14 -7.69
C GLU K 132 -22.10 -58.73 -9.15
N VAL K 133 -21.16 -57.96 -9.69
CA VAL K 133 -21.27 -57.53 -11.08
C VAL K 133 -21.45 -58.70 -12.04
N ASN K 134 -20.80 -59.82 -11.74
CA ASN K 134 -20.92 -60.99 -12.60
C ASN K 134 -22.26 -61.70 -12.48
N LEU K 135 -23.07 -61.25 -11.52
CA LEU K 135 -24.41 -61.80 -11.32
C LEU K 135 -25.44 -60.84 -11.89
N GLY K 136 -24.95 -59.77 -12.53
CA GLY K 136 -25.85 -58.79 -13.11
C GLY K 136 -26.25 -57.69 -12.14
N VAL K 137 -25.70 -57.71 -10.92
CA VAL K 137 -26.03 -56.69 -9.93
C VAL K 137 -24.81 -55.95 -9.42
N MET K 138 -24.83 -55.57 -8.14
CA MET K 138 -23.72 -54.82 -7.56
C MET K 138 -23.80 -54.95 -6.05
N PRO K 139 -22.75 -54.54 -5.32
CA PRO K 139 -22.80 -54.63 -3.86
C PRO K 139 -23.92 -53.71 -3.39
N GLY K 140 -24.67 -54.12 -2.37
CA GLY K 140 -25.75 -53.30 -1.89
C GLY K 140 -25.71 -53.00 -0.40
N ALA K 141 -24.71 -53.53 0.29
CA ALA K 141 -24.58 -53.30 1.72
C ALA K 141 -23.35 -52.47 2.09
N GLY K 142 -23.11 -51.40 1.34
CA GLY K 142 -22.00 -50.52 1.64
C GLY K 142 -20.69 -50.84 0.93
N GLY K 143 -20.65 -51.97 0.23
CA GLY K 143 -19.43 -52.36 -0.47
C GLY K 143 -18.81 -51.31 -1.39
N THR K 144 -19.61 -50.70 -2.25
CA THR K 144 -19.09 -49.68 -3.16
C THR K 144 -18.64 -48.43 -2.41
N GLN K 145 -19.26 -48.17 -1.27
CA GLN K 145 -18.92 -46.98 -0.49
C GLN K 145 -17.68 -47.16 0.37
N ARG K 146 -17.63 -48.24 1.14
CA ARG K 146 -16.49 -48.48 2.00
C ARG K 146 -15.18 -48.77 1.26
N LEU K 147 -15.24 -49.50 0.16
CA LEU K 147 -14.04 -49.81 -0.60
C LEU K 147 -13.47 -48.56 -1.27
N THR K 148 -14.36 -47.74 -1.84
CA THR K 148 -13.91 -46.51 -2.50
C THR K 148 -13.26 -45.56 -1.49
N LYS K 149 -13.86 -45.44 -0.31
CA LYS K 149 -13.29 -44.54 0.69
C LYS K 149 -11.93 -45.06 1.15
N LEU K 150 -11.76 -46.37 1.16
CA LEU K 150 -10.48 -46.96 1.58
C LEU K 150 -9.35 -46.96 0.54
N ILE K 151 -9.69 -47.15 -0.73
CA ILE K 151 -8.64 -47.22 -1.76
C ILE K 151 -8.77 -46.30 -2.98
N GLY K 152 -9.76 -45.41 -2.98
CA GLY K 152 -9.92 -44.51 -4.11
C GLY K 152 -10.76 -45.08 -5.24
N PRO K 153 -11.38 -44.22 -6.06
CA PRO K 153 -12.23 -44.61 -7.19
C PRO K 153 -11.57 -45.41 -8.31
N LYS K 154 -10.33 -45.03 -8.67
CA LYS K 154 -9.61 -45.73 -9.73
C LYS K 154 -9.48 -47.22 -9.39
N ARG K 155 -8.89 -47.52 -8.24
CA ARG K 155 -8.73 -48.90 -7.82
C ARG K 155 -10.07 -49.55 -7.47
N ALA K 156 -10.95 -48.81 -6.81
CA ALA K 156 -12.26 -49.36 -6.43
C ALA K 156 -13.04 -49.88 -7.64
N LEU K 157 -13.13 -49.06 -8.69
CA LEU K 157 -13.86 -49.44 -9.89
C LEU K 157 -13.29 -50.67 -10.57
N GLU K 158 -11.96 -50.81 -10.53
CA GLU K 158 -11.33 -51.97 -11.15
C GLU K 158 -11.83 -53.27 -10.49
N TRP K 159 -11.86 -53.29 -9.16
CA TRP K 159 -12.31 -54.46 -8.43
C TRP K 159 -13.82 -54.66 -8.54
N LEU K 160 -14.57 -53.57 -8.43
CA LEU K 160 -16.03 -53.65 -8.51
C LEU K 160 -16.56 -53.99 -9.90
N TRP K 161 -15.87 -53.55 -10.94
CA TRP K 161 -16.30 -53.82 -12.31
C TRP K 161 -15.93 -55.22 -12.81
N THR K 162 -14.84 -55.77 -12.28
CA THR K 162 -14.38 -57.11 -12.69
C THR K 162 -14.84 -58.22 -11.78
N GLY K 163 -15.01 -57.90 -10.50
CA GLY K 163 -15.43 -58.91 -9.54
C GLY K 163 -14.29 -59.85 -9.22
N ALA K 164 -13.06 -59.45 -9.56
CA ALA K 164 -11.87 -60.27 -9.31
C ALA K 164 -11.55 -60.39 -7.83
N ARG K 165 -10.84 -61.45 -7.47
CA ARG K 165 -10.48 -61.69 -6.07
C ARG K 165 -9.15 -61.05 -5.67
N MET K 166 -9.17 -60.40 -4.50
CA MET K 166 -8.01 -59.71 -3.96
C MET K 166 -7.38 -60.58 -2.86
N SER K 167 -6.05 -60.64 -2.83
CA SER K 167 -5.34 -61.41 -1.82
C SER K 167 -5.28 -60.64 -0.52
N ALA K 168 -5.08 -61.34 0.59
CA ALA K 168 -5.00 -60.70 1.90
C ALA K 168 -3.80 -59.73 1.92
N LYS K 169 -2.68 -60.20 1.37
CA LYS K 169 -1.47 -59.39 1.32
C LYS K 169 -1.75 -58.05 0.64
N GLU K 170 -2.42 -58.08 -0.50
CA GLU K 170 -2.73 -56.86 -1.22
C GLU K 170 -3.72 -56.00 -0.43
N ALA K 171 -4.68 -56.65 0.20
CA ALA K 171 -5.69 -55.96 1.01
C ALA K 171 -4.97 -55.17 2.11
N GLU K 172 -3.91 -55.75 2.64
CA GLU K 172 -3.13 -55.12 3.70
C GLU K 172 -2.36 -53.92 3.14
N GLN K 173 -1.74 -54.09 1.97
CA GLN K 173 -0.99 -53.01 1.34
C GLN K 173 -1.88 -51.81 1.08
N LEU K 174 -3.15 -52.07 0.74
CA LEU K 174 -4.11 -51.01 0.44
C LEU K 174 -4.72 -50.34 1.67
N GLY K 175 -4.43 -50.87 2.86
CA GLY K 175 -4.97 -50.29 4.07
C GLY K 175 -6.38 -50.76 4.40
N ILE K 176 -6.78 -51.87 3.78
CA ILE K 176 -8.10 -52.44 4.03
C ILE K 176 -7.97 -53.40 5.21
N VAL K 177 -6.92 -54.20 5.19
CA VAL K 177 -6.65 -55.18 6.25
C VAL K 177 -5.51 -54.68 7.13
N ASN K 178 -5.71 -54.75 8.45
CA ASN K 178 -4.71 -54.27 9.41
C ASN K 178 -3.49 -55.16 9.56
N ARG K 179 -3.71 -56.47 9.57
CA ARG K 179 -2.60 -57.41 9.71
C ARG K 179 -2.90 -58.78 9.11
N VAL K 180 -1.88 -59.39 8.51
CA VAL K 180 -2.03 -60.71 7.91
C VAL K 180 -1.20 -61.71 8.70
N VAL K 181 -1.80 -62.86 9.01
CA VAL K 181 -1.09 -63.89 9.75
C VAL K 181 -1.37 -65.27 9.20
N SER K 182 -0.61 -66.26 9.69
CA SER K 182 -0.76 -67.63 9.27
C SER K 182 -2.15 -68.13 9.64
N PRO K 183 -2.74 -68.99 8.79
CA PRO K 183 -4.08 -69.55 9.04
C PRO K 183 -4.29 -70.09 10.45
N GLU K 184 -3.39 -70.93 10.93
CA GLU K 184 -3.53 -71.52 12.26
C GLU K 184 -3.42 -70.50 13.38
N LEU K 185 -2.79 -69.36 13.11
CA LEU K 185 -2.62 -68.33 14.13
C LEU K 185 -3.66 -67.20 14.05
N LEU K 186 -4.63 -67.34 13.16
CA LEU K 186 -5.66 -66.31 13.00
C LEU K 186 -6.36 -65.91 14.28
N MET K 187 -7.13 -66.84 14.85
CA MET K 187 -7.87 -66.57 16.07
C MET K 187 -7.01 -66.22 17.29
N GLU K 188 -5.73 -66.59 17.25
CA GLU K 188 -4.85 -66.26 18.37
C GLU K 188 -4.46 -64.80 18.26
N GLU K 189 -4.03 -64.40 17.06
CA GLU K 189 -3.63 -63.02 16.80
C GLU K 189 -4.81 -62.09 17.07
N THR K 190 -6.00 -62.55 16.68
CA THR K 190 -7.22 -61.76 16.86
C THR K 190 -7.63 -61.62 18.31
N MET K 191 -7.68 -62.75 19.03
CA MET K 191 -8.07 -62.72 20.43
C MET K 191 -7.06 -61.98 21.29
N ARG K 192 -5.81 -61.96 20.85
CA ARG K 192 -4.77 -61.25 21.59
C ARG K 192 -4.96 -59.75 21.37
N LEU K 193 -5.21 -59.38 20.11
CA LEU K 193 -5.44 -57.98 19.78
C LEU K 193 -6.70 -57.54 20.49
N ALA K 194 -7.73 -58.38 20.45
CA ALA K 194 -9.00 -58.08 21.08
C ALA K 194 -8.80 -57.93 22.59
N GLY K 195 -7.96 -58.77 23.16
CA GLY K 195 -7.70 -58.70 24.58
C GLY K 195 -6.95 -57.43 24.95
N ARG K 196 -6.05 -57.01 24.07
CA ARG K 196 -5.28 -55.80 24.30
C ARG K 196 -6.19 -54.58 24.28
N LEU K 197 -7.12 -54.55 23.31
CA LEU K 197 -8.05 -53.43 23.20
C LEU K 197 -8.99 -53.40 24.39
N ALA K 198 -9.37 -54.58 24.88
CA ALA K 198 -10.27 -54.67 26.03
C ALA K 198 -9.62 -54.07 27.27
N GLU K 199 -8.30 -53.91 27.25
CA GLU K 199 -7.58 -53.33 28.38
C GLU K 199 -7.41 -51.81 28.26
N GLN K 200 -7.79 -51.25 27.11
CA GLN K 200 -7.69 -49.81 26.90
C GLN K 200 -8.89 -49.11 27.54
N PRO K 201 -8.77 -47.80 27.84
CA PRO K 201 -9.89 -47.08 28.46
C PRO K 201 -11.11 -47.19 27.54
N PRO K 202 -12.19 -47.84 28.03
CA PRO K 202 -13.43 -48.05 27.28
C PRO K 202 -14.01 -46.79 26.64
N LEU K 203 -14.13 -45.73 27.43
CA LEU K 203 -14.67 -44.46 26.94
C LEU K 203 -13.83 -43.87 25.82
N ALA K 204 -12.50 -43.95 25.96
CA ALA K 204 -11.61 -43.43 24.94
C ALA K 204 -11.75 -44.17 23.62
N LEU K 205 -11.81 -45.50 23.67
CA LEU K 205 -11.95 -46.27 22.42
C LEU K 205 -13.26 -45.88 21.74
N ARG K 206 -14.32 -45.80 22.53
CA ARG K 206 -15.66 -45.47 22.04
C ARG K 206 -15.69 -44.11 21.36
N LEU K 207 -15.16 -43.08 22.03
CA LEU K 207 -15.15 -41.74 21.49
C LEU K 207 -14.16 -41.54 20.34
N ILE K 208 -13.06 -42.29 20.33
CA ILE K 208 -12.09 -42.17 19.25
C ILE K 208 -12.74 -42.76 17.98
N LYS K 209 -13.49 -43.84 18.17
CA LYS K 209 -14.17 -44.48 17.05
C LYS K 209 -15.16 -43.51 16.40
N GLU K 210 -15.96 -42.84 17.20
CA GLU K 210 -16.93 -41.87 16.66
C GLU K 210 -16.20 -40.79 15.87
N ALA K 211 -15.12 -40.26 16.45
CA ALA K 211 -14.36 -39.21 15.79
C ALA K 211 -13.81 -39.65 14.44
N VAL K 212 -13.22 -40.85 14.41
CA VAL K 212 -12.67 -41.37 13.17
C VAL K 212 -13.77 -41.51 12.12
N GLN K 213 -14.95 -41.97 12.54
CA GLN K 213 -16.07 -42.12 11.62
C GLN K 213 -16.45 -40.74 11.05
N LYS K 214 -16.43 -39.71 11.91
CA LYS K 214 -16.76 -38.37 11.47
C LYS K 214 -15.69 -37.86 10.51
N ALA K 215 -14.44 -38.24 10.76
CA ALA K 215 -13.32 -37.82 9.92
C ALA K 215 -13.48 -38.33 8.50
N VAL K 216 -14.21 -39.43 8.34
CA VAL K 216 -14.42 -39.99 7.01
C VAL K 216 -15.42 -39.13 6.23
N ASP K 217 -16.49 -38.70 6.90
CA ASP K 217 -17.52 -37.91 6.24
C ASP K 217 -17.31 -36.38 6.32
N TYR K 218 -17.24 -35.86 7.53
CA TYR K 218 -17.09 -34.42 7.83
C TYR K 218 -15.92 -33.65 7.22
N PRO K 219 -16.11 -32.35 6.96
CA PRO K 219 -15.06 -31.50 6.41
C PRO K 219 -14.14 -31.29 7.62
N LEU K 220 -12.87 -31.00 7.41
CA LEU K 220 -11.93 -30.83 8.51
C LEU K 220 -12.40 -30.00 9.71
N TYR K 221 -12.68 -28.72 9.48
CA TYR K 221 -13.10 -27.82 10.55
C TYR K 221 -14.24 -28.36 11.42
N GLU K 222 -15.30 -28.85 10.79
CA GLU K 222 -16.43 -29.39 11.54
C GLU K 222 -16.10 -30.71 12.21
N GLY K 223 -15.23 -31.51 11.58
CA GLY K 223 -14.83 -32.76 12.18
C GLY K 223 -14.06 -32.47 13.45
N MET K 224 -13.24 -31.42 13.41
CA MET K 224 -12.45 -31.01 14.56
C MET K 224 -13.35 -30.43 15.65
N GLN K 225 -14.48 -29.84 15.28
CA GLN K 225 -15.41 -29.29 16.27
C GLN K 225 -16.07 -30.44 17.04
N PHE K 226 -16.32 -31.55 16.35
CA PHE K 226 -16.92 -32.72 16.96
C PHE K 226 -15.88 -33.42 17.83
N GLU K 227 -14.68 -33.56 17.28
CA GLU K 227 -13.59 -34.20 17.99
C GLU K 227 -13.39 -33.58 19.37
N ARG K 228 -13.25 -32.26 19.44
CA ARG K 228 -13.03 -31.60 20.72
C ARG K 228 -14.16 -31.75 21.73
N LYS K 229 -15.39 -31.93 21.25
CA LYS K 229 -16.51 -32.10 22.18
C LYS K 229 -16.35 -33.45 22.89
N ASN K 230 -15.87 -34.45 22.16
CA ASN K 230 -15.64 -35.77 22.77
C ASN K 230 -14.44 -35.65 23.71
N PHE K 231 -13.48 -34.81 23.34
CA PHE K 231 -12.29 -34.61 24.17
C PHE K 231 -12.73 -34.04 25.52
N TYR K 232 -13.59 -33.02 25.49
CA TYR K 232 -14.09 -32.42 26.73
C TYR K 232 -14.78 -33.46 27.59
N LEU K 233 -15.66 -34.25 26.97
CA LEU K 233 -16.42 -35.28 27.66
C LEU K 233 -15.57 -36.30 28.40
N LEU K 234 -14.39 -36.58 27.86
CA LEU K 234 -13.51 -37.55 28.48
C LEU K 234 -12.97 -37.07 29.84
N PHE K 235 -12.99 -35.76 30.07
CA PHE K 235 -12.50 -35.24 31.35
C PHE K 235 -13.52 -35.35 32.46
N ALA K 236 -14.62 -36.04 32.17
CA ALA K 236 -15.67 -36.26 33.15
C ALA K 236 -15.55 -37.71 33.62
N SER K 237 -14.54 -38.41 33.13
CA SER K 237 -14.32 -39.81 33.49
C SER K 237 -13.17 -39.99 34.47
N GLU K 238 -13.25 -41.04 35.27
CA GLU K 238 -12.19 -41.32 36.24
C GLU K 238 -10.96 -41.83 35.52
N ASP K 239 -11.17 -42.50 34.38
CA ASP K 239 -10.05 -43.03 33.59
C ASP K 239 -9.14 -41.92 33.08
N GLN K 240 -9.70 -40.75 32.79
CA GLN K 240 -8.87 -39.65 32.33
C GLN K 240 -7.98 -39.19 33.49
N LYS K 241 -8.58 -39.11 34.67
CA LYS K 241 -7.86 -38.68 35.87
C LYS K 241 -6.72 -39.64 36.19
N GLU K 242 -7.02 -40.93 36.14
CA GLU K 242 -6.05 -41.98 36.42
C GLU K 242 -4.97 -42.05 35.35
N GLY K 243 -5.39 -42.00 34.09
CA GLY K 243 -4.44 -42.06 32.99
C GLY K 243 -3.40 -40.97 33.03
N MET K 244 -3.84 -39.74 33.25
CA MET K 244 -2.89 -38.63 33.30
C MET K 244 -2.04 -38.64 34.57
N ALA K 245 -2.60 -39.11 35.67
CA ALA K 245 -1.86 -39.19 36.93
C ALA K 245 -0.72 -40.19 36.75
N ALA K 246 -1.06 -41.39 36.30
CA ALA K 246 -0.07 -42.45 36.08
C ALA K 246 1.02 -41.94 35.14
N PHE K 247 0.62 -41.21 34.11
CA PHE K 247 1.57 -40.67 33.15
C PHE K 247 2.58 -39.78 33.87
N LEU K 248 2.08 -38.90 34.72
CA LEU K 248 2.94 -37.97 35.46
C LEU K 248 3.72 -38.65 36.57
N GLU K 249 3.14 -39.71 37.13
CA GLU K 249 3.78 -40.44 38.22
C GLU K 249 4.61 -41.62 37.72
N LYS K 250 4.87 -41.64 36.41
CA LYS K 250 5.67 -42.69 35.79
C LYS K 250 5.31 -44.09 36.28
N ARG K 251 4.02 -44.41 36.26
CA ARG K 251 3.54 -45.72 36.69
C ARG K 251 2.48 -46.21 35.72
N LYS K 252 2.19 -47.51 35.74
CA LYS K 252 1.19 -48.07 34.84
C LYS K 252 -0.21 -47.75 35.36
N PRO K 253 -1.05 -47.15 34.51
CA PRO K 253 -2.42 -46.79 34.87
C PRO K 253 -3.31 -48.01 35.14
N ARG K 254 -4.39 -47.79 35.87
CA ARG K 254 -5.32 -48.86 36.20
C ARG K 254 -6.73 -48.36 35.89
N PHE K 255 -7.18 -48.60 34.67
CA PHE K 255 -8.50 -48.16 34.23
C PHE K 255 -9.63 -49.07 34.72
N GLN K 256 -10.84 -48.51 34.79
CA GLN K 256 -12.00 -49.27 35.24
C GLN K 256 -13.20 -49.16 34.30
N GLY K 257 -13.19 -48.15 33.42
CA GLY K 257 -14.29 -48.00 32.49
C GLY K 257 -15.32 -46.95 32.85
N LYS K 258 -14.91 -45.96 33.64
CA LYS K 258 -15.81 -44.90 34.05
C LYS K 258 -15.05 -43.59 34.23
N SER L 2 44.74 -6.66 7.58
CA SER L 2 46.03 -6.08 7.12
C SER L 2 45.79 -4.84 6.26
N GLU L 3 44.58 -4.72 5.72
CA GLU L 3 44.23 -3.59 4.89
C GLU L 3 43.83 -2.41 5.78
N PHE L 4 42.69 -2.55 6.45
CA PHE L 4 42.18 -1.51 7.35
C PHE L 4 42.53 -1.84 8.80
N VAL L 5 42.34 -0.86 9.68
CA VAL L 5 42.66 -1.06 11.09
C VAL L 5 41.43 -0.91 11.99
N SER L 6 40.47 -0.08 11.59
CA SER L 6 39.28 0.15 12.40
C SER L 6 37.97 -0.33 11.79
N ILE L 7 38.02 -0.82 10.56
CA ILE L 7 36.80 -1.31 9.90
C ILE L 7 37.02 -2.58 9.09
N ALA L 8 35.92 -3.16 8.62
CA ALA L 8 35.93 -4.36 7.81
C ALA L 8 34.94 -4.14 6.67
N ALA L 9 35.28 -4.61 5.48
CA ALA L 9 34.40 -4.43 4.32
C ALA L 9 34.25 -5.70 3.52
N ARG L 10 33.03 -5.96 3.05
CA ARG L 10 32.74 -7.16 2.26
C ARG L 10 31.72 -6.84 1.17
N GLN L 11 31.65 -7.70 0.17
CA GLN L 11 30.70 -7.50 -0.92
C GLN L 11 29.78 -8.70 -1.12
N GLU L 12 28.48 -8.43 -1.06
CA GLU L 12 27.47 -9.47 -1.26
C GLU L 12 26.64 -9.04 -2.46
N GLY L 13 26.82 -9.74 -3.57
CA GLY L 13 26.10 -9.40 -4.78
C GLY L 13 26.54 -8.03 -5.23
N ALA L 14 25.58 -7.17 -5.57
CA ALA L 14 25.88 -5.81 -6.02
C ALA L 14 25.89 -4.84 -4.84
N VAL L 15 25.98 -5.36 -3.62
CA VAL L 15 25.98 -4.53 -2.43
C VAL L 15 27.33 -4.54 -1.72
N GLY L 16 27.82 -3.34 -1.39
CA GLY L 16 29.08 -3.21 -0.69
C GLY L 16 28.76 -2.92 0.77
N ILE L 17 29.39 -3.66 1.68
CA ILE L 17 29.12 -3.49 3.11
C ILE L 17 30.34 -3.10 3.92
N ILE L 18 30.21 -2.01 4.67
CA ILE L 18 31.27 -1.52 5.53
C ILE L 18 30.81 -1.66 6.97
N GLU L 19 31.60 -2.34 7.78
CA GLU L 19 31.27 -2.55 9.18
C GLU L 19 32.32 -1.94 10.10
N LEU L 20 31.92 -0.92 10.86
CA LEU L 20 32.82 -0.27 11.80
C LEU L 20 33.27 -1.38 12.75
N ALA L 21 34.58 -1.57 12.89
CA ALA L 21 35.11 -2.65 13.72
C ALA L 21 35.91 -2.30 14.96
N ARG L 22 35.35 -1.45 15.83
CA ARG L 22 36.01 -1.10 17.07
C ARG L 22 34.98 -1.16 18.21
N PRO L 23 34.28 -2.30 18.33
CA PRO L 23 33.26 -2.49 19.38
C PRO L 23 33.77 -2.26 20.80
N ASP L 24 35.07 -2.50 21.01
CA ASP L 24 35.66 -2.32 22.33
C ASP L 24 35.46 -0.88 22.82
N VAL L 25 35.18 0.02 21.88
CA VAL L 25 34.95 1.42 22.22
C VAL L 25 33.66 1.92 21.57
N LEU L 26 32.71 1.01 21.40
CA LEU L 26 31.42 1.32 20.79
C LEU L 26 31.58 2.06 19.46
N ASN L 27 32.62 1.68 18.73
CA ASN L 27 32.90 2.26 17.41
C ASN L 27 33.03 3.78 17.39
N ALA L 28 33.63 4.36 18.42
CA ALA L 28 33.82 5.80 18.49
C ALA L 28 34.59 6.25 17.24
N LEU L 29 33.97 7.14 16.46
CA LEU L 29 34.58 7.64 15.23
C LEU L 29 35.81 8.51 15.42
N SER L 30 36.98 7.92 15.15
CA SER L 30 38.23 8.66 15.26
C SER L 30 38.57 9.20 13.88
N ARG L 31 39.50 10.15 13.81
CA ARG L 31 39.89 10.70 12.53
C ARG L 31 40.40 9.59 11.62
N GLN L 32 41.18 8.68 12.18
CA GLN L 32 41.72 7.54 11.43
C GLN L 32 40.60 6.67 10.89
N MET L 33 39.59 6.43 11.72
CA MET L 33 38.46 5.59 11.34
C MET L 33 37.68 6.22 10.19
N VAL L 34 37.43 7.53 10.29
CA VAL L 34 36.71 8.25 9.26
C VAL L 34 37.44 8.12 7.92
N ALA L 35 38.77 8.24 7.95
CA ALA L 35 39.56 8.13 6.73
C ALA L 35 39.42 6.74 6.11
N GLU L 36 39.38 5.71 6.94
CA GLU L 36 39.24 4.35 6.43
C GLU L 36 37.87 4.16 5.80
N ILE L 37 36.83 4.69 6.45
CA ILE L 37 35.49 4.57 5.92
C ILE L 37 35.40 5.22 4.55
N VAL L 38 35.95 6.42 4.44
CA VAL L 38 35.92 7.15 3.17
C VAL L 38 36.65 6.37 2.08
N ALA L 39 37.86 5.90 2.37
CA ALA L 39 38.63 5.14 1.39
C ALA L 39 37.82 3.93 0.92
N ALA L 40 37.19 3.24 1.87
CA ALA L 40 36.38 2.05 1.56
C ALA L 40 35.13 2.39 0.78
N VAL L 41 34.49 3.51 1.14
CA VAL L 41 33.28 3.94 0.44
C VAL L 41 33.58 4.33 -1.00
N GLU L 42 34.66 5.08 -1.19
CA GLU L 42 35.02 5.52 -2.53
C GLU L 42 35.40 4.32 -3.40
N ALA L 43 36.10 3.35 -2.83
CA ALA L 43 36.48 2.15 -3.58
C ALA L 43 35.22 1.45 -4.07
N PHE L 44 34.23 1.32 -3.20
CA PHE L 44 32.98 0.67 -3.56
C PHE L 44 32.21 1.53 -4.58
N ASP L 45 32.38 2.84 -4.48
CA ASP L 45 31.72 3.75 -5.39
C ASP L 45 32.26 3.52 -6.80
N ARG L 46 33.58 3.45 -6.93
CA ARG L 46 34.22 3.24 -8.22
C ARG L 46 33.86 1.90 -8.84
N ASN L 47 33.79 0.86 -8.02
CA ASN L 47 33.44 -0.48 -8.49
C ASN L 47 32.03 -0.47 -9.07
N GLU L 48 31.91 -0.47 -10.39
CA GLU L 48 30.60 -0.45 -11.04
C GLU L 48 29.72 -1.66 -10.76
N LYS L 49 30.31 -2.70 -10.18
CA LYS L 49 29.55 -3.91 -9.85
C LYS L 49 28.79 -3.69 -8.55
N VAL L 50 29.24 -2.73 -7.75
CA VAL L 50 28.58 -2.43 -6.48
C VAL L 50 27.63 -1.25 -6.72
N ARG L 51 26.32 -1.52 -6.63
CA ARG L 51 25.32 -0.48 -6.86
C ARG L 51 24.81 0.18 -5.58
N VAL L 52 25.07 -0.42 -4.43
CA VAL L 52 24.61 0.15 -3.16
C VAL L 52 25.65 -0.11 -2.07
N ILE L 53 25.82 0.86 -1.18
CA ILE L 53 26.78 0.74 -0.09
C ILE L 53 26.00 0.79 1.23
N VAL L 54 26.36 -0.09 2.16
CA VAL L 54 25.71 -0.16 3.47
C VAL L 54 26.72 0.03 4.59
N LEU L 55 26.40 0.91 5.53
CA LEU L 55 27.27 1.16 6.66
C LEU L 55 26.56 0.67 7.92
N THR L 56 27.30 -0.02 8.77
CA THR L 56 26.72 -0.51 10.02
C THR L 56 27.85 -0.71 11.01
N GLY L 57 27.50 -0.79 12.29
CA GLY L 57 28.53 -0.97 13.31
C GLY L 57 28.58 -2.35 13.91
N ARG L 58 29.78 -2.84 14.16
CA ARG L 58 29.95 -4.15 14.76
C ARG L 58 29.72 -3.96 16.25
N GLY L 59 28.97 -4.88 16.86
CA GLY L 59 28.72 -4.77 18.29
C GLY L 59 27.40 -4.16 18.70
N ARG L 60 27.42 -3.51 19.87
CA ARG L 60 26.23 -2.89 20.44
C ARG L 60 25.83 -1.56 19.84
N ALA L 61 26.82 -0.78 19.39
CA ALA L 61 26.54 0.54 18.83
C ALA L 61 27.04 0.76 17.41
N PHE L 62 26.33 1.64 16.70
CA PHE L 62 26.65 2.01 15.34
C PHE L 62 27.97 2.77 15.41
N ALA L 63 27.95 3.86 16.18
CA ALA L 63 29.12 4.70 16.40
C ALA L 63 28.74 5.67 17.52
N ALA L 64 29.20 5.38 18.74
CA ALA L 64 28.89 6.21 19.90
C ALA L 64 29.82 7.42 20.02
N GLY L 65 29.53 8.45 19.23
CA GLY L 65 30.33 9.66 19.27
C GLY L 65 31.67 9.53 18.59
N ALA L 66 32.53 10.53 18.81
CA ALA L 66 33.87 10.55 18.23
C ALA L 66 34.88 10.27 19.32
N ASP L 67 36.15 10.14 18.95
CA ASP L 67 37.21 9.89 19.92
C ASP L 67 37.50 11.23 20.60
N ILE L 68 37.16 11.33 21.87
CA ILE L 68 37.37 12.56 22.62
C ILE L 68 38.82 12.79 23.04
N GLN L 69 39.48 11.73 23.50
CA GLN L 69 40.86 11.83 23.94
C GLN L 69 41.76 12.48 22.89
N GLU L 70 41.62 12.07 21.63
CA GLU L 70 42.47 12.61 20.57
C GLU L 70 42.13 14.06 20.23
N MET L 71 41.02 14.55 20.77
CA MET L 71 40.53 15.91 20.51
C MET L 71 40.65 16.82 21.73
N ALA L 72 40.65 16.21 22.91
CA ALA L 72 40.71 16.92 24.20
C ALA L 72 41.59 18.16 24.30
N LYS L 73 42.81 18.11 23.77
CA LYS L 73 43.69 19.27 23.89
C LYS L 73 43.99 20.02 22.60
N ASP L 74 43.17 19.82 21.57
CA ASP L 74 43.40 20.50 20.30
C ASP L 74 43.16 22.01 20.43
N ASP L 75 43.73 22.77 19.50
CA ASP L 75 43.58 24.21 19.46
C ASP L 75 43.09 24.57 18.06
N PRO L 76 42.55 25.79 17.87
CA PRO L 76 42.03 26.21 16.57
C PRO L 76 43.04 26.12 15.42
N ILE L 77 44.29 26.45 15.69
CA ILE L 77 45.31 26.42 14.65
C ILE L 77 45.58 25.00 14.17
N ARG L 78 45.71 24.06 15.10
CA ARG L 78 45.94 22.68 14.67
C ARG L 78 44.80 22.21 13.79
N LEU L 79 43.57 22.46 14.23
CA LEU L 79 42.38 22.05 13.50
C LEU L 79 42.25 22.69 12.12
N GLU L 80 42.64 23.96 12.02
CA GLU L 80 42.58 24.67 10.75
C GLU L 80 43.51 23.97 9.73
N TRP L 81 44.75 23.71 10.14
CA TRP L 81 45.72 23.05 9.26
C TRP L 81 45.32 21.61 9.00
N LEU L 82 44.78 20.95 10.03
CA LEU L 82 44.37 19.54 9.91
C LEU L 82 43.27 19.40 8.86
N ASN L 83 42.25 20.26 8.95
CA ASN L 83 41.12 20.26 8.02
C ASN L 83 40.53 18.85 7.95
N GLN L 84 40.26 18.30 9.12
CA GLN L 84 39.73 16.95 9.24
C GLN L 84 38.39 16.74 8.56
N PHE L 85 37.58 17.79 8.48
CA PHE L 85 36.26 17.64 7.87
C PHE L 85 36.26 17.52 6.36
N ALA L 86 37.44 17.63 5.75
CA ALA L 86 37.56 17.49 4.31
C ALA L 86 37.23 16.03 3.99
N ASP L 87 37.48 15.14 4.94
CA ASP L 87 37.17 13.73 4.71
C ASP L 87 35.67 13.54 4.66
N TRP L 88 34.94 14.26 5.49
CA TRP L 88 33.48 14.16 5.49
C TRP L 88 32.93 14.72 4.18
N ASP L 89 33.55 15.78 3.67
CA ASP L 89 33.08 16.36 2.41
C ASP L 89 33.22 15.33 1.27
N ARG L 90 34.28 14.53 1.32
CA ARG L 90 34.48 13.51 0.30
C ARG L 90 33.31 12.51 0.35
N LEU L 91 32.84 12.20 1.56
CA LEU L 91 31.71 11.28 1.71
C LEU L 91 30.47 11.93 1.09
N SER L 92 30.33 13.23 1.30
CA SER L 92 29.18 13.97 0.81
C SER L 92 28.97 13.88 -0.70
N ILE L 93 30.06 13.82 -1.47
CA ILE L 93 29.92 13.76 -2.92
C ILE L 93 29.87 12.37 -3.55
N VAL L 94 29.95 11.32 -2.74
CA VAL L 94 29.88 9.97 -3.30
C VAL L 94 28.53 9.86 -4.00
N LYS L 95 28.54 9.44 -5.26
CA LYS L 95 27.29 9.35 -6.01
C LYS L 95 26.56 8.02 -5.91
N THR L 96 27.23 6.99 -5.41
CA THR L 96 26.57 5.69 -5.26
C THR L 96 25.61 5.75 -4.08
N PRO L 97 24.44 5.11 -4.20
CA PRO L 97 23.46 5.10 -3.11
C PRO L 97 24.09 4.55 -1.82
N MET L 98 23.79 5.18 -0.68
CA MET L 98 24.35 4.76 0.60
C MET L 98 23.27 4.59 1.66
N ILE L 99 23.32 3.47 2.38
CA ILE L 99 22.35 3.17 3.43
C ILE L 99 23.04 2.95 4.79
N ALA L 100 22.49 3.53 5.84
CA ALA L 100 23.02 3.36 7.18
C ALA L 100 22.12 2.39 7.94
N ALA L 101 22.71 1.30 8.43
CA ALA L 101 21.95 0.33 9.21
C ALA L 101 22.38 0.62 10.64
N VAL L 102 21.60 1.47 11.31
CA VAL L 102 21.92 1.87 12.68
C VAL L 102 21.46 0.85 13.72
N ASN L 103 22.41 0.11 14.26
CA ASN L 103 22.13 -0.93 15.24
C ASN L 103 21.96 -0.48 16.68
N GLY L 104 22.73 0.50 17.13
CA GLY L 104 22.58 0.93 18.51
C GLY L 104 22.67 2.44 18.67
N LEU L 105 23.65 2.88 19.46
CA LEU L 105 23.85 4.31 19.67
C LEU L 105 24.52 4.95 18.47
N ALA L 106 23.97 6.08 18.04
CA ALA L 106 24.51 6.85 16.93
C ALA L 106 24.55 8.29 17.48
N LEU L 107 25.63 8.62 18.17
CA LEU L 107 25.77 9.93 18.79
C LEU L 107 26.93 10.75 18.21
N GLY L 108 26.76 12.07 18.21
CA GLY L 108 27.79 12.96 17.69
C GLY L 108 28.18 12.60 16.26
N GLY L 109 29.47 12.38 16.05
CA GLY L 109 29.95 12.02 14.72
C GLY L 109 29.23 10.79 14.20
N GLY L 110 28.78 9.94 15.13
CA GLY L 110 28.07 8.73 14.73
C GLY L 110 26.75 9.10 14.07
N PHE L 111 26.11 10.12 14.61
CA PHE L 111 24.83 10.58 14.08
C PHE L 111 25.07 11.24 12.71
N GLU L 112 26.16 11.98 12.61
CA GLU L 112 26.52 12.66 11.38
C GLU L 112 26.84 11.65 10.27
N LEU L 113 27.47 10.55 10.62
CA LEU L 113 27.78 9.52 9.64
C LEU L 113 26.49 8.96 9.08
N ALA L 114 25.51 8.76 9.97
CA ALA L 114 24.22 8.23 9.56
C ALA L 114 23.49 9.26 8.70
N LEU L 115 23.60 10.53 9.09
CA LEU L 115 22.93 11.58 8.34
C LEU L 115 23.55 11.78 6.96
N SER L 116 24.80 11.33 6.81
CA SER L 116 25.51 11.46 5.55
C SER L 116 25.01 10.46 4.52
N CYS L 117 24.36 9.40 4.98
CA CYS L 117 23.84 8.40 4.07
C CYS L 117 22.53 8.89 3.48
N ASP L 118 22.11 8.27 2.38
CA ASP L 118 20.88 8.65 1.67
C ASP L 118 19.61 8.16 2.34
N LEU L 119 19.70 7.00 3.00
CA LEU L 119 18.56 6.41 3.69
C LEU L 119 19.05 5.84 5.01
N ILE L 120 18.17 5.78 5.99
CA ILE L 120 18.53 5.23 7.30
C ILE L 120 17.52 4.20 7.78
N VAL L 121 18.04 3.02 8.09
CA VAL L 121 17.21 1.93 8.61
C VAL L 121 17.76 1.76 10.02
N ALA L 122 16.90 1.89 11.02
CA ALA L 122 17.37 1.79 12.39
C ALA L 122 16.67 0.74 13.24
N SER L 123 17.44 0.16 14.16
CA SER L 123 16.92 -0.83 15.07
C SER L 123 16.03 -0.10 16.07
N SER L 124 15.10 -0.83 16.68
CA SER L 124 14.20 -0.23 17.66
C SER L 124 14.98 0.23 18.86
N ALA L 125 16.18 -0.33 19.03
CA ALA L 125 17.05 0.01 20.15
C ALA L 125 17.99 1.17 19.82
N ALA L 126 17.94 1.63 18.58
CA ALA L 126 18.79 2.74 18.14
C ALA L 126 18.41 4.05 18.79
N GLU L 127 19.42 4.87 19.09
CA GLU L 127 19.22 6.17 19.69
C GLU L 127 20.14 7.18 19.00
N PHE L 128 19.63 8.36 18.72
CA PHE L 128 20.41 9.39 18.05
C PHE L 128 20.54 10.60 18.97
N GLY L 129 21.55 11.42 18.72
CA GLY L 129 21.75 12.59 19.55
C GLY L 129 23.06 13.29 19.28
N PHE L 130 23.16 14.53 19.77
CA PHE L 130 24.36 15.34 19.63
C PHE L 130 24.78 15.86 21.00
N PRO L 131 25.55 15.05 21.75
CA PRO L 131 26.02 15.40 23.09
C PRO L 131 27.19 16.39 23.11
N GLU L 132 27.65 16.80 21.93
CA GLU L 132 28.77 17.75 21.83
C GLU L 132 28.65 18.95 22.77
N VAL L 133 27.46 19.56 22.80
CA VAL L 133 27.24 20.74 23.64
C VAL L 133 27.61 20.47 25.09
N ASN L 134 27.43 19.25 25.55
CA ASN L 134 27.75 18.91 26.92
C ASN L 134 29.24 18.74 27.17
N LEU L 135 30.01 18.76 26.08
CA LEU L 135 31.46 18.66 26.16
C LEU L 135 32.05 20.05 25.92
N GLY L 136 31.16 21.04 25.81
CA GLY L 136 31.60 22.40 25.59
C GLY L 136 31.82 22.76 24.12
N VAL L 137 31.45 21.85 23.22
CA VAL L 137 31.63 22.10 21.80
C VAL L 137 30.32 21.96 21.02
N MET L 138 30.42 21.55 19.77
CA MET L 138 29.24 21.41 18.93
C MET L 138 29.54 20.44 17.80
N PRO L 139 28.51 19.99 17.07
CA PRO L 139 28.76 19.05 15.97
C PRO L 139 29.55 19.83 14.93
N GLY L 140 30.53 19.19 14.29
CA GLY L 140 31.33 19.89 13.30
C GLY L 140 31.39 19.21 11.95
N ALA L 141 30.67 18.09 11.83
CA ALA L 141 30.64 17.34 10.59
C ALA L 141 29.27 17.40 9.92
N GLY L 142 28.64 18.57 9.95
CA GLY L 142 27.35 18.73 9.30
C GLY L 142 26.11 18.43 10.13
N GLY L 143 26.30 17.98 11.36
CA GLY L 143 25.16 17.68 12.21
C GLY L 143 24.17 18.82 12.38
N THR L 144 24.67 20.03 12.65
CA THR L 144 23.76 21.16 12.83
C THR L 144 23.05 21.48 11.52
N GLN L 145 23.74 21.26 10.41
CA GLN L 145 23.15 21.54 9.11
C GLN L 145 22.11 20.52 8.65
N ARG L 146 22.52 19.26 8.57
CA ARG L 146 21.59 18.23 8.13
C ARG L 146 20.36 18.08 9.03
N LEU L 147 20.55 18.15 10.34
CA LEU L 147 19.43 18.03 11.26
C LEU L 147 18.41 19.15 11.04
N THR L 148 18.88 20.38 11.02
CA THR L 148 18.03 21.55 10.84
C THR L 148 17.20 21.48 9.56
N LYS L 149 17.83 21.05 8.46
CA LYS L 149 17.12 20.96 7.20
C LYS L 149 16.05 19.88 7.26
N LEU L 150 16.27 18.88 8.11
CA LEU L 150 15.33 17.78 8.25
C LEU L 150 14.14 18.06 9.18
N ILE L 151 14.38 18.75 10.29
CA ILE L 151 13.28 19.00 11.22
C ILE L 151 12.98 20.45 11.61
N GLY L 152 13.62 21.40 10.93
CA GLY L 152 13.38 22.80 11.24
C GLY L 152 14.25 23.29 12.38
N PRO L 153 14.44 24.62 12.50
CA PRO L 153 15.26 25.24 13.55
C PRO L 153 14.75 25.13 14.99
N LYS L 154 13.44 25.23 15.18
CA LYS L 154 12.87 25.14 16.52
C LYS L 154 13.22 23.81 17.17
N ARG L 155 12.94 22.71 16.47
CA ARG L 155 13.25 21.39 17.00
C ARG L 155 14.75 21.10 17.00
N ALA L 156 15.44 21.49 15.93
CA ALA L 156 16.88 21.25 15.83
C ALA L 156 17.61 21.84 17.03
N LEU L 157 17.31 23.09 17.36
CA LEU L 157 17.95 23.76 18.49
C LEU L 157 17.69 23.05 19.81
N GLU L 158 16.51 22.48 19.98
CA GLU L 158 16.19 21.81 21.22
C GLU L 158 17.11 20.62 21.44
N TRP L 159 17.36 19.85 20.38
CA TRP L 159 18.22 18.68 20.49
C TRP L 159 19.71 19.04 20.57
N LEU L 160 20.12 20.01 19.76
CA LEU L 160 21.51 20.46 19.73
C LEU L 160 21.93 21.18 21.01
N TRP L 161 21.03 21.98 21.58
CA TRP L 161 21.31 22.72 22.81
C TRP L 161 21.31 21.86 24.07
N THR L 162 20.54 20.77 24.05
CA THR L 162 20.45 19.89 25.22
C THR L 162 21.34 18.66 25.11
N GLY L 163 21.53 18.15 23.90
CA GLY L 163 22.36 16.97 23.72
C GLY L 163 21.62 15.72 24.16
N ALA L 164 20.30 15.82 24.26
CA ALA L 164 19.45 14.71 24.67
C ALA L 164 19.37 13.62 23.61
N ARG L 165 19.10 12.40 24.03
CA ARG L 165 19.00 11.28 23.11
C ARG L 165 17.60 11.16 22.50
N MET L 166 17.57 10.85 21.21
CA MET L 166 16.33 10.71 20.45
C MET L 166 16.10 9.23 20.08
N SER L 167 14.88 8.75 20.28
CA SER L 167 14.54 7.35 19.97
C SER L 167 14.41 7.14 18.46
N ALA L 168 14.54 5.90 18.02
CA ALA L 168 14.40 5.58 16.60
C ALA L 168 12.99 5.96 16.15
N LYS L 169 12.00 5.64 16.97
CA LYS L 169 10.61 5.94 16.65
C LYS L 169 10.40 7.44 16.38
N GLU L 170 10.91 8.28 17.26
CA GLU L 170 10.75 9.71 17.07
C GLU L 170 11.49 10.15 15.80
N ALA L 171 12.69 9.60 15.61
CA ALA L 171 13.50 9.93 14.44
C ALA L 171 12.74 9.64 13.16
N GLU L 172 12.02 8.52 13.14
CA GLU L 172 11.24 8.14 11.97
C GLU L 172 10.06 9.08 11.82
N GLN L 173 9.48 9.47 12.94
CA GLN L 173 8.35 10.40 12.91
C GLN L 173 8.77 11.76 12.38
N LEU L 174 10.03 12.11 12.61
CA LEU L 174 10.56 13.39 12.16
C LEU L 174 11.05 13.39 10.70
N GLY L 175 11.14 12.20 10.12
CA GLY L 175 11.58 12.13 8.73
C GLY L 175 13.08 11.98 8.62
N ILE L 176 13.72 11.69 9.74
CA ILE L 176 15.16 11.49 9.80
C ILE L 176 15.48 10.04 9.42
N VAL L 177 14.72 9.12 10.00
CA VAL L 177 14.90 7.68 9.74
C VAL L 177 13.82 7.19 8.79
N ASN L 178 14.21 6.33 7.85
CA ASN L 178 13.26 5.82 6.88
C ASN L 178 12.47 4.61 7.37
N ARG L 179 13.12 3.75 8.13
CA ARG L 179 12.47 2.55 8.61
C ARG L 179 13.02 2.07 9.94
N VAL L 180 12.13 1.57 10.79
CA VAL L 180 12.54 1.06 12.09
C VAL L 180 12.10 -0.40 12.17
N VAL L 181 13.05 -1.28 12.48
CA VAL L 181 12.75 -2.70 12.60
C VAL L 181 13.37 -3.25 13.88
N SER L 182 12.93 -4.44 14.28
CA SER L 182 13.46 -5.05 15.50
C SER L 182 14.97 -5.24 15.37
N PRO L 183 15.70 -5.16 16.48
CA PRO L 183 17.16 -5.32 16.53
C PRO L 183 17.76 -6.45 15.69
N GLU L 184 17.25 -7.66 15.85
CA GLU L 184 17.77 -8.81 15.10
C GLU L 184 17.40 -8.83 13.63
N LEU L 185 16.49 -7.96 13.21
CA LEU L 185 16.07 -7.90 11.80
C LEU L 185 16.74 -6.76 11.04
N LEU L 186 17.58 -5.99 11.73
CA LEU L 186 18.26 -4.86 11.11
C LEU L 186 18.94 -5.14 9.77
N MET L 187 19.94 -6.01 9.79
CA MET L 187 20.67 -6.33 8.57
C MET L 187 19.86 -7.05 7.52
N GLU L 188 18.94 -7.90 7.95
CA GLU L 188 18.09 -8.63 7.02
C GLU L 188 17.24 -7.61 6.26
N GLU L 189 16.68 -6.67 7.01
CA GLU L 189 15.84 -5.63 6.43
C GLU L 189 16.64 -4.73 5.49
N THR L 190 17.81 -4.30 5.94
CA THR L 190 18.69 -3.43 5.16
C THR L 190 19.19 -4.06 3.86
N MET L 191 19.61 -5.32 3.93
CA MET L 191 20.12 -6.00 2.75
C MET L 191 19.01 -6.23 1.74
N ARG L 192 17.82 -6.47 2.23
CA ARG L 192 16.68 -6.69 1.35
C ARG L 192 16.42 -5.38 0.62
N LEU L 193 16.50 -4.28 1.34
CA LEU L 193 16.30 -2.96 0.76
C LEU L 193 17.44 -2.67 -0.22
N ALA L 194 18.68 -2.93 0.21
CA ALA L 194 19.84 -2.69 -0.63
C ALA L 194 19.77 -3.52 -1.92
N GLY L 195 19.36 -4.78 -1.79
CA GLY L 195 19.25 -5.63 -2.97
C GLY L 195 18.20 -5.10 -3.92
N ARG L 196 17.11 -4.60 -3.35
CA ARG L 196 16.01 -4.05 -4.13
C ARG L 196 16.47 -2.84 -4.95
N LEU L 197 17.20 -1.94 -4.32
CA LEU L 197 17.71 -0.74 -4.98
C LEU L 197 18.74 -1.10 -6.05
N ALA L 198 19.49 -2.16 -5.82
CA ALA L 198 20.51 -2.60 -6.77
C ALA L 198 19.87 -3.09 -8.07
N GLU L 199 18.56 -3.32 -8.05
CA GLU L 199 17.84 -3.77 -9.23
C GLU L 199 17.28 -2.60 -10.03
N GLN L 200 17.18 -1.44 -9.38
CA GLN L 200 16.65 -0.26 -10.05
C GLN L 200 17.64 0.28 -11.09
N PRO L 201 17.12 0.96 -12.13
CA PRO L 201 17.99 1.53 -13.17
C PRO L 201 19.03 2.39 -12.46
N PRO L 202 20.32 2.00 -12.53
CA PRO L 202 21.43 2.72 -11.90
C PRO L 202 21.54 4.21 -12.24
N LEU L 203 21.41 4.54 -13.53
CA LEU L 203 21.50 5.92 -13.98
C LEU L 203 20.42 6.76 -13.32
N ALA L 204 19.22 6.20 -13.25
CA ALA L 204 18.09 6.89 -12.64
C ALA L 204 18.34 7.19 -11.16
N LEU L 205 18.82 6.21 -10.40
CA LEU L 205 19.07 6.43 -8.97
C LEU L 205 20.11 7.51 -8.78
N ARG L 206 21.14 7.47 -9.63
CA ARG L 206 22.23 8.43 -9.60
C ARG L 206 21.74 9.87 -9.83
N LEU L 207 21.05 10.09 -10.95
CA LEU L 207 20.56 11.43 -11.28
C LEU L 207 19.43 11.92 -10.38
N ILE L 208 18.68 11.00 -9.80
CA ILE L 208 17.61 11.37 -8.88
C ILE L 208 18.27 11.84 -7.58
N LYS L 209 19.32 11.14 -7.16
CA LYS L 209 20.03 11.53 -5.94
C LYS L 209 20.59 12.93 -6.11
N GLU L 210 21.15 13.23 -7.28
CA GLU L 210 21.71 14.56 -7.52
C GLU L 210 20.61 15.63 -7.45
N ALA L 211 19.48 15.37 -8.09
CA ALA L 211 18.36 16.31 -8.10
C ALA L 211 17.83 16.59 -6.70
N VAL L 212 17.75 15.54 -5.88
CA VAL L 212 17.27 15.72 -4.52
C VAL L 212 18.26 16.60 -3.74
N GLN L 213 19.56 16.41 -3.97
CA GLN L 213 20.57 17.20 -3.30
C GLN L 213 20.48 18.68 -3.71
N LYS L 214 20.10 18.93 -4.96
CA LYS L 214 19.96 20.31 -5.42
C LYS L 214 18.67 20.90 -4.86
N ALA L 215 17.65 20.06 -4.68
CA ALA L 215 16.37 20.50 -4.14
C ALA L 215 16.57 21.09 -2.76
N VAL L 216 17.55 20.57 -2.05
CA VAL L 216 17.86 21.07 -0.71
C VAL L 216 18.56 22.43 -0.78
N ASP L 217 19.52 22.57 -1.69
CA ASP L 217 20.29 23.82 -1.79
C ASP L 217 19.90 24.85 -2.86
N TYR L 218 18.98 24.51 -3.76
CA TYR L 218 18.59 25.42 -4.85
C TYR L 218 17.21 26.05 -4.75
N PRO L 219 17.06 27.27 -5.28
CA PRO L 219 15.75 27.92 -5.26
C PRO L 219 14.97 27.04 -6.26
N LEU L 220 13.66 26.95 -6.10
CA LEU L 220 12.85 26.09 -6.98
C LEU L 220 13.12 26.17 -8.48
N TYR L 221 12.99 27.34 -9.07
CA TYR L 221 13.21 27.50 -10.51
C TYR L 221 14.53 26.89 -11.00
N GLU L 222 15.62 27.24 -10.33
CA GLU L 222 16.94 26.73 -10.71
C GLU L 222 17.09 25.24 -10.47
N GLY L 223 16.51 24.74 -9.39
CA GLY L 223 16.59 23.33 -9.11
C GLY L 223 15.89 22.57 -10.24
N MET L 224 14.78 23.11 -10.71
CA MET L 224 14.02 22.48 -11.79
C MET L 224 14.82 22.53 -13.09
N GLN L 225 15.61 23.59 -13.27
CA GLN L 225 16.44 23.73 -14.47
C GLN L 225 17.47 22.60 -14.43
N PHE L 226 18.01 22.33 -13.26
CA PHE L 226 19.00 21.27 -13.12
C PHE L 226 18.32 19.93 -13.35
N GLU L 227 17.15 19.77 -12.73
CA GLU L 227 16.35 18.56 -12.83
C GLU L 227 16.08 18.12 -14.27
N ARG L 228 15.59 19.03 -15.10
CA ARG L 228 15.28 18.68 -16.48
C ARG L 228 16.51 18.30 -17.31
N LYS L 229 17.66 18.88 -16.99
CA LYS L 229 18.88 18.52 -17.72
C LYS L 229 19.21 17.06 -17.45
N ASN L 230 19.00 16.62 -16.21
CA ASN L 230 19.25 15.23 -15.86
C ASN L 230 18.20 14.35 -16.55
N PHE L 231 16.99 14.88 -16.68
CA PHE L 231 15.91 14.18 -17.34
C PHE L 231 16.31 13.93 -18.78
N TYR L 232 16.88 14.95 -19.43
CA TYR L 232 17.32 14.84 -20.82
C TYR L 232 18.38 13.76 -20.98
N LEU L 233 19.37 13.78 -20.09
CA LEU L 233 20.48 12.84 -20.14
C LEU L 233 20.07 11.37 -20.05
N LEU L 234 18.98 11.10 -19.33
CA LEU L 234 18.51 9.73 -19.18
C LEU L 234 18.06 9.14 -20.52
N PHE L 235 17.64 9.99 -21.45
CA PHE L 235 17.19 9.51 -22.75
C PHE L 235 18.31 9.13 -23.70
N ALA L 236 19.53 9.05 -23.16
CA ALA L 236 20.68 8.64 -23.93
C ALA L 236 21.05 7.22 -23.47
N SER L 237 20.27 6.70 -22.52
CA SER L 237 20.53 5.36 -21.98
C SER L 237 19.56 4.30 -22.49
N GLU L 238 20.00 3.04 -22.46
CA GLU L 238 19.17 1.92 -22.90
C GLU L 238 18.08 1.64 -21.86
N ASP L 239 18.41 1.82 -20.57
CA ASP L 239 17.44 1.60 -19.51
C ASP L 239 16.18 2.43 -19.71
N GLN L 240 16.35 3.64 -20.24
CA GLN L 240 15.21 4.52 -20.50
C GLN L 240 14.35 3.94 -21.62
N LYS L 241 15.02 3.47 -22.67
CA LYS L 241 14.31 2.88 -23.80
C LYS L 241 13.58 1.60 -23.36
N GLU L 242 14.28 0.71 -22.67
CA GLU L 242 13.69 -0.54 -22.18
C GLU L 242 12.55 -0.27 -21.19
N GLY L 243 12.80 0.61 -20.22
CA GLY L 243 11.79 0.94 -19.24
C GLY L 243 10.47 1.39 -19.83
N MET L 244 10.52 2.28 -20.81
CA MET L 244 9.28 2.79 -21.42
C MET L 244 8.69 1.79 -22.41
N ALA L 245 9.54 1.00 -23.05
CA ALA L 245 9.06 -0.01 -23.98
C ALA L 245 8.30 -1.07 -23.19
N ALA L 246 8.88 -1.49 -22.06
CA ALA L 246 8.24 -2.49 -21.22
C ALA L 246 6.89 -1.97 -20.75
N PHE L 247 6.87 -0.72 -20.29
CA PHE L 247 5.65 -0.09 -19.80
C PHE L 247 4.55 -0.12 -20.86
N LEU L 248 4.90 0.27 -22.08
CA LEU L 248 3.94 0.29 -23.17
C LEU L 248 3.50 -1.11 -23.58
N GLU L 249 4.46 -2.03 -23.63
CA GLU L 249 4.19 -3.41 -24.01
C GLU L 249 3.56 -4.24 -22.88
N LYS L 250 3.17 -3.56 -21.80
CA LYS L 250 2.53 -4.22 -20.66
C LYS L 250 3.35 -5.41 -20.17
N ARG L 251 4.65 -5.24 -20.01
CA ARG L 251 5.50 -6.34 -19.55
C ARG L 251 6.55 -5.90 -18.53
N LYS L 252 7.18 -6.88 -17.90
CA LYS L 252 8.23 -6.63 -16.90
C LYS L 252 9.48 -6.14 -17.61
N PRO L 253 10.04 -5.00 -17.16
CA PRO L 253 11.25 -4.46 -17.78
C PRO L 253 12.49 -5.28 -17.43
N ARG L 254 13.50 -5.21 -18.30
CA ARG L 254 14.75 -5.91 -18.07
C ARG L 254 15.87 -4.91 -18.21
N PHE L 255 16.25 -4.27 -17.11
CA PHE L 255 17.31 -3.26 -17.14
C PHE L 255 18.69 -3.91 -17.15
N GLN L 256 19.68 -3.13 -17.56
CA GLN L 256 21.05 -3.62 -17.63
C GLN L 256 22.10 -2.59 -17.21
N GLY L 257 21.63 -1.44 -16.75
CA GLY L 257 22.56 -0.40 -16.31
C GLY L 257 23.31 0.30 -17.43
N LYS L 258 22.72 0.31 -18.62
CA LYS L 258 23.34 0.96 -19.78
C LYS L 258 22.50 2.14 -20.27
C1 EDO M . 0.41 -26.89 -19.57
O1 EDO M . 0.87 -27.59 -18.41
C2 EDO M . -0.95 -26.25 -19.26
O2 EDO M . -1.90 -27.25 -18.90
C1 EDO N . -3.97 -31.34 22.62
O1 EDO N . -3.52 -32.35 23.51
C2 EDO N . -3.11 -30.08 22.77
O2 EDO N . -1.74 -30.40 22.48
C1 EDO O . 1.28 -37.36 26.18
O1 EDO O . 2.56 -36.76 26.00
C2 EDO O . 0.26 -36.75 25.21
O2 EDO O . 0.07 -35.37 25.52
C1 EDO P . -41.63 -34.90 -15.02
O1 EDO P . -43.04 -35.11 -14.84
C2 EDO P . -41.37 -34.35 -16.44
O2 EDO P . -41.87 -33.02 -16.54
C1 EDO Q . -50.10 -34.74 -14.35
O1 EDO Q . -50.49 -33.59 -15.10
C2 EDO Q . -48.66 -34.54 -13.84
O2 EDO Q . -47.77 -34.43 -14.95
C1 EDO R . -7.32 37.84 -11.89
O1 EDO R . -7.73 36.57 -12.41
C2 EDO R . -7.21 37.77 -10.36
O2 EDO R . -6.18 36.84 -9.99
C1 EDO S . 6.94 14.54 -17.64
O1 EDO S . 6.72 13.22 -17.12
C2 EDO S . 5.79 15.42 -17.18
O2 EDO S . 4.57 14.73 -17.45
C1 EDO T . 46.21 47.97 9.43
O1 EDO T . 45.15 48.49 10.24
C2 EDO T . 47.55 48.42 10.01
O2 EDO T . 47.61 49.84 10.02
C1 EDO U . 38.57 47.66 11.55
O1 EDO U . 39.32 48.87 11.63
C2 EDO U . 39.38 46.52 12.19
O2 EDO U . 40.58 46.29 11.44
C1 EDO V . 10.08 50.73 -18.02
O1 EDO V . 10.27 52.14 -17.93
C2 EDO V . 9.34 50.39 -19.32
O2 EDO V . 10.12 50.79 -20.44
C1 EDO W . 12.13 58.93 -20.30
O1 EDO W . 12.66 58.68 -21.60
C2 EDO W . 12.34 57.70 -19.40
O2 EDO W . 11.61 56.59 -19.92
C1 EDO X . 6.11 15.29 10.36
O1 EDO X . 7.47 14.87 10.54
C2 EDO X . 6.07 16.81 10.48
O2 EDO X . 6.84 17.20 11.63
C1 EDO Y . 31.84 -1.68 25.76
O1 EDO Y . 32.78 -0.61 25.82
C2 EDO Y . 31.81 -2.27 24.36
O2 EDO Y . 30.89 -3.37 24.30
#